data_6NB4
#
_entry.id   6NB4
#
loop_
_entity.id
_entity.type
_entity.pdbx_description
1 polymer 'Spike glycoprotein'
2 polymer 'LCA60 heavy chain'
3 polymer 'LCA60 light chain'
4 branched 2-acetamido-2-deoxy-beta-D-glucopyranose-(1-4)-2-acetamido-2-deoxy-beta-D-glucopyranose
5 branched alpha-D-mannopyranose-(1-3)-[alpha-D-mannopyranose-(1-6)]beta-D-mannopyranose-(1-4)-2-acetamido-2-deoxy-beta-D-glucopyranose-(1-4)-2-acetamido-2-deoxy-beta-D-glucopyranose
6 branched alpha-D-mannopyranose-(1-2)-alpha-D-mannopyranose-(1-3)-[alpha-D-mannopyranose-(1-6)]beta-D-mannopyranose-(1-4)-2-acetamido-2-deoxy-beta-D-glucopyranose-(1-4)-2-acetamido-2-deoxy-beta-D-glucopyranose
7 branched alpha-D-mannopyranose-(1-3)-beta-D-mannopyranose-(1-4)-2-acetamido-2-deoxy-beta-D-glucopyranose-(1-4)-2-acetamido-2-deoxy-beta-D-glucopyranose
8 branched beta-D-mannopyranose-(1-4)-2-acetamido-2-deoxy-beta-D-glucopyranose-(1-4)-2-acetamido-2-deoxy-beta-D-glucopyranose
9 non-polymer 2-acetamido-2-deoxy-beta-D-glucopyranose
#
loop_
_entity_poly.entity_id
_entity_poly.type
_entity_poly.pdbx_seq_one_letter_code
_entity_poly.pdbx_strand_id
1 'polypeptide(L)'
;MGILPSPGMPALLSLVSLLSVLLMGCVAETGTVDVGPDSVKSACIEVDIQQTFFDKTWPRPIDVSKADGIIYPQGRTYSN
ITITYQGLFPYQGDHGDMYVYSAGHATGTTPQKLFVANYSQDVKQFANGFVVRIGAAANSTGTVIISPSTSATIRKIYPA
FMLGSSVGNFSDGKMGRFFNHTLVLLPDGCGTLLRAFYCILEPRSGNHCPAGNSYTSFATYHTPATDCSDGNYNRNASLN
SFKEYFNLRNCTFMYTYNITEDEILEWFGITQTAQGVHLFSSRYVDLYGGNMFQFATLPVYDTIKYYSIIPHSIRSIQSD
RKAWAAFYVYKLQPLTFLLDFSVDGYIRRAIDCGFNDLSQLHCSYESFDVESGVYSVSSFEAKPSGSVVEQAEGVECDFS
PLLSGTPPQVYNFKRLVFTNCNYNLTKLLSLFSVNDFTCSQISPAAIASNCYSSLILDYFSYPLSMKSDLSVSSAGPISQ
FNYKQSFSNPTCLILATVPHNLTTITKPLKYSYINKCSRLLSDDRTEVPQLVNANQYSPCVSIVPSTVWEDGDYYRKQLS
PLEGGGWLVASGSTVAMTEQLQMGFGITVQYGTDTNSVCPKLEFANDTKIASQLGNCVEYSLYGVSGRGVFQNCTAVGVR
QQRFVYDAYQNLVGYYSDDGNYYCLRACVSVPVSVIYDKETKTHATLFGSVACEHISSTMSQYSRSTRSMLKRRDSTYGP
LQTPVGCVLGLVNSSLFVEDCKLPLGQSLCALPDTPSTLTPASVGSVPGEMRLASIAFNHPIQVDQLNSSYFKLSIPTNF
SFGVTQEYIQTTIQKVTVDCKQYVCNGFQKCEQLLREYGQFCSKINQALHGANLRQDDSVRNLFASVKSSQSSPIIPGFG
GDFNLTLLEPVSISTGSRSARSAIEDLLFDKVTIADPGYMQGYDDCMQQGPASARDLICAQYVAGYKVLPPLMDVNMEAA
YTSSLLGSIAGVGWTAGLSSFAAIPFAQSIFYRLNGVGITQQVLSENQKLIANKFNQALGAMQTGFTTTNEAFQKVQDAV
NNNAQALSKLASELSNTFGAISASIGDIIQRLDPPEQDAQIDRLINGRLTTLNAFVAQQLVRSESAALSAQLAKDKVNEC
VKAQSKRSGFCGQGTHIVSFVVNAPNGLYFMHVGYYPSNHIEVVSAYGLCDAANPTNCIAPVNGYFIKTNNTRIVDEWSY
TGSSFYAPEPITSLNTKYVAPQVTYQNISTNLPPPLLGNSTGIDFQDELDEFFKNVSTSIPNFGSLTQINTTLLDLTYEM
LSLQQVVKALNESYIDLKELGNYTYYNKGSGRENLYFQGGGGSGYIPEAPRDGQAYVRKDGEWVLLSTFLGHHHHHHHH
;
A,B,C
2 'polypeptide(L)'
;EVQLLESGGGLVKPGGSLRLSCEASGLTFSNVWMSWVRQAPGKGLEWVGRIKRKSEGATTDYGAPVKGRFTLSRDDSKNT
VYLQMNSLKIDDTAVYYCSTLTRGGDVWSSSYYFDYWGQGALVTVSS
;
H
3 'polypeptide(L)'
;QSALTQPASVSGSPGQSITISCTGTSSDVGTYDLVSWYQQHPGKSPKLMIYADIKRPSGVSHRFSGSKSGNTASLTISGL
QSADEADYYCCLYAGSSTSVIFGGGTKVT
;
L
#
loop_
_chem_comp.id
_chem_comp.type
_chem_comp.name
_chem_comp.formula
BMA D-saccharide, beta linking beta-D-mannopyranose 'C6 H12 O6'
MAN D-saccharide, alpha linking alpha-D-mannopyranose 'C6 H12 O6'
NAG D-saccharide, beta linking 2-acetamido-2-deoxy-beta-D-glucopyranose 'C8 H15 N O6'
#
# COMPACT_ATOMS: atom_id res chain seq x y z
N THR A 32 -29.91 30.27 47.19
CA THR A 32 -29.25 29.47 48.23
C THR A 32 -30.21 28.49 48.87
N VAL A 33 -29.76 27.26 49.03
CA VAL A 33 -30.58 26.20 49.60
C VAL A 33 -30.58 26.19 51.12
N ASP A 34 -31.78 26.13 51.69
CA ASP A 34 -31.97 26.07 53.13
C ASP A 34 -31.75 24.67 53.65
N VAL A 35 -30.73 24.49 54.48
CA VAL A 35 -30.36 23.18 55.00
C VAL A 35 -30.57 23.10 56.51
N GLY A 36 -31.46 23.95 57.02
CA GLY A 36 -31.82 23.94 58.42
C GLY A 36 -30.94 24.90 59.23
N PRO A 37 -31.20 25.01 60.54
CA PRO A 37 -30.57 25.89 61.51
C PRO A 37 -29.17 25.43 61.90
N ASP A 38 -28.40 26.38 62.45
CA ASP A 38 -27.08 26.10 63.02
C ASP A 38 -27.17 25.37 64.34
N SER A 39 -26.10 24.67 64.69
CA SER A 39 -25.95 24.13 66.03
C SER A 39 -25.86 25.26 67.05
N VAL A 40 -26.37 25.02 68.26
CA VAL A 40 -26.41 26.06 69.27
C VAL A 40 -25.51 25.77 70.47
N LYS A 41 -24.66 24.76 70.36
CA LYS A 41 -23.77 24.41 71.46
C LYS A 41 -22.53 25.30 71.49
N SER A 42 -22.07 25.60 72.70
CA SER A 42 -20.87 26.41 72.92
C SER A 42 -19.61 25.55 72.89
N ALA A 43 -19.79 24.25 72.74
CA ALA A 43 -18.69 23.33 72.71
C ALA A 43 -19.03 22.10 71.90
N CYS A 44 -17.99 21.50 71.34
CA CYS A 44 -18.11 20.25 70.61
C CYS A 44 -17.90 19.07 71.55
N ILE A 45 -18.40 17.91 71.16
CA ILE A 45 -18.17 16.73 71.97
C ILE A 45 -16.71 16.32 71.90
N GLU A 46 -16.14 16.01 73.05
CA GLU A 46 -14.76 15.57 73.09
C GLU A 46 -14.60 14.25 72.34
N VAL A 47 -13.56 14.18 71.51
CA VAL A 47 -13.25 12.97 70.77
C VAL A 47 -11.79 12.60 70.93
N ASP A 48 -11.52 11.38 71.37
CA ASP A 48 -10.15 10.94 71.51
C ASP A 48 -9.66 10.24 70.27
N ILE A 49 -8.35 10.22 70.09
CA ILE A 49 -7.73 9.53 68.97
C ILE A 49 -6.56 8.67 69.43
N GLN A 50 -6.79 7.38 69.62
CA GLN A 50 -5.71 6.46 69.97
C GLN A 50 -5.46 5.53 68.80
N GLN A 51 -4.56 5.92 67.92
CA GLN A 51 -4.38 5.26 66.65
C GLN A 51 -4.03 3.79 66.78
N THR A 52 -3.33 3.42 67.85
CA THR A 52 -2.88 2.05 68.02
C THR A 52 -4.04 1.04 67.95
N PHE A 53 -5.24 1.46 68.34
CA PHE A 53 -6.38 0.55 68.37
C PHE A 53 -6.93 0.31 66.98
N PHE A 54 -6.43 1.06 66.02
CA PHE A 54 -6.88 0.98 64.65
C PHE A 54 -5.79 0.45 63.73
N ASP A 55 -4.66 0.06 64.31
CA ASP A 55 -3.52 -0.38 63.50
C ASP A 55 -3.47 -1.90 63.38
N LYS A 56 -3.91 -2.38 62.23
CA LYS A 56 -3.99 -3.81 61.96
C LYS A 56 -4.25 -4.01 60.49
N THR A 57 -3.98 -5.20 59.99
CA THR A 57 -4.20 -5.46 58.59
C THR A 57 -5.01 -6.71 58.36
N TRP A 58 -6.12 -6.55 57.64
CA TRP A 58 -6.96 -7.66 57.22
C TRP A 58 -7.07 -7.62 55.70
N PRO A 59 -6.11 -8.22 54.98
CA PRO A 59 -5.98 -8.15 53.53
C PRO A 59 -7.24 -8.64 52.84
N ARG A 60 -7.74 -7.84 51.93
CA ARG A 60 -8.92 -8.18 51.16
C ARG A 60 -8.78 -7.68 49.72
N PRO A 61 -7.91 -8.31 48.93
CA PRO A 61 -7.48 -7.89 47.62
C PRO A 61 -8.57 -8.04 46.59
N ILE A 62 -8.44 -7.32 45.48
CA ILE A 62 -9.37 -7.42 44.38
C ILE A 62 -9.13 -8.67 43.54
N ASP A 63 -10.15 -9.52 43.47
CA ASP A 63 -10.08 -10.73 42.68
C ASP A 63 -10.88 -10.56 41.39
N VAL A 64 -10.19 -10.24 40.32
CA VAL A 64 -10.85 -9.90 39.07
C VAL A 64 -11.58 -11.10 38.45
N SER A 65 -11.20 -12.31 38.86
CA SER A 65 -11.81 -13.51 38.31
C SER A 65 -13.23 -13.69 38.80
N LYS A 66 -13.62 -12.87 39.77
CA LYS A 66 -14.95 -12.91 40.35
C LYS A 66 -15.70 -11.61 40.03
N ALA A 67 -15.13 -10.82 39.12
CA ALA A 67 -15.69 -9.51 38.78
C ALA A 67 -15.77 -8.63 40.02
N ASP A 68 -14.75 -8.73 40.85
CA ASP A 68 -14.68 -8.01 42.11
C ASP A 68 -14.49 -6.50 41.90
N GLY A 69 -15.56 -5.74 42.15
CA GLY A 69 -15.51 -4.29 42.01
C GLY A 69 -15.61 -3.79 40.56
N ILE A 70 -16.15 -4.62 39.67
CA ILE A 70 -16.26 -4.22 38.27
C ILE A 70 -17.53 -3.40 38.03
N ILE A 71 -17.35 -2.21 37.46
CA ILE A 71 -18.46 -1.33 37.13
C ILE A 71 -19.05 -1.72 35.79
N TYR A 72 -20.36 -1.89 35.75
CA TYR A 72 -21.02 -2.32 34.54
C TYR A 72 -21.02 -1.18 33.51
N PRO A 73 -20.79 -1.45 32.21
CA PRO A 73 -20.89 -0.51 31.11
C PRO A 73 -22.24 0.19 31.15
N GLN A 74 -22.22 1.51 30.97
CA GLN A 74 -23.40 2.32 31.15
C GLN A 74 -24.26 2.48 29.90
N GLY A 75 -23.64 2.66 28.75
CA GLY A 75 -24.38 3.02 27.54
C GLY A 75 -25.04 1.84 26.84
N ARG A 76 -24.79 0.63 27.31
CA ARG A 76 -25.34 -0.56 26.67
C ARG A 76 -25.13 -1.82 27.48
N THR A 77 -26.00 -2.81 27.26
CA THR A 77 -25.81 -4.12 27.87
C THR A 77 -25.54 -5.17 26.81
N TYR A 78 -25.30 -6.38 27.27
CA TYR A 78 -24.97 -7.50 26.40
C TYR A 78 -25.45 -8.79 27.03
N SER A 79 -25.25 -9.90 26.34
CA SER A 79 -25.56 -11.21 26.91
C SER A 79 -24.79 -12.33 26.23
N ASN A 80 -24.28 -13.25 27.05
CA ASN A 80 -23.60 -14.46 26.58
C ASN A 80 -22.47 -14.18 25.60
N ILE A 81 -21.64 -13.19 25.91
CA ILE A 81 -20.48 -12.91 25.06
C ILE A 81 -19.23 -12.66 25.88
N THR A 82 -18.08 -12.79 25.23
CA THR A 82 -16.82 -12.40 25.82
C THR A 82 -16.16 -11.33 24.98
N ILE A 83 -16.02 -10.13 25.54
CA ILE A 83 -15.43 -9.00 24.83
C ILE A 83 -14.50 -8.22 25.72
N THR A 84 -13.63 -7.43 25.11
CA THR A 84 -12.82 -6.51 25.90
C THR A 84 -13.55 -5.19 26.05
N TYR A 85 -13.17 -4.45 27.09
CA TYR A 85 -13.77 -3.15 27.34
C TYR A 85 -12.81 -2.25 28.11
N GLN A 86 -12.73 -0.99 27.72
CA GLN A 86 -11.88 -0.05 28.44
C GLN A 86 -12.71 0.86 29.32
N GLY A 87 -12.26 1.06 30.55
CA GLY A 87 -12.98 1.92 31.48
C GLY A 87 -12.24 2.04 32.80
N LEU A 88 -12.90 2.62 33.80
CA LEU A 88 -12.25 2.84 35.07
C LEU A 88 -12.48 1.67 36.01
N PHE A 89 -11.41 0.90 36.22
CA PHE A 89 -11.45 -0.32 37.01
C PHE A 89 -10.30 -0.34 38.02
N PRO A 90 -10.43 -1.09 39.13
CA PRO A 90 -9.40 -1.35 40.10
C PRO A 90 -8.36 -2.32 39.54
N TYR A 91 -7.14 -2.26 40.05
CA TYR A 91 -6.09 -3.20 39.64
C TYR A 91 -6.27 -4.58 40.25
N GLN A 92 -5.99 -5.62 39.45
CA GLN A 92 -5.91 -6.97 39.99
C GLN A 92 -4.86 -7.06 41.08
N GLY A 93 -5.25 -7.63 42.23
CA GLY A 93 -4.32 -7.86 43.32
C GLY A 93 -4.18 -6.70 44.28
N ASP A 94 -4.77 -5.54 43.97
CA ASP A 94 -4.63 -4.41 44.87
C ASP A 94 -5.37 -4.69 46.16
N HIS A 95 -4.92 -4.06 47.24
CA HIS A 95 -5.53 -4.25 48.55
C HIS A 95 -6.36 -3.05 48.95
N GLY A 96 -6.04 -1.91 48.38
CA GLY A 96 -6.73 -0.67 48.72
C GLY A 96 -6.41 -0.27 50.16
N ASP A 97 -7.14 0.71 50.66
CA ASP A 97 -6.95 1.22 52.00
C ASP A 97 -8.07 0.78 52.92
N MET A 98 -7.73 0.08 54.00
CA MET A 98 -8.75 -0.39 54.95
C MET A 98 -9.11 0.70 55.94
N TYR A 99 -10.40 0.92 56.13
CA TYR A 99 -10.91 1.87 57.11
C TYR A 99 -11.95 1.23 58.02
N VAL A 100 -11.94 1.60 59.29
CA VAL A 100 -12.92 1.08 60.24
C VAL A 100 -13.50 2.17 61.14
N TYR A 101 -14.65 1.89 61.72
CA TYR A 101 -15.24 2.77 62.73
C TYR A 101 -15.29 2.05 64.07
N SER A 102 -15.37 2.83 65.15
CA SER A 102 -15.33 2.24 66.49
C SER A 102 -16.40 2.79 67.43
N ALA A 103 -16.71 2.00 68.44
CA ALA A 103 -17.57 2.44 69.53
C ALA A 103 -16.87 3.53 70.31
N GLY A 104 -17.65 4.46 70.86
CA GLY A 104 -17.09 5.50 71.70
C GLY A 104 -16.98 4.97 73.11
N HIS A 105 -16.48 5.78 74.02
CA HIS A 105 -16.33 5.35 75.39
C HIS A 105 -17.62 5.50 76.15
N ALA A 106 -17.74 4.76 77.25
CA ALA A 106 -18.93 4.82 78.08
C ALA A 106 -18.65 4.30 79.47
N THR A 107 -19.44 4.77 80.43
CA THR A 107 -19.43 4.26 81.79
C THR A 107 -20.83 3.80 82.16
N GLY A 108 -21.06 2.50 82.05
CA GLY A 108 -22.40 1.95 82.20
C GLY A 108 -23.31 2.52 81.12
N THR A 109 -24.44 3.07 81.53
CA THR A 109 -25.43 3.58 80.60
C THR A 109 -25.22 5.04 80.23
N THR A 110 -24.12 5.64 80.71
CA THR A 110 -23.81 7.02 80.38
C THR A 110 -22.59 7.10 79.45
N PRO A 111 -22.78 7.48 78.17
CA PRO A 111 -21.75 7.63 77.16
C PRO A 111 -20.70 8.64 77.55
N GLN A 112 -19.48 8.38 77.12
CA GLN A 112 -18.32 9.24 77.34
C GLN A 112 -17.77 9.71 76.00
N LYS A 113 -16.69 10.48 76.05
CA LYS A 113 -16.07 11.03 74.84
C LYS A 113 -15.94 10.00 73.73
N LEU A 114 -15.88 10.50 72.50
CA LEU A 114 -15.85 9.66 71.30
C LEU A 114 -14.47 9.06 71.09
N PHE A 115 -14.36 8.16 70.13
CA PHE A 115 -13.11 7.48 69.84
C PHE A 115 -12.99 7.18 68.35
N VAL A 116 -11.99 7.79 67.70
CA VAL A 116 -11.77 7.61 66.27
C VAL A 116 -10.31 7.43 65.91
N ALA A 117 -10.06 7.03 64.66
CA ALA A 117 -8.71 6.99 64.11
C ALA A 117 -8.28 8.35 63.60
N ASN A 118 -7.00 8.50 63.27
CA ASN A 118 -6.48 9.77 62.75
C ASN A 118 -6.87 9.96 61.29
N TYR A 119 -8.16 10.01 61.02
CA TYR A 119 -8.65 10.10 59.66
C TYR A 119 -8.82 11.52 59.15
N SER A 120 -8.95 12.49 60.06
CA SER A 120 -9.23 13.87 59.64
C SER A 120 -8.13 14.44 58.74
N GLN A 121 -6.89 14.07 59.02
CA GLN A 121 -5.76 14.59 58.27
C GLN A 121 -5.40 13.69 57.10
N ASP A 122 -6.19 12.64 56.88
CA ASP A 122 -5.88 11.66 55.83
C ASP A 122 -6.39 12.14 54.48
N VAL A 123 -5.73 13.15 53.94
CA VAL A 123 -6.17 13.76 52.69
C VAL A 123 -5.43 13.19 51.50
N LYS A 124 -6.17 12.65 50.55
CA LYS A 124 -5.59 11.99 49.38
C LYS A 124 -6.12 12.57 48.08
N GLN A 125 -5.39 12.35 46.99
CA GLN A 125 -5.82 12.80 45.68
C GLN A 125 -7.00 11.98 45.17
N PHE A 126 -7.99 12.68 44.63
CA PHE A 126 -9.18 12.06 44.06
C PHE A 126 -8.86 11.28 42.80
N ALA A 127 -8.01 11.86 41.96
CA ALA A 127 -7.65 11.24 40.69
C ALA A 127 -8.88 10.94 39.85
N ASN A 128 -9.09 9.68 39.50
CA ASN A 128 -10.19 9.30 38.62
C ASN A 128 -11.37 8.76 39.40
N GLY A 129 -11.34 8.92 40.71
CA GLY A 129 -12.42 8.42 41.54
C GLY A 129 -12.06 7.08 42.15
N PHE A 130 -13.00 6.51 42.90
CA PHE A 130 -12.75 5.30 43.65
C PHE A 130 -14.00 4.51 43.94
N VAL A 131 -13.81 3.27 44.38
CA VAL A 131 -14.93 2.44 44.80
C VAL A 131 -14.71 1.92 46.20
N VAL A 132 -15.79 1.58 46.87
CA VAL A 132 -15.72 1.13 48.24
C VAL A 132 -16.44 -0.18 48.47
N ARG A 133 -15.76 -1.12 49.12
CA ARG A 133 -16.36 -2.38 49.53
C ARG A 133 -17.00 -2.21 50.90
N ILE A 134 -18.30 -2.41 50.99
CA ILE A 134 -19.00 -2.19 52.24
C ILE A 134 -19.60 -3.50 52.79
N GLY A 135 -19.33 -3.79 54.07
CA GLY A 135 -19.83 -5.01 54.70
C GLY A 135 -18.93 -6.20 54.40
N ALA A 136 -17.64 -5.92 54.23
CA ALA A 136 -16.66 -6.93 53.85
C ALA A 136 -16.66 -8.15 54.77
N ALA A 137 -16.94 -7.96 56.05
CA ALA A 137 -16.90 -9.06 56.99
C ALA A 137 -18.23 -9.25 57.71
N ALA A 138 -19.31 -8.78 57.12
CA ALA A 138 -20.60 -8.90 57.79
C ALA A 138 -20.92 -10.37 58.06
N ASN A 139 -21.59 -10.62 59.18
CA ASN A 139 -22.03 -11.94 59.63
C ASN A 139 -20.90 -12.74 60.28
N SER A 140 -19.66 -12.30 60.13
CA SER A 140 -18.55 -13.02 60.74
C SER A 140 -18.39 -12.58 62.18
N THR A 141 -17.61 -13.33 62.95
CA THR A 141 -17.34 -12.94 64.34
C THR A 141 -16.05 -12.15 64.43
N GLY A 142 -16.12 -11.01 65.10
CA GLY A 142 -14.97 -10.15 65.28
C GLY A 142 -14.92 -9.62 66.69
N THR A 143 -14.27 -8.49 66.88
CA THR A 143 -14.12 -7.89 68.19
C THR A 143 -14.47 -6.42 68.16
N VAL A 144 -14.62 -5.85 69.35
CA VAL A 144 -14.88 -4.43 69.52
C VAL A 144 -13.56 -3.65 69.59
N ILE A 145 -13.46 -2.57 68.82
CA ILE A 145 -12.21 -1.82 68.71
C ILE A 145 -11.68 -1.35 70.05
N ILE A 146 -12.57 -0.88 70.92
CA ILE A 146 -12.13 -0.34 72.21
C ILE A 146 -12.24 -1.34 73.35
N SER A 147 -12.31 -2.62 73.03
CA SER A 147 -12.28 -3.63 74.07
C SER A 147 -11.42 -4.83 73.64
N PRO A 148 -10.18 -4.91 74.18
CA PRO A 148 -9.15 -5.87 73.83
C PRO A 148 -9.63 -7.32 73.76
N SER A 149 -10.60 -7.69 74.59
CA SER A 149 -11.08 -9.05 74.56
C SER A 149 -12.60 -9.15 74.60
N THR A 150 -13.28 -8.34 73.79
CA THR A 150 -14.73 -8.49 73.66
C THR A 150 -15.11 -8.87 72.25
N SER A 151 -15.67 -10.06 72.11
CA SER A 151 -16.09 -10.54 70.81
C SER A 151 -17.49 -10.03 70.49
N ALA A 152 -17.81 -9.97 69.22
CA ALA A 152 -19.13 -9.58 68.79
C ALA A 152 -19.37 -9.95 67.34
N THR A 153 -20.63 -10.11 66.96
CA THR A 153 -20.97 -10.30 65.56
C THR A 153 -20.64 -9.04 64.80
N ILE A 154 -20.01 -9.19 63.64
CA ILE A 154 -19.66 -8.07 62.80
C ILE A 154 -20.86 -7.55 62.01
N ARG A 155 -21.13 -6.26 62.15
CA ARG A 155 -22.25 -5.62 61.47
C ARG A 155 -21.77 -4.62 60.41
N LYS A 156 -22.55 -4.48 59.34
CA LYS A 156 -22.23 -3.54 58.28
C LYS A 156 -22.48 -2.09 58.70
N ILE A 157 -21.55 -1.21 58.33
CA ILE A 157 -21.69 0.22 58.59
C ILE A 157 -21.33 1.03 57.34
N TYR A 158 -22.09 2.07 57.08
CA TYR A 158 -21.86 2.88 55.89
C TYR A 158 -20.84 4.00 56.13
N PRO A 159 -19.87 4.17 55.20
CA PRO A 159 -18.81 5.16 55.22
C PRO A 159 -19.31 6.54 54.83
N ALA A 160 -18.60 7.55 55.26
CA ALA A 160 -18.88 8.93 54.87
C ALA A 160 -17.62 9.59 54.35
N PHE A 161 -17.78 10.49 53.37
CA PHE A 161 -16.63 11.13 52.74
C PHE A 161 -16.79 12.64 52.55
N MET A 162 -15.66 13.33 52.48
CA MET A 162 -15.64 14.76 52.21
C MET A 162 -14.71 15.06 51.04
N LEU A 163 -15.22 15.76 50.02
CA LEU A 163 -14.45 15.98 48.79
C LEU A 163 -14.44 17.46 48.37
N GLY A 164 -13.33 17.90 47.74
CA GLY A 164 -13.29 19.27 47.24
C GLY A 164 -12.07 19.56 46.36
N SER A 165 -11.93 20.83 45.96
CA SER A 165 -10.87 21.25 45.02
C SER A 165 -9.58 21.69 45.73
N SER A 166 -9.67 21.99 47.01
CA SER A 166 -8.49 22.48 47.73
C SER A 166 -8.63 22.26 49.23
N VAL A 167 -7.55 21.79 49.86
CA VAL A 167 -7.56 21.52 51.29
C VAL A 167 -6.33 22.10 51.97
N GLY A 168 -6.54 22.77 53.09
CA GLY A 168 -5.46 23.34 53.88
C GLY A 168 -5.62 22.98 55.34
N ASN A 169 -5.11 23.85 56.21
CA ASN A 169 -5.10 23.59 57.64
C ASN A 169 -6.13 24.42 58.39
N PHE A 170 -6.35 24.05 59.64
CA PHE A 170 -7.21 24.78 60.54
C PHE A 170 -6.41 25.86 61.26
N SER A 171 -7.06 26.63 62.11
CA SER A 171 -6.41 27.77 62.76
C SER A 171 -5.21 27.38 63.62
N ASP A 172 -5.14 26.12 64.05
CA ASP A 172 -4.03 25.67 64.89
C ASP A 172 -2.97 24.89 64.11
N GLY A 173 -3.07 24.92 62.78
CA GLY A 173 -2.08 24.26 61.92
C GLY A 173 -2.38 22.79 61.61
N LYS A 174 -3.50 22.26 62.11
CA LYS A 174 -3.85 20.87 61.81
C LYS A 174 -4.46 20.74 60.43
N MET A 175 -4.21 19.62 59.75
CA MET A 175 -4.68 19.42 58.38
C MET A 175 -6.13 18.94 58.30
N GLY A 176 -6.80 19.27 57.19
CA GLY A 176 -8.10 18.69 56.91
C GLY A 176 -9.19 19.72 56.65
N ARG A 177 -8.81 20.97 56.48
CA ARG A 177 -9.80 22.00 56.20
C ARG A 177 -10.03 22.16 54.71
N PHE A 178 -11.25 21.89 54.27
CA PHE A 178 -11.59 22.07 52.87
C PHE A 178 -11.98 23.51 52.62
N PHE A 179 -11.54 24.06 51.52
CA PHE A 179 -11.83 25.46 51.22
C PHE A 179 -13.05 25.64 50.36
N ASN A 180 -13.73 26.76 50.58
CA ASN A 180 -14.91 27.12 49.81
C ASN A 180 -15.96 26.02 49.88
N HIS A 181 -16.60 25.71 48.76
CA HIS A 181 -17.64 24.68 48.77
C HIS A 181 -17.04 23.30 48.83
N THR A 182 -17.61 22.48 49.70
CA THR A 182 -17.15 21.12 49.90
C THR A 182 -18.31 20.15 49.72
N LEU A 183 -18.03 19.04 49.07
CA LEU A 183 -19.04 18.01 48.87
C LEU A 183 -19.00 17.01 50.00
N VAL A 184 -20.12 16.88 50.68
CA VAL A 184 -20.18 15.99 51.82
C VAL A 184 -21.18 14.86 51.58
N LEU A 185 -20.69 13.64 51.69
CA LEU A 185 -21.51 12.46 51.52
C LEU A 185 -21.64 11.77 52.87
N LEU A 186 -22.83 11.81 53.45
CA LEU A 186 -22.99 11.35 54.81
C LEU A 186 -24.26 10.53 55.03
N PRO A 187 -24.17 9.20 55.18
CA PRO A 187 -25.23 8.31 55.56
C PRO A 187 -25.75 8.71 56.91
N ASP A 188 -27.05 8.67 57.08
CA ASP A 188 -27.67 9.06 58.33
C ASP A 188 -28.70 8.02 58.81
N GLY A 189 -29.29 8.27 59.97
CA GLY A 189 -30.41 7.45 60.47
C GLY A 189 -29.99 6.04 60.80
N CYS A 190 -28.75 5.87 61.23
CA CYS A 190 -28.22 4.55 61.54
C CYS A 190 -28.19 3.64 60.31
N GLY A 191 -28.11 4.24 59.12
CA GLY A 191 -28.04 3.47 57.88
C GLY A 191 -29.42 3.23 57.27
N THR A 192 -30.28 4.25 57.34
CA THR A 192 -31.62 4.15 56.75
C THR A 192 -31.82 5.16 55.63
N LEU A 193 -30.88 6.09 55.50
CA LEU A 193 -30.93 7.09 54.45
C LEU A 193 -29.55 7.60 54.14
N LEU A 194 -29.36 8.01 52.90
CA LEU A 194 -28.15 8.71 52.50
C LEU A 194 -28.45 10.16 52.21
N ARG A 195 -27.59 11.05 52.66
CA ARG A 195 -27.76 12.43 52.30
C ARG A 195 -26.46 13.02 51.79
N ALA A 196 -26.58 13.97 50.87
CA ALA A 196 -25.42 14.64 50.32
C ALA A 196 -25.71 16.09 50.05
N PHE A 197 -24.71 16.92 50.24
CA PHE A 197 -24.87 18.35 50.00
C PHE A 197 -23.58 19.02 49.61
N TYR A 198 -23.69 20.20 49.05
CA TYR A 198 -22.54 20.99 48.63
C TYR A 198 -22.62 22.38 49.22
N CYS A 199 -21.79 22.63 50.24
CA CYS A 199 -21.86 23.87 51.01
C CYS A 199 -20.48 24.34 51.44
N ILE A 200 -20.39 25.57 51.91
CA ILE A 200 -19.18 26.05 52.53
C ILE A 200 -19.19 25.67 53.99
N LEU A 201 -18.11 25.08 54.47
CA LEU A 201 -18.06 24.61 55.85
C LEU A 201 -17.41 25.64 56.75
N GLU A 202 -18.21 26.20 57.65
CA GLU A 202 -17.76 27.26 58.54
C GLU A 202 -17.47 26.73 59.94
N PRO A 203 -16.20 26.60 60.33
CA PRO A 203 -15.77 25.98 61.56
C PRO A 203 -16.28 26.77 62.75
N ARG A 204 -16.77 26.06 63.76
CA ARG A 204 -17.25 26.70 64.98
C ARG A 204 -16.10 26.93 65.96
N SER A 205 -16.26 27.93 66.83
CA SER A 205 -15.21 28.36 67.74
C SER A 205 -15.32 27.81 69.17
N GLY A 206 -16.24 26.88 69.39
CA GLY A 206 -16.44 26.34 70.73
C GLY A 206 -15.31 25.39 71.13
N ASN A 207 -15.40 24.86 72.35
CA ASN A 207 -14.35 23.97 72.84
C ASN A 207 -14.32 22.70 72.02
N HIS A 208 -13.11 22.22 71.71
CA HIS A 208 -12.93 20.99 70.94
C HIS A 208 -13.40 21.15 69.49
N CYS A 209 -13.66 22.38 69.06
CA CYS A 209 -14.11 22.64 67.70
C CYS A 209 -12.93 23.10 66.83
N PRO A 210 -13.00 22.89 65.51
CA PRO A 210 -12.01 23.25 64.50
C PRO A 210 -11.43 24.66 64.62
N ALA A 211 -12.23 25.64 65.07
CA ALA A 211 -11.68 26.98 65.22
C ALA A 211 -11.81 27.47 66.66
N GLY A 212 -11.66 26.57 67.61
CA GLY A 212 -11.76 26.91 69.02
C GLY A 212 -10.58 26.39 69.82
N ASN A 213 -10.75 26.34 71.14
CA ASN A 213 -9.69 25.90 72.03
C ASN A 213 -9.74 24.39 72.24
N SER A 214 -8.59 23.81 72.59
CA SER A 214 -8.48 22.37 72.85
C SER A 214 -8.97 21.52 71.69
N TYR A 215 -8.66 21.94 70.47
CA TYR A 215 -9.05 21.19 69.28
C TYR A 215 -8.10 20.06 68.97
N THR A 216 -8.66 18.90 68.73
CA THR A 216 -7.92 17.72 68.33
C THR A 216 -8.40 17.29 66.95
N SER A 217 -9.56 16.66 66.92
CA SER A 217 -10.19 16.28 65.68
C SER A 217 -11.69 16.39 65.82
N PHE A 218 -12.40 15.81 64.87
CA PHE A 218 -13.85 15.87 64.86
C PHE A 218 -14.44 14.62 64.26
N ALA A 219 -15.69 14.34 64.58
CA ALA A 219 -16.35 13.16 64.06
C ALA A 219 -17.84 13.30 64.15
N THR A 220 -18.54 12.60 63.28
CA THR A 220 -19.97 12.50 63.45
C THR A 220 -20.25 11.38 64.43
N TYR A 221 -21.47 11.32 64.94
CA TYR A 221 -21.81 10.28 65.88
C TYR A 221 -23.29 10.12 66.03
N HIS A 222 -23.68 9.04 66.65
CA HIS A 222 -25.07 8.86 67.03
C HIS A 222 -25.15 8.10 68.35
N THR A 223 -26.31 8.20 69.00
CA THR A 223 -26.54 7.51 70.26
C THR A 223 -27.66 6.50 70.08
N PRO A 224 -27.33 5.24 69.77
CA PRO A 224 -28.23 4.22 69.27
C PRO A 224 -29.34 3.93 70.26
N ALA A 225 -29.08 4.21 71.54
CA ALA A 225 -30.06 4.00 72.58
C ALA A 225 -31.40 4.63 72.21
N THR A 226 -31.36 5.82 71.59
CA THR A 226 -32.58 6.50 71.22
C THR A 226 -32.61 6.87 69.74
N ASP A 227 -31.43 6.92 69.10
CA ASP A 227 -31.34 7.34 67.71
C ASP A 227 -31.67 6.23 66.73
N CYS A 228 -31.50 4.98 67.15
CA CYS A 228 -31.74 3.86 66.24
C CYS A 228 -33.01 3.10 66.60
N SER A 229 -33.93 3.78 67.29
CA SER A 229 -35.18 3.14 67.67
C SER A 229 -35.90 2.60 66.45
N ASP A 230 -36.28 1.33 66.51
CA ASP A 230 -36.93 0.65 65.38
C ASP A 230 -38.07 1.45 64.78
N GLY A 231 -38.92 1.99 65.64
CA GLY A 231 -40.10 2.72 65.20
C GLY A 231 -39.87 4.20 64.99
N ASN A 232 -38.62 4.66 65.12
CA ASN A 232 -38.32 6.08 65.00
C ASN A 232 -36.82 6.34 64.91
N TYR A 233 -36.30 6.36 63.70
CA TYR A 233 -34.88 6.59 63.52
C TYR A 233 -34.57 8.08 63.44
N ASN A 234 -33.50 8.48 64.10
CA ASN A 234 -33.09 9.87 64.06
C ASN A 234 -32.40 10.17 62.76
N ARG A 235 -33.19 10.57 61.78
CA ARG A 235 -32.71 10.74 60.42
C ARG A 235 -31.79 11.95 60.28
N ASN A 236 -31.59 12.70 61.38
CA ASN A 236 -30.71 13.85 61.38
C ASN A 236 -29.59 13.70 62.40
N ALA A 237 -29.41 12.50 62.96
CA ALA A 237 -28.42 12.32 64.01
C ALA A 237 -27.01 12.67 63.54
N SER A 238 -26.65 12.20 62.35
CA SER A 238 -25.31 12.41 61.84
C SER A 238 -25.17 13.83 61.33
N LEU A 239 -26.21 14.33 60.68
CA LEU A 239 -26.19 15.69 60.17
C LEU A 239 -26.04 16.69 61.30
N ASN A 240 -26.77 16.49 62.38
CA ASN A 240 -26.69 17.39 63.51
C ASN A 240 -25.31 17.34 64.14
N SER A 241 -24.76 16.13 64.25
CA SER A 241 -23.43 15.97 64.83
C SER A 241 -22.42 16.72 63.99
N PHE A 242 -22.56 16.64 62.67
CA PHE A 242 -21.69 17.35 61.75
C PHE A 242 -21.76 18.86 62.04
N LYS A 243 -23.00 19.36 62.13
CA LYS A 243 -23.24 20.79 62.37
C LYS A 243 -22.60 21.30 63.65
N GLU A 244 -22.46 20.43 64.64
CA GLU A 244 -21.83 20.82 65.90
C GLU A 244 -20.38 21.27 65.70
N TYR A 245 -19.78 20.90 64.57
CA TYR A 245 -18.41 21.29 64.26
C TYR A 245 -18.36 22.37 63.18
N PHE A 246 -19.22 22.26 62.16
CA PHE A 246 -19.23 23.20 61.04
C PHE A 246 -20.63 23.68 60.69
N ASN A 247 -20.76 24.98 60.44
CA ASN A 247 -22.03 25.50 59.98
C ASN A 247 -22.06 25.41 58.45
N LEU A 248 -23.24 25.32 57.86
CA LEU A 248 -23.32 25.25 56.41
C LEU A 248 -23.76 26.58 55.80
N ARG A 249 -22.98 27.06 54.83
CA ARG A 249 -23.28 28.34 54.19
C ARG A 249 -23.26 28.27 52.66
N ASN A 250 -24.11 29.09 52.04
CA ASN A 250 -24.15 29.23 50.59
C ASN A 250 -24.33 27.88 49.92
N CYS A 251 -25.20 27.05 50.48
CA CYS A 251 -25.46 25.73 49.95
C CYS A 251 -26.06 25.77 48.57
N THR A 252 -25.57 24.89 47.70
CA THR A 252 -26.06 24.81 46.34
C THR A 252 -27.17 23.80 46.22
N PHE A 253 -27.05 22.72 46.97
CA PHE A 253 -28.04 21.66 46.91
C PHE A 253 -27.96 20.73 48.11
N MET A 254 -29.03 19.94 48.26
CA MET A 254 -29.05 18.82 49.18
C MET A 254 -30.01 17.76 48.66
N TYR A 255 -29.53 16.52 48.60
CA TYR A 255 -30.35 15.40 48.12
C TYR A 255 -30.35 14.27 49.12
N THR A 256 -31.41 13.47 49.10
CA THR A 256 -31.47 12.28 49.93
C THR A 256 -31.92 11.05 49.15
N TYR A 257 -31.47 9.89 49.61
CA TYR A 257 -31.84 8.59 49.04
C TYR A 257 -32.18 7.65 50.17
N ASN A 258 -33.09 6.70 49.95
CA ASN A 258 -33.44 5.79 51.04
C ASN A 258 -32.65 4.49 50.99
N ILE A 259 -32.44 3.90 52.18
CA ILE A 259 -31.73 2.64 52.32
C ILE A 259 -32.53 1.63 53.13
N THR A 260 -32.72 0.44 52.59
CA THR A 260 -33.34 -0.64 53.35
C THR A 260 -32.25 -1.40 54.07
N GLU A 261 -32.36 -1.54 55.39
CA GLU A 261 -31.28 -2.18 56.15
C GLU A 261 -31.20 -3.69 55.95
N ASP A 262 -29.96 -4.19 55.86
CA ASP A 262 -29.63 -5.61 55.84
C ASP A 262 -28.13 -5.78 55.98
N GLU A 263 -27.65 -7.02 55.95
CA GLU A 263 -26.21 -7.30 56.07
C GLU A 263 -25.61 -7.81 54.76
N ILE A 264 -26.22 -7.45 53.64
CA ILE A 264 -25.75 -7.88 52.33
C ILE A 264 -24.58 -7.02 51.87
N LEU A 265 -23.51 -7.66 51.39
CA LEU A 265 -22.33 -6.93 50.93
C LEU A 265 -22.68 -6.12 49.67
N GLU A 266 -22.17 -4.88 49.62
CA GLU A 266 -22.47 -4.01 48.49
C GLU A 266 -21.28 -3.15 48.09
N TRP A 267 -21.33 -2.61 46.87
CA TRP A 267 -20.29 -1.71 46.40
C TRP A 267 -20.81 -0.32 46.08
N PHE A 268 -20.06 0.69 46.52
CA PHE A 268 -20.33 2.10 46.24
C PHE A 268 -19.22 2.72 45.41
N GLY A 269 -19.56 3.58 44.46
CA GLY A 269 -18.52 4.22 43.66
C GLY A 269 -18.77 5.69 43.37
N ILE A 270 -17.69 6.44 43.21
CA ILE A 270 -17.78 7.85 42.87
C ILE A 270 -16.76 8.28 41.82
N THR A 271 -17.25 8.94 40.77
CA THR A 271 -16.38 9.50 39.73
C THR A 271 -16.88 10.90 39.35
N GLN A 272 -16.09 11.65 38.60
CA GLN A 272 -16.52 12.98 38.16
C GLN A 272 -16.15 13.24 36.71
N THR A 273 -17.12 13.81 35.97
CA THR A 273 -16.92 14.19 34.58
C THR A 273 -17.47 15.59 34.35
N ALA A 274 -17.52 16.00 33.09
CA ALA A 274 -18.06 17.31 32.73
C ALA A 274 -19.51 17.44 33.19
N GLN A 275 -20.18 16.31 33.32
CA GLN A 275 -21.60 16.27 33.68
C GLN A 275 -21.83 16.31 35.18
N GLY A 276 -20.74 16.40 35.96
CA GLY A 276 -20.86 16.44 37.41
C GLY A 276 -20.38 15.14 38.05
N VAL A 277 -20.82 14.92 39.29
CA VAL A 277 -20.36 13.79 40.08
C VAL A 277 -21.32 12.64 39.99
N HIS A 278 -20.80 11.48 39.62
CA HIS A 278 -21.61 10.32 39.39
C HIS A 278 -21.52 9.35 40.54
N LEU A 279 -22.67 8.93 41.04
CA LEU A 279 -22.72 8.00 42.15
C LEU A 279 -23.21 6.64 41.70
N PHE A 280 -22.42 5.61 42.01
CA PHE A 280 -22.71 4.25 41.62
C PHE A 280 -23.02 3.41 42.83
N SER A 281 -23.89 2.43 42.67
CA SER A 281 -24.19 1.51 43.74
C SER A 281 -24.79 0.22 43.22
N SER A 282 -24.14 -0.90 43.52
CA SER A 282 -24.59 -2.21 43.06
C SER A 282 -25.91 -2.57 43.72
N ARG A 283 -26.17 -1.94 44.85
CA ARG A 283 -27.33 -2.22 45.66
C ARG A 283 -28.66 -2.02 44.95
N TYR A 284 -28.74 -1.07 44.02
CA TYR A 284 -30.02 -0.75 43.43
C TYR A 284 -30.32 -1.60 42.21
N VAL A 285 -29.37 -2.43 41.78
CA VAL A 285 -29.58 -3.27 40.62
C VAL A 285 -29.15 -4.70 40.87
N ASP A 286 -27.85 -4.89 41.09
CA ASP A 286 -27.28 -6.22 41.26
C ASP A 286 -27.06 -6.50 42.73
N LEU A 287 -28.14 -6.52 43.50
CA LEU A 287 -28.04 -6.61 44.95
C LEU A 287 -27.19 -7.79 45.41
N TYR A 288 -27.31 -8.91 44.71
CA TYR A 288 -26.59 -10.11 45.14
C TYR A 288 -25.43 -10.47 44.23
N GLY A 289 -25.11 -9.61 43.28
CA GLY A 289 -24.05 -9.92 42.32
C GLY A 289 -22.85 -8.98 42.40
N GLY A 290 -23.10 -7.72 42.77
CA GLY A 290 -22.02 -6.77 42.95
C GLY A 290 -21.74 -5.87 41.73
N ASN A 291 -22.35 -6.16 40.57
CA ASN A 291 -22.12 -5.29 39.42
C ASN A 291 -22.57 -3.89 39.77
N MET A 292 -21.71 -2.90 39.55
CA MET A 292 -22.06 -1.54 39.94
C MET A 292 -22.75 -0.79 38.82
N PHE A 293 -23.80 -0.04 39.17
CA PHE A 293 -24.57 0.77 38.23
C PHE A 293 -24.73 2.18 38.77
N GLN A 294 -24.87 3.16 37.88
CA GLN A 294 -25.10 4.54 38.31
C GLN A 294 -26.52 4.72 38.82
N PHE A 295 -26.67 5.43 39.95
CA PHE A 295 -28.01 5.66 40.48
C PHE A 295 -28.33 7.15 40.64
N ALA A 296 -27.30 7.99 40.65
CA ALA A 296 -27.54 9.43 40.83
C ALA A 296 -26.41 10.27 40.30
N THR A 297 -26.72 11.52 39.95
CA THR A 297 -25.71 12.50 39.56
C THR A 297 -25.87 13.79 40.35
N LEU A 298 -24.78 14.32 40.88
CA LEU A 298 -24.83 15.57 41.61
C LEU A 298 -24.22 16.69 40.77
N PRO A 299 -24.84 17.89 40.76
CA PRO A 299 -24.44 19.05 39.98
C PRO A 299 -23.24 19.76 40.58
N VAL A 300 -22.13 19.06 40.66
CA VAL A 300 -20.88 19.63 41.13
C VAL A 300 -19.89 19.68 39.99
N TYR A 301 -19.71 20.86 39.44
CA TYR A 301 -18.90 21.02 38.24
C TYR A 301 -17.54 21.59 38.60
N ASP A 302 -17.28 21.63 39.89
CA ASP A 302 -16.01 22.08 40.42
C ASP A 302 -15.10 20.88 40.57
N THR A 303 -14.00 20.87 39.84
CA THR A 303 -13.13 19.71 39.83
C THR A 303 -12.71 19.31 41.23
N ILE A 304 -12.94 18.04 41.57
CA ILE A 304 -12.52 17.50 42.84
C ILE A 304 -11.09 17.03 42.72
N LYS A 305 -10.25 17.49 43.61
CA LYS A 305 -8.85 17.14 43.54
C LYS A 305 -8.43 16.35 44.76
N TYR A 306 -9.04 16.65 45.90
CA TYR A 306 -8.67 16.02 47.14
C TYR A 306 -9.89 15.51 47.88
N TYR A 307 -9.70 14.48 48.67
CA TYR A 307 -10.76 14.00 49.52
C TYR A 307 -10.21 13.38 50.78
N SER A 308 -11.08 13.22 51.76
CA SER A 308 -10.76 12.52 52.99
C SER A 308 -11.97 11.78 53.49
N ILE A 309 -11.74 10.79 54.32
CA ILE A 309 -12.84 10.06 54.91
C ILE A 309 -13.31 10.75 56.18
N ILE A 310 -14.61 10.73 56.42
CA ILE A 310 -15.18 11.32 57.61
C ILE A 310 -15.21 10.27 58.76
N PRO A 311 -14.63 10.61 59.93
CA PRO A 311 -14.65 9.84 61.17
C PRO A 311 -16.07 9.69 61.70
N HIS A 312 -16.32 8.62 62.46
CA HIS A 312 -17.63 8.40 63.07
C HIS A 312 -17.52 7.51 64.30
N SER A 313 -18.23 7.88 65.36
CA SER A 313 -18.24 7.09 66.59
C SER A 313 -19.66 6.78 67.07
N ILE A 314 -19.80 5.67 67.77
CA ILE A 314 -21.10 5.25 68.28
C ILE A 314 -21.19 5.37 69.81
N ARG A 315 -22.12 6.20 70.29
CA ARG A 315 -22.25 6.45 71.73
C ARG A 315 -23.14 5.39 72.38
N SER A 316 -22.66 4.16 72.34
CA SER A 316 -23.38 3.01 72.87
C SER A 316 -23.20 2.83 74.38
N ILE A 317 -23.98 1.93 74.96
CA ILE A 317 -23.89 1.56 76.36
C ILE A 317 -22.69 0.64 76.59
N GLN A 318 -21.94 0.88 77.65
CA GLN A 318 -20.71 0.13 77.91
C GLN A 318 -20.93 -1.38 77.86
N SER A 319 -22.06 -1.85 78.36
CA SER A 319 -22.37 -3.28 78.43
C SER A 319 -22.93 -3.84 77.12
N ASP A 320 -23.08 -2.99 76.10
CA ASP A 320 -23.65 -3.43 74.83
C ASP A 320 -22.91 -2.80 73.64
N ARG A 321 -21.93 -3.52 73.11
CA ARG A 321 -21.11 -3.01 72.02
C ARG A 321 -21.04 -4.01 70.87
N LYS A 322 -20.81 -3.49 69.67
CA LYS A 322 -20.77 -4.33 68.47
C LYS A 322 -19.45 -4.24 67.73
N ALA A 323 -19.16 -5.28 66.96
CA ALA A 323 -18.04 -5.26 66.03
C ALA A 323 -18.54 -4.73 64.71
N TRP A 324 -17.72 -3.97 64.02
CA TRP A 324 -18.16 -3.41 62.75
C TRP A 324 -17.26 -3.83 61.61
N ALA A 325 -17.87 -4.14 60.47
CA ALA A 325 -17.14 -4.59 59.31
C ALA A 325 -16.21 -3.52 58.81
N ALA A 326 -15.04 -3.93 58.36
CA ALA A 326 -14.15 -3.01 57.71
C ALA A 326 -14.63 -2.76 56.31
N PHE A 327 -14.35 -1.58 55.81
CA PHE A 327 -14.62 -1.30 54.42
C PHE A 327 -13.34 -0.89 53.74
N TYR A 328 -13.29 -1.08 52.44
CA TYR A 328 -12.04 -0.87 51.73
C TYR A 328 -12.18 0.05 50.55
N VAL A 329 -11.24 0.98 50.45
CA VAL A 329 -11.25 1.96 49.36
C VAL A 329 -10.23 1.61 48.29
N TYR A 330 -10.69 1.49 47.05
CA TYR A 330 -9.81 1.12 45.94
C TYR A 330 -9.85 2.20 44.86
N LYS A 331 -8.69 2.54 44.30
CA LYS A 331 -8.62 3.55 43.25
C LYS A 331 -8.91 2.98 41.87
N LEU A 332 -9.48 3.79 40.99
CA LEU A 332 -9.76 3.35 39.63
C LEU A 332 -8.77 3.88 38.60
N GLN A 333 -8.52 3.08 37.56
CA GLN A 333 -7.62 3.42 36.48
C GLN A 333 -8.23 3.05 35.11
N PRO A 334 -7.86 3.76 34.03
CA PRO A 334 -8.30 3.55 32.65
C PRO A 334 -7.66 2.30 32.03
N LEU A 335 -8.04 1.15 32.54
CA LEU A 335 -7.49 -0.13 32.16
C LEU A 335 -8.39 -0.89 31.20
N THR A 336 -7.83 -1.90 30.56
CA THR A 336 -8.60 -2.77 29.69
C THR A 336 -8.84 -4.12 30.34
N PHE A 337 -10.10 -4.54 30.36
CA PHE A 337 -10.49 -5.82 30.91
C PHE A 337 -11.22 -6.68 29.89
N LEU A 338 -11.06 -8.00 30.03
CA LEU A 338 -11.87 -8.94 29.27
C LEU A 338 -13.07 -9.25 30.12
N LEU A 339 -14.27 -8.95 29.63
CA LEU A 339 -15.47 -9.12 30.44
C LEU A 339 -16.33 -10.28 29.96
N ASP A 340 -16.68 -11.17 30.89
CA ASP A 340 -17.57 -12.29 30.59
C ASP A 340 -19.01 -11.96 30.95
N PHE A 341 -19.82 -11.69 29.94
CA PHE A 341 -21.23 -11.38 30.14
C PHE A 341 -22.03 -12.66 30.09
N SER A 342 -22.64 -13.03 31.19
CA SER A 342 -23.37 -14.28 31.25
C SER A 342 -24.67 -14.16 30.49
N VAL A 343 -25.43 -15.24 30.48
CA VAL A 343 -26.69 -15.28 29.75
C VAL A 343 -27.69 -14.28 30.29
N ASP A 344 -27.53 -13.86 31.55
CA ASP A 344 -28.47 -12.94 32.17
C ASP A 344 -28.00 -11.49 32.09
N GLY A 345 -26.92 -11.26 31.37
CA GLY A 345 -26.40 -9.90 31.16
C GLY A 345 -25.50 -9.39 32.27
N TYR A 346 -25.26 -10.17 33.32
CA TYR A 346 -24.38 -9.71 34.39
C TYR A 346 -22.97 -10.23 34.20
N ILE A 347 -21.99 -9.45 34.68
CA ILE A 347 -20.59 -9.82 34.58
C ILE A 347 -20.21 -10.68 35.76
N ARG A 348 -19.66 -11.85 35.49
CA ARG A 348 -19.33 -12.79 36.56
C ARG A 348 -17.85 -12.96 36.75
N ARG A 349 -17.08 -12.74 35.70
CA ARG A 349 -15.63 -12.85 35.77
C ARG A 349 -14.99 -11.98 34.71
N ALA A 350 -13.73 -11.63 34.93
CA ALA A 350 -13.00 -10.81 33.98
C ALA A 350 -11.50 -11.10 34.04
N ILE A 351 -10.79 -10.63 33.01
CA ILE A 351 -9.33 -10.72 32.98
C ILE A 351 -8.71 -9.33 32.96
N ASP A 352 -7.78 -9.08 33.88
CA ASP A 352 -7.04 -7.82 33.89
C ASP A 352 -5.88 -7.94 32.91
N CYS A 353 -6.04 -7.33 31.74
CA CYS A 353 -5.18 -7.59 30.61
C CYS A 353 -3.76 -7.08 30.80
N GLY A 354 -3.51 -6.31 31.85
CA GLY A 354 -2.18 -5.74 32.04
C GLY A 354 -1.48 -6.29 33.28
N PHE A 355 -2.07 -7.29 33.91
CA PHE A 355 -1.50 -7.81 35.15
C PHE A 355 -0.22 -8.63 34.91
N ASN A 356 -0.30 -9.67 34.09
CA ASN A 356 0.83 -10.53 33.82
C ASN A 356 0.75 -11.11 32.42
N ASP A 357 1.66 -12.02 32.10
CA ASP A 357 1.76 -12.56 30.75
C ASP A 357 0.60 -13.49 30.43
N LEU A 358 0.33 -14.42 31.32
CA LEU A 358 -0.76 -15.35 31.08
C LEU A 358 -2.08 -14.60 30.92
N SER A 359 -2.29 -13.59 31.73
CA SER A 359 -3.52 -12.81 31.68
C SER A 359 -3.66 -12.16 30.31
N GLN A 360 -2.58 -11.55 29.83
CA GLN A 360 -2.61 -10.94 28.51
C GLN A 360 -2.96 -11.95 27.44
N LEU A 361 -2.43 -13.17 27.56
CA LEU A 361 -2.70 -14.20 26.58
C LEU A 361 -4.19 -14.41 26.38
N HIS A 362 -4.93 -14.48 27.48
CA HIS A 362 -6.38 -14.66 27.38
C HIS A 362 -7.03 -13.46 26.72
N CYS A 363 -6.55 -12.26 27.04
CA CYS A 363 -7.10 -11.08 26.42
C CYS A 363 -6.79 -11.04 24.93
N SER A 364 -5.59 -11.48 24.56
CA SER A 364 -5.17 -11.48 23.16
C SER A 364 -6.14 -12.25 22.29
N TYR A 365 -6.59 -13.41 22.78
CA TYR A 365 -7.54 -14.24 22.05
C TYR A 365 -8.98 -13.95 22.44
N GLU A 366 -9.18 -12.90 23.24
CA GLU A 366 -10.49 -12.52 23.76
C GLU A 366 -11.30 -13.74 24.15
N SER A 367 -10.69 -14.58 24.98
CA SER A 367 -11.32 -15.83 25.40
C SER A 367 -10.77 -16.34 26.70
N PHE A 368 -11.62 -17.00 27.46
CA PHE A 368 -11.20 -17.63 28.70
C PHE A 368 -10.75 -19.07 28.44
N ASP A 369 -10.82 -19.47 27.17
CA ASP A 369 -10.46 -20.83 26.76
C ASP A 369 -9.38 -20.78 25.68
N VAL A 370 -8.14 -21.03 26.08
CA VAL A 370 -6.99 -20.95 25.18
C VAL A 370 -6.27 -22.29 25.11
N GLU A 371 -5.89 -22.70 23.90
CA GLU A 371 -5.19 -23.97 23.68
C GLU A 371 -3.77 -23.93 24.21
N SER A 372 -3.23 -25.12 24.50
CA SER A 372 -1.88 -25.25 25.04
C SER A 372 -0.82 -24.90 24.03
N GLY A 373 0.34 -24.49 24.53
CA GLY A 373 1.49 -24.19 23.67
C GLY A 373 2.33 -23.06 24.23
N VAL A 374 3.25 -22.56 23.43
CA VAL A 374 4.10 -21.47 23.87
C VAL A 374 3.81 -20.25 23.02
N TYR A 375 3.40 -19.16 23.67
CA TYR A 375 2.95 -17.98 22.96
C TYR A 375 3.81 -16.77 23.29
N SER A 376 3.93 -15.86 22.34
CA SER A 376 4.64 -14.61 22.59
C SER A 376 3.75 -13.62 23.34
N VAL A 377 4.35 -12.82 24.22
CA VAL A 377 3.61 -11.80 24.95
C VAL A 377 4.32 -10.46 24.88
N SER A 378 3.68 -9.40 25.35
CA SER A 378 4.29 -8.08 25.35
C SER A 378 5.58 -8.08 26.15
N SER A 379 6.57 -7.33 25.66
CA SER A 379 7.87 -7.24 26.32
C SER A 379 7.82 -6.41 27.59
N PHE A 380 8.87 -6.54 28.40
CA PHE A 380 9.05 -5.68 29.57
C PHE A 380 9.84 -4.44 29.19
N GLU A 381 9.22 -3.28 29.36
CA GLU A 381 9.85 -2.01 28.99
C GLU A 381 10.86 -1.57 30.01
N ALA A 382 11.89 -0.87 29.54
CA ALA A 382 12.88 -0.26 30.42
C ALA A 382 12.24 0.89 31.20
N LYS A 383 12.72 1.13 32.40
CA LYS A 383 12.24 2.24 33.22
C LYS A 383 13.33 3.30 33.38
N PRO A 384 13.22 4.45 32.68
CA PRO A 384 14.18 5.53 32.67
C PRO A 384 14.45 6.11 34.04
N SER A 385 15.71 6.48 34.26
CA SER A 385 16.18 7.17 35.45
C SER A 385 16.22 8.67 35.17
N GLY A 386 16.72 9.44 36.13
CA GLY A 386 16.79 10.89 35.97
C GLY A 386 17.38 11.28 34.63
N SER A 387 16.88 12.37 34.06
CA SER A 387 17.29 12.79 32.73
C SER A 387 18.67 13.42 32.71
N VAL A 388 19.22 13.53 31.51
CA VAL A 388 20.49 14.19 31.27
C VAL A 388 20.33 15.35 30.31
N VAL A 389 20.73 16.54 30.72
CA VAL A 389 20.54 17.73 29.91
C VAL A 389 21.82 18.54 29.77
N GLU A 390 22.14 18.92 28.55
CA GLU A 390 23.35 19.70 28.34
C GLU A 390 23.11 20.85 27.35
N GLN A 391 23.37 22.06 27.80
CA GLN A 391 23.26 23.27 26.98
C GLN A 391 24.42 24.21 27.29
N ALA A 392 24.81 25.00 26.31
CA ALA A 392 25.86 25.99 26.52
C ALA A 392 25.26 27.27 27.09
N GLU A 393 26.05 27.97 27.91
CA GLU A 393 25.63 29.26 28.40
C GLU A 393 26.01 30.33 27.39
N GLY A 394 25.22 31.38 27.33
CA GLY A 394 25.48 32.49 26.43
C GLY A 394 24.91 33.77 26.98
N VAL A 395 24.17 34.49 26.15
CA VAL A 395 23.54 35.73 26.54
C VAL A 395 22.06 35.65 26.21
N GLU A 396 21.29 36.56 26.78
CA GLU A 396 19.88 36.63 26.46
C GLU A 396 19.69 37.35 25.14
N CYS A 397 18.67 36.96 24.41
CA CYS A 397 18.37 37.57 23.12
C CYS A 397 17.98 39.03 23.29
N ASP A 398 18.68 39.89 22.56
CA ASP A 398 18.51 41.33 22.65
C ASP A 398 17.49 41.85 21.66
N PHE A 399 16.33 42.27 22.18
CA PHE A 399 15.27 42.78 21.34
C PHE A 399 15.19 44.30 21.44
N SER A 400 16.26 44.90 21.98
CA SER A 400 16.32 46.33 22.13
C SER A 400 16.21 47.06 20.79
N PRO A 401 16.90 46.62 19.70
CA PRO A 401 16.82 47.21 18.38
C PRO A 401 15.37 47.43 17.99
N LEU A 402 14.56 46.38 18.12
CA LEU A 402 13.15 46.45 17.80
C LEU A 402 12.48 47.60 18.56
N LEU A 403 12.78 47.67 19.84
CA LEU A 403 12.13 48.60 20.76
C LEU A 403 12.78 49.98 20.83
N SER A 404 13.80 50.24 19.98
CA SER A 404 14.54 51.50 20.10
C SER A 404 14.60 52.31 18.80
N GLY A 405 13.50 52.40 18.09
CA GLY A 405 13.44 53.19 16.86
C GLY A 405 12.05 53.22 16.27
N THR A 406 11.96 53.75 15.04
CA THR A 406 10.68 53.83 14.36
C THR A 406 10.39 52.51 13.65
N PRO A 407 9.18 51.94 13.80
CA PRO A 407 8.69 50.76 13.14
C PRO A 407 8.85 50.87 11.61
N PRO A 408 9.37 49.82 10.96
CA PRO A 408 9.50 49.63 9.53
C PRO A 408 8.16 49.55 8.83
N GLN A 409 8.16 49.75 7.52
CA GLN A 409 6.96 49.53 6.73
C GLN A 409 6.83 48.06 6.36
N VAL A 410 5.63 47.63 6.01
CA VAL A 410 5.35 46.23 5.76
C VAL A 410 6.23 45.65 4.65
N TYR A 411 6.39 46.41 3.57
CA TYR A 411 7.14 45.96 2.40
C TYR A 411 8.64 46.19 2.55
N ASN A 412 9.02 46.71 3.70
CA ASN A 412 10.41 47.00 3.97
C ASN A 412 10.69 46.74 5.43
N PHE A 413 10.40 45.51 5.85
CA PHE A 413 10.49 45.13 7.25
C PHE A 413 11.93 44.87 7.67
N LYS A 414 12.13 44.62 8.95
CA LYS A 414 13.46 44.30 9.44
C LYS A 414 13.51 42.89 10.00
N ARG A 415 14.64 42.23 9.79
CA ARG A 415 14.81 40.85 10.19
C ARG A 415 15.91 40.65 11.23
N LEU A 416 15.52 40.12 12.40
CA LEU A 416 16.46 39.81 13.47
C LEU A 416 16.64 38.31 13.59
N VAL A 417 17.86 37.83 13.42
CA VAL A 417 18.10 36.40 13.46
C VAL A 417 18.90 36.02 14.70
N PHE A 418 18.34 35.12 15.49
CA PHE A 418 18.96 34.72 16.74
C PHE A 418 19.51 33.29 16.68
N THR A 419 20.80 33.17 16.96
CA THR A 419 21.50 31.88 16.97
C THR A 419 22.38 31.80 18.21
N ASN A 420 22.46 30.63 18.85
CA ASN A 420 23.26 30.48 20.07
C ASN A 420 22.83 31.52 21.10
N CYS A 421 21.62 31.37 21.63
CA CYS A 421 20.99 32.44 22.39
C CYS A 421 19.91 31.93 23.33
N ASN A 422 19.75 32.61 24.47
CA ASN A 422 18.68 32.30 25.40
C ASN A 422 17.50 33.27 25.21
N TYR A 423 16.38 32.76 24.76
CA TYR A 423 15.25 33.62 24.42
C TYR A 423 14.16 33.55 25.47
N ASN A 424 13.31 34.56 25.47
CA ASN A 424 12.14 34.60 26.34
C ASN A 424 10.99 35.32 25.67
N LEU A 425 10.13 34.57 25.00
CA LEU A 425 9.06 35.17 24.21
C LEU A 425 8.11 35.95 25.10
N THR A 426 7.84 35.41 26.29
CA THR A 426 6.92 36.06 27.22
C THR A 426 7.45 37.44 27.60
N LYS A 427 8.74 37.52 27.93
CA LYS A 427 9.34 38.79 28.29
C LYS A 427 9.05 39.84 27.24
N LEU A 428 9.25 39.49 25.97
CA LEU A 428 9.02 40.43 24.89
C LEU A 428 7.54 40.81 24.78
N LEU A 429 6.68 39.80 24.75
CA LEU A 429 5.24 40.03 24.55
C LEU A 429 4.62 40.76 25.73
N SER A 430 5.24 40.65 26.90
CA SER A 430 4.80 41.35 28.08
C SER A 430 4.73 42.86 27.85
N LEU A 431 5.53 43.36 26.93
CA LEU A 431 5.62 44.78 26.66
C LEU A 431 4.52 45.28 25.73
N PHE A 432 3.74 44.35 25.17
CA PHE A 432 2.73 44.72 24.19
C PHE A 432 1.33 44.28 24.61
N SER A 433 0.33 45.05 24.21
CA SER A 433 -1.05 44.69 24.47
C SER A 433 -1.54 43.82 23.34
N VAL A 434 -1.14 42.56 23.38
CA VAL A 434 -1.38 41.65 22.26
C VAL A 434 -2.85 41.57 21.91
N ASN A 435 -3.13 41.57 20.61
CA ASN A 435 -4.48 41.50 20.08
C ASN A 435 -4.81 40.09 19.65
N ASP A 436 -3.80 39.42 19.07
CA ASP A 436 -3.97 38.06 18.58
C ASP A 436 -2.63 37.34 18.52
N PHE A 437 -2.69 36.03 18.53
CA PHE A 437 -1.51 35.19 18.47
C PHE A 437 -1.86 33.80 17.96
N THR A 438 -1.37 33.49 16.77
CA THR A 438 -1.66 32.20 16.16
C THR A 438 -0.39 31.57 15.64
N CYS A 439 -0.44 30.27 15.42
CA CYS A 439 0.71 29.54 14.87
C CYS A 439 0.26 28.45 13.91
N SER A 440 1.21 27.95 13.13
CA SER A 440 0.97 26.86 12.20
C SER A 440 2.13 25.88 12.20
N GLN A 441 1.80 24.60 12.38
CA GLN A 441 2.78 23.51 12.44
C GLN A 441 3.69 23.64 13.66
N ILE A 442 3.22 24.40 14.64
CA ILE A 442 3.86 24.52 15.95
C ILE A 442 2.87 25.12 16.92
N SER A 443 2.85 24.62 18.15
CA SER A 443 1.98 25.19 19.16
C SER A 443 2.51 26.54 19.66
N PRO A 444 1.64 27.41 20.20
CA PRO A 444 1.95 28.63 20.94
C PRO A 444 2.81 28.33 22.17
N ALA A 445 2.75 27.10 22.64
CA ALA A 445 3.57 26.67 23.76
C ALA A 445 4.99 26.39 23.27
N ALA A 446 5.10 25.54 22.26
CA ALA A 446 6.38 25.10 21.74
C ALA A 446 7.22 26.27 21.26
N ILE A 447 6.57 27.22 20.61
CA ILE A 447 7.25 28.41 20.10
C ILE A 447 7.94 29.19 21.22
N ALA A 448 7.50 28.99 22.46
CA ALA A 448 8.07 29.71 23.58
C ALA A 448 8.82 28.80 24.54
N SER A 449 8.98 27.51 24.20
CA SER A 449 9.59 26.57 25.14
C SER A 449 10.62 25.60 24.56
N ASN A 450 10.59 25.35 23.25
CA ASN A 450 11.52 24.36 22.68
C ASN A 450 12.82 24.99 22.18
N CYS A 451 13.73 24.15 21.68
CA CYS A 451 14.99 24.63 21.16
C CYS A 451 15.04 24.58 19.64
N TYR A 452 15.64 25.59 19.03
CA TYR A 452 15.67 25.72 17.58
C TYR A 452 17.11 25.86 17.07
N SER A 453 17.32 25.57 15.78
CA SER A 453 18.64 25.79 15.19
C SER A 453 18.80 27.25 14.88
N SER A 454 17.68 27.90 14.62
CA SER A 454 17.66 29.33 14.36
C SER A 454 16.27 29.90 14.55
N LEU A 455 16.19 31.09 15.11
CA LEU A 455 14.92 31.77 15.29
C LEU A 455 14.91 33.12 14.58
N ILE A 456 13.95 33.32 13.68
CA ILE A 456 13.88 34.56 12.92
C ILE A 456 12.66 35.41 13.27
N LEU A 457 12.91 36.66 13.66
CA LEU A 457 11.84 37.60 13.97
C LEU A 457 11.76 38.73 12.95
N ASP A 458 10.62 38.80 12.25
CA ASP A 458 10.38 39.84 11.24
C ASP A 458 9.37 40.86 11.75
N TYR A 459 9.81 42.10 11.96
CA TYR A 459 8.89 43.06 12.55
C TYR A 459 8.64 44.27 11.66
N PHE A 460 7.41 44.80 11.77
CA PHE A 460 7.00 45.96 11.00
C PHE A 460 5.71 46.59 11.53
N SER A 461 5.49 47.85 11.18
CA SER A 461 4.24 48.53 11.47
C SER A 461 3.10 47.94 10.66
N TYR A 462 1.91 47.80 11.26
CA TYR A 462 0.79 47.24 10.53
C TYR A 462 -0.55 47.71 11.09
N PRO A 463 -1.48 48.25 10.26
CA PRO A 463 -2.82 48.64 10.65
C PRO A 463 -3.51 47.43 11.22
N LEU A 464 -4.17 47.57 12.36
CA LEU A 464 -4.78 46.39 12.92
C LEU A 464 -5.84 45.75 12.06
N SER A 465 -6.67 46.62 11.50
CA SER A 465 -7.77 46.29 10.62
C SER A 465 -7.61 45.52 9.33
N MET A 466 -6.34 45.29 8.98
CA MET A 466 -5.98 44.62 7.74
C MET A 466 -5.57 43.18 7.97
N LYS A 467 -5.86 42.66 9.16
CA LYS A 467 -5.44 41.31 9.54
C LYS A 467 -6.04 40.26 8.61
N SER A 468 -7.14 40.61 7.95
CA SER A 468 -7.82 39.69 7.06
C SER A 468 -6.95 39.25 5.89
N ASP A 469 -5.92 40.05 5.57
CA ASP A 469 -5.06 39.72 4.44
C ASP A 469 -3.73 39.12 4.88
N LEU A 470 -3.60 38.74 6.16
CA LEU A 470 -2.38 38.10 6.62
C LEU A 470 -2.51 36.59 6.61
N SER A 471 -3.68 36.11 6.23
CA SER A 471 -3.93 34.69 6.09
C SER A 471 -3.10 34.13 4.96
N VAL A 472 -2.69 32.87 5.05
CA VAL A 472 -1.97 32.27 3.95
C VAL A 472 -2.85 32.30 2.70
N SER A 473 -4.12 31.93 2.88
CA SER A 473 -5.09 31.99 1.79
C SER A 473 -5.76 33.37 1.74
N SER A 474 -4.95 34.39 1.58
CA SER A 474 -5.44 35.77 1.58
C SER A 474 -5.98 36.18 0.22
N ALA A 475 -6.70 37.32 0.21
CA ALA A 475 -7.18 37.91 -1.04
C ALA A 475 -6.00 38.34 -1.92
N GLY A 476 -4.96 38.90 -1.29
CA GLY A 476 -3.76 39.30 -2.04
C GLY A 476 -3.30 40.78 -1.98
N PRO A 477 -4.20 41.79 -1.80
CA PRO A 477 -3.90 43.22 -1.88
C PRO A 477 -2.60 43.63 -1.17
N ILE A 478 -2.31 42.99 -0.04
CA ILE A 478 -1.08 43.26 0.69
C ILE A 478 -0.16 42.05 0.66
N SER A 479 -0.73 40.88 0.89
CA SER A 479 0.04 39.65 1.02
C SER A 479 0.96 39.35 -0.15
N GLN A 480 0.43 39.46 -1.38
CA GLN A 480 1.21 39.00 -2.53
C GLN A 480 2.28 39.98 -2.97
N PHE A 481 2.25 41.20 -2.43
CA PHE A 481 3.22 42.22 -2.86
C PHE A 481 4.13 42.69 -1.74
N ASN A 482 3.56 42.91 -0.56
CA ASN A 482 4.32 43.52 0.52
C ASN A 482 5.00 42.50 1.40
N TYR A 483 4.24 41.52 1.86
CA TYR A 483 4.80 40.56 2.81
C TYR A 483 4.08 39.23 2.83
N LYS A 484 4.85 38.17 2.66
CA LYS A 484 4.35 36.80 2.68
C LYS A 484 5.14 35.97 3.68
N GLN A 485 4.53 34.93 4.24
CA GLN A 485 5.23 34.03 5.14
C GLN A 485 5.25 32.60 4.61
N SER A 486 6.24 31.83 5.06
CA SER A 486 6.40 30.44 4.68
C SER A 486 5.25 29.58 5.16
N PHE A 487 4.91 28.56 4.37
CA PHE A 487 3.90 27.59 4.77
C PHE A 487 4.55 26.21 4.90
N SER A 488 5.87 26.17 4.68
CA SER A 488 6.61 24.91 4.72
C SER A 488 7.41 24.79 6.02
N ASN A 489 7.79 25.92 6.59
CA ASN A 489 8.44 25.92 7.89
C ASN A 489 7.38 26.20 8.94
N PRO A 490 7.59 25.78 10.19
CA PRO A 490 6.82 26.18 11.35
C PRO A 490 6.88 27.68 11.52
N THR A 491 5.72 28.31 11.66
CA THR A 491 5.67 29.76 11.79
C THR A 491 4.61 30.22 12.78
N CYS A 492 4.79 31.44 13.28
CA CYS A 492 3.77 32.11 14.08
C CYS A 492 3.56 33.55 13.64
N LEU A 493 2.40 34.09 14.00
CA LEU A 493 2.07 35.48 13.73
C LEU A 493 1.50 36.17 14.95
N ILE A 494 2.10 37.29 15.31
CA ILE A 494 1.66 38.06 16.46
C ILE A 494 1.19 39.45 16.06
N LEU A 495 0.00 39.78 16.50
CA LEU A 495 -0.58 41.10 16.26
C LEU A 495 -0.79 41.78 17.58
N ALA A 496 -0.25 42.98 17.73
CA ALA A 496 -0.34 43.64 19.02
C ALA A 496 -0.34 45.14 18.87
N THR A 497 -0.82 45.82 19.90
CA THR A 497 -0.73 47.25 19.92
C THR A 497 0.28 47.71 20.97
N VAL A 498 0.74 48.94 20.83
CA VAL A 498 1.73 49.49 21.72
C VAL A 498 1.12 50.42 22.75
N PRO A 499 1.35 50.16 24.06
CA PRO A 499 0.87 50.93 25.19
C PRO A 499 1.63 52.23 25.29
N HIS A 500 1.03 53.22 25.94
CA HIS A 500 1.65 54.54 26.10
C HIS A 500 2.99 54.49 26.84
N ASN A 501 3.20 53.46 27.63
CA ASN A 501 4.41 53.36 28.43
C ASN A 501 5.62 52.90 27.62
N LEU A 502 5.39 52.38 26.42
CA LEU A 502 6.51 51.87 25.64
C LEU A 502 7.08 53.01 24.81
N THR A 503 7.70 53.96 25.47
CA THR A 503 8.08 55.23 24.87
C THR A 503 9.39 55.17 24.12
N THR A 504 10.02 54.01 24.12
CA THR A 504 11.29 53.84 23.44
C THR A 504 11.09 53.55 21.95
N ILE A 505 9.86 53.20 21.58
CA ILE A 505 9.53 52.91 20.19
C ILE A 505 8.70 54.07 19.64
N THR A 506 9.12 54.63 18.53
CA THR A 506 8.50 55.86 18.03
C THR A 506 7.36 55.59 17.07
N LYS A 507 6.57 56.62 16.82
CA LYS A 507 5.38 56.49 15.99
C LYS A 507 5.59 57.06 14.56
N PRO A 508 5.32 56.25 13.50
CA PRO A 508 5.35 56.63 12.08
C PRO A 508 4.30 57.69 11.76
N LEU A 509 4.54 58.43 10.68
CA LEU A 509 3.58 59.44 10.21
C LEU A 509 2.25 58.81 9.81
N LYS A 510 2.34 57.67 9.14
CA LYS A 510 1.18 56.98 8.57
C LYS A 510 1.58 55.59 8.16
N TYR A 511 0.61 54.76 7.84
CA TYR A 511 0.91 53.44 7.31
C TYR A 511 0.97 53.51 5.79
N SER A 512 1.94 52.80 5.21
CA SER A 512 2.00 52.70 3.76
C SER A 512 2.10 51.25 3.31
N TYR A 513 1.59 50.97 2.12
CA TYR A 513 1.81 49.67 1.51
C TYR A 513 1.71 49.79 0.00
N ILE A 514 2.22 48.79 -0.70
CA ILE A 514 2.11 48.77 -2.14
C ILE A 514 0.96 47.88 -2.55
N ASN A 515 0.16 48.33 -3.51
CA ASN A 515 -0.96 47.53 -3.94
C ASN A 515 -0.70 46.94 -5.31
N LYS A 516 0.09 47.65 -6.10
CA LYS A 516 0.42 47.20 -7.43
C LYS A 516 1.91 47.11 -7.59
N CYS A 517 2.35 46.07 -8.27
CA CYS A 517 3.76 45.89 -8.62
C CYS A 517 3.87 44.94 -9.78
N SER A 518 4.42 45.42 -10.89
CA SER A 518 4.46 44.63 -12.11
C SER A 518 5.57 45.06 -13.04
N ARG A 519 5.92 44.17 -13.95
CA ARG A 519 6.93 44.45 -14.94
C ARG A 519 6.32 44.66 -16.31
N LEU A 520 6.86 45.61 -17.04
CA LEU A 520 6.47 45.84 -18.42
C LEU A 520 7.53 45.25 -19.33
N LEU A 521 7.11 44.64 -20.42
CA LEU A 521 8.03 44.02 -21.34
C LEU A 521 8.61 45.04 -22.30
N SER A 522 9.58 44.62 -23.09
CA SER A 522 10.29 45.50 -24.01
C SER A 522 9.39 46.15 -25.06
N ASP A 523 8.17 45.62 -25.23
CA ASP A 523 7.24 46.20 -26.20
C ASP A 523 6.46 47.37 -25.59
N ASP A 524 6.67 47.62 -24.30
CA ASP A 524 5.96 48.65 -23.56
C ASP A 524 4.45 48.55 -23.74
N ARG A 525 3.93 47.31 -23.81
CA ARG A 525 2.50 47.07 -23.91
C ARG A 525 2.08 45.92 -23.01
N THR A 526 2.94 44.91 -22.92
CA THR A 526 2.61 43.72 -22.17
C THR A 526 3.11 43.85 -20.73
N GLU A 527 2.27 43.47 -19.77
CA GLU A 527 2.65 43.55 -18.38
C GLU A 527 2.50 42.20 -17.67
N VAL A 528 3.39 41.95 -16.74
CA VAL A 528 3.37 40.74 -15.91
C VAL A 528 3.54 41.09 -14.43
N PRO A 529 2.63 40.66 -13.54
CA PRO A 529 2.66 40.87 -12.09
C PRO A 529 3.96 40.37 -11.49
N GLN A 530 4.44 41.08 -10.47
CA GLN A 530 5.66 40.71 -9.77
C GLN A 530 5.39 40.54 -8.28
N LEU A 531 5.39 39.30 -7.83
CA LEU A 531 4.96 38.97 -6.47
C LEU A 531 6.16 38.73 -5.55
N VAL A 532 5.92 38.82 -4.25
CA VAL A 532 6.97 38.61 -3.25
C VAL A 532 6.86 37.21 -2.64
N ASN A 533 8.00 36.56 -2.42
CA ASN A 533 7.99 35.22 -1.83
C ASN A 533 8.11 35.27 -0.30
N ALA A 534 8.08 34.09 0.33
CA ALA A 534 8.02 33.94 1.78
C ALA A 534 9.17 34.61 2.53
N ASN A 535 10.36 34.59 1.96
CA ASN A 535 11.50 35.17 2.65
C ASN A 535 12.17 36.24 1.82
N GLN A 536 11.38 36.91 1.01
CA GLN A 536 11.92 37.94 0.14
C GLN A 536 11.36 39.30 0.48
N TYR A 537 11.91 40.31 -0.17
CA TYR A 537 11.37 41.66 -0.10
C TYR A 537 10.66 41.95 -1.41
N SER A 538 9.74 42.89 -1.37
CA SER A 538 9.00 43.23 -2.57
C SER A 538 9.94 43.40 -3.75
N PRO A 539 9.61 42.82 -4.91
CA PRO A 539 10.41 42.79 -6.12
C PRO A 539 10.66 44.21 -6.65
N CYS A 540 9.86 45.16 -6.20
CA CYS A 540 10.04 46.54 -6.57
C CYS A 540 10.20 47.43 -5.33
N VAL A 541 10.85 46.87 -4.30
CA VAL A 541 11.13 47.59 -3.07
C VAL A 541 12.13 48.71 -3.30
N SER A 542 13.01 48.53 -4.28
CA SER A 542 14.03 49.52 -4.58
C SER A 542 13.46 50.70 -5.38
N ILE A 543 12.22 50.58 -5.82
CA ILE A 543 11.57 51.64 -6.59
C ILE A 543 10.73 52.52 -5.70
N VAL A 544 9.97 51.88 -4.81
CA VAL A 544 9.05 52.58 -3.94
C VAL A 544 9.81 53.27 -2.78
N PRO A 545 9.55 54.56 -2.51
CA PRO A 545 10.14 55.37 -1.48
C PRO A 545 9.73 54.90 -0.10
N SER A 546 10.44 55.37 0.92
CA SER A 546 10.17 55.00 2.32
C SER A 546 8.72 55.23 2.77
N THR A 547 7.95 55.97 1.99
CA THR A 547 6.56 56.22 2.32
C THR A 547 5.76 56.55 1.07
N VAL A 548 4.48 56.23 1.09
CA VAL A 548 3.61 56.62 -0.02
C VAL A 548 2.97 57.95 0.30
N TRP A 549 3.37 58.99 -0.39
CA TRP A 549 2.88 60.31 -0.06
C TRP A 549 1.39 60.40 -0.32
N GLU A 550 0.97 59.99 -1.50
CA GLU A 550 -0.45 60.00 -1.82
C GLU A 550 -0.85 58.75 -2.58
N ASP A 551 -2.07 58.31 -2.36
CA ASP A 551 -2.58 57.16 -3.09
C ASP A 551 -2.49 57.41 -4.57
N GLY A 552 -2.02 56.41 -5.30
CA GLY A 552 -1.91 56.52 -6.75
C GLY A 552 -0.52 56.94 -7.20
N ASP A 553 0.35 57.37 -6.27
CA ASP A 553 1.70 57.72 -6.65
C ASP A 553 2.28 56.58 -7.48
N TYR A 554 2.67 56.89 -8.71
CA TYR A 554 3.15 55.86 -9.62
C TYR A 554 4.65 55.98 -9.76
N TYR A 555 5.35 54.85 -9.67
CA TYR A 555 6.79 54.87 -9.75
C TYR A 555 7.26 54.05 -10.95
N ARG A 556 8.36 54.49 -11.59
CA ARG A 556 8.88 53.76 -12.76
C ARG A 556 10.40 53.81 -12.87
N LYS A 557 11.01 52.69 -13.29
CA LYS A 557 12.40 52.70 -13.74
C LYS A 557 12.60 51.70 -14.86
N GLN A 558 13.49 52.00 -15.78
CA GLN A 558 13.81 51.06 -16.83
C GLN A 558 14.74 50.00 -16.29
N LEU A 559 14.73 48.84 -16.91
CA LEU A 559 15.61 47.75 -16.52
C LEU A 559 16.79 47.59 -17.47
N SER A 560 17.91 47.12 -16.94
CA SER A 560 19.07 46.82 -17.75
C SER A 560 18.85 45.47 -18.48
N PRO A 561 19.60 45.19 -19.57
CA PRO A 561 19.59 43.96 -20.33
C PRO A 561 19.72 42.70 -19.49
N LEU A 562 20.43 42.79 -18.36
CA LEU A 562 20.60 41.61 -17.51
C LEU A 562 19.27 40.98 -17.12
N GLU A 563 18.25 41.81 -16.92
CA GLU A 563 16.95 41.29 -16.49
C GLU A 563 16.02 41.11 -17.67
N GLY A 564 16.52 41.37 -18.88
CA GLY A 564 15.73 41.27 -20.09
C GLY A 564 15.17 42.61 -20.56
N GLY A 565 15.61 43.71 -19.93
CA GLY A 565 15.15 45.03 -20.32
C GLY A 565 13.69 45.26 -19.94
N GLY A 566 13.09 46.27 -20.55
CA GLY A 566 11.72 46.65 -20.21
C GLY A 566 11.72 47.59 -19.02
N TRP A 567 10.59 47.66 -18.33
CA TRP A 567 10.40 48.59 -17.21
C TRP A 567 9.81 47.89 -15.99
N LEU A 568 10.17 48.37 -14.82
CA LEU A 568 9.53 47.86 -13.61
C LEU A 568 8.79 49.00 -12.93
N VAL A 569 7.50 48.79 -12.68
CA VAL A 569 6.66 49.86 -12.17
C VAL A 569 5.90 49.45 -10.91
N ALA A 570 5.43 50.44 -10.16
CA ALA A 570 4.70 50.15 -8.92
C ALA A 570 3.77 51.30 -8.51
N SER A 571 2.80 50.97 -7.64
CA SER A 571 1.87 51.97 -7.11
C SER A 571 1.32 51.55 -5.75
N GLY A 572 1.24 52.50 -4.81
CA GLY A 572 0.79 52.17 -3.46
C GLY A 572 -0.34 53.06 -2.94
N SER A 573 -0.56 52.96 -1.63
CA SER A 573 -1.60 53.70 -0.94
C SER A 573 -1.28 53.85 0.54
N THR A 574 -2.05 54.70 1.23
CA THR A 574 -1.84 54.94 2.66
C THR A 574 -3.04 54.58 3.51
N VAL A 575 -2.78 54.39 4.81
CA VAL A 575 -3.82 54.21 5.81
C VAL A 575 -3.56 55.14 6.99
N ALA A 576 -4.60 55.85 7.42
CA ALA A 576 -4.47 56.80 8.52
C ALA A 576 -3.94 56.13 9.76
N MET A 577 -3.09 56.84 10.49
CA MET A 577 -2.52 56.32 11.72
C MET A 577 -3.50 56.44 12.88
N THR A 578 -3.55 55.42 13.71
CA THR A 578 -4.40 55.38 14.88
C THR A 578 -3.81 56.15 16.06
N GLU A 579 -4.60 56.30 17.12
CA GLU A 579 -4.15 57.02 18.30
C GLU A 579 -2.92 56.38 18.91
N GLN A 580 -2.87 55.05 18.90
CA GLN A 580 -1.73 54.31 19.42
C GLN A 580 -1.07 53.53 18.30
N LEU A 581 0.22 53.32 18.42
CA LEU A 581 0.96 52.53 17.46
C LEU A 581 0.51 51.08 17.42
N GLN A 582 0.26 50.57 16.22
CA GLN A 582 -0.09 49.17 16.02
C GLN A 582 1.02 48.48 15.24
N MET A 583 1.36 47.25 15.62
CA MET A 583 2.52 46.60 15.06
C MET A 583 2.32 45.10 14.88
N GLY A 584 3.01 44.51 13.90
CA GLY A 584 2.91 43.06 13.67
C GLY A 584 4.28 42.40 13.70
N PHE A 585 4.30 41.12 14.09
CA PHE A 585 5.54 40.37 14.19
C PHE A 585 5.40 38.97 13.60
N GLY A 586 6.26 38.63 12.64
CA GLY A 586 6.28 37.28 12.10
C GLY A 586 7.42 36.48 12.70
N ILE A 587 7.18 35.21 12.99
CA ILE A 587 8.23 34.36 13.53
C ILE A 587 8.39 33.06 12.75
N THR A 588 9.61 32.78 12.33
CA THR A 588 9.92 31.53 11.63
C THR A 588 10.89 30.68 12.44
N VAL A 589 10.59 29.39 12.54
CA VAL A 589 11.42 28.49 13.32
C VAL A 589 12.10 27.45 12.44
N GLN A 590 13.42 27.38 12.54
CA GLN A 590 14.18 26.42 11.76
C GLN A 590 14.74 25.32 12.65
N TYR A 591 14.61 24.07 12.21
CA TYR A 591 15.10 22.92 12.96
C TYR A 591 16.06 22.07 12.13
N GLY A 592 17.05 21.47 12.80
CA GLY A 592 17.85 20.37 12.24
C GLY A 592 18.98 20.78 11.28
N THR A 593 19.17 22.06 11.06
CA THR A 593 20.20 22.50 10.11
C THR A 593 21.52 22.76 10.80
N ASP A 594 21.48 22.83 12.12
CA ASP A 594 22.64 23.10 12.95
C ASP A 594 22.31 22.72 14.38
N THR A 595 23.25 22.91 15.27
CA THR A 595 23.00 22.64 16.68
C THR A 595 21.83 23.49 17.17
N ASN A 596 20.84 22.86 17.78
CA ASN A 596 19.68 23.60 18.26
C ASN A 596 19.99 24.31 19.57
N SER A 597 20.81 25.34 19.47
CA SER A 597 21.28 26.08 20.62
C SER A 597 20.48 27.36 20.86
N VAL A 598 19.34 27.49 20.21
CA VAL A 598 18.44 28.60 20.48
C VAL A 598 17.36 28.11 21.41
N CYS A 599 17.51 28.41 22.69
CA CYS A 599 16.69 27.80 23.74
C CYS A 599 16.20 28.85 24.71
N PRO A 600 15.27 28.51 25.60
CA PRO A 600 14.90 29.26 26.77
C PRO A 600 16.07 29.27 27.74
N LYS A 601 15.95 30.00 28.82
CA LYS A 601 16.98 29.97 29.86
C LYS A 601 16.51 29.13 31.03
N LEU A 602 17.25 28.06 31.32
CA LEU A 602 16.90 27.15 32.38
C LEU A 602 18.07 26.91 33.31
N GLU A 603 17.78 26.66 34.58
CA GLU A 603 18.81 26.29 35.55
C GLU A 603 18.93 24.77 35.60
N PHE A 604 19.86 24.27 36.41
CA PHE A 604 20.07 22.84 36.47
C PHE A 604 20.64 22.36 37.79
N ALA A 605 20.51 21.06 38.02
CA ALA A 605 21.07 20.37 39.16
C ALA A 605 22.31 19.59 38.75
N ASN A 606 22.97 18.94 39.71
CA ASN A 606 24.19 18.21 39.40
C ASN A 606 23.91 16.75 39.06
N ASP A 607 22.65 16.38 39.00
CA ASP A 607 22.27 15.00 38.70
C ASP A 607 21.75 14.84 37.27
N THR A 608 22.05 15.83 36.42
CA THR A 608 21.61 15.81 35.04
C THR A 608 22.80 15.80 34.07
N LYS A 609 23.92 15.25 34.53
CA LYS A 609 25.11 15.15 33.70
C LYS A 609 25.19 13.76 33.09
N ILE A 610 25.95 13.60 32.01
CA ILE A 610 26.17 12.27 31.45
C ILE A 610 26.98 11.45 32.43
N ALA A 611 28.03 12.05 32.95
CA ALA A 611 28.91 11.37 33.89
C ALA A 611 28.11 10.87 35.08
N SER A 612 28.44 9.66 35.53
CA SER A 612 27.79 8.99 36.65
C SER A 612 26.38 8.48 36.33
N GLN A 613 25.95 8.67 35.08
CA GLN A 613 24.67 8.10 34.64
C GLN A 613 24.92 6.97 33.65
N LEU A 614 26.19 6.71 33.39
CA LEU A 614 26.57 5.74 32.37
C LEU A 614 26.07 4.36 32.72
N GLY A 615 25.56 3.67 31.70
CA GLY A 615 25.07 2.31 31.86
C GLY A 615 23.58 2.27 32.22
N ASN A 616 23.00 3.41 32.56
CA ASN A 616 21.61 3.44 32.94
C ASN A 616 20.73 4.02 31.84
N CYS A 617 19.49 3.56 31.77
CA CYS A 617 18.52 4.11 30.83
C CYS A 617 18.03 5.45 31.33
N VAL A 618 18.25 6.48 30.52
CA VAL A 618 17.83 7.84 30.88
C VAL A 618 17.14 8.53 29.74
N GLU A 619 16.42 9.58 30.05
CA GLU A 619 15.93 10.49 29.03
C GLU A 619 16.95 11.60 28.88
N TYR A 620 17.01 12.22 27.72
CA TYR A 620 18.00 13.27 27.55
C TYR A 620 17.55 14.40 26.64
N SER A 621 18.23 15.52 26.78
CA SER A 621 18.08 16.67 25.89
C SER A 621 19.44 17.35 25.71
N LEU A 622 20.04 17.15 24.56
CA LEU A 622 21.37 17.66 24.30
C LEU A 622 21.33 18.73 23.22
N TYR A 623 21.52 19.97 23.61
CA TYR A 623 21.43 21.08 22.67
C TYR A 623 20.23 20.98 21.76
N GLY A 624 19.09 20.69 22.35
CA GLY A 624 17.83 20.65 21.63
C GLY A 624 17.51 19.28 21.04
N VAL A 625 18.46 18.36 21.09
CA VAL A 625 18.24 17.02 20.57
C VAL A 625 17.78 16.09 21.68
N SER A 626 16.52 15.71 21.65
CA SER A 626 15.95 14.92 22.72
C SER A 626 15.86 13.46 22.35
N GLY A 627 15.68 12.62 23.35
CA GLY A 627 15.48 11.20 23.12
C GLY A 627 15.67 10.39 24.38
N ARG A 628 15.77 9.08 24.21
CA ARG A 628 15.94 8.16 25.32
C ARG A 628 17.01 7.12 24.95
N GLY A 629 17.82 6.73 25.92
CA GLY A 629 18.82 5.71 25.67
C GLY A 629 19.82 5.54 26.80
N VAL A 630 20.86 4.77 26.53
CA VAL A 630 21.90 4.47 27.50
C VAL A 630 23.24 4.97 27.00
N PHE A 631 23.93 5.73 27.83
CA PHE A 631 25.24 6.24 27.46
C PHE A 631 26.34 5.29 27.91
N GLN A 632 27.37 5.16 27.09
CA GLN A 632 28.51 4.31 27.42
C GLN A 632 29.80 4.94 26.94
N ASN A 633 30.82 4.92 27.77
CA ASN A 633 32.12 5.49 27.40
C ASN A 633 32.72 4.74 26.23
N CYS A 634 33.23 5.48 25.24
CA CYS A 634 33.85 4.85 24.08
C CYS A 634 34.79 5.80 23.36
N THR A 635 35.44 5.32 22.29
CA THR A 635 36.42 6.13 21.57
C THR A 635 35.76 6.98 20.48
N ALA A 636 36.35 8.16 20.24
CA ALA A 636 35.85 9.07 19.22
C ALA A 636 35.76 8.37 17.87
N VAL A 637 34.68 8.63 17.13
CA VAL A 637 34.46 7.94 15.87
C VAL A 637 34.29 8.87 14.67
N GLY A 638 33.96 10.14 14.90
CA GLY A 638 33.66 11.05 13.79
C GLY A 638 34.56 12.28 13.81
N VAL A 639 33.99 13.42 13.44
CA VAL A 639 34.73 14.67 13.40
C VAL A 639 34.30 15.58 14.55
N ARG A 640 35.20 15.75 15.51
CA ARG A 640 34.90 16.45 16.75
C ARG A 640 34.22 17.81 16.55
N GLN A 641 34.56 18.50 15.47
CA GLN A 641 34.02 19.84 15.21
C GLN A 641 32.50 19.84 15.11
N GLN A 642 31.94 18.73 14.65
CA GLN A 642 30.51 18.61 14.46
C GLN A 642 30.00 17.49 15.37
N ARG A 643 29.52 17.90 16.54
CA ARG A 643 29.40 17.05 17.73
C ARG A 643 28.32 15.94 17.77
N PHE A 644 27.37 15.93 16.84
CA PHE A 644 26.35 14.86 16.85
C PHE A 644 26.61 13.77 15.78
N VAL A 645 26.74 12.51 16.22
CA VAL A 645 27.03 11.40 15.32
C VAL A 645 25.81 10.51 15.11
N TYR A 646 25.43 10.33 13.86
CA TYR A 646 24.26 9.53 13.51
C TYR A 646 24.62 8.27 12.73
N ASP A 647 23.72 7.30 12.78
CA ASP A 647 23.87 6.05 12.04
C ASP A 647 23.31 6.18 10.63
N ALA A 648 23.41 5.10 9.86
CA ALA A 648 22.84 5.03 8.52
C ALA A 648 21.32 5.20 8.58
N TYR A 649 20.73 4.75 9.68
CA TYR A 649 19.30 4.82 9.89
C TYR A 649 18.88 6.18 10.45
N GLN A 650 19.85 7.08 10.57
CA GLN A 650 19.64 8.43 11.07
C GLN A 650 19.29 8.47 12.55
N ASN A 651 19.63 7.41 13.25
CA ASN A 651 19.49 7.39 14.70
C ASN A 651 20.73 8.00 15.32
N LEU A 652 20.57 8.68 16.45
CA LEU A 652 21.74 9.22 17.14
C LEU A 652 22.51 8.10 17.81
N VAL A 653 23.80 8.00 17.52
CA VAL A 653 24.59 6.91 18.08
C VAL A 653 25.82 7.36 18.85
N GLY A 654 26.12 8.66 18.80
CA GLY A 654 27.27 9.16 19.52
C GLY A 654 27.17 10.65 19.77
N TYR A 655 27.84 11.09 20.82
CA TYR A 655 27.81 12.49 21.20
C TYR A 655 29.12 12.95 21.80
N TYR A 656 29.61 14.09 21.32
CA TYR A 656 30.80 14.72 21.91
C TYR A 656 30.38 15.72 22.97
N SER A 657 30.78 15.47 24.20
CA SER A 657 30.38 16.28 25.34
C SER A 657 31.27 17.50 25.49
N ASP A 658 30.77 18.51 26.21
CA ASP A 658 31.56 19.71 26.49
C ASP A 658 32.83 19.46 27.28
N ASP A 659 32.88 18.34 28.00
CA ASP A 659 34.06 18.03 28.80
C ASP A 659 35.13 17.34 27.96
N GLY A 660 34.88 17.18 26.67
CA GLY A 660 35.83 16.59 25.75
C GLY A 660 35.65 15.08 25.60
N ASN A 661 34.81 14.49 26.45
CA ASN A 661 34.60 13.06 26.40
C ASN A 661 33.61 12.69 25.31
N TYR A 662 33.81 11.52 24.73
CA TYR A 662 32.88 11.02 23.73
C TYR A 662 32.15 9.81 24.23
N TYR A 663 30.84 9.82 24.08
CA TYR A 663 30.03 8.72 24.54
C TYR A 663 29.23 8.11 23.41
N CYS A 664 29.04 6.81 23.49
CA CYS A 664 28.20 6.10 22.57
C CYS A 664 26.81 6.03 23.13
N LEU A 665 25.81 6.04 22.26
CA LEU A 665 24.45 6.01 22.71
C LEU A 665 23.65 4.90 22.06
N ARG A 666 22.96 4.13 22.87
CA ARG A 666 22.10 3.07 22.35
C ARG A 666 20.71 3.15 22.93
N ALA A 667 19.73 2.69 22.19
CA ALA A 667 18.36 2.67 22.68
C ALA A 667 18.25 1.78 23.89
N CYS A 668 17.39 2.16 24.82
CA CYS A 668 17.18 1.34 26.00
C CYS A 668 16.64 -0.02 25.58
N VAL A 669 17.29 -1.06 26.04
CA VAL A 669 16.98 -2.42 25.65
C VAL A 669 15.81 -3.00 26.45
N SER A 670 14.81 -3.54 25.75
CA SER A 670 13.67 -4.16 26.41
C SER A 670 13.88 -5.67 26.52
N VAL A 671 13.07 -6.33 27.33
CA VAL A 671 13.17 -7.78 27.46
C VAL A 671 11.97 -8.52 26.83
N PRO A 672 12.19 -9.29 25.75
CA PRO A 672 11.18 -10.06 25.05
C PRO A 672 10.83 -11.26 25.88
N VAL A 673 9.56 -11.61 25.91
CA VAL A 673 9.09 -12.73 26.73
C VAL A 673 8.07 -13.58 25.99
N SER A 674 8.03 -14.88 26.33
CA SER A 674 7.00 -15.79 25.86
C SER A 674 6.48 -16.60 27.04
N VAL A 675 5.24 -17.07 26.91
CA VAL A 675 4.62 -17.81 28.00
C VAL A 675 4.40 -19.26 27.65
N ILE A 676 4.77 -20.12 28.57
CA ILE A 676 4.57 -21.55 28.44
C ILE A 676 3.26 -21.89 29.11
N TYR A 677 2.28 -22.31 28.33
CA TYR A 677 0.96 -22.51 28.88
C TYR A 677 0.39 -23.90 28.66
N ASP A 678 -0.04 -24.52 29.75
CA ASP A 678 -0.59 -25.86 29.72
C ASP A 678 -2.05 -25.85 30.13
N LYS A 679 -2.93 -26.09 29.16
CA LYS A 679 -4.37 -26.03 29.38
C LYS A 679 -4.86 -27.09 30.35
N GLU A 680 -4.50 -28.34 30.11
CA GLU A 680 -5.07 -29.45 30.86
C GLU A 680 -4.81 -29.36 32.37
N THR A 681 -3.63 -28.89 32.75
CA THR A 681 -3.31 -28.79 34.17
C THR A 681 -3.43 -27.37 34.68
N LYS A 682 -3.92 -26.47 33.83
CA LYS A 682 -4.14 -25.07 34.19
C LYS A 682 -2.91 -24.44 34.83
N THR A 683 -1.75 -24.59 34.21
CA THR A 683 -0.53 -24.01 34.77
C THR A 683 0.30 -23.31 33.71
N HIS A 684 1.40 -22.68 34.13
CA HIS A 684 2.24 -21.97 33.19
C HIS A 684 3.62 -21.67 33.74
N ALA A 685 4.49 -21.21 32.85
CA ALA A 685 5.83 -20.75 33.20
C ALA A 685 6.25 -19.62 32.25
N THR A 686 7.16 -18.77 32.69
CA THR A 686 7.57 -17.64 31.87
C THR A 686 8.98 -17.81 31.31
N LEU A 687 9.10 -17.73 30.00
CA LEU A 687 10.40 -17.87 29.35
C LEU A 687 10.92 -16.51 28.89
N PHE A 688 12.01 -16.07 29.50
CA PHE A 688 12.49 -14.71 29.28
C PHE A 688 13.42 -14.57 28.10
N GLY A 689 12.88 -14.82 26.91
CA GLY A 689 13.58 -14.51 25.69
C GLY A 689 14.95 -15.15 25.59
N SER A 690 15.98 -14.30 25.58
CA SER A 690 17.37 -14.73 25.44
C SER A 690 18.23 -14.16 26.56
N VAL A 691 17.61 -13.89 27.70
CA VAL A 691 18.28 -13.30 28.85
C VAL A 691 19.14 -14.34 29.57
N ALA A 692 20.36 -13.94 29.98
CA ALA A 692 21.33 -14.85 30.63
C ALA A 692 20.97 -15.16 32.08
N CYS A 693 19.74 -14.86 32.44
CA CYS A 693 19.15 -15.17 33.74
C CYS A 693 19.80 -14.38 34.86
N GLU A 694 20.57 -13.37 34.50
CA GLU A 694 21.16 -12.46 35.46
C GLU A 694 20.18 -11.38 35.87
N HIS A 695 19.38 -10.93 34.91
CA HIS A 695 18.49 -9.80 35.12
C HIS A 695 17.10 -10.25 35.51
N ILE A 696 16.93 -11.54 35.70
CA ILE A 696 15.63 -12.06 36.07
C ILE A 696 15.56 -12.31 37.55
N SER A 697 14.84 -11.45 38.25
CA SER A 697 14.69 -11.56 39.68
C SER A 697 13.60 -12.55 39.98
N SER A 698 13.47 -12.88 41.25
CA SER A 698 12.34 -13.67 41.66
C SER A 698 11.12 -12.77 41.61
N THR A 699 9.94 -13.37 41.75
CA THR A 699 8.70 -12.61 41.74
C THR A 699 8.61 -11.67 40.54
N MET A 700 8.97 -12.17 39.37
CA MET A 700 8.84 -11.41 38.12
C MET A 700 7.78 -12.06 37.26
N SER A 701 6.74 -12.56 37.92
CA SER A 701 5.63 -13.24 37.27
C SER A 701 4.56 -12.25 36.82
N GLN A 702 4.82 -10.97 37.04
CA GLN A 702 3.90 -9.91 36.68
C GLN A 702 4.65 -8.78 36.01
N TYR A 703 3.95 -7.96 35.23
CA TYR A 703 4.59 -6.87 34.49
C TYR A 703 5.07 -5.75 35.39
N SER A 704 4.65 -5.76 36.65
CA SER A 704 5.04 -4.76 37.62
C SER A 704 4.77 -3.34 37.12
N ARG A 705 3.64 -3.18 36.46
CA ARG A 705 3.21 -1.88 35.98
C ARG A 705 3.22 -0.84 37.09
N TYR A 718 9.95 -21.85 43.53
CA TYR A 718 11.15 -21.96 42.73
C TYR A 718 11.53 -20.62 42.10
N GLY A 719 12.82 -20.37 41.99
CA GLY A 719 13.30 -19.17 41.32
C GLY A 719 13.56 -19.49 39.85
N PRO A 720 14.16 -18.55 39.11
CA PRO A 720 14.55 -18.67 37.72
C PRO A 720 15.67 -19.70 37.58
N LEU A 721 15.73 -20.37 36.43
CA LEU A 721 16.86 -21.26 36.15
C LEU A 721 17.38 -21.03 34.73
N GLN A 722 18.68 -21.24 34.55
CA GLN A 722 19.33 -21.05 33.26
C GLN A 722 19.04 -22.19 32.29
N THR A 723 18.62 -21.86 31.08
CA THR A 723 18.46 -22.85 30.03
C THR A 723 19.11 -22.39 28.72
N PRO A 724 19.45 -23.33 27.82
CA PRO A 724 19.95 -23.13 26.47
C PRO A 724 19.05 -22.24 25.61
N VAL A 725 17.79 -22.07 26.01
CA VAL A 725 16.89 -21.25 25.23
C VAL A 725 16.34 -20.10 26.06
N GLY A 726 17.19 -19.51 26.90
CA GLY A 726 16.83 -18.32 27.67
C GLY A 726 16.37 -18.67 29.08
N CYS A 727 16.60 -17.76 30.02
CA CYS A 727 16.20 -17.97 31.42
C CYS A 727 14.72 -18.25 31.54
N VAL A 728 14.37 -19.27 32.30
CA VAL A 728 12.97 -19.61 32.47
C VAL A 728 12.56 -19.66 33.94
N LEU A 729 11.41 -19.09 34.24
CA LEU A 729 10.86 -19.06 35.58
C LEU A 729 9.56 -19.85 35.67
N GLY A 730 9.54 -20.87 36.51
CA GLY A 730 8.33 -21.68 36.67
C GLY A 730 8.51 -23.13 36.23
N LEU A 731 9.72 -23.49 35.83
CA LEU A 731 10.00 -24.88 35.49
C LEU A 731 10.94 -25.50 36.51
N VAL A 732 10.87 -26.81 36.66
CA VAL A 732 11.75 -27.53 37.57
C VAL A 732 12.60 -28.55 36.83
N ASN A 733 13.91 -28.46 36.96
CA ASN A 733 14.78 -29.42 36.30
C ASN A 733 14.54 -30.83 36.81
N SER A 734 14.20 -31.75 35.90
CA SER A 734 13.86 -33.11 36.31
C SER A 734 14.87 -34.14 35.86
N SER A 735 15.85 -33.72 35.06
CA SER A 735 16.86 -34.64 34.50
C SER A 735 16.23 -35.88 33.83
N LEU A 736 15.17 -35.65 33.07
CA LEU A 736 14.48 -36.73 32.36
C LEU A 736 14.68 -36.65 30.86
N PHE A 737 14.50 -37.79 30.21
CA PHE A 737 14.43 -37.86 28.77
C PHE A 737 13.05 -38.35 28.35
N VAL A 738 12.47 -37.69 27.37
CA VAL A 738 11.12 -38.02 26.93
C VAL A 738 11.09 -38.29 25.44
N GLU A 739 10.22 -39.20 25.01
CA GLU A 739 10.13 -39.55 23.60
C GLU A 739 9.74 -38.34 22.76
N ASP A 740 8.81 -37.56 23.28
CA ASP A 740 8.32 -36.37 22.62
C ASP A 740 7.55 -35.52 23.62
N CYS A 741 6.99 -34.41 23.15
CA CYS A 741 6.19 -33.58 24.04
C CYS A 741 5.10 -32.85 23.28
N LYS A 742 4.10 -32.38 24.00
CA LYS A 742 3.02 -31.64 23.38
C LYS A 742 3.43 -30.19 23.11
N LEU A 743 4.39 -29.68 23.86
CA LEU A 743 4.90 -28.36 23.59
C LEU A 743 6.39 -28.26 23.95
N PRO A 744 7.25 -27.93 22.98
CA PRO A 744 8.67 -27.75 23.08
C PRO A 744 9.01 -26.36 23.56
N LEU A 745 10.16 -26.22 24.18
CA LEU A 745 10.72 -24.91 24.44
C LEU A 745 11.53 -24.44 23.25
N GLY A 746 12.27 -25.38 22.67
CA GLY A 746 13.19 -25.11 21.56
C GLY A 746 14.37 -26.07 21.64
N GLN A 747 15.17 -26.13 20.58
CA GLN A 747 16.29 -27.07 20.58
C GLN A 747 15.78 -28.47 20.89
N SER A 748 16.31 -29.08 21.95
CA SER A 748 15.87 -30.43 22.35
C SER A 748 15.10 -30.41 23.66
N LEU A 749 14.66 -29.24 24.08
CA LEU A 749 13.98 -29.12 25.37
C LEU A 749 12.47 -29.02 25.26
N CYS A 750 11.78 -29.64 26.23
CA CYS A 750 10.33 -29.56 26.37
C CYS A 750 9.92 -29.29 27.80
N ALA A 751 8.68 -28.85 27.99
CA ALA A 751 8.13 -28.71 29.33
C ALA A 751 7.09 -29.80 29.58
N LEU A 752 7.25 -30.53 30.68
CA LEU A 752 6.34 -31.63 30.99
C LEU A 752 5.58 -31.39 32.29
N PRO A 753 4.24 -31.39 32.25
CA PRO A 753 3.35 -31.14 33.37
C PRO A 753 3.26 -32.33 34.31
N ASP A 754 2.74 -32.09 35.50
CA ASP A 754 2.40 -33.16 36.43
C ASP A 754 1.00 -33.67 36.16
N THR A 755 0.88 -34.92 35.75
CA THR A 755 -0.41 -35.47 35.41
C THR A 755 -0.69 -36.71 36.25
N PRO A 756 -1.96 -37.09 36.44
CA PRO A 756 -2.41 -38.33 37.04
C PRO A 756 -1.70 -39.52 36.43
N PRO A 768 -1.18 -30.53 40.91
CA PRO A 768 -0.01 -30.50 40.04
C PRO A 768 0.97 -29.42 40.48
N GLY A 769 2.26 -29.72 40.42
CA GLY A 769 3.30 -28.77 40.76
C GLY A 769 3.74 -28.01 39.53
N GLU A 770 4.88 -27.35 39.64
CA GLU A 770 5.42 -26.60 38.51
C GLU A 770 5.87 -27.56 37.43
N MET A 771 5.78 -27.15 36.17
CA MET A 771 6.14 -28.02 35.06
C MET A 771 7.61 -28.41 35.11
N ARG A 772 7.90 -29.63 34.72
CA ARG A 772 9.25 -30.14 34.70
C ARG A 772 9.98 -29.83 33.41
N LEU A 773 11.27 -29.63 33.50
CA LEU A 773 12.11 -29.44 32.33
C LEU A 773 12.78 -30.75 31.93
N ALA A 774 12.64 -31.13 30.66
CA ALA A 774 13.19 -32.40 30.17
C ALA A 774 13.69 -32.28 28.74
N SER A 775 14.59 -33.19 28.37
CA SER A 775 15.16 -33.24 27.02
C SER A 775 14.53 -34.36 26.20
N ILE A 776 14.44 -34.17 24.89
CA ILE A 776 13.86 -35.19 24.03
C ILE A 776 14.90 -36.25 23.67
N ALA A 777 14.48 -37.51 23.75
CA ALA A 777 15.35 -38.65 23.51
C ALA A 777 15.57 -38.90 22.02
N PHE A 778 16.70 -39.52 21.70
CA PHE A 778 16.95 -39.99 20.34
C PHE A 778 17.00 -41.50 20.34
N ASN A 779 16.11 -42.11 19.58
CA ASN A 779 16.05 -43.56 19.52
C ASN A 779 16.96 -44.11 18.45
N HIS A 780 17.96 -44.85 18.87
CA HIS A 780 18.91 -45.42 17.94
C HIS A 780 18.28 -46.59 17.20
N PRO A 781 18.66 -46.82 15.94
CA PRO A 781 18.26 -47.94 15.11
C PRO A 781 18.92 -49.21 15.60
N ILE A 782 18.38 -50.35 15.20
CA ILE A 782 19.00 -51.61 15.57
C ILE A 782 20.35 -51.72 14.88
N GLN A 783 21.41 -51.83 15.67
CA GLN A 783 22.74 -51.90 15.10
C GLN A 783 23.14 -53.32 14.78
N VAL A 784 23.57 -53.53 13.55
CA VAL A 784 24.02 -54.85 13.10
C VAL A 784 25.46 -54.76 12.60
N ASP A 785 26.34 -55.52 13.24
CA ASP A 785 27.75 -55.53 12.89
C ASP A 785 28.04 -56.34 11.63
N GLN A 786 29.22 -56.12 11.04
CA GLN A 786 29.65 -56.86 9.87
C GLN A 786 30.58 -57.99 10.27
N LEU A 787 30.63 -59.04 9.46
CA LEU A 787 31.52 -60.15 9.73
C LEU A 787 32.83 -60.02 9.01
N ASN A 788 33.89 -60.40 9.70
CA ASN A 788 35.23 -60.43 9.13
C ASN A 788 35.46 -61.71 8.35
N SER A 789 34.65 -61.91 7.32
CA SER A 789 34.68 -63.15 6.56
C SER A 789 33.98 -63.01 5.21
N SER A 790 33.64 -64.16 4.63
CA SER A 790 32.94 -64.21 3.34
C SER A 790 31.43 -64.30 3.53
N TYR A 791 31.00 -64.19 4.79
CA TYR A 791 29.59 -64.26 5.15
C TYR A 791 29.11 -62.89 5.59
N PHE A 792 27.82 -62.78 5.86
CA PHE A 792 27.29 -61.55 6.46
C PHE A 792 26.14 -61.86 7.38
N LYS A 793 25.84 -60.91 8.27
CA LYS A 793 24.73 -61.05 9.19
C LYS A 793 23.46 -60.46 8.64
N LEU A 794 22.40 -61.24 8.70
CA LEU A 794 21.10 -60.82 8.23
C LEU A 794 20.13 -60.62 9.38
N SER A 795 19.51 -59.44 9.41
CA SER A 795 18.48 -59.17 10.41
C SER A 795 17.10 -59.37 9.80
N ILE A 796 16.42 -60.41 10.27
CA ILE A 796 15.15 -60.82 9.68
C ILE A 796 14.09 -61.01 10.78
N PRO A 797 12.87 -60.47 10.61
CA PRO A 797 11.76 -60.55 11.54
C PRO A 797 11.22 -61.96 11.68
N THR A 798 10.63 -62.26 12.84
CA THR A 798 10.01 -63.56 13.05
C THR A 798 8.61 -63.35 13.58
N ASN A 799 8.00 -62.27 13.15
CA ASN A 799 6.66 -61.88 13.53
C ASN A 799 6.20 -60.75 12.62
N PHE A 800 4.92 -60.44 12.66
CA PHE A 800 4.44 -59.28 11.91
C PHE A 800 3.08 -58.81 12.37
N SER A 801 2.75 -57.60 11.95
CA SER A 801 1.44 -57.04 12.20
C SER A 801 1.04 -56.11 11.08
N PHE A 802 -0.23 -55.71 11.09
CA PHE A 802 -0.70 -54.74 10.12
C PHE A 802 -1.15 -53.50 10.84
N GLY A 803 -1.12 -52.38 10.13
CA GLY A 803 -1.61 -51.13 10.69
C GLY A 803 -2.00 -50.19 9.57
N VAL A 804 -2.66 -49.10 9.92
CA VAL A 804 -3.14 -48.18 8.91
C VAL A 804 -2.61 -46.78 9.06
N THR A 805 -1.98 -46.28 8.01
CA THR A 805 -1.51 -44.91 7.97
C THR A 805 -2.62 -44.06 7.39
N GLN A 806 -2.95 -42.97 8.07
CA GLN A 806 -4.03 -42.12 7.62
C GLN A 806 -3.51 -40.78 7.16
N GLU A 807 -4.11 -40.24 6.11
CA GLU A 807 -3.75 -38.90 5.66
C GLU A 807 -4.91 -38.23 4.94
N TYR A 808 -4.89 -36.90 4.93
CA TYR A 808 -5.91 -36.11 4.28
C TYR A 808 -5.34 -35.14 3.28
N ILE A 809 -5.92 -35.13 2.09
CA ILE A 809 -5.52 -34.16 1.07
C ILE A 809 -6.68 -33.25 0.74
N GLN A 810 -6.48 -31.96 0.95
CA GLN A 810 -7.49 -30.97 0.61
C GLN A 810 -7.43 -30.72 -0.87
N THR A 811 -8.58 -30.77 -1.53
CA THR A 811 -8.57 -30.55 -2.96
C THR A 811 -9.35 -29.30 -3.35
N THR A 812 -10.21 -28.83 -2.47
CA THR A 812 -11.01 -27.65 -2.77
C THR A 812 -11.05 -26.66 -1.62
N ILE A 813 -11.43 -25.44 -1.96
CA ILE A 813 -11.75 -24.41 -0.98
C ILE A 813 -13.17 -23.94 -1.24
N GLN A 814 -13.75 -23.21 -0.31
CA GLN A 814 -15.10 -22.76 -0.50
C GLN A 814 -15.15 -21.64 -1.53
N LYS A 815 -16.12 -21.69 -2.42
CA LYS A 815 -16.29 -20.66 -3.43
C LYS A 815 -17.18 -19.54 -2.92
N VAL A 816 -16.63 -18.33 -2.91
CA VAL A 816 -17.36 -17.16 -2.39
C VAL A 816 -17.19 -15.94 -3.28
N THR A 817 -18.29 -15.22 -3.49
CA THR A 817 -18.28 -13.96 -4.22
C THR A 817 -18.76 -12.84 -3.32
N VAL A 818 -18.54 -11.59 -3.72
CA VAL A 818 -18.97 -10.46 -2.90
C VAL A 818 -19.76 -9.44 -3.70
N ASP A 819 -20.55 -8.64 -3.00
CA ASP A 819 -21.24 -7.51 -3.61
C ASP A 819 -20.51 -6.24 -3.22
N CYS A 820 -19.64 -5.78 -4.11
CA CYS A 820 -18.73 -4.67 -3.82
C CYS A 820 -19.47 -3.42 -3.38
N LYS A 821 -20.54 -3.08 -4.06
CA LYS A 821 -21.23 -1.84 -3.76
C LYS A 821 -21.92 -1.90 -2.41
N GLN A 822 -22.56 -3.03 -2.12
CA GLN A 822 -23.22 -3.16 -0.83
C GLN A 822 -22.21 -3.15 0.31
N TYR A 823 -21.05 -3.73 0.07
CA TYR A 823 -20.02 -3.78 1.09
C TYR A 823 -19.47 -2.39 1.40
N VAL A 824 -19.14 -1.64 0.35
CA VAL A 824 -18.49 -0.35 0.52
C VAL A 824 -19.47 0.80 0.82
N CYS A 825 -20.56 0.89 0.05
CA CYS A 825 -21.46 2.04 0.15
C CYS A 825 -22.79 1.69 0.78
N ASN A 826 -23.21 0.45 0.66
CA ASN A 826 -24.45 0.02 1.27
C ASN A 826 -25.65 0.87 0.87
N GLY A 827 -25.73 1.23 -0.41
CA GLY A 827 -26.88 1.95 -0.94
C GLY A 827 -26.82 3.47 -0.76
N PHE A 828 -25.77 3.98 -0.11
CA PHE A 828 -25.68 5.42 0.08
C PHE A 828 -25.09 6.11 -1.13
N GLN A 829 -25.84 7.05 -1.71
CA GLN A 829 -25.43 7.74 -2.93
C GLN A 829 -24.16 8.55 -2.76
N LYS A 830 -23.99 9.18 -1.59
CA LYS A 830 -22.79 9.99 -1.39
C LYS A 830 -21.55 9.15 -1.50
N CYS A 831 -21.60 7.96 -0.93
CA CYS A 831 -20.48 7.06 -1.02
C CYS A 831 -20.21 6.67 -2.45
N GLU A 832 -21.26 6.28 -3.18
CA GLU A 832 -21.08 5.85 -4.55
C GLU A 832 -20.49 6.96 -5.39
N GLN A 833 -20.92 8.19 -5.14
CA GLN A 833 -20.41 9.32 -5.89
C GLN A 833 -18.90 9.39 -5.81
N LEU A 834 -18.35 9.10 -4.63
CA LEU A 834 -16.91 9.10 -4.46
C LEU A 834 -16.30 7.77 -4.94
N LEU A 835 -16.96 6.67 -4.64
CA LEU A 835 -16.41 5.37 -4.99
C LEU A 835 -16.13 5.26 -6.48
N ARG A 836 -17.01 5.82 -7.28
CA ARG A 836 -16.91 5.75 -8.73
C ARG A 836 -15.62 6.34 -9.30
N GLU A 837 -14.99 7.27 -8.58
CA GLU A 837 -13.79 7.89 -9.14
C GLU A 837 -12.53 7.05 -8.93
N TYR A 838 -12.61 6.00 -8.11
CA TYR A 838 -11.42 5.18 -7.86
C TYR A 838 -11.26 4.12 -8.93
N GLY A 839 -11.04 4.56 -10.16
CA GLY A 839 -10.85 3.66 -11.28
C GLY A 839 -12.04 2.72 -11.50
N GLN A 840 -11.74 1.43 -11.52
CA GLN A 840 -12.74 0.38 -11.76
C GLN A 840 -12.65 -0.67 -10.67
N PHE A 841 -12.61 -0.21 -9.43
CA PHE A 841 -12.36 -1.07 -8.29
C PHE A 841 -13.29 -2.28 -8.21
N CYS A 842 -14.59 -2.04 -8.23
CA CYS A 842 -15.55 -3.11 -8.05
C CYS A 842 -15.50 -4.13 -9.19
N SER A 843 -15.30 -3.64 -10.41
CA SER A 843 -15.27 -4.51 -11.57
C SER A 843 -14.14 -5.52 -11.45
N LYS A 844 -12.95 -5.04 -11.07
CA LYS A 844 -11.79 -5.90 -10.96
C LYS A 844 -11.98 -6.99 -9.91
N ILE A 845 -12.59 -6.65 -8.78
CA ILE A 845 -12.83 -7.66 -7.75
C ILE A 845 -13.73 -8.76 -8.25
N ASN A 846 -14.83 -8.39 -8.88
CA ASN A 846 -15.77 -9.38 -9.35
C ASN A 846 -15.10 -10.34 -10.31
N GLN A 847 -14.28 -9.81 -11.20
CA GLN A 847 -13.61 -10.64 -12.17
C GLN A 847 -12.58 -11.56 -11.53
N ALA A 848 -11.82 -11.03 -10.57
CA ALA A 848 -10.78 -11.82 -9.93
C ALA A 848 -11.36 -13.03 -9.20
N LEU A 849 -12.46 -12.83 -8.49
CA LEU A 849 -13.07 -13.91 -7.75
C LEU A 849 -13.74 -14.91 -8.70
N HIS A 850 -14.34 -14.41 -9.77
CA HIS A 850 -14.97 -15.27 -10.75
C HIS A 850 -13.94 -16.24 -11.32
N GLY A 851 -12.77 -15.70 -11.67
CA GLY A 851 -11.69 -16.51 -12.20
C GLY A 851 -11.33 -17.65 -11.24
N ALA A 852 -11.14 -17.31 -9.97
CA ALA A 852 -10.78 -18.31 -8.97
C ALA A 852 -11.82 -19.42 -8.87
N ASN A 853 -13.10 -19.05 -8.96
CA ASN A 853 -14.16 -20.02 -8.86
C ASN A 853 -14.13 -21.00 -10.04
N LEU A 854 -13.85 -20.49 -11.23
CA LEU A 854 -13.76 -21.34 -12.41
C LEU A 854 -12.62 -22.33 -12.28
N ARG A 855 -11.50 -21.87 -11.72
CA ARG A 855 -10.35 -22.73 -11.54
C ARG A 855 -10.69 -23.93 -10.66
N GLN A 856 -11.43 -23.68 -9.59
CA GLN A 856 -11.81 -24.74 -8.67
C GLN A 856 -12.67 -25.80 -9.33
N ASP A 857 -13.62 -25.36 -10.16
CA ASP A 857 -14.48 -26.32 -10.84
C ASP A 857 -13.70 -27.20 -11.79
N ASP A 858 -12.72 -26.59 -12.48
CA ASP A 858 -11.92 -27.33 -13.44
C ASP A 858 -11.09 -28.40 -12.74
N SER A 859 -10.51 -28.05 -11.59
CA SER A 859 -9.72 -28.99 -10.82
C SER A 859 -10.55 -30.20 -10.41
N VAL A 860 -11.76 -29.96 -9.91
CA VAL A 860 -12.63 -31.04 -9.47
C VAL A 860 -12.97 -31.99 -10.60
N ARG A 861 -13.30 -31.46 -11.77
CA ARG A 861 -13.63 -32.31 -12.89
C ARG A 861 -12.48 -33.24 -13.24
N ASN A 862 -11.26 -32.69 -13.28
CA ASN A 862 -10.10 -33.50 -13.66
C ASN A 862 -9.83 -34.60 -12.65
N LEU A 863 -9.97 -34.28 -11.37
CA LEU A 863 -9.70 -35.27 -10.34
C LEU A 863 -10.63 -36.45 -10.47
N PHE A 864 -11.93 -36.20 -10.54
CA PHE A 864 -12.89 -37.29 -10.57
C PHE A 864 -12.83 -38.08 -11.86
N ALA A 865 -12.53 -37.39 -12.96
CA ALA A 865 -12.40 -38.07 -14.24
C ALA A 865 -11.27 -39.11 -14.17
N SER A 866 -10.22 -38.78 -13.42
CA SER A 866 -9.07 -39.66 -13.25
C SER A 866 -9.38 -40.81 -12.29
N VAL A 867 -10.12 -40.50 -11.23
CA VAL A 867 -10.49 -41.51 -10.24
C VAL A 867 -11.37 -42.60 -10.84
N LYS A 868 -12.34 -42.19 -11.64
CA LYS A 868 -13.30 -43.14 -12.21
C LYS A 868 -12.61 -44.32 -12.88
N SER A 869 -13.03 -45.53 -12.50
CA SER A 869 -12.50 -46.75 -13.09
C SER A 869 -13.18 -47.02 -14.44
N SER A 870 -12.58 -47.89 -15.25
CA SER A 870 -13.19 -48.27 -16.52
C SER A 870 -13.90 -49.61 -16.39
N GLN A 871 -13.37 -50.45 -15.52
CA GLN A 871 -13.92 -51.78 -15.27
C GLN A 871 -13.90 -52.02 -13.77
N SER A 872 -14.90 -52.72 -13.26
CA SER A 872 -14.99 -53.01 -11.84
C SER A 872 -15.94 -54.15 -11.57
N SER A 873 -15.95 -54.64 -10.35
CA SER A 873 -16.95 -55.60 -9.92
C SER A 873 -18.01 -54.87 -9.13
N PRO A 874 -19.24 -55.40 -9.04
CA PRO A 874 -20.30 -54.93 -8.18
C PRO A 874 -19.94 -55.20 -6.74
N ILE A 875 -20.39 -54.37 -5.83
CA ILE A 875 -20.14 -54.59 -4.40
C ILE A 875 -21.39 -55.05 -3.70
N ILE A 876 -21.31 -56.24 -3.13
CA ILE A 876 -22.42 -56.83 -2.40
C ILE A 876 -21.91 -57.26 -1.04
N PRO A 877 -22.80 -57.46 -0.05
CA PRO A 877 -22.47 -58.00 1.24
C PRO A 877 -21.71 -59.29 1.04
N GLY A 878 -20.58 -59.43 1.73
CA GLY A 878 -19.72 -60.59 1.56
C GLY A 878 -18.41 -60.15 0.90
N PHE A 879 -18.45 -58.99 0.25
CA PHE A 879 -17.29 -58.40 -0.38
C PHE A 879 -16.16 -58.30 0.64
N GLY A 880 -14.98 -58.77 0.26
CA GLY A 880 -13.82 -58.81 1.17
C GLY A 880 -13.53 -60.24 1.64
N GLY A 881 -14.52 -61.13 1.53
CA GLY A 881 -14.35 -62.51 1.94
C GLY A 881 -14.11 -62.61 3.44
N ASP A 882 -12.98 -63.20 3.81
CA ASP A 882 -12.64 -63.39 5.22
C ASP A 882 -12.05 -62.13 5.82
N PHE A 883 -11.86 -61.12 4.98
CA PHE A 883 -11.31 -59.85 5.41
C PHE A 883 -12.45 -58.88 5.66
N ASN A 884 -12.65 -58.53 6.91
CA ASN A 884 -13.81 -57.75 7.29
C ASN A 884 -13.60 -56.28 7.05
N LEU A 885 -14.05 -55.81 5.91
CA LEU A 885 -13.94 -54.43 5.54
C LEU A 885 -15.33 -53.82 5.36
N THR A 886 -16.31 -54.35 6.09
CA THR A 886 -17.69 -53.88 6.00
C THR A 886 -17.82 -52.41 6.39
N LEU A 887 -16.90 -51.91 7.22
CA LEU A 887 -16.90 -50.52 7.64
C LEU A 887 -16.63 -49.60 6.45
N LEU A 888 -16.06 -50.16 5.38
CA LEU A 888 -15.75 -49.41 4.19
C LEU A 888 -16.94 -49.48 3.23
N GLU A 889 -17.51 -50.66 3.11
CA GLU A 889 -18.63 -50.90 2.22
C GLU A 889 -19.73 -49.84 2.41
N PRO A 890 -20.24 -49.23 1.32
CA PRO A 890 -21.26 -48.20 1.32
C PRO A 890 -22.55 -48.72 1.91
N VAL A 891 -23.25 -47.87 2.64
CA VAL A 891 -24.49 -48.27 3.27
C VAL A 891 -25.70 -47.76 2.49
N SER A 892 -26.45 -48.69 1.91
CA SER A 892 -27.60 -48.32 1.10
C SER A 892 -28.36 -47.16 1.71
N ALA A 900 -25.77 -43.27 0.61
CA ALA A 900 -25.02 -44.36 -0.01
C ALA A 900 -23.54 -44.21 0.28
N ARG A 901 -23.22 -43.66 1.44
CA ARG A 901 -21.84 -43.44 1.82
C ARG A 901 -21.31 -44.57 2.70
N SER A 902 -20.00 -44.72 2.68
CA SER A 902 -19.28 -45.65 3.55
C SER A 902 -19.54 -45.35 5.01
N ALA A 903 -19.66 -46.38 5.83
CA ALA A 903 -19.92 -46.16 7.25
C ALA A 903 -18.84 -45.31 7.89
N ILE A 904 -17.58 -45.57 7.54
CA ILE A 904 -16.48 -44.78 8.06
C ILE A 904 -16.55 -43.35 7.55
N GLU A 905 -17.07 -43.18 6.34
CA GLU A 905 -17.21 -41.84 5.79
C GLU A 905 -18.23 -41.04 6.59
N ASP A 906 -19.39 -41.64 6.88
CA ASP A 906 -20.37 -40.97 7.71
C ASP A 906 -19.77 -40.58 9.04
N LEU A 907 -19.01 -41.49 9.64
CA LEU A 907 -18.35 -41.24 10.91
C LEU A 907 -17.48 -39.99 10.82
N LEU A 908 -16.63 -39.93 9.80
CA LEU A 908 -15.75 -38.78 9.62
C LEU A 908 -16.54 -37.49 9.52
N PHE A 909 -17.55 -37.47 8.68
CA PHE A 909 -18.34 -36.26 8.47
C PHE A 909 -19.09 -35.83 9.73
N ASP A 910 -19.63 -36.79 10.48
CA ASP A 910 -20.37 -36.46 11.69
C ASP A 910 -19.48 -35.89 12.80
N LYS A 911 -18.23 -36.35 12.88
CA LYS A 911 -17.33 -35.88 13.92
C LYS A 911 -16.73 -34.51 13.64
N VAL A 912 -16.58 -34.17 12.38
CA VAL A 912 -16.03 -32.86 12.03
C VAL A 912 -17.06 -31.77 12.25
N THR A 913 -16.66 -30.72 12.95
CA THR A 913 -17.57 -29.61 13.22
C THR A 913 -17.52 -28.62 12.08
N ILE A 914 -18.68 -28.32 11.53
CA ILE A 914 -18.77 -27.43 10.39
C ILE A 914 -20.14 -26.77 10.33
N ALA A 915 -20.17 -25.51 9.91
CA ALA A 915 -21.42 -24.79 9.76
C ALA A 915 -22.30 -25.48 8.73
N ASP A 916 -23.60 -25.49 8.96
CA ASP A 916 -24.54 -26.10 8.03
C ASP A 916 -25.03 -25.06 7.01
N PRO A 917 -24.50 -25.08 5.77
CA PRO A 917 -24.66 -24.04 4.76
C PRO A 917 -26.10 -23.93 4.32
N GLY A 918 -26.47 -22.76 3.86
CA GLY A 918 -27.83 -22.52 3.40
C GLY A 918 -28.19 -23.38 2.19
N TYR A 919 -27.75 -22.95 1.02
CA TYR A 919 -28.12 -23.59 -0.23
C TYR A 919 -29.63 -23.50 -0.40
N MET A 920 -30.27 -24.56 -0.87
CA MET A 920 -31.69 -24.50 -1.14
C MET A 920 -32.47 -24.16 0.12
N GLN A 921 -33.38 -23.19 0.02
CA GLN A 921 -34.20 -22.75 1.15
C GLN A 921 -33.34 -22.40 2.35
N GLY A 922 -32.33 -21.55 2.12
CA GLY A 922 -31.43 -21.14 3.19
C GLY A 922 -31.71 -19.71 3.64
N TYR A 923 -32.38 -18.95 2.77
CA TYR A 923 -32.68 -17.55 3.02
C TYR A 923 -33.55 -17.38 4.27
N ASP A 924 -34.61 -18.17 4.35
CA ASP A 924 -35.59 -18.08 5.42
C ASP A 924 -34.96 -18.20 6.80
N ASP A 925 -33.95 -19.05 6.90
CA ASP A 925 -33.33 -19.35 8.19
C ASP A 925 -32.77 -18.14 8.89
N CYS A 926 -32.48 -17.08 8.13
CA CYS A 926 -31.88 -15.89 8.72
C CYS A 926 -32.82 -14.69 8.64
N MET A 927 -34.06 -14.92 8.22
CA MET A 927 -35.01 -13.83 8.11
C MET A 927 -36.33 -14.10 8.86
N GLN A 928 -36.77 -15.35 8.86
CA GLN A 928 -38.09 -15.71 9.38
C GLN A 928 -38.06 -16.74 10.51
N GLN A 929 -37.05 -17.59 10.53
CA GLN A 929 -37.04 -18.73 11.44
C GLN A 929 -36.48 -18.41 12.82
N GLY A 930 -36.12 -17.15 13.04
CA GLY A 930 -35.58 -16.77 14.33
C GLY A 930 -34.30 -15.96 14.18
N PRO A 931 -33.71 -15.52 15.31
CA PRO A 931 -32.50 -14.74 15.41
C PRO A 931 -31.28 -15.55 15.00
N ALA A 932 -30.27 -14.87 14.49
CA ALA A 932 -29.01 -15.52 14.15
C ALA A 932 -28.18 -15.74 15.40
N SER A 933 -27.34 -16.77 15.37
CA SER A 933 -26.41 -17.01 16.47
C SER A 933 -25.28 -15.99 16.45
N ALA A 934 -24.58 -15.87 17.57
CA ALA A 934 -23.44 -14.97 17.60
C ALA A 934 -22.41 -15.39 16.56
N ARG A 935 -21.88 -14.42 15.83
CA ARG A 935 -20.87 -14.67 14.82
C ARG A 935 -21.32 -15.71 13.80
N ASP A 936 -22.58 -15.61 13.38
CA ASP A 936 -23.13 -16.53 12.39
C ASP A 936 -22.74 -16.09 10.98
N LEU A 937 -21.82 -16.82 10.37
CA LEU A 937 -21.24 -16.43 9.09
C LEU A 937 -22.09 -16.89 7.92
N ILE A 938 -23.25 -17.46 8.21
CA ILE A 938 -24.19 -17.77 7.16
C ILE A 938 -25.15 -16.63 7.02
N CYS A 939 -25.70 -16.19 8.13
CA CYS A 939 -26.63 -15.09 8.10
C CYS A 939 -25.95 -13.79 7.71
N ALA A 940 -24.67 -13.68 8.01
CA ALA A 940 -23.89 -12.50 7.65
C ALA A 940 -23.93 -12.26 6.15
N GLN A 941 -24.10 -13.31 5.37
CA GLN A 941 -24.06 -13.20 3.92
C GLN A 941 -25.12 -12.24 3.39
N TYR A 942 -26.29 -12.23 4.01
CA TYR A 942 -27.41 -11.48 3.48
C TYR A 942 -27.40 -10.05 3.98
N VAL A 943 -26.43 -9.74 4.83
CA VAL A 943 -26.32 -8.41 5.41
C VAL A 943 -25.00 -7.75 5.02
N ALA A 944 -23.89 -8.45 5.30
CA ALA A 944 -22.56 -7.94 5.01
C ALA A 944 -22.36 -7.70 3.52
N GLY A 945 -22.98 -8.53 2.69
CA GLY A 945 -22.87 -8.36 1.24
C GLY A 945 -21.94 -9.37 0.58
N TYR A 946 -22.13 -10.66 0.89
CA TYR A 946 -21.35 -11.71 0.23
C TYR A 946 -22.16 -12.98 0.13
N LYS A 947 -21.71 -13.91 -0.70
CA LYS A 947 -22.47 -15.14 -0.90
C LYS A 947 -21.61 -16.36 -1.10
N VAL A 948 -21.92 -17.42 -0.37
CA VAL A 948 -21.27 -18.71 -0.52
C VAL A 948 -21.96 -19.55 -1.59
N LEU A 949 -21.17 -20.13 -2.48
CA LEU A 949 -21.70 -20.93 -3.57
C LEU A 949 -21.62 -22.42 -3.23
N PRO A 950 -22.52 -23.24 -3.80
CA PRO A 950 -22.58 -24.68 -3.70
C PRO A 950 -21.41 -25.31 -4.46
N PRO A 951 -21.03 -26.55 -4.08
CA PRO A 951 -20.01 -27.37 -4.68
C PRO A 951 -20.39 -27.81 -6.08
N LEU A 952 -19.39 -28.13 -6.89
CA LEU A 952 -19.60 -28.57 -8.27
C LEU A 952 -20.46 -29.83 -8.37
N MET A 953 -20.26 -30.77 -7.45
CA MET A 953 -20.95 -32.06 -7.53
C MET A 953 -21.76 -32.36 -6.30
N ASP A 954 -22.84 -33.12 -6.49
CA ASP A 954 -23.65 -33.63 -5.39
C ASP A 954 -22.90 -34.71 -4.63
N VAL A 955 -23.28 -34.92 -3.38
CA VAL A 955 -22.67 -35.93 -2.53
C VAL A 955 -22.88 -37.32 -3.08
N ASN A 956 -23.99 -37.51 -3.78
CA ASN A 956 -24.29 -38.81 -4.36
C ASN A 956 -23.32 -39.19 -5.46
N MET A 957 -22.74 -38.19 -6.14
CA MET A 957 -21.77 -38.49 -7.17
C MET A 957 -20.46 -38.87 -6.53
N GLU A 958 -20.10 -38.13 -5.50
CA GLU A 958 -18.86 -38.40 -4.82
C GLU A 958 -18.88 -39.82 -4.28
N ALA A 959 -20.03 -40.24 -3.77
CA ALA A 959 -20.20 -41.60 -3.30
C ALA A 959 -20.08 -42.59 -4.45
N ALA A 960 -20.70 -42.27 -5.59
CA ALA A 960 -20.65 -43.16 -6.75
C ALA A 960 -19.24 -43.36 -7.25
N TYR A 961 -18.44 -42.30 -7.26
CA TYR A 961 -17.05 -42.40 -7.70
C TYR A 961 -16.24 -43.25 -6.74
N THR A 962 -16.45 -43.03 -5.45
CA THR A 962 -15.74 -43.76 -4.41
C THR A 962 -16.08 -45.24 -4.46
N SER A 963 -17.37 -45.55 -4.62
CA SER A 963 -17.81 -46.92 -4.67
C SER A 963 -17.24 -47.63 -5.89
N SER A 964 -17.23 -46.93 -7.02
CA SER A 964 -16.70 -47.49 -8.25
C SER A 964 -15.22 -47.84 -8.08
N LEU A 965 -14.48 -46.96 -7.41
CA LEU A 965 -13.07 -47.18 -7.18
C LEU A 965 -12.83 -48.40 -6.30
N LEU A 966 -13.60 -48.52 -5.21
CA LEU A 966 -13.44 -49.64 -4.30
C LEU A 966 -13.66 -50.98 -5.00
N GLY A 967 -14.66 -51.03 -5.85
CA GLY A 967 -15.04 -52.26 -6.53
C GLY A 967 -14.01 -52.76 -7.55
N SER A 968 -12.99 -51.95 -7.85
CA SER A 968 -11.99 -52.36 -8.83
C SER A 968 -10.65 -52.71 -8.19
N ILE A 969 -10.58 -52.67 -6.85
CA ILE A 969 -9.30 -52.86 -6.18
C ILE A 969 -8.72 -54.27 -6.37
N ALA A 970 -9.49 -55.27 -5.97
CA ALA A 970 -8.98 -56.64 -5.99
C ALA A 970 -8.61 -57.09 -7.40
N GLY A 971 -9.41 -56.67 -8.36
CA GLY A 971 -9.27 -57.13 -9.74
C GLY A 971 -8.58 -56.14 -10.66
N VAL A 972 -7.89 -55.15 -10.09
CA VAL A 972 -7.31 -54.09 -10.91
C VAL A 972 -6.41 -54.65 -12.01
N GLY A 973 -5.80 -55.81 -11.77
CA GLY A 973 -4.99 -56.46 -12.79
C GLY A 973 -3.56 -56.67 -12.36
N TRP A 974 -3.08 -57.89 -12.58
CA TRP A 974 -1.72 -58.25 -12.27
C TRP A 974 -0.76 -57.58 -13.25
N THR A 975 -1.19 -57.50 -14.51
CA THR A 975 -0.42 -56.86 -15.57
C THR A 975 -1.35 -56.05 -16.48
N ALA A 976 -0.83 -54.97 -17.06
CA ALA A 976 -1.57 -54.19 -18.06
C ALA A 976 -3.01 -53.90 -17.60
N GLY A 977 -3.14 -53.43 -16.35
CA GLY A 977 -4.46 -53.17 -15.74
C GLY A 977 -5.24 -52.08 -16.45
N LEU A 978 -4.59 -51.38 -17.37
CA LEU A 978 -5.23 -50.34 -18.12
C LEU A 978 -6.07 -50.89 -19.26
N SER A 979 -5.97 -52.18 -19.50
CA SER A 979 -6.72 -52.81 -20.58
C SER A 979 -7.53 -54.00 -20.09
N SER A 980 -6.90 -54.82 -19.26
CA SER A 980 -7.51 -56.05 -18.77
C SER A 980 -8.00 -55.91 -17.35
N PHE A 981 -9.12 -56.55 -17.05
CA PHE A 981 -9.66 -56.59 -15.70
C PHE A 981 -10.07 -58.01 -15.36
N ALA A 982 -9.83 -58.45 -14.13
CA ALA A 982 -10.18 -59.81 -13.77
C ALA A 982 -10.95 -59.86 -12.47
N ALA A 983 -11.93 -60.73 -12.42
CA ALA A 983 -12.78 -60.86 -11.25
C ALA A 983 -12.12 -61.69 -10.17
N ILE A 984 -11.11 -61.10 -9.55
CA ILE A 984 -10.33 -61.76 -8.52
C ILE A 984 -10.90 -61.42 -7.13
N PRO A 985 -11.16 -62.43 -6.28
CA PRO A 985 -11.58 -62.29 -4.90
C PRO A 985 -10.58 -61.47 -4.12
N PHE A 986 -11.08 -60.65 -3.20
CA PHE A 986 -10.22 -59.82 -2.39
C PHE A 986 -9.12 -60.62 -1.71
N ALA A 987 -9.48 -61.77 -1.14
CA ALA A 987 -8.51 -62.55 -0.42
C ALA A 987 -7.33 -62.94 -1.29
N GLN A 988 -7.60 -63.30 -2.54
CA GLN A 988 -6.53 -63.69 -3.44
C GLN A 988 -5.62 -62.51 -3.70
N SER A 989 -6.22 -61.33 -3.82
CA SER A 989 -5.47 -60.12 -4.06
C SER A 989 -4.48 -59.91 -2.93
N ILE A 990 -4.94 -60.07 -1.69
CA ILE A 990 -4.08 -59.89 -0.54
C ILE A 990 -2.92 -60.85 -0.54
N PHE A 991 -3.18 -62.12 -0.83
CA PHE A 991 -2.11 -63.10 -0.83
C PHE A 991 -1.05 -62.80 -1.87
N TYR A 992 -1.47 -62.40 -3.07
CA TYR A 992 -0.51 -62.04 -4.09
C TYR A 992 0.32 -60.84 -3.65
N ARG A 993 -0.33 -59.85 -3.05
CA ARG A 993 0.34 -58.65 -2.59
C ARG A 993 1.38 -58.97 -1.52
N LEU A 994 1.05 -59.89 -0.62
CA LEU A 994 1.98 -60.30 0.42
C LEU A 994 3.14 -61.09 -0.14
N ASN A 995 2.86 -61.99 -1.07
CA ASN A 995 3.91 -62.76 -1.68
C ASN A 995 4.97 -61.86 -2.29
N GLY A 996 4.49 -60.87 -3.04
CA GLY A 996 5.35 -59.94 -3.78
C GLY A 996 6.30 -59.12 -2.92
N VAL A 997 6.13 -59.15 -1.60
CA VAL A 997 7.03 -58.36 -0.76
C VAL A 997 7.95 -59.23 0.10
N GLY A 998 8.13 -60.49 -0.30
CA GLY A 998 9.12 -61.35 0.36
C GLY A 998 8.54 -62.40 1.29
N ILE A 999 7.32 -62.86 1.00
CA ILE A 999 6.68 -63.87 1.82
C ILE A 999 6.39 -65.13 1.02
N THR A 1000 6.91 -66.25 1.47
CA THR A 1000 6.80 -67.51 0.75
C THR A 1000 5.42 -68.13 0.90
N GLN A 1001 5.11 -69.10 0.04
CA GLN A 1001 3.81 -69.76 0.07
C GLN A 1001 3.59 -70.58 1.33
N GLN A 1002 4.67 -71.15 1.86
CA GLN A 1002 4.53 -71.97 3.04
C GLN A 1002 3.99 -71.14 4.19
N VAL A 1003 4.42 -69.88 4.26
CA VAL A 1003 3.98 -69.00 5.30
C VAL A 1003 2.55 -68.60 5.09
N LEU A 1004 2.20 -68.20 3.87
CA LEU A 1004 0.86 -67.73 3.59
C LEU A 1004 -0.15 -68.83 3.86
N SER A 1005 0.21 -70.07 3.54
CA SER A 1005 -0.67 -71.20 3.77
C SER A 1005 -0.87 -71.47 5.27
N GLU A 1006 0.24 -71.57 6.00
CA GLU A 1006 0.17 -71.90 7.42
C GLU A 1006 -0.60 -70.84 8.21
N ASN A 1007 -0.45 -69.59 7.80
CA ASN A 1007 -1.07 -68.48 8.48
C ASN A 1007 -2.31 -67.96 7.75
N GLN A 1008 -2.93 -68.81 6.93
CA GLN A 1008 -4.12 -68.42 6.18
C GLN A 1008 -5.10 -67.61 7.03
N LYS A 1009 -5.45 -68.14 8.18
CA LYS A 1009 -6.45 -67.48 9.03
C LYS A 1009 -5.83 -66.40 9.89
N LEU A 1010 -4.59 -66.61 10.31
CA LEU A 1010 -3.92 -65.64 11.16
C LEU A 1010 -3.78 -64.32 10.46
N ILE A 1011 -3.47 -64.36 9.17
CA ILE A 1011 -3.31 -63.17 8.37
C ILE A 1011 -4.62 -62.41 8.28
N ALA A 1012 -5.72 -63.11 7.98
CA ALA A 1012 -7.01 -62.45 7.91
C ALA A 1012 -7.36 -61.81 9.23
N ASN A 1013 -7.05 -62.49 10.34
CA ASN A 1013 -7.37 -61.98 11.65
C ASN A 1013 -6.60 -60.69 11.95
N LYS A 1014 -5.30 -60.69 11.66
CA LYS A 1014 -4.49 -59.50 11.92
C LYS A 1014 -4.94 -58.32 11.08
N PHE A 1015 -5.26 -58.58 9.82
CA PHE A 1015 -5.76 -57.53 8.95
C PHE A 1015 -7.02 -56.93 9.54
N ASN A 1016 -7.95 -57.80 9.94
CA ASN A 1016 -9.22 -57.37 10.47
C ASN A 1016 -9.05 -56.50 11.72
N GLN A 1017 -8.09 -56.86 12.55
CA GLN A 1017 -7.85 -56.07 13.74
C GLN A 1017 -7.31 -54.69 13.39
N ALA A 1018 -6.38 -54.65 12.44
CA ALA A 1018 -5.77 -53.39 12.02
C ALA A 1018 -6.81 -52.43 11.46
N LEU A 1019 -7.76 -52.95 10.70
CA LEU A 1019 -8.79 -52.13 10.10
C LEU A 1019 -9.88 -51.78 11.10
N GLY A 1020 -10.21 -52.73 11.98
CA GLY A 1020 -11.25 -52.50 12.97
C GLY A 1020 -10.89 -51.30 13.84
N ALA A 1021 -9.60 -51.14 14.12
CA ALA A 1021 -9.09 -50.06 14.95
C ALA A 1021 -9.49 -48.67 14.42
N MET A 1022 -9.79 -48.58 13.13
CA MET A 1022 -10.15 -47.29 12.54
C MET A 1022 -11.32 -46.65 13.24
N GLN A 1023 -12.30 -47.46 13.65
CA GLN A 1023 -13.54 -46.93 14.19
C GLN A 1023 -13.35 -46.04 15.41
N THR A 1024 -12.31 -46.31 16.20
CA THR A 1024 -12.12 -45.56 17.43
C THR A 1024 -10.89 -44.67 17.36
N GLY A 1025 -10.31 -44.54 16.17
CA GLY A 1025 -9.09 -43.77 16.00
C GLY A 1025 -9.36 -42.29 15.73
N PHE A 1026 -10.61 -41.94 15.51
CA PHE A 1026 -10.95 -40.56 15.15
C PHE A 1026 -11.09 -39.69 16.38
N THR A 1027 -9.96 -39.38 16.99
CA THR A 1027 -9.88 -38.58 18.19
C THR A 1027 -8.81 -37.49 18.06
N THR A 1028 -8.46 -36.88 19.18
CA THR A 1028 -7.56 -35.72 19.19
C THR A 1028 -6.11 -36.08 18.88
N THR A 1029 -5.80 -37.36 18.83
CA THR A 1029 -4.46 -37.83 18.55
C THR A 1029 -4.30 -38.23 17.09
N ASN A 1030 -5.38 -38.10 16.33
CA ASN A 1030 -5.37 -38.47 14.92
C ASN A 1030 -5.07 -37.24 14.07
N GLU A 1031 -3.81 -37.13 13.64
CA GLU A 1031 -3.38 -35.95 12.93
C GLU A 1031 -4.14 -35.76 11.63
N ALA A 1032 -4.43 -36.85 10.93
CA ALA A 1032 -5.16 -36.75 9.67
C ALA A 1032 -6.53 -36.16 9.90
N PHE A 1033 -7.20 -36.62 10.96
CA PHE A 1033 -8.49 -36.09 11.33
C PHE A 1033 -8.38 -34.61 11.63
N GLN A 1034 -7.39 -34.26 12.45
CA GLN A 1034 -7.20 -32.86 12.81
C GLN A 1034 -7.07 -31.99 11.58
N LYS A 1035 -6.27 -32.43 10.60
CA LYS A 1035 -6.10 -31.66 9.39
C LYS A 1035 -7.43 -31.40 8.70
N VAL A 1036 -8.34 -32.36 8.74
CA VAL A 1036 -9.65 -32.15 8.13
C VAL A 1036 -10.36 -31.02 8.86
N GLN A 1037 -10.35 -31.07 10.18
CA GLN A 1037 -11.00 -30.04 10.98
C GLN A 1037 -10.35 -28.67 10.76
N ASP A 1038 -9.02 -28.65 10.65
CA ASP A 1038 -8.31 -27.40 10.44
C ASP A 1038 -8.68 -26.79 9.11
N ALA A 1039 -8.76 -27.64 8.09
CA ALA A 1039 -9.10 -27.16 6.75
C ALA A 1039 -10.44 -26.45 6.77
N VAL A 1040 -11.36 -26.95 7.57
CA VAL A 1040 -12.66 -26.31 7.69
C VAL A 1040 -12.52 -24.94 8.37
N ASN A 1041 -11.84 -24.92 9.51
CA ASN A 1041 -11.71 -23.69 10.27
C ASN A 1041 -10.95 -22.61 9.50
N ASN A 1042 -9.96 -23.03 8.72
CA ASN A 1042 -9.14 -22.12 7.94
C ASN A 1042 -9.94 -21.46 6.85
N ASN A 1043 -11.05 -22.08 6.47
CA ASN A 1043 -11.91 -21.53 5.45
C ASN A 1043 -12.84 -20.51 6.07
N ALA A 1044 -13.40 -20.87 7.21
CA ALA A 1044 -14.35 -20.00 7.90
C ALA A 1044 -13.74 -18.64 8.22
N GLN A 1045 -12.44 -18.62 8.52
CA GLN A 1045 -11.77 -17.38 8.86
C GLN A 1045 -11.87 -16.35 7.74
N ALA A 1046 -11.93 -16.83 6.50
CA ALA A 1046 -12.01 -15.92 5.37
C ALA A 1046 -13.29 -15.11 5.40
N LEU A 1047 -14.37 -15.72 5.86
CA LEU A 1047 -15.66 -15.06 5.88
C LEU A 1047 -15.75 -14.16 7.09
N SER A 1048 -15.11 -14.60 8.17
CA SER A 1048 -15.08 -13.82 9.41
C SER A 1048 -14.45 -12.47 9.14
N LYS A 1049 -13.34 -12.47 8.41
CA LYS A 1049 -12.65 -11.23 8.10
C LYS A 1049 -13.62 -10.18 7.55
N LEU A 1050 -14.40 -10.55 6.54
CA LEU A 1050 -15.31 -9.59 5.95
C LEU A 1050 -16.35 -9.10 6.95
N ALA A 1051 -16.96 -10.04 7.66
CA ALA A 1051 -18.03 -9.71 8.58
C ALA A 1051 -17.56 -8.77 9.69
N SER A 1052 -16.33 -8.98 10.14
CA SER A 1052 -15.78 -8.19 11.23
C SER A 1052 -15.29 -6.82 10.77
N GLU A 1053 -14.47 -6.80 9.73
CA GLU A 1053 -13.84 -5.56 9.27
C GLU A 1053 -14.86 -4.52 8.86
N LEU A 1054 -15.99 -4.97 8.32
CA LEU A 1054 -17.06 -4.09 7.89
C LEU A 1054 -17.48 -3.11 8.99
N SER A 1055 -17.35 -3.51 10.25
CA SER A 1055 -17.82 -2.71 11.39
C SER A 1055 -16.75 -1.77 11.97
N ASN A 1056 -15.54 -1.78 11.41
CA ASN A 1056 -14.48 -0.95 11.94
C ASN A 1056 -14.64 0.52 11.56
N THR A 1057 -14.27 1.40 12.48
CA THR A 1057 -14.28 2.83 12.23
C THR A 1057 -12.86 3.29 11.92
N PHE A 1058 -12.57 3.52 10.65
CA PHE A 1058 -11.20 3.79 10.22
C PHE A 1058 -10.80 5.24 10.36
N GLY A 1059 -10.84 5.73 11.59
CA GLY A 1059 -10.48 7.11 11.90
C GLY A 1059 -11.64 8.07 11.61
N ALA A 1060 -12.74 7.52 11.13
CA ALA A 1060 -13.92 8.30 10.81
C ALA A 1060 -14.70 8.63 12.08
N ILE A 1061 -15.54 9.64 12.00
CA ILE A 1061 -16.41 9.99 13.11
C ILE A 1061 -17.37 8.84 13.47
N SER A 1062 -17.63 7.97 12.50
CA SER A 1062 -18.48 6.78 12.67
C SER A 1062 -18.32 5.82 11.51
N ALA A 1063 -18.46 4.52 11.79
CA ALA A 1063 -18.40 3.51 10.72
C ALA A 1063 -19.71 3.38 9.96
N SER A 1064 -20.74 4.10 10.42
CA SER A 1064 -22.04 4.04 9.78
C SER A 1064 -22.23 5.22 8.84
N ILE A 1065 -22.35 4.93 7.55
CA ILE A 1065 -22.42 6.00 6.55
C ILE A 1065 -23.57 6.94 6.84
N GLY A 1066 -24.70 6.38 7.22
CA GLY A 1066 -25.88 7.19 7.50
C GLY A 1066 -25.62 8.25 8.57
N ASP A 1067 -24.74 7.96 9.53
CA ASP A 1067 -24.49 8.88 10.61
C ASP A 1067 -23.45 9.91 10.26
N ILE A 1068 -22.42 9.51 9.53
CA ILE A 1068 -21.40 10.47 9.18
C ILE A 1068 -22.01 11.53 8.27
N ILE A 1069 -23.08 11.17 7.55
CA ILE A 1069 -23.79 12.14 6.73
C ILE A 1069 -24.71 13.04 7.55
N GLN A 1070 -25.65 12.46 8.30
CA GLN A 1070 -26.63 13.32 8.97
C GLN A 1070 -26.03 14.21 10.05
N ARG A 1071 -24.88 13.82 10.60
CA ARG A 1071 -24.27 14.58 11.68
C ARG A 1071 -23.42 15.77 11.21
N LEU A 1072 -23.10 15.80 9.92
CA LEU A 1072 -22.14 16.80 9.44
C LEU A 1072 -22.61 17.55 8.21
N ASP A 1073 -22.19 18.80 8.09
CA ASP A 1073 -22.42 19.56 6.88
C ASP A 1073 -21.60 18.93 5.72
N PRO A 1074 -22.09 18.98 4.46
CA PRO A 1074 -21.48 18.42 3.27
C PRO A 1074 -19.97 18.69 3.06
N PRO A 1075 -19.43 19.90 3.36
CA PRO A 1075 -18.02 20.25 3.24
C PRO A 1075 -17.12 19.33 4.06
N GLU A 1076 -17.70 18.65 5.05
CA GLU A 1076 -16.96 17.73 5.89
C GLU A 1076 -17.34 16.30 5.59
N GLN A 1077 -18.62 16.06 5.28
CA GLN A 1077 -19.09 14.70 5.04
C GLN A 1077 -18.14 13.98 4.11
N ASP A 1078 -17.75 14.66 3.04
CA ASP A 1078 -16.88 14.03 2.05
C ASP A 1078 -15.58 13.51 2.67
N ALA A 1079 -15.04 14.24 3.64
CA ALA A 1079 -13.78 13.86 4.28
C ALA A 1079 -13.96 12.59 5.08
N GLN A 1080 -15.10 12.47 5.74
CA GLN A 1080 -15.36 11.33 6.60
C GLN A 1080 -15.67 10.11 5.76
N ILE A 1081 -16.39 10.33 4.68
CA ILE A 1081 -16.72 9.24 3.79
C ILE A 1081 -15.45 8.71 3.15
N ASP A 1082 -14.59 9.61 2.69
CA ASP A 1082 -13.34 9.20 2.06
C ASP A 1082 -12.54 8.27 2.97
N ARG A 1083 -12.41 8.63 4.25
CA ARG A 1083 -11.71 7.75 5.18
C ARG A 1083 -12.35 6.37 5.25
N LEU A 1084 -13.67 6.36 5.39
CA LEU A 1084 -14.39 5.11 5.53
C LEU A 1084 -14.28 4.24 4.27
N ILE A 1085 -14.35 4.87 3.10
CA ILE A 1085 -14.19 4.12 1.86
C ILE A 1085 -12.82 3.49 1.77
N ASN A 1086 -11.77 4.26 2.03
CA ASN A 1086 -10.43 3.72 1.89
C ASN A 1086 -10.24 2.48 2.74
N GLY A 1087 -10.83 2.50 3.94
CA GLY A 1087 -10.80 1.34 4.83
C GLY A 1087 -11.47 0.13 4.17
N ARG A 1088 -12.70 0.34 3.69
CA ARG A 1088 -13.46 -0.74 3.07
C ARG A 1088 -12.74 -1.29 1.83
N LEU A 1089 -12.15 -0.40 1.03
CA LEU A 1089 -11.47 -0.82 -0.19
C LEU A 1089 -10.29 -1.72 0.13
N THR A 1090 -9.55 -1.33 1.16
CA THR A 1090 -8.37 -2.08 1.58
C THR A 1090 -8.74 -3.49 1.99
N THR A 1091 -9.82 -3.61 2.76
CA THR A 1091 -10.27 -4.92 3.23
C THR A 1091 -10.59 -5.84 2.06
N LEU A 1092 -11.35 -5.34 1.10
CA LEU A 1092 -11.73 -6.16 -0.04
C LEU A 1092 -10.52 -6.61 -0.84
N ASN A 1093 -9.54 -5.73 -1.02
CA ASN A 1093 -8.35 -6.10 -1.75
C ASN A 1093 -7.61 -7.24 -1.06
N ALA A 1094 -7.45 -7.12 0.26
CA ALA A 1094 -6.75 -8.15 1.01
C ALA A 1094 -7.49 -9.48 0.92
N PHE A 1095 -8.82 -9.42 0.98
CA PHE A 1095 -9.63 -10.62 0.89
C PHE A 1095 -9.39 -11.35 -0.40
N VAL A 1096 -9.45 -10.62 -1.52
CA VAL A 1096 -9.27 -11.24 -2.81
C VAL A 1096 -7.90 -11.88 -2.92
N ALA A 1097 -6.88 -11.17 -2.47
CA ALA A 1097 -5.53 -11.70 -2.57
C ALA A 1097 -5.40 -13.02 -1.83
N GLN A 1098 -5.98 -13.10 -0.64
CA GLN A 1098 -5.90 -14.30 0.15
C GLN A 1098 -6.63 -15.46 -0.52
N GLN A 1099 -7.77 -15.17 -1.13
CA GLN A 1099 -8.54 -16.20 -1.82
C GLN A 1099 -7.77 -16.76 -3.00
N LEU A 1100 -7.05 -15.89 -3.72
CA LEU A 1100 -6.27 -16.33 -4.86
C LEU A 1100 -5.14 -17.27 -4.42
N VAL A 1101 -4.52 -16.97 -3.29
CA VAL A 1101 -3.47 -17.83 -2.76
C VAL A 1101 -4.03 -19.18 -2.37
N ARG A 1102 -5.14 -19.18 -1.67
CA ARG A 1102 -5.78 -20.43 -1.25
C ARG A 1102 -6.14 -21.28 -2.45
N SER A 1103 -6.65 -20.66 -3.49
CA SER A 1103 -7.07 -21.36 -4.69
C SER A 1103 -5.89 -22.10 -5.33
N GLU A 1104 -4.77 -21.41 -5.50
CA GLU A 1104 -3.62 -22.02 -6.14
C GLU A 1104 -3.07 -23.17 -5.30
N SER A 1105 -3.05 -23.00 -3.98
CA SER A 1105 -2.55 -24.03 -3.10
C SER A 1105 -3.39 -25.29 -3.25
N ALA A 1106 -4.71 -25.13 -3.25
CA ALA A 1106 -5.61 -26.26 -3.41
C ALA A 1106 -5.36 -26.98 -4.73
N ALA A 1107 -5.09 -26.21 -5.78
CA ALA A 1107 -4.87 -26.81 -7.09
C ALA A 1107 -3.66 -27.73 -7.07
N LEU A 1108 -2.58 -27.30 -6.44
CA LEU A 1108 -1.38 -28.13 -6.36
C LEU A 1108 -1.67 -29.37 -5.53
N SER A 1109 -2.40 -29.19 -4.45
CA SER A 1109 -2.75 -30.29 -3.58
C SER A 1109 -3.59 -31.33 -4.32
N ALA A 1110 -4.55 -30.86 -5.12
CA ALA A 1110 -5.39 -31.76 -5.89
C ALA A 1110 -4.56 -32.64 -6.82
N GLN A 1111 -3.48 -32.08 -7.36
CA GLN A 1111 -2.60 -32.88 -8.22
C GLN A 1111 -2.01 -34.03 -7.45
N LEU A 1112 -1.64 -33.78 -6.21
CA LEU A 1112 -1.09 -34.83 -5.38
C LEU A 1112 -2.10 -35.94 -5.17
N ALA A 1113 -3.35 -35.56 -4.91
CA ALA A 1113 -4.40 -36.55 -4.71
C ALA A 1113 -4.55 -37.43 -5.94
N LYS A 1114 -4.51 -36.82 -7.12
CA LYS A 1114 -4.60 -37.57 -8.36
C LYS A 1114 -3.48 -38.58 -8.46
N ASP A 1115 -2.25 -38.14 -8.23
CA ASP A 1115 -1.10 -39.01 -8.34
C ASP A 1115 -1.20 -40.14 -7.34
N LYS A 1116 -1.60 -39.81 -6.12
CA LYS A 1116 -1.65 -40.77 -5.04
C LYS A 1116 -2.64 -41.88 -5.32
N VAL A 1117 -3.81 -41.56 -5.83
CA VAL A 1117 -4.78 -42.61 -6.14
C VAL A 1117 -4.20 -43.56 -7.17
N ASN A 1118 -3.61 -43.01 -8.22
CA ASN A 1118 -3.09 -43.83 -9.29
C ASN A 1118 -1.92 -44.73 -8.85
N GLU A 1119 -1.14 -44.27 -7.86
CA GLU A 1119 0.04 -45.04 -7.45
C GLU A 1119 -0.16 -45.90 -6.20
N CYS A 1120 -1.00 -45.47 -5.26
CA CYS A 1120 -1.14 -46.19 -4.00
C CYS A 1120 -2.42 -47.02 -3.93
N VAL A 1121 -3.44 -46.65 -4.71
CA VAL A 1121 -4.73 -47.31 -4.60
C VAL A 1121 -4.94 -48.32 -5.71
N LYS A 1122 -4.74 -47.89 -6.94
CA LYS A 1122 -4.96 -48.77 -8.09
C LYS A 1122 -3.71 -49.59 -8.42
N ALA A 1123 -2.69 -49.49 -7.58
CA ALA A 1123 -1.48 -50.24 -7.78
C ALA A 1123 -0.76 -50.45 -6.46
N GLN A 1124 0.00 -51.54 -6.36
CA GLN A 1124 0.80 -51.78 -5.16
C GLN A 1124 2.16 -51.13 -5.31
N SER A 1125 2.19 -49.81 -5.19
CA SER A 1125 3.44 -49.08 -5.33
C SER A 1125 4.49 -49.51 -4.34
N LYS A 1126 5.72 -49.62 -4.82
CA LYS A 1126 6.86 -49.92 -3.97
C LYS A 1126 7.66 -48.67 -3.73
N ARG A 1127 7.07 -47.53 -4.06
CA ARG A 1127 7.72 -46.24 -3.90
C ARG A 1127 7.73 -45.85 -2.43
N SER A 1128 8.60 -46.48 -1.67
CA SER A 1128 8.66 -46.29 -0.23
C SER A 1128 8.71 -44.83 0.14
N GLY A 1129 7.89 -44.45 1.11
CA GLY A 1129 7.85 -43.08 1.61
C GLY A 1129 6.77 -42.23 0.96
N PHE A 1130 6.24 -42.68 -0.17
CA PHE A 1130 5.19 -41.96 -0.85
C PHE A 1130 3.83 -42.40 -0.33
N CYS A 1131 3.63 -43.71 -0.30
CA CYS A 1131 2.42 -44.29 0.23
C CYS A 1131 2.61 -44.43 1.74
N GLY A 1132 1.63 -45.02 2.42
CA GLY A 1132 1.71 -45.12 3.88
C GLY A 1132 3.00 -45.78 4.35
N GLN A 1133 3.24 -45.74 5.66
CA GLN A 1133 4.49 -46.21 6.25
C GLN A 1133 4.56 -47.73 6.29
N GLY A 1134 5.79 -48.26 6.27
CA GLY A 1134 6.00 -49.71 6.31
C GLY A 1134 5.93 -50.27 4.91
N THR A 1135 5.75 -51.58 4.79
CA THR A 1135 5.70 -52.19 3.48
C THR A 1135 4.28 -52.05 2.94
N HIS A 1136 4.15 -51.44 1.78
CA HIS A 1136 2.84 -51.09 1.27
C HIS A 1136 2.07 -52.25 0.67
N ILE A 1137 0.80 -52.35 1.06
CA ILE A 1137 -0.17 -53.24 0.45
C ILE A 1137 -1.44 -52.41 0.17
N VAL A 1138 -2.55 -53.08 -0.06
CA VAL A 1138 -3.80 -52.41 -0.43
C VAL A 1138 -4.09 -51.13 0.38
N SER A 1139 -4.65 -50.12 -0.31
CA SER A 1139 -5.07 -48.87 0.34
C SER A 1139 -6.47 -48.49 -0.13
N PHE A 1140 -7.17 -47.69 0.66
CA PHE A 1140 -8.53 -47.32 0.34
C PHE A 1140 -8.75 -45.82 0.44
N VAL A 1141 -9.75 -45.31 -0.30
CA VAL A 1141 -10.07 -43.89 -0.26
C VAL A 1141 -11.55 -43.62 -0.03
N VAL A 1142 -11.84 -42.68 0.86
CA VAL A 1142 -13.19 -42.22 1.11
C VAL A 1142 -13.24 -40.70 1.00
N ASN A 1143 -14.42 -40.12 0.98
CA ASN A 1143 -14.53 -38.67 0.81
C ASN A 1143 -14.33 -37.93 2.13
N ALA A 1144 -13.88 -36.70 2.02
CA ALA A 1144 -13.70 -35.82 3.15
C ALA A 1144 -14.39 -34.49 2.86
N PRO A 1145 -14.75 -33.70 3.89
CA PRO A 1145 -15.41 -32.40 3.79
C PRO A 1145 -14.84 -31.49 2.69
N ASN A 1146 -13.52 -31.47 2.50
CA ASN A 1146 -12.96 -30.65 1.42
C ASN A 1146 -11.88 -31.37 0.65
N GLY A 1147 -12.09 -32.64 0.34
CA GLY A 1147 -11.07 -33.41 -0.37
C GLY A 1147 -11.24 -34.90 -0.16
N LEU A 1148 -10.12 -35.63 -0.13
CA LEU A 1148 -10.12 -37.07 0.01
C LEU A 1148 -9.38 -37.53 1.24
N TYR A 1149 -9.86 -38.62 1.83
CA TYR A 1149 -9.23 -39.19 3.02
C TYR A 1149 -8.68 -40.58 2.69
N PHE A 1150 -7.40 -40.77 2.92
CA PHE A 1150 -6.74 -42.02 2.53
C PHE A 1150 -6.42 -42.92 3.71
N MET A 1151 -6.62 -44.22 3.50
CA MET A 1151 -6.18 -45.25 4.44
C MET A 1151 -5.19 -46.18 3.77
N HIS A 1152 -3.99 -46.26 4.31
CA HIS A 1152 -2.98 -47.13 3.73
C HIS A 1152 -2.73 -48.31 4.63
N VAL A 1153 -2.97 -49.51 4.14
CA VAL A 1153 -2.71 -50.65 5.00
C VAL A 1153 -1.27 -51.08 4.76
N GLY A 1154 -0.50 -51.16 5.84
CA GLY A 1154 0.91 -51.49 5.71
C GLY A 1154 1.30 -52.67 6.58
N TYR A 1155 2.35 -53.35 6.15
CA TYR A 1155 2.92 -54.49 6.85
C TYR A 1155 4.11 -54.05 7.69
N TYR A 1156 4.10 -54.43 8.96
CA TYR A 1156 5.16 -54.04 9.86
C TYR A 1156 5.84 -55.26 10.50
N PRO A 1157 7.17 -55.36 10.39
CA PRO A 1157 8.00 -56.42 10.94
C PRO A 1157 8.25 -56.21 12.42
N SER A 1158 8.61 -57.28 13.12
CA SER A 1158 9.01 -57.17 14.51
C SER A 1158 9.82 -58.39 14.97
N ASN A 1159 10.44 -58.26 16.14
CA ASN A 1159 11.20 -59.34 16.75
C ASN A 1159 12.29 -59.88 15.83
N HIS A 1160 13.10 -58.98 15.29
CA HIS A 1160 14.17 -59.37 14.39
C HIS A 1160 15.19 -60.25 15.08
N ILE A 1161 15.68 -61.23 14.34
CA ILE A 1161 16.74 -62.11 14.82
C ILE A 1161 17.92 -62.02 13.87
N GLU A 1162 19.07 -62.51 14.30
CA GLU A 1162 20.24 -62.48 13.45
C GLU A 1162 20.69 -63.87 13.04
N VAL A 1163 20.87 -64.05 11.75
CA VAL A 1163 21.33 -65.32 11.20
C VAL A 1163 22.53 -65.10 10.29
N VAL A 1164 23.25 -66.18 9.97
CA VAL A 1164 24.39 -66.09 9.08
C VAL A 1164 23.99 -66.47 7.66
N SER A 1165 24.26 -65.57 6.73
CA SER A 1165 23.86 -65.76 5.34
C SER A 1165 25.05 -65.80 4.39
N ALA A 1166 24.86 -66.48 3.27
CA ALA A 1166 25.87 -66.54 2.21
C ALA A 1166 25.47 -65.66 1.05
N TYR A 1167 26.46 -65.25 0.26
CA TYR A 1167 26.18 -64.49 -0.95
C TYR A 1167 25.73 -65.42 -2.06
N GLY A 1168 26.12 -66.69 -1.95
CA GLY A 1168 25.79 -67.70 -2.93
C GLY A 1168 26.59 -68.97 -2.66
N LEU A 1169 26.21 -70.04 -3.33
CA LEU A 1169 26.87 -71.33 -3.15
C LEU A 1169 27.39 -71.85 -4.49
N CYS A 1170 28.51 -72.55 -4.46
CA CYS A 1170 29.05 -73.18 -5.66
C CYS A 1170 29.38 -74.64 -5.41
N ASP A 1171 29.17 -75.47 -6.42
CA ASP A 1171 29.54 -76.87 -6.31
C ASP A 1171 31.05 -76.99 -6.23
N ALA A 1172 31.56 -77.52 -5.12
CA ALA A 1172 32.99 -77.61 -4.93
C ALA A 1172 33.65 -78.39 -6.08
N ALA A 1173 32.92 -79.36 -6.64
CA ALA A 1173 33.46 -80.19 -7.71
C ALA A 1173 33.36 -79.53 -9.08
N ASN A 1174 32.65 -78.41 -9.15
CA ASN A 1174 32.39 -77.73 -10.41
C ASN A 1174 32.46 -76.22 -10.21
N PRO A 1175 33.65 -75.62 -10.34
CA PRO A 1175 33.98 -74.23 -10.07
C PRO A 1175 33.12 -73.25 -10.85
N THR A 1176 32.54 -73.70 -11.95
CA THR A 1176 31.71 -72.84 -12.77
C THR A 1176 30.29 -73.37 -12.81
N ASN A 1177 29.69 -73.48 -11.63
CA ASN A 1177 28.33 -73.94 -11.48
C ASN A 1177 27.80 -73.42 -10.16
N CYS A 1178 27.41 -72.15 -10.17
CA CYS A 1178 27.06 -71.46 -8.93
C CYS A 1178 25.60 -71.06 -8.89
N ILE A 1179 25.06 -71.02 -7.69
CA ILE A 1179 23.65 -70.77 -7.47
C ILE A 1179 23.43 -69.62 -6.50
N ALA A 1180 22.43 -68.80 -6.79
CA ALA A 1180 22.08 -67.65 -5.96
C ALA A 1180 20.58 -67.67 -5.68
N PRO A 1181 20.15 -67.12 -4.54
CA PRO A 1181 18.76 -67.02 -4.10
C PRO A 1181 17.99 -66.02 -4.91
N VAL A 1182 16.69 -66.27 -5.06
CA VAL A 1182 15.80 -65.32 -5.70
C VAL A 1182 14.82 -64.71 -4.73
N ASN A 1183 14.94 -63.40 -4.50
CA ASN A 1183 14.06 -62.71 -3.57
C ASN A 1183 14.07 -63.36 -2.19
N GLY A 1184 15.26 -63.69 -1.72
CA GLY A 1184 15.43 -64.33 -0.42
C GLY A 1184 16.91 -64.55 -0.12
N TYR A 1185 17.19 -65.38 0.87
CA TYR A 1185 18.56 -65.61 1.30
C TYR A 1185 18.88 -67.08 1.49
N PHE A 1186 20.18 -67.38 1.44
CA PHE A 1186 20.70 -68.69 1.83
C PHE A 1186 21.29 -68.58 3.21
N ILE A 1187 20.76 -69.35 4.15
CA ILE A 1187 21.18 -69.26 5.54
C ILE A 1187 21.61 -70.59 6.10
N LYS A 1188 22.38 -70.55 7.19
CA LYS A 1188 22.80 -71.77 7.87
C LYS A 1188 21.74 -72.24 8.85
N THR A 1189 21.51 -73.55 8.88
CA THR A 1189 20.55 -74.13 9.82
C THR A 1189 21.25 -74.71 11.04
N ASN A 1190 20.74 -74.36 12.22
CA ASN A 1190 21.29 -74.88 13.46
C ASN A 1190 20.66 -76.21 13.82
N GLU A 1197 22.50 -78.48 5.58
CA GLU A 1197 23.25 -77.39 6.17
C GLU A 1197 22.67 -76.05 5.77
N TRP A 1198 22.58 -75.81 4.47
CA TRP A 1198 22.07 -74.56 3.94
C TRP A 1198 20.59 -74.65 3.63
N SER A 1199 19.87 -73.57 3.89
CA SER A 1199 18.44 -73.52 3.62
C SER A 1199 18.03 -72.16 3.06
N TYR A 1200 16.83 -72.10 2.53
CA TYR A 1200 16.29 -70.88 1.93
C TYR A 1200 15.36 -70.15 2.87
N THR A 1201 15.44 -68.84 2.88
CA THR A 1201 14.48 -68.03 3.61
C THR A 1201 14.07 -66.84 2.78
N GLY A 1202 12.87 -66.31 3.03
CA GLY A 1202 12.40 -65.16 2.28
C GLY A 1202 13.06 -63.89 2.76
N SER A 1203 12.75 -62.77 2.12
CA SER A 1203 13.37 -61.52 2.49
C SER A 1203 12.66 -60.83 3.65
N SER A 1204 11.44 -61.27 3.97
CA SER A 1204 10.70 -60.68 5.08
C SER A 1204 10.56 -61.64 6.25
N PHE A 1205 9.47 -62.39 6.30
CA PHE A 1205 9.20 -63.28 7.42
C PHE A 1205 10.11 -64.51 7.43
N TYR A 1206 10.76 -64.78 8.56
CA TYR A 1206 11.65 -65.93 8.72
C TYR A 1206 10.89 -67.25 8.78
N ALA A 1207 11.11 -68.09 7.77
CA ALA A 1207 10.43 -69.37 7.67
C ALA A 1207 11.19 -70.35 6.77
N PRO A 1208 12.29 -70.93 7.25
CA PRO A 1208 13.27 -71.70 6.49
C PRO A 1208 12.62 -72.81 5.65
N GLU A 1209 13.08 -72.93 4.41
CA GLU A 1209 12.62 -73.93 3.44
C GLU A 1209 13.83 -74.56 2.75
N PRO A 1210 13.70 -75.74 2.15
CA PRO A 1210 14.66 -76.36 1.27
C PRO A 1210 14.99 -75.44 0.10
N ILE A 1211 16.26 -75.44 -0.32
CA ILE A 1211 16.67 -74.65 -1.48
C ILE A 1211 16.38 -75.46 -2.74
N THR A 1212 15.61 -74.90 -3.64
CA THR A 1212 15.20 -75.63 -4.83
C THR A 1212 15.18 -74.78 -6.09
N SER A 1213 14.77 -75.39 -7.19
CA SER A 1213 14.81 -74.73 -8.50
C SER A 1213 13.80 -73.60 -8.62
N LEU A 1214 12.82 -73.59 -7.74
CA LEU A 1214 11.78 -72.58 -7.77
C LEU A 1214 12.15 -71.33 -6.97
N ASN A 1215 13.30 -71.34 -6.30
CA ASN A 1215 13.67 -70.19 -5.49
C ASN A 1215 15.13 -69.79 -5.69
N THR A 1216 15.74 -70.27 -6.78
CA THR A 1216 17.13 -69.95 -7.09
C THR A 1216 17.34 -69.59 -8.55
N LYS A 1217 18.51 -69.04 -8.84
CA LYS A 1217 18.94 -68.74 -10.20
C LYS A 1217 20.41 -69.10 -10.39
N TYR A 1218 20.80 -69.36 -11.64
CA TYR A 1218 22.20 -69.66 -11.92
C TYR A 1218 22.97 -68.38 -12.21
N VAL A 1219 24.17 -68.29 -11.64
CA VAL A 1219 24.99 -67.10 -11.78
C VAL A 1219 26.43 -67.41 -12.12
N ALA A 1220 27.14 -66.40 -12.60
CA ALA A 1220 28.58 -66.50 -12.77
C ALA A 1220 29.24 -66.64 -11.40
N PRO A 1221 30.33 -67.42 -11.29
CA PRO A 1221 31.09 -67.66 -10.08
C PRO A 1221 31.74 -66.39 -9.56
N GLN A 1222 31.84 -66.28 -8.24
CA GLN A 1222 32.46 -65.12 -7.60
C GLN A 1222 33.27 -65.53 -6.40
N VAL A 1223 33.94 -64.56 -5.79
CA VAL A 1223 34.83 -64.83 -4.66
C VAL A 1223 34.08 -64.88 -3.33
N THR A 1224 32.81 -64.53 -3.35
CA THR A 1224 32.02 -64.46 -2.13
C THR A 1224 31.13 -65.69 -1.96
N TYR A 1225 31.24 -66.62 -2.90
CA TYR A 1225 30.40 -67.80 -2.87
C TYR A 1225 31.11 -68.93 -2.14
N GLN A 1226 30.34 -69.79 -1.49
CA GLN A 1226 30.90 -70.88 -0.72
C GLN A 1226 31.07 -72.13 -1.55
N ASN A 1227 32.20 -72.81 -1.40
CA ASN A 1227 32.45 -74.07 -2.09
C ASN A 1227 32.07 -75.24 -1.20
N ILE A 1228 30.95 -75.87 -1.52
CA ILE A 1228 30.40 -76.88 -0.65
C ILE A 1228 30.64 -78.30 -1.18
N SER A 1229 31.09 -79.19 -0.28
CA SER A 1229 31.40 -80.58 -0.62
C SER A 1229 30.17 -81.35 -1.05
N THR A 1230 29.06 -81.09 -0.38
CA THR A 1230 27.79 -81.72 -0.71
C THR A 1230 26.79 -80.61 -0.94
N ASN A 1231 25.77 -80.87 -1.74
CA ASN A 1231 24.85 -79.79 -2.05
C ASN A 1231 23.44 -80.26 -2.29
N LEU A 1232 22.54 -79.29 -2.44
CA LEU A 1232 21.17 -79.54 -2.77
C LEU A 1232 21.06 -80.15 -4.18
N PRO A 1233 20.70 -81.44 -4.27
CA PRO A 1233 20.78 -82.25 -5.47
C PRO A 1233 19.92 -81.85 -6.70
N PRO A 1234 18.78 -81.11 -6.59
CA PRO A 1234 17.99 -80.76 -7.75
C PRO A 1234 18.61 -79.63 -8.65
N PRO A 1235 18.76 -78.34 -8.21
CA PRO A 1235 19.61 -77.35 -8.82
C PRO A 1235 21.04 -77.83 -9.08
N LEU A 1236 21.59 -78.63 -8.16
CA LEU A 1236 22.94 -79.15 -8.35
C LEU A 1236 22.94 -80.67 -8.36
N THR B 32 25.18 53.11 11.45
CA THR B 32 26.09 53.03 10.32
C THR B 32 27.51 52.74 10.79
N VAL B 33 28.14 51.77 10.14
CA VAL B 33 29.49 51.36 10.51
C VAL B 33 30.55 52.24 9.90
N ASP B 34 31.47 52.70 10.74
CA ASP B 34 32.58 53.52 10.31
C ASP B 34 33.67 52.64 9.71
N VAL B 35 33.91 52.83 8.41
CA VAL B 35 34.87 52.01 7.68
C VAL B 35 36.07 52.84 7.24
N GLY B 36 36.32 53.93 7.95
CA GLY B 36 37.47 54.78 7.69
C GLY B 36 37.14 55.87 6.68
N PRO B 37 38.14 56.72 6.37
CA PRO B 37 38.08 57.87 5.50
C PRO B 37 38.05 57.49 4.02
N ASP B 38 37.61 58.43 3.19
CA ASP B 38 37.67 58.31 1.74
C ASP B 38 39.10 58.44 1.23
N SER B 39 39.37 57.88 0.06
CA SER B 39 40.62 58.11 -0.64
C SER B 39 40.77 59.59 -0.97
N VAL B 40 42.01 60.08 -0.97
CA VAL B 40 42.27 61.50 -1.19
C VAL B 40 43.00 61.79 -2.51
N LYS B 41 43.09 60.80 -3.38
CA LYS B 41 43.74 60.99 -4.67
C LYS B 41 42.82 61.71 -5.66
N SER B 42 43.41 62.56 -6.49
CA SER B 42 42.67 63.32 -7.49
C SER B 42 42.35 62.52 -8.75
N ALA B 43 42.92 61.33 -8.85
CA ALA B 43 42.73 60.51 -10.04
C ALA B 43 42.92 59.04 -9.72
N CYS B 44 42.35 58.19 -10.55
CA CYS B 44 42.51 56.76 -10.42
C CYS B 44 43.72 56.27 -11.21
N ILE B 45 44.17 55.08 -10.90
CA ILE B 45 45.28 54.49 -11.64
C ILE B 45 44.76 53.83 -12.90
N GLU B 46 45.32 54.22 -14.03
CA GLU B 46 44.92 53.68 -15.32
C GLU B 46 45.11 52.18 -15.37
N VAL B 47 44.12 51.49 -15.91
CA VAL B 47 44.19 50.05 -16.05
C VAL B 47 43.84 49.61 -17.47
N ASP B 48 44.76 48.92 -18.11
CA ASP B 48 44.56 48.45 -19.48
C ASP B 48 43.91 47.08 -19.53
N ILE B 49 43.29 46.78 -20.66
CA ILE B 49 42.72 45.47 -20.89
C ILE B 49 43.17 44.87 -22.22
N GLN B 50 44.07 43.92 -22.15
CA GLN B 50 44.52 43.21 -23.34
C GLN B 50 44.10 41.76 -23.22
N GLN B 51 42.89 41.47 -23.64
CA GLN B 51 42.25 40.20 -23.37
C GLN B 51 42.99 39.01 -23.97
N THR B 52 43.65 39.22 -25.09
CA THR B 52 44.29 38.12 -25.80
C THR B 52 45.41 37.46 -25.00
N PHE B 53 45.85 38.11 -23.93
CA PHE B 53 46.90 37.56 -23.09
C PHE B 53 46.34 36.63 -22.04
N PHE B 54 45.02 36.63 -21.90
CA PHE B 54 44.36 35.84 -20.88
C PHE B 54 43.60 34.67 -21.49
N ASP B 55 43.60 34.58 -22.81
CA ASP B 55 42.81 33.56 -23.49
C ASP B 55 43.53 32.23 -23.52
N LYS B 56 43.72 31.66 -22.35
CA LYS B 56 44.40 30.39 -22.18
C LYS B 56 43.53 29.49 -21.35
N THR B 57 43.76 28.19 -21.41
CA THR B 57 42.98 27.31 -20.57
C THR B 57 43.72 26.06 -20.16
N TRP B 58 43.56 25.71 -18.89
CA TRP B 58 44.06 24.48 -18.35
C TRP B 58 42.91 23.80 -17.61
N PRO B 59 42.10 22.99 -18.30
CA PRO B 59 40.88 22.39 -17.82
C PRO B 59 41.10 21.63 -16.53
N ARG B 60 40.22 21.88 -15.55
CA ARG B 60 40.27 21.19 -14.26
C ARG B 60 38.86 20.88 -13.79
N PRO B 61 38.17 19.93 -14.45
CA PRO B 61 36.79 19.60 -14.24
C PRO B 61 36.59 18.91 -12.91
N ILE B 62 35.37 18.97 -12.39
CA ILE B 62 35.06 18.31 -11.13
C ILE B 62 35.12 16.81 -11.22
N ASP B 63 35.97 16.22 -10.38
CA ASP B 63 36.13 14.78 -10.31
C ASP B 63 35.45 14.24 -9.05
N VAL B 64 34.23 13.75 -9.22
CA VAL B 64 33.42 13.35 -8.09
C VAL B 64 34.02 12.17 -7.32
N SER B 65 34.81 11.35 -8.01
CA SER B 65 35.40 10.16 -7.41
C SER B 65 36.41 10.52 -6.33
N LYS B 66 36.79 11.79 -6.26
CA LYS B 66 37.73 12.27 -5.26
C LYS B 66 37.02 13.21 -4.30
N ALA B 67 35.69 13.23 -4.36
CA ALA B 67 34.87 14.12 -3.55
C ALA B 67 35.31 15.56 -3.77
N ASP B 68 35.64 15.91 -5.01
CA ASP B 68 36.11 17.22 -5.33
C ASP B 68 35.00 18.26 -5.32
N GLY B 69 35.06 19.19 -4.38
CA GLY B 69 34.06 20.23 -4.27
C GLY B 69 32.84 19.83 -3.43
N ILE B 70 32.94 18.71 -2.72
CA ILE B 70 31.83 18.27 -1.89
C ILE B 70 31.78 19.06 -0.58
N ILE B 71 30.60 19.62 -0.29
CA ILE B 71 30.37 20.35 0.96
C ILE B 71 29.83 19.38 1.99
N TYR B 72 30.45 19.35 3.16
CA TYR B 72 30.08 18.41 4.18
C TYR B 72 28.69 18.78 4.75
N PRO B 73 27.80 17.80 4.99
CA PRO B 73 26.51 17.99 5.64
C PRO B 73 26.69 18.74 6.96
N GLN B 74 25.91 19.79 7.16
CA GLN B 74 26.08 20.65 8.33
C GLN B 74 25.43 20.12 9.60
N GLY B 75 24.30 19.46 9.47
CA GLY B 75 23.52 19.07 10.65
C GLY B 75 24.03 17.80 11.34
N ARG B 76 24.55 16.86 10.57
CA ARG B 76 24.87 15.54 11.12
C ARG B 76 26.20 14.99 10.62
N THR B 77 26.91 14.24 11.46
CA THR B 77 28.09 13.51 10.99
C THR B 77 27.80 12.03 10.93
N TYR B 78 28.68 11.31 10.27
CA TYR B 78 28.57 9.86 10.19
C TYR B 78 29.96 9.26 10.23
N SER B 79 30.03 7.93 10.24
CA SER B 79 31.32 7.25 10.22
C SER B 79 31.27 5.86 9.60
N ASN B 80 32.18 5.61 8.68
CA ASN B 80 32.35 4.31 8.05
C ASN B 80 31.06 3.77 7.40
N ILE B 81 30.31 4.64 6.73
CA ILE B 81 29.10 4.20 6.04
C ILE B 81 28.96 4.81 4.66
N THR B 82 28.11 4.21 3.83
CA THR B 82 27.75 4.78 2.54
C THR B 82 26.27 5.10 2.49
N ILE B 83 25.94 6.37 2.28
CA ILE B 83 24.55 6.82 2.22
C ILE B 83 24.36 7.85 1.12
N THR B 84 23.11 8.06 0.72
CA THR B 84 22.81 9.14 -0.20
C THR B 84 22.50 10.42 0.56
N TYR B 85 22.66 11.55 -0.11
CA TYR B 85 22.39 12.84 0.50
C TYR B 85 22.05 13.89 -0.55
N GLN B 86 21.02 14.71 -0.29
CA GLN B 86 20.68 15.78 -1.20
C GLN B 86 21.17 17.12 -0.69
N GLY B 87 21.75 17.91 -1.58
CA GLY B 87 22.25 19.23 -1.21
C GLY B 87 22.82 19.97 -2.40
N LEU B 88 23.51 21.06 -2.15
CA LEU B 88 24.04 21.87 -3.23
C LEU B 88 25.45 21.43 -3.61
N PHE B 89 25.55 20.80 -4.76
CA PHE B 89 26.79 20.23 -5.26
C PHE B 89 26.98 20.65 -6.71
N PRO B 90 28.22 20.69 -7.20
CA PRO B 90 28.57 20.91 -8.58
C PRO B 90 28.28 19.67 -9.42
N TYR B 91 28.04 19.86 -10.71
CA TYR B 91 27.87 18.73 -11.61
C TYR B 91 29.18 18.02 -11.88
N GLN B 92 29.16 16.69 -11.90
CA GLN B 92 30.33 15.96 -12.32
C GLN B 92 30.68 16.30 -13.75
N GLY B 93 31.97 16.53 -14.02
CA GLY B 93 32.41 16.79 -15.38
C GLY B 93 32.41 18.28 -15.74
N ASP B 94 31.82 19.11 -14.90
CA ASP B 94 31.79 20.54 -15.17
C ASP B 94 33.19 21.11 -15.21
N HIS B 95 33.51 21.80 -16.30
CA HIS B 95 34.83 22.41 -16.46
C HIS B 95 34.98 23.64 -15.58
N GLY B 96 33.88 24.34 -15.35
CA GLY B 96 33.91 25.56 -14.55
C GLY B 96 34.45 26.73 -15.35
N ASP B 97 34.33 27.91 -14.78
CA ASP B 97 34.83 29.13 -15.40
C ASP B 97 36.17 29.52 -14.80
N MET B 98 37.23 29.47 -15.61
CA MET B 98 38.55 29.77 -15.10
C MET B 98 38.84 31.26 -15.12
N TYR B 99 39.40 31.76 -14.03
CA TYR B 99 39.81 33.16 -13.93
C TYR B 99 41.25 33.27 -13.43
N VAL B 100 41.99 34.24 -13.93
CA VAL B 100 43.37 34.45 -13.49
C VAL B 100 43.68 35.91 -13.23
N TYR B 101 44.71 36.14 -12.43
CA TYR B 101 45.23 37.48 -12.17
C TYR B 101 46.64 37.60 -12.71
N SER B 102 47.06 38.83 -13.01
CA SER B 102 48.36 39.03 -13.64
C SER B 102 49.13 40.20 -13.05
N ALA B 103 50.41 40.29 -13.41
CA ALA B 103 51.22 41.42 -13.04
C ALA B 103 50.87 42.61 -13.91
N GLY B 104 51.05 43.81 -13.37
CA GLY B 104 50.82 45.01 -14.15
C GLY B 104 52.07 45.36 -14.94
N HIS B 105 52.03 46.44 -15.68
CA HIS B 105 53.19 46.85 -16.46
C HIS B 105 54.22 47.46 -15.55
N ALA B 106 55.47 47.44 -15.97
CA ALA B 106 56.54 48.07 -15.22
C ALA B 106 57.72 48.37 -16.11
N THR B 107 58.48 49.40 -15.72
CA THR B 107 59.74 49.72 -16.37
C THR B 107 60.84 49.76 -15.33
N GLY B 108 61.58 48.66 -15.22
CA GLY B 108 62.55 48.51 -14.17
C GLY B 108 61.85 48.51 -12.81
N THR B 109 62.32 49.37 -11.91
CA THR B 109 61.78 49.44 -10.56
C THR B 109 60.61 50.40 -10.44
N THR B 110 60.17 50.97 -11.56
CA THR B 110 59.03 51.88 -11.54
C THR B 110 57.81 51.25 -12.23
N PRO B 111 56.76 50.89 -11.46
CA PRO B 111 55.51 50.33 -11.92
C PRO B 111 54.80 51.27 -12.89
N GLN B 112 54.12 50.68 -13.85
CA GLN B 112 53.34 51.39 -14.86
C GLN B 112 51.87 50.98 -14.72
N LYS B 113 51.03 51.51 -15.60
CA LYS B 113 49.59 51.24 -15.53
C LYS B 113 49.28 49.76 -15.36
N LEU B 114 48.08 49.47 -14.87
CA LEU B 114 47.68 48.11 -14.52
C LEU B 114 47.29 47.32 -15.76
N PHE B 115 47.17 46.01 -15.59
CA PHE B 115 46.86 45.10 -16.69
C PHE B 115 45.90 44.00 -16.23
N VAL B 116 44.67 44.03 -16.72
CA VAL B 116 43.67 43.05 -16.30
C VAL B 116 42.88 42.48 -17.47
N ALA B 117 42.19 41.39 -17.22
CA ALA B 117 41.23 40.83 -18.17
C ALA B 117 39.92 41.59 -18.09
N ASN B 118 39.06 41.37 -19.07
CA ASN B 118 37.75 42.04 -19.11
C ASN B 118 36.78 41.42 -18.11
N TYR B 119 37.13 41.42 -16.83
CA TYR B 119 36.29 40.80 -15.83
C TYR B 119 35.22 41.75 -15.31
N SER B 120 35.50 43.05 -15.35
CA SER B 120 34.61 44.03 -14.73
C SER B 120 33.21 44.04 -15.34
N GLN B 121 33.12 43.69 -16.62
CA GLN B 121 31.83 43.69 -17.30
C GLN B 121 31.20 42.30 -17.30
N ASP B 122 31.89 41.33 -16.70
CA ASP B 122 31.43 39.95 -16.71
C ASP B 122 30.42 39.70 -15.62
N VAL B 123 29.23 40.26 -15.78
CA VAL B 123 28.22 40.14 -14.75
C VAL B 123 27.38 38.90 -14.97
N LYS B 124 27.39 37.99 -14.00
CA LYS B 124 26.74 36.71 -14.14
C LYS B 124 25.73 36.45 -13.02
N GLN B 125 24.78 35.56 -13.29
CA GLN B 125 23.78 35.20 -12.28
C GLN B 125 24.37 34.40 -11.13
N PHE B 126 23.93 34.73 -9.92
CA PHE B 126 24.34 34.03 -8.70
C PHE B 126 23.68 32.66 -8.59
N ALA B 127 22.40 32.59 -8.93
CA ALA B 127 21.64 31.35 -8.84
C ALA B 127 21.66 30.76 -7.43
N ASN B 128 22.16 29.54 -7.29
CA ASN B 128 22.16 28.84 -6.02
C ASN B 128 23.46 29.03 -5.27
N GLY B 129 24.31 29.88 -5.81
CA GLY B 129 25.63 30.09 -5.22
C GLY B 129 26.66 29.28 -5.95
N PHE B 130 27.89 29.32 -5.45
CA PHE B 130 28.99 28.71 -6.16
C PHE B 130 30.15 28.35 -5.25
N VAL B 131 31.06 27.56 -5.80
CA VAL B 131 32.30 27.23 -5.12
C VAL B 131 33.47 27.52 -6.01
N VAL B 132 34.62 27.80 -5.42
CA VAL B 132 35.80 28.09 -6.19
C VAL B 132 37.04 27.32 -5.73
N ARG B 133 37.77 26.76 -6.68
CA ARG B 133 39.02 26.08 -6.37
C ARG B 133 40.14 27.09 -6.31
N ILE B 134 40.91 27.07 -5.22
CA ILE B 134 41.99 28.02 -5.03
C ILE B 134 43.34 27.32 -4.91
N GLY B 135 44.33 27.81 -5.67
CA GLY B 135 45.69 27.23 -5.63
C GLY B 135 45.79 25.96 -6.46
N ALA B 136 44.97 25.90 -7.49
CA ALA B 136 44.86 24.71 -8.33
C ALA B 136 46.21 24.25 -8.89
N ALA B 137 47.08 25.19 -9.23
CA ALA B 137 48.36 24.83 -9.84
C ALA B 137 49.54 25.25 -8.98
N ALA B 138 49.33 25.43 -7.70
CA ALA B 138 50.43 25.83 -6.85
C ALA B 138 51.55 24.80 -6.91
N ASN B 139 52.79 25.28 -6.84
CA ASN B 139 54.00 24.48 -6.88
C ASN B 139 54.37 24.04 -8.29
N SER B 140 53.51 24.31 -9.26
CA SER B 140 53.82 23.95 -10.64
C SER B 140 54.60 25.05 -11.32
N THR B 141 55.20 24.72 -12.46
CA THR B 141 55.93 25.72 -13.23
C THR B 141 55.03 26.29 -14.32
N GLY B 142 55.02 27.62 -14.45
CA GLY B 142 54.22 28.28 -15.46
C GLY B 142 54.94 29.50 -15.99
N THR B 143 54.17 30.46 -16.50
CA THR B 143 54.72 31.66 -17.10
C THR B 143 54.01 32.90 -16.60
N VAL B 144 54.59 34.05 -16.88
CA VAL B 144 54.00 35.34 -16.57
C VAL B 144 53.07 35.78 -17.70
N ILE B 145 51.85 36.16 -17.34
CA ILE B 145 50.84 36.52 -18.34
C ILE B 145 51.25 37.67 -19.26
N ILE B 146 51.91 38.67 -18.70
CA ILE B 146 52.30 39.83 -19.50
C ILE B 146 53.69 39.70 -20.14
N SER B 147 54.26 38.50 -20.12
CA SER B 147 55.54 38.28 -20.77
C SER B 147 55.57 36.93 -21.48
N PRO B 148 55.44 36.92 -22.81
CA PRO B 148 55.33 35.76 -23.68
C PRO B 148 56.33 34.65 -23.39
N SER B 149 57.54 35.00 -22.96
CA SER B 149 58.53 33.95 -22.68
C SER B 149 59.25 34.16 -21.37
N THR B 150 58.51 34.46 -20.31
CA THR B 150 59.12 34.50 -18.98
C THR B 150 58.52 33.42 -18.09
N SER B 151 59.35 32.48 -17.68
CA SER B 151 58.91 31.39 -16.83
C SER B 151 58.87 31.85 -15.38
N ALA B 152 58.08 31.16 -14.58
CA ALA B 152 58.01 31.45 -13.16
C ALA B 152 57.37 30.29 -12.40
N THR B 153 57.61 30.24 -11.09
CA THR B 153 56.93 29.27 -10.25
C THR B 153 55.54 29.77 -9.90
N ILE B 154 54.55 28.90 -10.01
CA ILE B 154 53.18 29.26 -9.73
C ILE B 154 52.89 29.24 -8.24
N ARG B 155 52.32 30.34 -7.75
CA ARG B 155 51.95 30.46 -6.34
C ARG B 155 50.47 30.77 -6.20
N LYS B 156 49.91 30.44 -5.04
CA LYS B 156 48.49 30.63 -4.77
C LYS B 156 48.10 32.10 -4.59
N ILE B 157 46.91 32.45 -5.11
CA ILE B 157 46.35 33.79 -4.92
C ILE B 157 44.85 33.70 -4.66
N TYR B 158 44.33 34.56 -3.79
CA TYR B 158 42.92 34.49 -3.44
C TYR B 158 42.06 35.39 -4.31
N PRO B 159 40.89 34.90 -4.74
CA PRO B 159 39.91 35.58 -5.57
C PRO B 159 39.16 36.65 -4.82
N ALA B 160 38.74 37.69 -5.52
CA ALA B 160 37.89 38.72 -4.95
C ALA B 160 36.56 38.77 -5.67
N PHE B 161 35.49 39.09 -4.94
CA PHE B 161 34.15 39.08 -5.51
C PHE B 161 33.33 40.31 -5.20
N MET B 162 32.39 40.64 -6.08
CA MET B 162 31.39 41.67 -5.84
C MET B 162 30.02 41.11 -6.13
N LEU B 163 29.11 41.19 -5.15
CA LEU B 163 27.79 40.59 -5.29
C LEU B 163 26.67 41.58 -4.95
N GLY B 164 25.53 41.46 -5.64
CA GLY B 164 24.39 42.33 -5.34
C GLY B 164 23.10 41.92 -6.04
N SER B 165 22.05 42.74 -5.84
CA SER B 165 20.71 42.44 -6.36
C SER B 165 20.37 43.14 -7.68
N SER B 166 21.14 44.16 -8.04
CA SER B 166 20.82 44.95 -9.23
C SER B 166 22.07 45.56 -9.84
N VAL B 167 22.22 45.41 -11.15
CA VAL B 167 23.41 45.90 -11.84
C VAL B 167 23.04 46.57 -13.18
N GLY B 168 23.75 47.66 -13.49
CA GLY B 168 23.57 48.38 -14.74
C GLY B 168 24.90 48.95 -15.25
N ASN B 169 24.82 50.07 -15.97
CA ASN B 169 25.99 50.68 -16.59
C ASN B 169 26.53 51.86 -15.80
N PHE B 170 27.75 52.26 -16.14
CA PHE B 170 28.37 53.46 -15.64
C PHE B 170 27.93 54.63 -16.51
N SER B 171 28.37 55.83 -16.16
CA SER B 171 27.93 57.03 -16.87
C SER B 171 28.31 57.03 -18.37
N ASP B 172 29.33 56.25 -18.73
CA ASP B 172 29.77 56.21 -20.12
C ASP B 172 29.20 55.01 -20.88
N GLY B 173 28.26 54.30 -20.28
CA GLY B 173 27.61 53.17 -20.93
C GLY B 173 28.32 51.83 -20.72
N LYS B 174 29.44 51.81 -19.99
CA LYS B 174 30.13 50.55 -19.75
C LYS B 174 29.44 49.75 -18.68
N MET B 175 29.50 48.43 -18.79
CA MET B 175 28.79 47.54 -17.88
C MET B 175 29.54 47.31 -16.57
N GLY B 176 28.80 46.99 -15.51
CA GLY B 176 29.44 46.50 -14.29
C GLY B 176 29.19 47.37 -13.06
N ARG B 177 28.24 48.29 -13.17
CA ARG B 177 27.94 49.13 -12.03
C ARG B 177 26.86 48.52 -11.16
N PHE B 178 27.22 48.19 -9.93
CA PHE B 178 26.27 47.62 -8.99
C PHE B 178 25.55 48.74 -8.27
N PHE B 179 24.28 48.53 -7.96
CA PHE B 179 23.49 49.57 -7.33
C PHE B 179 23.18 49.28 -5.87
N ASN B 180 22.91 50.35 -5.12
CA ASN B 180 22.56 50.28 -3.70
C ASN B 180 23.65 49.56 -2.92
N HIS B 181 23.27 48.70 -1.98
CA HIS B 181 24.28 48.02 -1.19
C HIS B 181 24.86 46.82 -1.92
N THR B 182 26.16 46.63 -1.79
CA THR B 182 26.81 45.48 -2.38
C THR B 182 27.63 44.75 -1.36
N LEU B 183 27.78 43.45 -1.57
CA LEU B 183 28.64 42.63 -0.74
C LEU B 183 29.96 42.47 -1.42
N VAL B 184 31.01 42.90 -0.75
CA VAL B 184 32.32 42.89 -1.37
C VAL B 184 33.29 42.05 -0.54
N LEU B 185 33.95 41.11 -1.21
CA LEU B 185 34.89 40.22 -0.55
C LEU B 185 36.31 40.47 -1.08
N LEU B 186 37.18 40.99 -0.21
CA LEU B 186 38.55 41.33 -0.62
C LEU B 186 39.60 40.70 0.29
N PRO B 187 40.33 39.69 -0.17
CA PRO B 187 41.51 39.18 0.47
C PRO B 187 42.50 40.32 0.58
N ASP B 188 43.11 40.48 1.73
CA ASP B 188 44.04 41.58 1.92
C ASP B 188 45.31 41.13 2.61
N GLY B 189 46.26 42.04 2.79
CA GLY B 189 47.49 41.77 3.54
C GLY B 189 48.35 40.75 2.84
N CYS B 190 48.26 40.73 1.51
CA CYS B 190 49.00 39.75 0.72
C CYS B 190 48.60 38.32 1.07
N GLY B 191 47.32 38.11 1.39
CA GLY B 191 46.81 36.77 1.66
C GLY B 191 46.94 36.38 3.13
N THR B 192 46.76 37.34 4.02
CA THR B 192 46.84 37.04 5.45
C THR B 192 45.50 37.26 6.14
N LEU B 193 44.60 37.96 5.47
CA LEU B 193 43.27 38.19 6.01
C LEU B 193 42.23 38.29 4.92
N LEU B 194 41.01 37.92 5.23
CA LEU B 194 39.88 38.17 4.35
C LEU B 194 38.97 39.20 4.95
N ARG B 195 38.62 40.21 4.18
CA ARG B 195 37.70 41.22 4.65
C ARG B 195 36.42 41.20 3.85
N ALA B 196 35.30 41.34 4.54
CA ALA B 196 34.01 41.39 3.88
C ALA B 196 33.18 42.52 4.43
N PHE B 197 32.47 43.21 3.56
CA PHE B 197 31.61 44.30 4.01
C PHE B 197 30.42 44.52 3.13
N TYR B 198 29.43 45.22 3.66
CA TYR B 198 28.21 45.50 2.93
C TYR B 198 27.91 46.99 2.95
N CYS B 199 28.16 47.65 1.82
CA CYS B 199 28.09 49.10 1.73
C CYS B 199 27.59 49.54 0.36
N ILE B 200 27.23 50.81 0.26
CA ILE B 200 26.88 51.40 -1.03
C ILE B 200 28.12 51.91 -1.71
N LEU B 201 28.27 51.58 -2.99
CA LEU B 201 29.45 52.01 -3.73
C LEU B 201 29.20 53.33 -4.44
N GLU B 202 29.95 54.35 -4.06
CA GLU B 202 29.83 55.66 -4.65
C GLU B 202 31.06 55.96 -5.52
N PRO B 203 30.94 55.91 -6.85
CA PRO B 203 32.03 56.01 -7.78
C PRO B 203 32.68 57.38 -7.70
N ARG B 204 34.00 57.41 -7.78
CA ARG B 204 34.74 58.67 -7.77
C ARG B 204 34.78 59.27 -9.16
N SER B 205 34.93 60.60 -9.22
CA SER B 205 34.84 61.33 -10.49
C SER B 205 36.17 61.73 -11.13
N GLY B 206 37.27 61.29 -10.55
CA GLY B 206 38.59 61.67 -11.09
C GLY B 206 38.90 60.94 -12.39
N ASN B 207 40.05 61.25 -12.97
CA ASN B 207 40.45 60.63 -14.23
C ASN B 207 40.56 59.13 -14.08
N HIS B 208 40.07 58.41 -15.08
CA HIS B 208 40.13 56.95 -15.11
C HIS B 208 39.25 56.30 -14.03
N CYS B 209 38.40 57.09 -13.39
CA CYS B 209 37.52 56.56 -12.37
C CYS B 209 36.15 56.23 -12.97
N PRO B 210 35.38 55.32 -12.34
CA PRO B 210 34.04 54.88 -12.70
C PRO B 210 33.07 56.00 -13.06
N ALA B 211 33.20 57.18 -12.45
CA ALA B 211 32.31 58.27 -12.80
C ALA B 211 33.10 59.49 -13.24
N GLY B 212 34.20 59.27 -13.95
CA GLY B 212 35.02 60.36 -14.43
C GLY B 212 35.33 60.21 -15.92
N ASN B 213 36.30 60.97 -16.39
CA ASN B 213 36.66 60.95 -17.80
C ASN B 213 37.70 59.89 -18.08
N SER B 214 37.74 59.43 -19.33
CA SER B 214 38.71 58.42 -19.77
C SER B 214 38.64 57.16 -18.93
N TYR B 215 37.42 56.73 -18.59
CA TYR B 215 37.23 55.52 -17.82
C TYR B 215 37.35 54.28 -18.67
N THR B 216 38.07 53.29 -18.16
CA THR B 216 38.20 52.00 -18.78
C THR B 216 37.55 50.96 -17.89
N SER B 217 38.20 50.68 -16.78
CA SER B 217 37.70 49.74 -15.80
C SER B 217 38.26 50.06 -14.43
N PHE B 218 37.85 49.31 -13.44
CA PHE B 218 38.40 49.46 -12.10
C PHE B 218 39.10 48.18 -11.71
N ALA B 219 40.00 48.27 -10.75
CA ALA B 219 40.72 47.10 -10.30
C ALA B 219 41.34 47.34 -8.94
N THR B 220 41.61 46.26 -8.23
CA THR B 220 42.38 46.38 -7.02
C THR B 220 43.83 46.03 -7.33
N TYR B 221 44.70 46.36 -6.41
CA TYR B 221 46.10 46.05 -6.59
C TYR B 221 46.84 46.18 -5.28
N HIS B 222 48.06 45.70 -5.27
CA HIS B 222 48.95 45.97 -4.16
C HIS B 222 50.35 46.12 -4.69
N THR B 223 51.21 46.74 -3.90
CA THR B 223 52.60 46.93 -4.31
C THR B 223 53.50 46.16 -3.36
N PRO B 224 53.85 44.91 -3.70
CA PRO B 224 54.44 43.93 -2.83
C PRO B 224 55.76 44.41 -2.28
N ALA B 225 56.40 45.32 -3.00
CA ALA B 225 57.66 45.87 -2.58
C ALA B 225 57.58 46.41 -1.16
N THR B 226 56.45 47.01 -0.80
CA THR B 226 56.30 47.59 0.52
C THR B 226 55.10 47.01 1.28
N ASP B 227 54.15 46.46 0.54
CA ASP B 227 52.91 45.98 1.15
C ASP B 227 53.04 44.59 1.76
N CYS B 228 53.99 43.80 1.29
CA CYS B 228 54.11 42.43 1.77
C CYS B 228 55.30 42.27 2.71
N SER B 229 55.71 43.35 3.34
CA SER B 229 56.82 43.28 4.29
C SER B 229 56.53 42.24 5.37
N ASP B 230 57.47 41.33 5.58
CA ASP B 230 57.28 40.22 6.50
C ASP B 230 57.00 40.68 7.92
N GLY B 231 57.65 41.75 8.31
CA GLY B 231 57.51 42.27 9.67
C GLY B 231 56.35 43.26 9.81
N ASN B 232 55.63 43.50 8.73
CA ASN B 232 54.55 44.47 8.74
C ASN B 232 53.74 44.43 7.45
N TYR B 233 52.76 43.54 7.39
CA TYR B 233 51.94 43.45 6.20
C TYR B 233 50.95 44.57 6.14
N ASN B 234 50.76 45.13 4.95
CA ASN B 234 49.81 46.19 4.80
C ASN B 234 48.42 45.62 4.73
N ARG B 235 47.79 45.53 5.88
CA ARG B 235 46.49 44.88 6.00
C ARG B 235 45.37 45.71 5.40
N ASN B 236 45.72 46.90 4.87
CA ASN B 236 44.73 47.74 4.22
C ASN B 236 45.11 48.02 2.76
N ALA B 237 46.09 47.30 2.23
CA ALA B 237 46.57 47.57 0.87
C ALA B 237 45.47 47.42 -0.17
N SER B 238 44.72 46.33 -0.09
CA SER B 238 43.69 46.08 -1.09
C SER B 238 42.48 46.94 -0.83
N LEU B 239 42.16 47.15 0.44
CA LEU B 239 41.02 47.98 0.79
C LEU B 239 41.22 49.39 0.30
N ASN B 240 42.42 49.93 0.51
CA ASN B 240 42.71 51.29 0.09
C ASN B 240 42.64 51.40 -1.42
N SER B 241 43.17 50.40 -2.12
CA SER B 241 43.13 50.40 -3.57
C SER B 241 41.70 50.41 -4.07
N PHE B 242 40.83 49.65 -3.39
CA PHE B 242 39.43 49.61 -3.75
C PHE B 242 38.82 51.02 -3.60
N LYS B 243 39.10 51.66 -2.47
CA LYS B 243 38.59 53.00 -2.17
C LYS B 243 39.00 54.02 -3.22
N GLU B 244 40.16 53.82 -3.85
CA GLU B 244 40.62 54.76 -4.87
C GLU B 244 39.65 54.85 -6.04
N TYR B 245 38.77 53.85 -6.20
CA TYR B 245 37.79 53.87 -7.27
C TYR B 245 36.37 54.14 -6.75
N PHE B 246 36.01 53.56 -5.60
CA PHE B 246 34.66 53.75 -5.03
C PHE B 246 34.70 54.15 -3.56
N ASN B 247 33.85 55.08 -3.17
CA ASN B 247 33.71 55.42 -1.75
C ASN B 247 32.66 54.52 -1.13
N LEU B 248 32.74 54.30 0.18
CA LEU B 248 31.76 53.45 0.86
C LEU B 248 30.79 54.26 1.70
N ARG B 249 29.50 54.00 1.51
CA ARG B 249 28.47 54.71 2.26
C ARG B 249 27.44 53.80 2.90
N ASN B 250 26.90 54.24 4.04
CA ASN B 250 25.83 53.52 4.73
C ASN B 250 26.18 52.07 4.99
N CYS B 251 27.41 51.83 5.40
CA CYS B 251 27.87 50.47 5.67
C CYS B 251 27.08 49.83 6.79
N THR B 252 26.68 48.59 6.56
CA THR B 252 25.93 47.83 7.55
C THR B 252 26.86 47.05 8.46
N PHE B 253 27.92 46.50 7.87
CA PHE B 253 28.87 45.71 8.62
C PHE B 253 30.20 45.61 7.92
N MET B 254 31.20 45.19 8.68
CA MET B 254 32.50 44.82 8.15
C MET B 254 33.15 43.79 9.06
N TYR B 255 33.57 42.67 8.49
CA TYR B 255 34.21 41.61 9.25
C TYR B 255 35.54 41.23 8.67
N THR B 256 36.42 40.71 9.52
CA THR B 256 37.68 40.17 9.04
C THR B 256 37.92 38.77 9.58
N TYR B 257 38.60 37.97 8.79
CA TYR B 257 38.98 36.62 9.17
C TYR B 257 40.45 36.44 8.87
N ASN B 258 41.17 35.68 9.68
CA ASN B 258 42.59 35.49 9.41
C ASN B 258 42.84 34.27 8.52
N ILE B 259 43.92 34.33 7.76
CA ILE B 259 44.31 33.27 6.85
C ILE B 259 45.71 32.76 7.18
N THR B 260 45.85 31.46 7.33
CA THR B 260 47.18 30.88 7.52
C THR B 260 47.89 30.85 6.19
N GLU B 261 49.10 31.37 6.14
CA GLU B 261 49.82 31.48 4.88
C GLU B 261 50.57 30.21 4.51
N ASP B 262 50.16 29.60 3.39
CA ASP B 262 50.76 28.38 2.87
C ASP B 262 50.36 28.19 1.42
N GLU B 263 50.81 27.10 0.81
CA GLU B 263 50.49 26.80 -0.58
C GLU B 263 49.61 25.56 -0.73
N ILE B 264 48.82 25.28 0.31
CA ILE B 264 47.94 24.12 0.31
C ILE B 264 46.67 24.43 -0.48
N LEU B 265 46.32 23.53 -1.39
CA LEU B 265 45.10 23.73 -2.20
C LEU B 265 43.89 23.73 -1.29
N GLU B 266 42.98 24.67 -1.51
CA GLU B 266 41.80 24.80 -0.66
C GLU B 266 40.57 25.21 -1.44
N TRP B 267 39.41 24.99 -0.83
CA TRP B 267 38.15 25.40 -1.43
C TRP B 267 37.42 26.45 -0.62
N PHE B 268 36.76 27.36 -1.34
CA PHE B 268 35.91 28.39 -0.75
C PHE B 268 34.54 28.41 -1.42
N GLY B 269 33.48 28.63 -0.64
CA GLY B 269 32.14 28.64 -1.23
C GLY B 269 31.21 29.66 -0.59
N ILE B 270 30.20 30.08 -1.37
CA ILE B 270 29.20 31.04 -0.90
C ILE B 270 27.78 30.67 -1.32
N THR B 271 26.86 30.67 -0.37
CA THR B 271 25.43 30.43 -0.65
C THR B 271 24.56 31.42 0.14
N GLN B 272 23.27 31.48 -0.18
CA GLN B 272 22.37 32.38 0.55
C GLN B 272 21.01 31.74 0.84
N THR B 273 20.54 31.91 2.08
CA THR B 273 19.26 31.40 2.54
C THR B 273 18.52 32.47 3.34
N ALA B 274 17.41 32.08 3.96
CA ALA B 274 16.64 32.99 4.82
C ALA B 274 17.50 33.46 6.01
N GLN B 275 18.55 32.72 6.31
CA GLN B 275 19.43 33.01 7.43
C GLN B 275 20.53 33.99 7.04
N GLY B 276 20.55 34.41 5.77
CA GLY B 276 21.60 35.29 5.28
C GLY B 276 22.61 34.55 4.42
N VAL B 277 23.81 35.10 4.32
CA VAL B 277 24.83 34.57 3.42
C VAL B 277 25.82 33.70 4.16
N HIS B 278 26.02 32.50 3.66
CA HIS B 278 26.86 31.51 4.31
C HIS B 278 28.19 31.37 3.60
N LEU B 279 29.25 31.42 4.37
CA LEU B 279 30.59 31.27 3.81
C LEU B 279 31.21 29.96 4.25
N PHE B 280 31.67 29.19 3.27
CA PHE B 280 32.25 27.87 3.51
C PHE B 280 33.73 27.85 3.19
N SER B 281 34.46 27.02 3.90
CA SER B 281 35.88 26.85 3.65
C SER B 281 36.35 25.51 4.17
N SER B 282 37.24 24.86 3.41
CA SER B 282 37.80 23.59 3.85
C SER B 282 38.93 23.77 4.86
N ARG B 283 39.60 24.91 4.78
CA ARG B 283 40.77 25.21 5.61
C ARG B 283 40.62 25.01 7.12
N TYR B 284 39.48 25.39 7.67
CA TYR B 284 39.35 25.43 9.12
C TYR B 284 39.02 24.08 9.74
N VAL B 285 38.70 23.09 8.91
CA VAL B 285 38.32 21.78 9.43
C VAL B 285 39.07 20.64 8.76
N ASP B 286 39.14 20.68 7.44
CA ASP B 286 39.66 19.57 6.66
C ASP B 286 40.70 20.07 5.67
N LEU B 287 41.65 20.84 6.18
CA LEU B 287 42.68 21.47 5.36
C LEU B 287 43.32 20.52 4.36
N TYR B 288 43.58 19.29 4.76
CA TYR B 288 44.26 18.35 3.88
C TYR B 288 43.31 17.35 3.24
N GLY B 289 42.01 17.51 3.48
CA GLY B 289 41.03 16.58 2.94
C GLY B 289 40.13 17.21 1.87
N GLY B 290 39.86 18.50 2.03
CA GLY B 290 39.07 19.23 1.04
C GLY B 290 37.58 19.36 1.38
N ASN B 291 37.09 18.65 2.39
CA ASN B 291 35.67 18.78 2.73
C ASN B 291 35.38 20.20 3.19
N MET B 292 34.38 20.83 2.60
CA MET B 292 34.07 22.21 2.95
C MET B 292 33.10 22.30 4.12
N PHE B 293 33.37 23.23 5.04
CA PHE B 293 32.49 23.46 6.19
C PHE B 293 32.16 24.95 6.33
N GLN B 294 30.97 25.25 6.87
CA GLN B 294 30.61 26.65 7.10
C GLN B 294 31.48 27.26 8.19
N PHE B 295 31.99 28.47 7.95
CA PHE B 295 32.83 29.13 8.95
C PHE B 295 32.28 30.48 9.38
N ALA B 296 31.39 31.06 8.57
CA ALA B 296 30.84 32.37 8.92
C ALA B 296 29.50 32.59 8.23
N THR B 297 28.69 33.45 8.84
CA THR B 297 27.42 33.88 8.23
C THR B 297 27.30 35.40 8.30
N LEU B 298 26.93 36.01 7.18
CA LEU B 298 26.77 37.44 7.13
C LEU B 298 25.29 37.83 7.09
N PRO B 299 24.89 38.91 7.78
CA PRO B 299 23.54 39.40 7.88
C PRO B 299 23.10 40.14 6.64
N VAL B 300 23.08 39.42 5.52
CA VAL B 300 22.65 39.98 4.25
C VAL B 300 21.37 39.30 3.80
N TYR B 301 20.26 40.00 3.97
CA TYR B 301 18.96 39.41 3.70
C TYR B 301 18.41 39.93 2.38
N ASP B 302 19.26 40.62 1.66
CA ASP B 302 18.93 41.13 0.33
C ASP B 302 19.36 40.11 -0.71
N THR B 303 18.40 39.58 -1.45
CA THR B 303 18.69 38.52 -2.39
C THR B 303 19.78 38.91 -3.37
N ILE B 304 20.80 38.06 -3.48
CA ILE B 304 21.85 38.26 -4.45
C ILE B 304 21.41 37.67 -5.76
N LYS B 305 21.47 38.46 -6.82
CA LYS B 305 21.05 37.99 -8.12
C LYS B 305 22.23 37.91 -9.06
N TYR B 306 23.15 38.85 -8.93
CA TYR B 306 24.28 38.94 -9.83
C TYR B 306 25.57 39.07 -9.08
N TYR B 307 26.65 38.63 -9.70
CA TYR B 307 27.97 38.85 -9.14
C TYR B 307 29.00 38.96 -10.24
N SER B 308 30.17 39.44 -9.89
CA SER B 308 31.26 39.50 -10.83
C SER B 308 32.58 39.26 -10.13
N ILE B 309 33.60 38.92 -10.90
CA ILE B 309 34.94 38.74 -10.37
C ILE B 309 35.67 40.05 -10.41
N ILE B 310 36.25 40.44 -9.29
CA ILE B 310 36.97 41.70 -9.23
C ILE B 310 38.37 41.51 -9.83
N PRO B 311 38.79 42.36 -10.79
CA PRO B 311 40.10 42.40 -11.38
C PRO B 311 41.16 42.69 -10.33
N HIS B 312 42.36 42.18 -10.54
CA HIS B 312 43.47 42.47 -9.64
C HIS B 312 44.78 42.40 -10.38
N SER B 313 45.60 43.42 -10.19
CA SER B 313 46.92 43.46 -10.78
C SER B 313 47.98 43.67 -9.72
N ILE B 314 49.14 43.09 -9.93
CA ILE B 314 50.23 43.24 -8.98
C ILE B 314 51.31 44.19 -9.49
N ARG B 315 51.59 45.24 -8.73
CA ARG B 315 52.52 46.27 -9.19
C ARG B 315 53.95 45.91 -8.80
N SER B 316 54.44 44.83 -9.39
CA SER B 316 55.76 44.29 -9.13
C SER B 316 56.84 44.97 -9.97
N ILE B 317 58.10 44.67 -9.64
CA ILE B 317 59.26 45.16 -10.38
C ILE B 317 59.45 44.36 -11.68
N GLN B 318 59.77 45.04 -12.78
CA GLN B 318 59.90 44.39 -14.08
C GLN B 318 60.84 43.19 -14.06
N SER B 319 61.88 43.27 -13.24
CA SER B 319 62.88 42.20 -13.16
C SER B 319 62.45 41.03 -12.26
N ASP B 320 61.29 41.16 -11.61
CA ASP B 320 60.83 40.12 -10.69
C ASP B 320 59.31 39.95 -10.73
N ARG B 321 58.85 38.97 -11.49
CA ARG B 321 57.42 38.69 -11.63
C ARG B 321 57.12 37.26 -11.26
N LYS B 322 55.88 37.01 -10.83
CA LYS B 322 55.48 35.68 -10.42
C LYS B 322 54.32 35.16 -11.26
N ALA B 323 54.19 33.85 -11.30
CA ALA B 323 53.03 33.22 -11.92
C ALA B 323 52.04 32.90 -10.83
N TRP B 324 50.76 32.97 -11.14
CA TRP B 324 49.76 32.72 -10.12
C TRP B 324 48.79 31.64 -10.53
N ALA B 325 48.43 30.80 -9.57
CA ALA B 325 47.52 29.71 -9.84
C ALA B 325 46.19 30.24 -10.31
N ALA B 326 45.59 29.55 -11.25
CA ALA B 326 44.26 29.91 -11.71
C ALA B 326 43.24 29.46 -10.70
N PHE B 327 42.12 30.15 -10.63
CA PHE B 327 41.03 29.67 -9.82
C PHE B 327 39.83 29.37 -10.69
N TYR B 328 39.02 28.43 -10.24
CA TYR B 328 37.93 27.93 -11.07
C TYR B 328 36.61 28.02 -10.35
N VAL B 329 35.64 28.66 -10.99
CA VAL B 329 34.32 28.84 -10.38
C VAL B 329 33.30 27.84 -10.92
N TYR B 330 32.60 27.15 -10.02
CA TYR B 330 31.61 26.15 -10.40
C TYR B 330 30.25 26.48 -9.79
N LYS B 331 29.19 26.21 -10.55
CA LYS B 331 27.82 26.42 -10.10
C LYS B 331 27.32 25.27 -9.24
N LEU B 332 26.47 25.57 -8.26
CA LEU B 332 25.86 24.52 -7.47
C LEU B 332 24.41 24.25 -7.86
N GLN B 333 23.99 22.99 -7.68
CA GLN B 333 22.63 22.57 -7.96
C GLN B 333 22.11 21.63 -6.85
N PRO B 334 20.79 21.54 -6.66
CA PRO B 334 20.11 20.67 -5.71
C PRO B 334 20.11 19.22 -6.20
N LEU B 335 21.27 18.60 -6.09
CA LEU B 335 21.51 17.27 -6.64
C LEU B 335 21.63 16.21 -5.55
N THR B 336 21.47 14.95 -5.96
CA THR B 336 21.65 13.84 -5.04
C THR B 336 22.96 13.13 -5.31
N PHE B 337 23.74 12.93 -4.25
CA PHE B 337 25.00 12.22 -4.32
C PHE B 337 25.07 11.04 -3.37
N LEU B 338 25.81 10.02 -3.77
CA LEU B 338 26.14 8.92 -2.87
C LEU B 338 27.46 9.26 -2.20
N LEU B 339 27.46 9.33 -0.88
CA LEU B 339 28.66 9.78 -0.16
C LEU B 339 29.32 8.66 0.63
N ASP B 340 30.63 8.52 0.45
CA ASP B 340 31.42 7.55 1.20
C ASP B 340 32.08 8.18 2.43
N PHE B 341 31.53 7.91 3.61
CA PHE B 341 32.08 8.45 4.84
C PHE B 341 33.10 7.50 5.41
N SER B 342 34.34 7.95 5.50
CA SER B 342 35.42 7.11 5.98
C SER B 342 35.36 6.94 7.47
N VAL B 343 36.28 6.15 8.01
CA VAL B 343 36.34 5.88 9.44
C VAL B 343 36.72 7.12 10.24
N ASP B 344 37.20 8.15 9.55
CA ASP B 344 37.58 9.39 10.23
C ASP B 344 36.49 10.44 10.10
N GLY B 345 35.35 10.05 9.55
CA GLY B 345 34.20 10.95 9.42
C GLY B 345 34.29 11.88 8.20
N TYR B 346 35.33 11.75 7.42
CA TYR B 346 35.50 12.61 6.23
C TYR B 346 35.04 11.90 4.96
N ILE B 347 34.58 12.68 3.99
CA ILE B 347 34.12 12.14 2.72
C ILE B 347 35.26 12.07 1.74
N ARG B 348 35.49 10.88 1.18
CA ARG B 348 36.61 10.69 0.27
C ARG B 348 36.19 10.39 -1.16
N ARG B 349 35.02 9.79 -1.30
CA ARG B 349 34.49 9.44 -2.61
C ARG B 349 33.02 9.80 -2.69
N ALA B 350 32.54 10.10 -3.89
CA ALA B 350 31.13 10.32 -4.07
C ALA B 350 30.69 9.96 -5.49
N ILE B 351 29.41 9.69 -5.64
CA ILE B 351 28.83 9.40 -6.95
C ILE B 351 27.75 10.42 -7.33
N ASP B 352 27.88 11.01 -8.50
CA ASP B 352 26.85 11.92 -9.01
C ASP B 352 25.74 11.09 -9.64
N CYS B 353 24.62 10.97 -8.93
CA CYS B 353 23.59 10.00 -9.27
C CYS B 353 22.86 10.34 -10.57
N GLY B 354 23.10 11.53 -11.11
CA GLY B 354 22.43 11.92 -12.34
C GLY B 354 23.39 12.12 -13.51
N PHE B 355 24.66 11.78 -13.32
CA PHE B 355 25.67 11.99 -14.36
C PHE B 355 25.45 11.08 -15.55
N ASN B 356 25.39 9.78 -15.30
CA ASN B 356 25.18 8.80 -16.34
C ASN B 356 24.45 7.59 -15.78
N ASP B 357 24.30 6.57 -16.61
CA ASP B 357 23.52 5.40 -16.25
C ASP B 357 24.23 4.53 -15.22
N LEU B 358 25.48 4.20 -15.48
CA LEU B 358 26.21 3.38 -14.54
C LEU B 358 26.26 4.04 -13.18
N SER B 359 26.45 5.36 -13.16
CA SER B 359 26.52 6.09 -11.91
C SER B 359 25.22 5.92 -11.13
N GLN B 360 24.09 6.08 -11.82
CA GLN B 360 22.81 5.89 -11.18
C GLN B 360 22.68 4.50 -10.57
N LEU B 361 23.23 3.49 -11.25
CA LEU B 361 23.15 2.12 -10.75
C LEU B 361 23.78 1.99 -9.37
N HIS B 362 24.94 2.58 -9.18
CA HIS B 362 25.59 2.52 -7.87
C HIS B 362 24.74 3.23 -6.83
N CYS B 363 24.13 4.34 -7.21
CA CYS B 363 23.27 5.06 -6.30
C CYS B 363 22.03 4.24 -5.94
N SER B 364 21.47 3.55 -6.92
CA SER B 364 20.27 2.74 -6.72
C SER B 364 20.49 1.70 -5.62
N TYR B 365 21.67 1.08 -5.64
CA TYR B 365 22.02 0.09 -4.63
C TYR B 365 22.70 0.69 -3.40
N GLU B 366 22.83 2.02 -3.37
CA GLU B 366 23.50 2.71 -2.29
C GLU B 366 24.82 2.05 -1.93
N SER B 367 25.63 1.73 -2.94
CA SER B 367 26.88 1.04 -2.72
C SER B 367 27.88 1.27 -3.83
N PHE B 368 29.15 1.21 -3.49
CA PHE B 368 30.22 1.33 -4.47
C PHE B 368 30.60 -0.03 -5.05
N ASP B 369 29.86 -1.05 -4.67
CA ASP B 369 30.10 -2.41 -5.15
C ASP B 369 28.81 -3.09 -5.59
N VAL B 370 28.62 -3.20 -6.90
CA VAL B 370 27.41 -3.78 -7.47
C VAL B 370 27.77 -4.98 -8.34
N GLU B 371 27.03 -6.07 -8.17
CA GLU B 371 27.31 -7.30 -8.90
C GLU B 371 27.07 -7.15 -10.40
N SER B 372 27.71 -8.02 -11.17
CA SER B 372 27.62 -8.01 -12.63
C SER B 372 26.23 -8.39 -13.11
N GLY B 373 25.84 -7.86 -14.27
CA GLY B 373 24.57 -8.21 -14.88
C GLY B 373 24.00 -7.08 -15.72
N VAL B 374 22.74 -7.21 -16.13
CA VAL B 374 22.10 -6.17 -16.92
C VAL B 374 21.02 -5.49 -16.11
N TYR B 375 21.20 -4.22 -15.82
CA TYR B 375 20.31 -3.51 -14.92
C TYR B 375 19.53 -2.44 -15.65
N SER B 376 18.32 -2.15 -15.18
CA SER B 376 17.54 -1.06 -15.75
C SER B 376 17.92 0.27 -15.12
N VAL B 377 17.85 1.33 -15.91
CA VAL B 377 18.12 2.69 -15.43
C VAL B 377 17.08 3.68 -15.93
N SER B 378 17.16 4.92 -15.46
CA SER B 378 16.26 5.96 -15.95
C SER B 378 16.42 6.14 -17.45
N SER B 379 15.30 6.42 -18.11
CA SER B 379 15.27 6.61 -19.55
C SER B 379 15.75 7.99 -19.96
N PHE B 380 16.02 8.15 -21.25
CA PHE B 380 16.31 9.45 -21.80
C PHE B 380 15.01 10.09 -22.25
N GLU B 381 14.89 11.40 -22.07
CA GLU B 381 13.68 12.09 -22.45
C GLU B 381 13.99 13.36 -23.23
N ALA B 382 13.11 13.68 -24.16
CA ALA B 382 13.27 14.90 -24.95
C ALA B 382 12.49 16.03 -24.32
N LYS B 383 13.16 17.15 -24.15
CA LYS B 383 12.49 18.32 -23.60
C LYS B 383 11.69 19.01 -24.70
N PRO B 384 10.54 19.61 -24.38
CA PRO B 384 9.66 20.34 -25.26
C PRO B 384 10.36 21.47 -26.00
N SER B 385 9.97 21.62 -27.26
CA SER B 385 10.40 22.70 -28.11
C SER B 385 9.38 23.83 -28.04
N GLY B 386 9.48 24.78 -28.97
CA GLY B 386 8.58 25.92 -28.95
C GLY B 386 7.14 25.46 -28.81
N SER B 387 6.39 26.13 -27.95
CA SER B 387 5.01 25.75 -27.68
C SER B 387 4.08 26.15 -28.81
N VAL B 388 2.90 25.55 -28.83
CA VAL B 388 1.88 25.93 -29.80
C VAL B 388 0.59 26.31 -29.10
N VAL B 389 0.00 27.42 -29.52
CA VAL B 389 -1.20 27.92 -28.87
C VAL B 389 -2.29 28.31 -29.86
N GLU B 390 -3.51 27.91 -29.57
CA GLU B 390 -4.66 28.31 -30.38
C GLU B 390 -5.77 28.81 -29.48
N GLN B 391 -6.42 29.89 -29.90
CA GLN B 391 -7.47 30.49 -29.10
C GLN B 391 -8.41 31.31 -29.97
N ALA B 392 -9.65 31.46 -29.51
CA ALA B 392 -10.63 32.25 -30.22
C ALA B 392 -10.03 33.58 -30.65
N PHE B 604 -0.48 36.15 -35.04
CA PHE B 604 0.13 35.07 -34.28
C PHE B 604 1.52 34.75 -34.83
N ALA B 605 2.45 34.46 -33.93
CA ALA B 605 3.81 34.13 -34.31
C ALA B 605 3.83 32.91 -35.21
N ASN B 606 4.71 32.92 -36.19
CA ASN B 606 4.80 31.83 -37.14
C ASN B 606 5.12 30.51 -36.47
N ASP B 607 5.89 30.54 -35.40
CA ASP B 607 6.36 29.34 -34.75
C ASP B 607 5.56 28.91 -33.53
N THR B 608 4.34 29.43 -33.38
CA THR B 608 3.50 29.04 -32.25
C THR B 608 2.22 28.36 -32.73
N LYS B 609 2.26 27.79 -33.92
CA LYS B 609 1.12 27.13 -34.52
C LYS B 609 1.38 25.63 -34.60
N ILE B 610 0.32 24.83 -34.64
CA ILE B 610 0.51 23.39 -34.79
C ILE B 610 1.14 23.08 -36.12
N ALA B 611 0.60 23.68 -37.17
CA ALA B 611 1.14 23.46 -38.49
C ALA B 611 2.59 23.87 -38.52
N SER B 612 3.41 23.07 -39.21
CA SER B 612 4.86 23.29 -39.36
C SER B 612 5.65 22.97 -38.09
N GLN B 613 4.97 22.53 -37.03
CA GLN B 613 5.64 22.04 -35.82
C GLN B 613 5.44 20.55 -35.69
N LEU B 614 4.90 19.95 -36.75
CA LEU B 614 4.56 18.55 -36.73
C LEU B 614 5.80 17.69 -36.60
N GLY B 615 5.68 16.64 -35.80
CA GLY B 615 6.77 15.71 -35.58
C GLY B 615 7.64 16.10 -34.38
N ASN B 616 7.45 17.31 -33.86
CA ASN B 616 8.25 17.76 -32.74
C ASN B 616 7.52 17.54 -31.43
N CYS B 617 8.29 17.41 -30.35
CA CYS B 617 7.73 17.37 -29.01
C CYS B 617 7.56 18.79 -28.49
N VAL B 618 6.31 19.19 -28.28
CA VAL B 618 6.02 20.55 -27.87
C VAL B 618 5.05 20.60 -26.71
N GLU B 619 5.03 21.73 -26.03
CA GLU B 619 4.00 22.00 -25.04
C GLU B 619 2.90 22.78 -25.72
N TYR B 620 1.65 22.51 -25.35
CA TYR B 620 0.56 23.20 -26.02
C TYR B 620 -0.49 23.75 -25.07
N SER B 621 -1.24 24.72 -25.58
CA SER B 621 -2.43 25.24 -24.94
C SER B 621 -3.48 25.54 -25.98
N LEU B 622 -4.49 24.70 -26.05
CA LEU B 622 -5.50 24.81 -27.10
C LEU B 622 -6.87 25.09 -26.49
N TYR B 623 -7.37 26.29 -26.69
CA TYR B 623 -8.66 26.67 -26.15
C TYR B 623 -8.80 26.31 -24.67
N GLY B 624 -7.74 26.55 -23.91
CA GLY B 624 -7.76 26.30 -22.47
C GLY B 624 -7.27 24.91 -22.09
N VAL B 625 -7.07 24.04 -23.07
CA VAL B 625 -6.60 22.69 -22.80
C VAL B 625 -5.09 22.61 -22.90
N SER B 626 -4.45 22.43 -21.76
CA SER B 626 -3.00 22.36 -21.72
C SER B 626 -2.52 20.92 -21.83
N GLY B 627 -1.29 20.75 -22.26
CA GLY B 627 -0.68 19.42 -22.29
C GLY B 627 0.63 19.41 -23.04
N ARG B 628 1.14 18.21 -23.27
CA ARG B 628 2.42 18.01 -23.95
C ARG B 628 2.33 16.83 -24.89
N GLY B 629 2.98 16.93 -26.05
CA GLY B 629 3.00 15.81 -26.97
C GLY B 629 3.49 16.17 -28.37
N VAL B 630 3.31 15.22 -29.27
CA VAL B 630 3.74 15.35 -30.66
C VAL B 630 2.54 15.32 -31.58
N PHE B 631 2.45 16.32 -32.46
CA PHE B 631 1.34 16.39 -33.41
C PHE B 631 1.72 15.79 -34.75
N GLN B 632 0.76 15.13 -35.40
CA GLN B 632 0.95 14.61 -36.76
C GLN B 632 -0.26 14.87 -37.63
N ASN B 633 -0.02 15.06 -38.93
CA ASN B 633 -1.10 15.19 -39.90
C ASN B 633 -1.76 13.84 -40.15
N CYS B 634 -3.08 13.76 -39.96
CA CYS B 634 -3.77 12.47 -40.11
C CYS B 634 -5.25 12.64 -40.45
N THR B 635 -5.94 11.51 -40.65
CA THR B 635 -7.36 11.50 -41.04
C THR B 635 -8.29 11.70 -39.85
N ALA B 636 -9.24 12.62 -40.01
CA ALA B 636 -10.22 12.94 -38.98
C ALA B 636 -11.12 11.78 -38.61
N VAL B 637 -11.42 11.67 -37.32
CA VAL B 637 -12.36 10.70 -36.78
C VAL B 637 -13.28 11.39 -35.78
N GLY B 638 -14.38 10.75 -35.42
CA GLY B 638 -15.26 11.32 -34.40
C GLY B 638 -16.18 12.37 -34.99
N VAL B 639 -16.85 13.16 -34.14
CA VAL B 639 -17.78 14.18 -34.62
C VAL B 639 -17.12 15.56 -34.62
N ARG B 640 -17.22 16.21 -35.77
CA ARG B 640 -16.51 17.45 -36.10
C ARG B 640 -16.70 18.65 -35.14
N GLN B 641 -17.87 18.80 -34.54
CA GLN B 641 -18.11 20.00 -33.72
C GLN B 641 -17.16 20.12 -32.55
N GLN B 642 -16.86 19.00 -31.91
CA GLN B 642 -15.98 19.02 -30.78
C GLN B 642 -14.54 19.12 -31.23
N ARG B 643 -13.83 20.10 -30.70
CA ARG B 643 -12.44 20.32 -31.06
C ARG B 643 -11.54 19.17 -30.67
N PHE B 644 -11.86 18.53 -29.56
CA PHE B 644 -10.97 17.55 -28.99
C PHE B 644 -11.47 16.12 -29.10
N VAL B 645 -10.57 15.22 -29.52
CA VAL B 645 -10.86 13.79 -29.60
C VAL B 645 -10.08 13.07 -28.52
N TYR B 646 -10.80 12.33 -27.69
CA TYR B 646 -10.20 11.60 -26.59
C TYR B 646 -10.24 10.09 -26.78
N ASP B 647 -9.33 9.40 -26.11
CA ASP B 647 -9.28 7.94 -26.13
C ASP B 647 -10.19 7.34 -25.07
N ALA B 648 -10.23 6.02 -25.01
CA ALA B 648 -10.97 5.30 -23.98
C ALA B 648 -10.44 5.63 -22.59
N TYR B 649 -9.15 5.94 -22.51
CA TYR B 649 -8.49 6.26 -21.24
C TYR B 649 -8.72 7.72 -20.86
N GLN B 650 -9.48 8.44 -21.68
CA GLN B 650 -9.78 9.84 -21.46
C GLN B 650 -8.56 10.73 -21.67
N ASN B 651 -7.57 10.21 -22.40
CA ASN B 651 -6.43 11.01 -22.81
C ASN B 651 -6.71 11.68 -24.14
N LEU B 652 -6.10 12.83 -24.38
CA LEU B 652 -6.32 13.53 -25.65
C LEU B 652 -5.48 12.90 -26.75
N VAL B 653 -6.13 12.53 -27.86
CA VAL B 653 -5.43 11.86 -28.95
C VAL B 653 -5.58 12.54 -30.30
N GLY B 654 -6.40 13.58 -30.38
CA GLY B 654 -6.57 14.28 -31.63
C GLY B 654 -7.23 15.63 -31.44
N TYR B 655 -7.05 16.52 -32.41
CA TYR B 655 -7.57 17.87 -32.31
C TYR B 655 -7.86 18.51 -33.67
N TYR B 656 -8.98 19.22 -33.75
CA TYR B 656 -9.32 19.99 -34.93
C TYR B 656 -8.81 21.41 -34.79
N SER B 657 -7.89 21.79 -35.67
CA SER B 657 -7.24 23.09 -35.61
C SER B 657 -8.07 24.20 -36.19
N ASP B 658 -7.73 25.42 -35.82
CA ASP B 658 -8.38 26.61 -36.35
C ASP B 658 -8.32 26.69 -37.87
N ASP B 659 -7.32 26.05 -38.48
CA ASP B 659 -7.17 26.11 -39.93
C ASP B 659 -8.02 25.05 -40.64
N GLY B 660 -8.79 24.28 -39.87
CA GLY B 660 -9.67 23.27 -40.43
C GLY B 660 -9.03 21.89 -40.54
N ASN B 661 -7.73 21.81 -40.27
CA ASN B 661 -7.03 20.53 -40.37
C ASN B 661 -7.15 19.72 -39.09
N TYR B 662 -7.04 18.41 -39.23
CA TYR B 662 -7.08 17.53 -38.08
C TYR B 662 -5.72 16.92 -37.82
N TYR B 663 -5.31 16.95 -36.56
CA TYR B 663 -4.04 16.39 -36.19
C TYR B 663 -4.18 15.32 -35.13
N CYS B 664 -3.32 14.33 -35.20
CA CYS B 664 -3.22 13.30 -34.18
C CYS B 664 -2.24 13.75 -33.13
N LEU B 665 -2.46 13.35 -31.90
CA LEU B 665 -1.58 13.74 -30.82
C LEU B 665 -1.20 12.58 -29.93
N ARG B 666 0.08 12.44 -29.65
CA ARG B 666 0.55 11.42 -28.73
C ARG B 666 1.54 11.99 -27.74
N ALA B 667 1.62 11.37 -26.57
CA ALA B 667 2.60 11.78 -25.58
C ALA B 667 3.99 11.59 -26.13
N CYS B 668 4.90 12.48 -25.76
CA CYS B 668 6.27 12.37 -26.20
C CYS B 668 6.86 11.08 -25.66
N VAL B 669 7.50 10.32 -26.53
CA VAL B 669 8.05 9.02 -26.16
C VAL B 669 9.48 9.09 -25.66
N SER B 670 9.76 8.34 -24.61
CA SER B 670 11.10 8.27 -24.02
C SER B 670 11.88 7.07 -24.55
N VAL B 671 13.18 7.04 -24.25
CA VAL B 671 14.04 5.92 -24.64
C VAL B 671 14.52 5.10 -23.45
N PRO B 672 14.00 3.87 -23.26
CA PRO B 672 14.35 2.92 -22.23
C PRO B 672 15.81 2.57 -22.34
N VAL B 673 16.48 2.41 -21.19
CA VAL B 673 17.88 2.05 -21.18
C VAL B 673 18.20 1.02 -20.11
N SER B 674 19.16 0.16 -20.42
CA SER B 674 19.72 -0.77 -19.45
C SER B 674 21.23 -0.74 -19.52
N VAL B 675 21.87 -1.12 -18.44
CA VAL B 675 23.31 -1.09 -18.35
C VAL B 675 23.91 -2.46 -18.28
N ILE B 676 24.85 -2.71 -19.17
CA ILE B 676 25.60 -3.95 -19.21
C ILE B 676 26.83 -3.77 -18.37
N TYR B 677 26.88 -4.40 -17.20
CA TYR B 677 27.98 -4.15 -16.29
C TYR B 677 28.77 -5.39 -15.95
N ASP B 678 30.08 -5.29 -16.12
CA ASP B 678 31.00 -6.37 -15.77
C ASP B 678 31.91 -5.95 -14.63
N LYS B 679 31.74 -6.57 -13.49
CA LYS B 679 32.47 -6.17 -12.28
C LYS B 679 33.98 -6.40 -12.40
N GLU B 680 34.38 -7.59 -12.79
CA GLU B 680 35.79 -7.95 -12.76
C GLU B 680 36.67 -7.08 -13.65
N THR B 681 36.17 -6.67 -14.81
CA THR B 681 36.96 -5.82 -15.69
C THR B 681 36.62 -4.35 -15.49
N LYS B 682 35.73 -4.06 -14.55
CA LYS B 682 35.32 -2.70 -14.24
C LYS B 682 34.91 -1.92 -15.48
N THR B 683 34.04 -2.48 -16.30
CA THR B 683 33.61 -1.77 -17.50
C THR B 683 32.11 -1.92 -17.74
N HIS B 684 31.62 -1.23 -18.75
CA HIS B 684 30.19 -1.28 -19.04
C HIS B 684 29.86 -0.87 -20.46
N ALA B 685 28.61 -1.12 -20.84
CA ALA B 685 28.07 -0.68 -22.12
C ALA B 685 26.60 -0.32 -21.96
N THR B 686 26.11 0.57 -22.81
CA THR B 686 24.73 1.04 -22.70
C THR B 686 23.84 0.43 -23.78
N LEU B 687 22.75 -0.21 -23.34
CA LEU B 687 21.83 -0.81 -24.29
C LEU B 687 20.53 -0.01 -24.35
N PHE B 688 20.27 0.59 -25.50
CA PHE B 688 19.16 1.52 -25.64
C PHE B 688 17.86 0.85 -26.01
N GLY B 689 17.36 0.04 -25.11
CA GLY B 689 16.04 -0.53 -25.23
C GLY B 689 15.82 -1.21 -26.57
N SER B 690 14.79 -0.79 -27.28
CA SER B 690 14.44 -1.35 -28.58
C SER B 690 14.38 -0.27 -29.64
N VAL B 691 15.34 0.63 -29.61
CA VAL B 691 15.44 1.72 -30.57
C VAL B 691 16.12 1.23 -31.86
N ALA B 692 15.71 1.77 -33.02
CA ALA B 692 16.23 1.40 -34.33
C ALA B 692 17.73 1.67 -34.48
N CYS B 693 18.28 2.39 -33.52
CA CYS B 693 19.68 2.81 -33.49
C CYS B 693 19.92 3.96 -34.45
N GLU B 694 18.82 4.52 -34.95
CA GLU B 694 18.83 5.71 -35.77
C GLU B 694 18.96 6.96 -34.92
N HIS B 695 18.31 6.93 -33.76
CA HIS B 695 18.23 8.08 -32.87
C HIS B 695 19.33 8.08 -31.84
N ILE B 696 20.22 7.11 -31.93
CA ILE B 696 21.31 7.04 -30.97
C ILE B 696 22.57 7.60 -31.56
N SER B 697 22.90 8.80 -31.13
CA SER B 697 24.11 9.47 -31.54
C SER B 697 25.24 9.01 -30.66
N SER B 698 26.44 9.46 -30.94
CA SER B 698 27.50 9.19 -30.00
C SER B 698 27.34 10.17 -28.87
N THR B 699 28.30 10.18 -27.97
CA THR B 699 28.21 11.03 -26.77
C THR B 699 26.86 10.82 -26.05
N MET B 700 26.42 9.58 -25.96
CA MET B 700 25.19 9.22 -25.24
C MET B 700 25.52 8.51 -23.94
N SER B 701 26.77 8.63 -23.52
CA SER B 701 27.26 8.00 -22.32
C SER B 701 26.86 8.78 -21.07
N GLN B 702 26.26 9.94 -21.26
CA GLN B 702 25.81 10.79 -20.17
C GLN B 702 24.36 11.20 -20.37
N TYR B 703 23.65 11.46 -19.28
CA TYR B 703 22.26 11.88 -19.40
C TYR B 703 22.13 13.27 -19.99
N SER B 704 23.15 14.09 -19.79
CA SER B 704 23.23 15.44 -20.36
C SER B 704 22.18 16.40 -19.81
N ARG B 705 21.48 16.00 -18.76
CA ARG B 705 20.55 16.89 -18.09
C ARG B 705 19.67 17.64 -19.10
N TYR B 718 34.43 3.83 -29.69
CA TYR B 718 33.50 3.16 -30.58
C TYR B 718 32.13 3.82 -30.58
N GLY B 719 31.48 3.83 -31.74
CA GLY B 719 30.13 4.34 -31.86
C GLY B 719 29.16 3.22 -31.56
N PRO B 720 27.86 3.45 -31.73
CA PRO B 720 26.77 2.52 -31.53
C PRO B 720 26.66 1.55 -32.69
N LEU B 721 26.14 0.37 -32.42
CA LEU B 721 25.79 -0.57 -33.48
C LEU B 721 24.42 -1.18 -33.22
N GLN B 722 23.70 -1.50 -34.29
CA GLN B 722 22.41 -2.12 -34.15
C GLN B 722 22.52 -3.62 -34.04
N THR B 723 21.88 -4.18 -33.03
CA THR B 723 21.86 -5.60 -32.80
C THR B 723 20.42 -6.13 -32.83
N PRO B 724 20.21 -7.45 -32.90
CA PRO B 724 18.92 -8.13 -32.80
C PRO B 724 18.18 -7.83 -31.51
N VAL B 725 18.88 -7.28 -30.53
CA VAL B 725 18.27 -6.94 -29.26
C VAL B 725 17.73 -5.53 -29.34
N GLY B 726 18.62 -4.54 -29.35
CA GLY B 726 18.22 -3.14 -29.49
C GLY B 726 19.53 -2.54 -29.99
N CYS B 727 19.72 -1.25 -29.75
CA CYS B 727 20.93 -0.54 -30.15
C CYS B 727 21.91 -0.46 -28.98
N VAL B 728 23.14 -0.89 -29.21
CA VAL B 728 24.09 -0.90 -28.09
C VAL B 728 25.32 -0.07 -28.36
N LEU B 729 25.69 0.71 -27.36
CA LEU B 729 26.87 1.56 -27.42
C LEU B 729 27.93 1.12 -26.42
N GLY B 730 29.05 0.63 -26.93
CA GLY B 730 30.13 0.19 -26.04
C GLY B 730 30.57 -1.25 -26.28
N LEU B 731 29.90 -1.96 -27.18
CA LEU B 731 30.30 -3.32 -27.51
C LEU B 731 30.93 -3.37 -28.89
N VAL B 732 31.85 -4.30 -29.07
CA VAL B 732 32.50 -4.44 -30.36
C VAL B 732 32.21 -5.80 -30.97
N ASN B 733 31.65 -5.80 -32.17
CA ASN B 733 31.33 -7.05 -32.85
C ASN B 733 32.59 -7.88 -33.03
N SER B 734 32.61 -9.08 -32.46
CA SER B 734 33.80 -9.91 -32.47
C SER B 734 33.65 -11.18 -33.32
N SER B 735 32.44 -11.41 -33.82
CA SER B 735 32.16 -12.64 -34.58
C SER B 735 32.59 -13.92 -33.86
N LEU B 736 32.33 -13.98 -32.56
CA LEU B 736 32.66 -15.15 -31.73
C LEU B 736 31.42 -15.90 -31.29
N PHE B 737 31.62 -17.11 -30.80
CA PHE B 737 30.55 -17.89 -30.19
C PHE B 737 30.92 -18.35 -28.79
N VAL B 738 29.96 -18.29 -27.88
CA VAL B 738 30.14 -18.75 -26.51
C VAL B 738 29.04 -19.74 -26.12
N GLU B 739 29.42 -20.87 -25.54
CA GLU B 739 28.44 -21.86 -25.12
C GLU B 739 27.51 -21.30 -24.07
N ASP B 740 28.08 -20.85 -22.97
CA ASP B 740 27.32 -20.28 -21.88
C ASP B 740 28.03 -19.08 -21.30
N CYS B 741 27.41 -17.91 -21.43
CA CYS B 741 28.02 -16.70 -20.92
C CYS B 741 27.41 -16.31 -19.58
N LYS B 742 28.20 -15.62 -18.77
CA LYS B 742 27.71 -15.15 -17.47
C LYS B 742 26.77 -13.96 -17.61
N LEU B 743 26.93 -13.21 -18.70
CA LEU B 743 26.11 -12.03 -18.89
C LEU B 743 25.51 -12.01 -20.30
N PRO B 744 24.30 -12.56 -20.48
CA PRO B 744 23.57 -12.62 -21.72
C PRO B 744 22.87 -11.30 -21.97
N LEU B 745 22.73 -10.93 -23.22
CA LEU B 745 21.92 -9.78 -23.57
C LEU B 745 20.48 -10.18 -23.75
N GLY B 746 20.31 -11.34 -24.36
CA GLY B 746 18.99 -11.86 -24.71
C GLY B 746 19.06 -12.58 -26.05
N GLN B 747 17.99 -13.26 -26.41
CA GLN B 747 17.96 -14.02 -27.65
C GLN B 747 19.20 -14.92 -27.72
N SER B 748 20.04 -14.70 -28.70
CA SER B 748 21.22 -15.54 -28.86
C SER B 748 22.51 -14.76 -28.71
N LEU B 749 22.48 -13.65 -27.95
CA LEU B 749 23.66 -12.80 -27.81
C LEU B 749 24.15 -12.64 -26.37
N CYS B 750 25.47 -12.50 -26.23
CA CYS B 750 26.13 -12.23 -24.95
C CYS B 750 27.15 -11.11 -25.04
N ALA B 751 27.51 -10.55 -23.88
CA ALA B 751 28.59 -9.57 -23.80
C ALA B 751 29.80 -10.19 -23.12
N LEU B 752 30.93 -10.23 -23.83
CA LEU B 752 32.12 -10.87 -23.31
C LEU B 752 33.16 -9.87 -22.85
N PRO B 753 33.69 -10.02 -21.63
CA PRO B 753 34.69 -9.17 -21.02
C PRO B 753 36.03 -9.37 -21.68
N ASP B 754 36.88 -8.35 -21.61
CA ASP B 754 38.24 -8.49 -22.06
C ASP B 754 39.09 -8.96 -20.88
N THR B 755 39.43 -10.24 -20.87
CA THR B 755 40.11 -10.83 -19.73
C THR B 755 41.63 -10.77 -19.89
N PRO B 756 42.36 -10.22 -18.90
CA PRO B 756 43.80 -10.16 -18.84
C PRO B 756 44.42 -11.51 -19.14
N PRO B 768 41.77 -3.42 -19.67
CA PRO B 768 40.80 -4.13 -20.49
C PRO B 768 40.12 -3.18 -21.46
N GLY B 769 39.92 -3.64 -22.69
CA GLY B 769 39.26 -2.84 -23.71
C GLY B 769 37.75 -3.05 -23.68
N GLU B 770 37.09 -2.55 -24.71
CA GLU B 770 35.64 -2.63 -24.82
C GLU B 770 35.16 -4.08 -24.85
N MET B 771 34.01 -4.32 -24.24
CA MET B 771 33.44 -5.67 -24.24
C MET B 771 33.10 -6.12 -25.66
N ARG B 772 33.29 -7.40 -25.89
CA ARG B 772 33.02 -8.00 -27.18
C ARG B 772 31.59 -8.48 -27.30
N LEU B 773 31.02 -8.34 -28.49
CA LEU B 773 29.69 -8.89 -28.74
C LEU B 773 29.83 -10.25 -29.40
N ALA B 774 29.17 -11.26 -28.83
CA ALA B 774 29.27 -12.63 -29.33
C ALA B 774 27.93 -13.33 -29.32
N SER B 775 27.81 -14.35 -30.17
CA SER B 775 26.60 -15.15 -30.22
C SER B 775 26.69 -16.34 -29.29
N ILE B 776 25.55 -16.93 -28.97
CA ILE B 776 25.51 -18.14 -28.14
C ILE B 776 25.60 -19.39 -29.00
N ALA B 777 26.49 -20.29 -28.62
CA ALA B 777 26.74 -21.52 -29.35
C ALA B 777 25.72 -22.60 -29.02
N PHE B 778 25.58 -23.56 -29.91
CA PHE B 778 24.78 -24.75 -29.66
C PHE B 778 25.60 -25.98 -29.94
N ASN B 779 25.65 -26.89 -28.98
CA ASN B 779 26.39 -28.13 -29.16
C ASN B 779 25.49 -29.23 -29.66
N HIS B 780 25.81 -29.76 -30.82
CA HIS B 780 25.02 -30.81 -31.41
C HIS B 780 25.33 -32.15 -30.72
N PRO B 781 24.35 -33.05 -30.63
CA PRO B 781 24.49 -34.41 -30.16
C PRO B 781 25.24 -35.24 -31.18
N ILE B 782 25.78 -36.37 -30.76
CA ILE B 782 26.49 -37.25 -31.68
C ILE B 782 25.52 -37.84 -32.67
N GLN B 783 25.79 -37.64 -33.96
CA GLN B 783 24.89 -38.10 -35.00
C GLN B 783 25.18 -39.53 -35.38
N VAL B 784 24.21 -40.41 -35.15
CA VAL B 784 24.35 -41.82 -35.45
C VAL B 784 23.37 -42.22 -36.56
N ASP B 785 23.90 -42.63 -37.70
CA ASP B 785 23.08 -42.98 -38.84
C ASP B 785 22.47 -44.37 -38.70
N GLN B 786 21.41 -44.63 -39.46
CA GLN B 786 20.76 -45.93 -39.47
C GLN B 786 21.31 -46.78 -40.61
N LEU B 787 21.28 -48.09 -40.44
CA LEU B 787 21.77 -48.98 -41.46
C LEU B 787 20.64 -49.51 -42.33
N ASN B 788 20.87 -49.56 -43.63
CA ASN B 788 19.92 -50.15 -44.56
C ASN B 788 20.10 -51.65 -44.64
N SER B 789 19.81 -52.31 -43.52
CA SER B 789 20.07 -53.75 -43.40
C SER B 789 19.26 -54.36 -42.27
N SER B 790 19.53 -55.63 -41.99
CA SER B 790 18.88 -56.35 -40.90
C SER B 790 19.58 -56.08 -39.57
N TYR B 791 20.62 -55.25 -39.61
CA TYR B 791 21.40 -54.92 -38.42
C TYR B 791 21.13 -53.49 -37.99
N PHE B 792 21.70 -53.10 -36.87
CA PHE B 792 21.64 -51.71 -36.46
C PHE B 792 22.97 -51.26 -35.89
N LYS B 793 23.20 -49.96 -35.94
CA LYS B 793 24.42 -49.39 -35.42
C LYS B 793 24.32 -49.04 -33.95
N LEU B 794 25.25 -49.56 -33.17
CA LEU B 794 25.26 -49.32 -31.73
C LEU B 794 26.40 -48.41 -31.32
N SER B 795 26.07 -47.38 -30.56
CA SER B 795 27.08 -46.46 -30.04
C SER B 795 27.33 -46.70 -28.54
N ILE B 796 28.47 -47.30 -28.23
CA ILE B 796 28.77 -47.77 -26.87
C ILE B 796 30.12 -47.18 -26.41
N PRO B 797 30.22 -46.70 -25.14
CA PRO B 797 31.42 -46.16 -24.55
C PRO B 797 32.47 -47.21 -24.30
N THR B 798 33.74 -46.81 -24.34
CA THR B 798 34.83 -47.72 -24.01
C THR B 798 35.66 -47.10 -22.92
N ASN B 799 34.98 -46.35 -22.06
CA ASN B 799 35.59 -45.68 -20.94
C ASN B 799 34.54 -45.04 -20.04
N PHE B 800 34.87 -44.87 -18.78
CA PHE B 800 33.97 -44.16 -17.87
C PHE B 800 34.67 -43.41 -16.77
N SER B 801 33.92 -42.56 -16.10
CA SER B 801 34.41 -41.87 -14.94
C SER B 801 33.27 -41.61 -13.96
N PHE B 802 33.61 -41.15 -12.77
CA PHE B 802 32.60 -40.80 -11.80
C PHE B 802 32.63 -39.32 -11.54
N GLY B 803 31.51 -38.78 -11.13
CA GLY B 803 31.43 -37.37 -10.77
C GLY B 803 30.29 -37.14 -9.80
N VAL B 804 30.27 -35.97 -9.18
CA VAL B 804 29.29 -35.70 -8.15
C VAL B 804 28.38 -34.54 -8.49
N THR B 805 27.08 -34.79 -8.44
CA THR B 805 26.09 -33.76 -8.63
C THR B 805 25.69 -33.22 -7.28
N GLN B 806 25.73 -31.91 -7.12
CA GLN B 806 25.39 -31.30 -5.85
C GLN B 806 24.13 -30.48 -5.97
N GLU B 807 23.30 -30.50 -4.93
CA GLU B 807 22.10 -29.68 -4.89
C GLU B 807 21.66 -29.39 -3.47
N TYR B 808 20.94 -28.30 -3.30
CA TYR B 808 20.46 -27.91 -1.98
C TYR B 808 18.97 -27.68 -1.96
N ILE B 809 18.33 -28.27 -0.95
CA ILE B 809 16.90 -28.04 -0.76
C ILE B 809 16.67 -27.36 0.58
N GLN B 810 16.06 -26.18 0.53
CA GLN B 810 15.73 -25.46 1.74
C GLN B 810 14.49 -26.06 2.34
N THR B 811 14.50 -26.33 3.64
CA THR B 811 13.33 -26.94 4.25
C THR B 811 12.72 -26.03 5.32
N THR B 812 13.50 -25.08 5.82
CA THR B 812 12.99 -24.19 6.87
C THR B 812 13.33 -22.73 6.63
N ILE B 813 12.60 -21.86 7.31
CA ILE B 813 12.90 -20.45 7.41
C ILE B 813 12.96 -20.08 8.88
N GLN B 814 13.52 -18.92 9.21
CA GLN B 814 13.55 -18.55 10.62
C GLN B 814 12.19 -18.12 11.10
N LYS B 815 11.91 -18.37 12.37
CA LYS B 815 10.64 -17.99 12.98
C LYS B 815 10.73 -16.63 13.67
N VAL B 816 9.90 -15.68 13.22
CA VAL B 816 9.96 -14.32 13.74
C VAL B 816 8.62 -13.85 14.28
N THR B 817 8.64 -13.31 15.49
CA THR B 817 7.44 -12.73 16.08
C THR B 817 7.63 -11.23 16.27
N VAL B 818 6.53 -10.49 16.32
CA VAL B 818 6.60 -9.04 16.45
C VAL B 818 5.70 -8.51 17.56
N ASP B 819 6.26 -7.60 18.38
CA ASP B 819 5.51 -6.91 19.41
C ASP B 819 4.87 -5.66 18.79
N CYS B 820 3.58 -5.76 18.49
CA CYS B 820 2.91 -4.73 17.69
C CYS B 820 2.87 -3.38 18.39
N LYS B 821 2.81 -3.39 19.72
CA LYS B 821 2.73 -2.12 20.43
C LYS B 821 4.06 -1.41 20.40
N GLN B 822 5.14 -2.15 20.63
CA GLN B 822 6.45 -1.53 20.61
C GLN B 822 6.75 -1.02 19.21
N TYR B 823 6.30 -1.75 18.20
CA TYR B 823 6.56 -1.38 16.83
C TYR B 823 5.81 -0.12 16.42
N VAL B 824 4.51 -0.07 16.73
CA VAL B 824 3.66 1.02 16.27
C VAL B 824 3.68 2.25 17.19
N CYS B 825 3.52 2.04 18.49
CA CYS B 825 3.35 3.16 19.41
C CYS B 825 4.57 3.38 20.29
N ASN B 826 5.36 2.35 20.48
CA ASN B 826 6.58 2.48 21.27
C ASN B 826 6.35 3.09 22.64
N GLY B 827 5.30 2.64 23.31
CA GLY B 827 5.03 3.07 24.68
C GLY B 827 4.23 4.38 24.81
N PHE B 828 3.92 5.03 23.71
CA PHE B 828 3.15 6.28 23.80
C PHE B 828 1.66 6.02 23.90
N GLN B 829 1.08 6.42 25.02
CA GLN B 829 -0.32 6.14 25.31
C GLN B 829 -1.27 6.78 24.31
N LYS B 830 -0.95 7.97 23.84
CA LYS B 830 -1.82 8.66 22.90
C LYS B 830 -1.94 7.88 21.60
N CYS B 831 -0.81 7.35 21.14
CA CYS B 831 -0.81 6.53 19.96
C CYS B 831 -1.71 5.35 20.14
N GLU B 832 -1.59 4.66 21.28
CA GLU B 832 -2.39 3.48 21.51
C GLU B 832 -3.87 3.82 21.50
N GLN B 833 -4.21 4.97 22.07
CA GLN B 833 -5.60 5.41 22.10
C GLN B 833 -6.19 5.47 20.70
N LEU B 834 -5.40 5.92 19.74
CA LEU B 834 -5.84 6.00 18.35
C LEU B 834 -5.77 4.63 17.69
N LEU B 835 -4.71 3.88 17.96
CA LEU B 835 -4.50 2.60 17.33
C LEU B 835 -5.66 1.65 17.58
N ARG B 836 -6.24 1.71 18.77
CA ARG B 836 -7.33 0.82 19.15
C ARG B 836 -8.55 0.94 18.25
N GLU B 837 -8.64 2.00 17.46
CA GLU B 837 -9.75 2.17 16.54
C GLU B 837 -9.70 1.15 15.40
N TYR B 838 -8.51 0.69 15.04
CA TYR B 838 -8.37 -0.17 13.87
C TYR B 838 -8.66 -1.63 14.18
N GLY B 839 -9.89 -1.89 14.60
CA GLY B 839 -10.36 -3.24 14.83
C GLY B 839 -9.46 -4.02 15.77
N GLN B 840 -9.03 -5.18 15.31
CA GLN B 840 -8.18 -6.08 16.06
C GLN B 840 -6.86 -6.29 15.35
N PHE B 841 -6.34 -5.21 14.76
CA PHE B 841 -5.11 -5.25 13.99
C PHE B 841 -3.99 -6.05 14.67
N CYS B 842 -3.69 -5.73 15.92
CA CYS B 842 -2.58 -6.38 16.59
C CYS B 842 -2.80 -7.89 16.72
N SER B 843 -4.00 -8.28 17.12
CA SER B 843 -4.31 -9.68 17.30
C SER B 843 -4.10 -10.47 16.03
N LYS B 844 -4.58 -9.93 14.92
CA LYS B 844 -4.50 -10.64 13.65
C LYS B 844 -3.05 -10.95 13.29
N ILE B 845 -2.16 -10.00 13.53
CA ILE B 845 -0.75 -10.23 13.26
C ILE B 845 -0.16 -11.33 14.11
N ASN B 846 -0.39 -11.25 15.40
CA ASN B 846 0.18 -12.24 16.30
C ASN B 846 -0.29 -13.63 15.98
N GLN B 847 -1.57 -13.76 15.63
CA GLN B 847 -2.12 -15.06 15.31
C GLN B 847 -1.55 -15.61 14.01
N ALA B 848 -1.43 -14.75 12.99
CA ALA B 848 -0.92 -15.18 11.71
C ALA B 848 0.51 -15.69 11.84
N LEU B 849 1.33 -14.96 12.58
CA LEU B 849 2.72 -15.37 12.75
C LEU B 849 2.82 -16.65 13.56
N HIS B 850 1.99 -16.79 14.58
CA HIS B 850 2.00 -17.99 15.39
C HIS B 850 1.69 -19.20 14.54
N GLY B 851 0.66 -19.08 13.69
CA GLY B 851 0.28 -20.16 12.80
C GLY B 851 1.45 -20.61 11.94
N ALA B 852 2.13 -19.64 11.32
CA ALA B 852 3.27 -19.94 10.47
C ALA B 852 4.37 -20.67 11.24
N ASN B 853 4.60 -20.25 12.48
CA ASN B 853 5.65 -20.86 13.28
C ASN B 853 5.34 -22.32 13.56
N LEU B 854 4.08 -22.63 13.84
CA LEU B 854 3.67 -24.01 14.09
C LEU B 854 3.88 -24.87 12.86
N ARG B 855 3.56 -24.32 11.70
CA ARG B 855 3.72 -25.05 10.45
C ARG B 855 5.17 -25.47 10.24
N GLN B 856 6.10 -24.57 10.57
CA GLN B 856 7.51 -24.87 10.41
C GLN B 856 7.94 -26.03 11.31
N ASP B 857 7.45 -26.05 12.54
CA ASP B 857 7.78 -27.13 13.46
C ASP B 857 7.24 -28.46 12.96
N ASP B 858 6.03 -28.43 12.39
CA ASP B 858 5.40 -29.64 11.87
C ASP B 858 6.26 -30.25 10.76
N SER B 859 6.77 -29.39 9.88
CA SER B 859 7.60 -29.84 8.77
C SER B 859 8.85 -30.54 9.25
N VAL B 860 9.52 -29.95 10.24
CA VAL B 860 10.75 -30.53 10.75
C VAL B 860 10.54 -31.92 11.31
N ARG B 861 9.49 -32.09 12.10
CA ARG B 861 9.25 -33.40 12.69
C ARG B 861 9.01 -34.46 11.64
N ASN B 862 8.20 -34.13 10.64
CA ASN B 862 7.86 -35.10 9.61
C ASN B 862 9.05 -35.47 8.76
N LEU B 863 9.87 -34.49 8.43
CA LEU B 863 11.03 -34.77 7.60
C LEU B 863 11.95 -35.76 8.28
N PHE B 864 12.28 -35.49 9.54
CA PHE B 864 13.21 -36.34 10.25
C PHE B 864 12.62 -37.71 10.56
N ALA B 865 11.31 -37.76 10.74
CA ALA B 865 10.65 -39.03 10.97
C ALA B 865 10.88 -39.97 9.79
N SER B 866 10.89 -39.42 8.58
CA SER B 866 11.09 -40.22 7.37
C SER B 866 12.56 -40.54 7.14
N VAL B 867 13.44 -39.60 7.48
CA VAL B 867 14.88 -39.81 7.33
C VAL B 867 15.38 -40.94 8.22
N LYS B 868 14.92 -40.95 9.46
CA LYS B 868 15.36 -41.95 10.42
C LYS B 868 15.25 -43.37 9.90
N SER B 869 16.34 -44.12 10.04
CA SER B 869 16.38 -45.53 9.65
C SER B 869 15.78 -46.41 10.74
N SER B 870 15.47 -47.65 10.38
CA SER B 870 15.00 -48.63 11.36
C SER B 870 16.14 -49.51 11.84
N GLN B 871 17.03 -49.84 10.91
CA GLN B 871 18.20 -50.66 11.21
C GLN B 871 19.39 -50.08 10.48
N SER B 872 20.58 -50.29 11.02
CA SER B 872 21.79 -49.78 10.38
C SER B 872 23.02 -50.49 10.91
N SER B 873 24.15 -50.29 10.25
CA SER B 873 25.40 -50.76 10.80
C SER B 873 26.00 -49.63 11.63
N PRO B 874 26.86 -49.93 12.60
CA PRO B 874 27.66 -49.00 13.33
C PRO B 874 28.70 -48.42 12.38
N ILE B 875 29.08 -47.18 12.60
CA ILE B 875 30.12 -46.58 11.76
C ILE B 875 31.40 -46.44 12.53
N ILE B 876 32.42 -47.12 12.06
CA ILE B 876 33.74 -47.06 12.67
C ILE B 876 34.75 -46.76 11.58
N PRO B 877 35.93 -46.23 11.92
CA PRO B 877 37.02 -46.00 11.01
C PRO B 877 37.29 -47.28 10.24
N GLY B 878 37.39 -47.16 8.93
CA GLY B 878 37.58 -48.32 8.07
C GLY B 878 36.37 -48.49 7.17
N PHE B 879 35.23 -47.95 7.61
CA PHE B 879 34.02 -47.99 6.83
C PHE B 879 34.29 -47.44 5.44
N GLY B 880 33.91 -48.20 4.43
CA GLY B 880 34.16 -47.82 3.04
C GLY B 880 35.10 -48.80 2.35
N GLY B 881 35.94 -49.46 3.13
CA GLY B 881 36.88 -50.43 2.57
C GLY B 881 37.88 -49.73 1.66
N ASP B 882 37.83 -50.08 0.37
CA ASP B 882 38.74 -49.50 -0.61
C ASP B 882 38.26 -48.12 -1.05
N PHE B 883 37.07 -47.75 -0.62
CA PHE B 883 36.47 -46.51 -1.02
C PHE B 883 36.59 -45.49 0.11
N ASN B 884 37.19 -44.36 -0.19
CA ASN B 884 37.48 -43.34 0.81
C ASN B 884 36.29 -42.40 1.01
N LEU B 885 35.64 -42.55 2.15
CA LEU B 885 34.50 -41.72 2.50
C LEU B 885 34.71 -41.03 3.83
N THR B 886 35.98 -40.86 4.21
CA THR B 886 36.31 -40.27 5.52
C THR B 886 35.81 -38.83 5.62
N LEU B 887 35.62 -38.17 4.48
CA LEU B 887 35.13 -36.81 4.45
C LEU B 887 33.65 -36.72 4.80
N LEU B 888 32.98 -37.87 4.78
CA LEU B 888 31.58 -37.97 5.09
C LEU B 888 31.42 -38.45 6.53
N GLU B 889 32.27 -39.38 6.90
CA GLU B 889 32.26 -39.97 8.23
C GLU B 889 32.32 -38.86 9.29
N PRO B 890 31.44 -38.89 10.32
CA PRO B 890 31.36 -37.89 11.37
C PRO B 890 32.65 -37.85 12.15
N VAL B 891 33.04 -36.66 12.58
CA VAL B 891 34.27 -36.48 13.32
C VAL B 891 34.00 -36.37 14.81
N SER B 892 34.48 -37.34 15.58
CA SER B 892 34.25 -37.37 17.02
C SER B 892 34.39 -35.98 17.62
N ALA B 900 30.24 -33.61 16.38
CA ALA B 900 29.94 -34.94 15.85
C ALA B 900 29.39 -34.85 14.44
N ARG B 901 29.90 -33.89 13.68
CA ARG B 901 29.45 -33.69 12.31
C ARG B 901 30.49 -34.15 11.31
N SER B 902 30.05 -34.33 10.07
CA SER B 902 30.90 -34.74 8.97
C SER B 902 31.91 -33.65 8.65
N ALA B 903 33.05 -34.03 8.07
CA ALA B 903 34.02 -33.02 7.66
C ALA B 903 33.40 -32.06 6.66
N ILE B 904 32.61 -32.59 5.73
CA ILE B 904 31.92 -31.74 4.76
C ILE B 904 30.95 -30.79 5.44
N GLU B 905 30.25 -31.27 6.45
CA GLU B 905 29.30 -30.41 7.15
C GLU B 905 29.99 -29.23 7.80
N ASP B 906 31.09 -29.48 8.49
CA ASP B 906 31.83 -28.39 9.10
C ASP B 906 32.33 -27.44 8.03
N LEU B 907 32.78 -28.00 6.91
CA LEU B 907 33.29 -27.20 5.82
C LEU B 907 32.20 -26.29 5.26
N LEU B 908 31.02 -26.85 4.99
CA LEU B 908 29.93 -26.10 4.42
C LEU B 908 29.53 -24.94 5.32
N PHE B 909 29.34 -25.24 6.61
CA PHE B 909 28.92 -24.22 7.54
C PHE B 909 29.95 -23.11 7.71
N ASP B 910 31.24 -23.47 7.74
CA ASP B 910 32.28 -22.46 7.86
C ASP B 910 32.39 -21.58 6.61
N LYS B 911 32.14 -22.16 5.44
CA LYS B 911 32.25 -21.42 4.19
C LYS B 911 31.08 -20.46 3.96
N VAL B 912 29.90 -20.83 4.42
CA VAL B 912 28.72 -19.98 4.27
C VAL B 912 28.75 -18.84 5.27
N THR B 913 28.54 -17.62 4.79
CA THR B 913 28.52 -16.47 5.68
C THR B 913 27.16 -16.32 6.31
N ILE B 914 27.13 -16.26 7.64
CA ILE B 914 25.88 -16.16 8.35
C ILE B 914 26.07 -15.50 9.70
N ALA B 915 25.11 -14.68 10.10
CA ALA B 915 25.15 -14.02 11.40
C ALA B 915 25.08 -15.04 12.52
N ASP B 916 25.76 -14.74 13.62
CA ASP B 916 25.76 -15.60 14.80
C ASP B 916 24.59 -15.23 15.72
N PRO B 917 23.51 -16.05 15.77
CA PRO B 917 22.24 -15.77 16.42
C PRO B 917 22.42 -15.68 17.93
N GLY B 918 21.53 -14.94 18.58
CA GLY B 918 21.59 -14.75 20.03
C GLY B 918 21.45 -16.06 20.80
N TYR B 919 20.21 -16.46 21.05
CA TYR B 919 19.93 -17.64 21.86
C TYR B 919 20.51 -17.44 23.25
N MET B 920 21.06 -18.47 23.86
CA MET B 920 21.48 -18.34 25.26
C MET B 920 22.49 -17.20 25.40
N GLN B 921 22.22 -16.29 26.34
CA GLN B 921 23.06 -15.13 26.64
C GLN B 921 23.21 -14.15 25.46
N GLY B 922 22.32 -14.26 24.49
CA GLY B 922 22.33 -13.33 23.36
C GLY B 922 22.01 -11.91 23.81
N TYR B 923 21.02 -11.79 24.66
CA TYR B 923 20.54 -10.52 25.17
C TYR B 923 21.66 -9.69 25.75
N ASP B 924 22.44 -10.32 26.62
CA ASP B 924 23.47 -9.66 27.38
C ASP B 924 24.73 -9.41 26.59
N ASP B 925 24.75 -9.84 25.34
CA ASP B 925 25.90 -9.58 24.49
C ASP B 925 25.70 -8.24 23.82
N CYS B 926 24.59 -8.10 23.11
CA CYS B 926 24.26 -6.87 22.41
C CYS B 926 24.11 -5.69 23.36
N MET B 927 23.59 -5.96 24.55
CA MET B 927 23.34 -4.91 25.52
C MET B 927 24.60 -4.38 26.18
N GLN B 928 25.72 -5.11 26.08
CA GLN B 928 26.88 -4.75 26.88
C GLN B 928 28.19 -4.53 26.09
N GLN B 929 28.54 -5.47 25.23
CA GLN B 929 29.90 -5.48 24.70
C GLN B 929 30.06 -4.72 23.40
N GLY B 930 30.70 -3.56 23.49
CA GLY B 930 30.95 -2.71 22.34
C GLY B 930 29.65 -2.15 21.80
N PRO B 931 29.72 -1.32 20.75
CA PRO B 931 28.63 -0.84 19.95
C PRO B 931 28.15 -1.95 19.04
N ALA B 932 26.89 -1.89 18.63
CA ALA B 932 26.39 -2.83 17.65
C ALA B 932 27.04 -2.54 16.30
N SER B 933 27.26 -3.60 15.52
CA SER B 933 27.79 -3.43 14.17
C SER B 933 26.81 -2.67 13.31
N ALA B 934 27.29 -2.06 12.24
CA ALA B 934 26.40 -1.39 11.33
C ALA B 934 25.36 -2.37 10.81
N ARG B 935 24.10 -1.96 10.82
CA ARG B 935 23.01 -2.79 10.33
C ARG B 935 22.99 -4.17 10.99
N ASP B 936 23.21 -4.19 12.31
CA ASP B 936 23.18 -5.44 13.05
C ASP B 936 21.74 -5.82 13.37
N LEU B 937 21.23 -6.81 12.63
CA LEU B 937 19.83 -7.17 12.71
C LEU B 937 19.52 -8.07 13.89
N ILE B 938 20.56 -8.46 14.63
CA ILE B 938 20.36 -9.25 15.83
C ILE B 938 20.22 -8.32 17.01
N CYS B 939 21.07 -7.32 17.09
CA CYS B 939 20.98 -6.37 18.17
C CYS B 939 19.76 -5.47 18.01
N ALA B 940 19.38 -5.19 16.76
CA ALA B 940 18.20 -4.38 16.46
C ALA B 940 16.97 -5.04 17.05
N GLN B 941 17.00 -6.35 17.10
CA GLN B 941 15.93 -7.17 17.60
C GLN B 941 15.34 -6.63 18.90
N TYR B 942 16.22 -6.23 19.83
CA TYR B 942 15.80 -5.89 21.18
C TYR B 942 15.36 -4.44 21.31
N VAL B 943 15.39 -3.74 20.18
CA VAL B 943 14.99 -2.34 20.11
C VAL B 943 13.80 -2.19 19.19
N ALA B 944 13.93 -2.75 17.99
CA ALA B 944 12.90 -2.68 16.97
C ALA B 944 11.58 -3.28 17.43
N GLY B 945 11.65 -4.34 18.24
CA GLY B 945 10.42 -4.94 18.75
C GLY B 945 10.10 -6.30 18.12
N TYR B 946 11.12 -7.01 17.65
CA TYR B 946 10.88 -8.33 17.07
C TYR B 946 11.75 -9.36 17.75
N LYS B 947 11.38 -10.61 17.63
CA LYS B 947 12.14 -11.68 18.25
C LYS B 947 12.29 -12.87 17.32
N VAL B 948 13.53 -13.32 17.18
CA VAL B 948 13.82 -14.47 16.35
C VAL B 948 13.96 -15.71 17.21
N LEU B 949 13.14 -16.71 16.93
CA LEU B 949 13.08 -17.90 17.75
C LEU B 949 14.09 -18.95 17.27
N PRO B 950 14.57 -19.80 18.18
CA PRO B 950 15.45 -20.92 17.91
C PRO B 950 14.70 -22.01 17.15
N PRO B 951 15.42 -22.85 16.40
CA PRO B 951 14.95 -23.97 15.64
C PRO B 951 14.50 -25.09 16.56
N LEU B 952 13.76 -26.05 16.01
CA LEU B 952 13.29 -27.18 16.78
C LEU B 952 14.05 -28.44 16.46
N MET B 953 15.35 -28.42 16.74
CA MET B 953 16.18 -29.59 16.65
C MET B 953 17.58 -29.26 17.10
N ASP B 954 18.04 -29.89 18.16
CA ASP B 954 19.42 -29.68 18.60
C ASP B 954 20.37 -30.20 17.54
N VAL B 955 21.42 -29.44 17.26
CA VAL B 955 22.38 -29.82 16.23
C VAL B 955 22.94 -31.23 16.42
N ASN B 956 22.98 -31.71 17.66
CA ASN B 956 23.50 -33.02 17.93
C ASN B 956 22.56 -34.09 17.39
N MET B 957 21.28 -33.77 17.30
CA MET B 957 20.32 -34.71 16.78
C MET B 957 20.35 -34.67 15.26
N GLU B 958 20.57 -33.48 14.70
CA GLU B 958 20.68 -33.38 13.26
C GLU B 958 21.82 -34.29 12.80
N ALA B 959 22.90 -34.27 13.55
CA ALA B 959 24.03 -35.14 13.28
C ALA B 959 23.65 -36.60 13.46
N ALA B 960 22.92 -36.90 14.53
CA ALA B 960 22.52 -38.28 14.81
C ALA B 960 21.66 -38.86 13.69
N TYR B 961 20.76 -38.04 13.14
CA TYR B 961 19.91 -38.50 12.05
C TYR B 961 20.75 -38.73 10.80
N THR B 962 21.66 -37.81 10.53
CA THR B 962 22.52 -37.90 9.36
C THR B 962 23.40 -39.15 9.43
N SER B 963 24.00 -39.38 10.60
CA SER B 963 24.86 -40.53 10.81
C SER B 963 24.09 -41.83 10.62
N SER B 964 22.89 -41.90 11.19
CA SER B 964 22.07 -43.09 11.08
C SER B 964 21.76 -43.38 9.62
N LEU B 965 21.42 -42.35 8.85
CA LEU B 965 21.09 -42.51 7.45
C LEU B 965 22.26 -43.11 6.69
N LEU B 966 23.46 -42.58 6.95
CA LEU B 966 24.66 -43.08 6.28
C LEU B 966 24.91 -44.54 6.61
N GLY B 967 24.80 -44.89 7.88
CA GLY B 967 25.09 -46.25 8.34
C GLY B 967 24.24 -47.31 7.64
N SER B 968 23.02 -46.97 7.25
CA SER B 968 22.12 -47.95 6.63
C SER B 968 22.23 -48.06 5.10
N ILE B 969 23.03 -47.22 4.45
CA ILE B 969 22.98 -47.18 2.97
C ILE B 969 23.49 -48.46 2.30
N ALA B 970 24.47 -49.11 2.92
CA ALA B 970 25.05 -50.30 2.31
C ALA B 970 24.05 -51.45 2.23
N GLY B 971 23.20 -51.57 3.24
CA GLY B 971 22.28 -52.71 3.33
C GLY B 971 20.87 -52.41 2.82
N VAL B 972 20.39 -51.19 3.02
CA VAL B 972 19.01 -50.87 2.70
C VAL B 972 18.68 -51.03 1.22
N GLY B 973 19.65 -50.76 0.35
CA GLY B 973 19.42 -50.83 -1.09
C GLY B 973 19.80 -52.18 -1.68
N TRP B 974 20.08 -53.17 -0.84
CA TRP B 974 20.57 -54.45 -1.31
C TRP B 974 19.44 -55.43 -1.69
N THR B 975 18.29 -55.32 -1.05
CA THR B 975 17.22 -56.30 -1.22
C THR B 975 16.06 -55.80 -2.07
N ALA B 976 15.23 -56.75 -2.50
CA ALA B 976 13.97 -56.43 -3.15
C ALA B 976 12.91 -56.12 -2.09
N GLY B 977 13.05 -56.75 -0.92
CA GLY B 977 12.13 -56.54 0.18
C GLY B 977 12.52 -55.27 0.94
N LEU B 978 11.70 -54.88 1.90
CA LEU B 978 11.91 -53.66 2.67
C LEU B 978 12.15 -53.91 4.15
N SER B 979 11.60 -55.01 4.67
CA SER B 979 11.52 -55.25 6.12
C SER B 979 12.80 -55.82 6.74
N SER B 980 13.78 -56.16 5.92
CA SER B 980 15.01 -56.79 6.41
C SER B 980 16.25 -55.98 6.10
N PHE B 981 17.29 -56.18 6.91
CA PHE B 981 18.55 -55.45 6.73
C PHE B 981 19.75 -56.37 6.75
N ALA B 982 20.62 -56.22 5.77
CA ALA B 982 21.81 -57.05 5.69
C ALA B 982 23.08 -56.24 5.94
N ALA B 983 23.98 -56.82 6.74
CA ALA B 983 25.26 -56.19 7.04
C ALA B 983 26.24 -56.34 5.89
N ILE B 984 25.97 -55.63 4.82
CA ILE B 984 26.77 -55.69 3.61
C ILE B 984 27.89 -54.64 3.65
N PRO B 985 29.14 -55.02 3.39
CA PRO B 985 30.29 -54.15 3.25
C PRO B 985 30.03 -53.09 2.20
N PHE B 986 30.50 -51.87 2.46
CA PHE B 986 30.31 -50.78 1.52
C PHE B 986 30.75 -51.17 0.12
N ALA B 987 31.94 -51.74 0.02
CA ALA B 987 32.50 -52.08 -1.28
C ALA B 987 31.60 -53.03 -2.06
N GLN B 988 31.01 -53.99 -1.37
CA GLN B 988 30.14 -54.95 -2.04
C GLN B 988 28.92 -54.24 -2.59
N SER B 989 28.40 -53.30 -1.82
CA SER B 989 27.23 -52.55 -2.25
C SER B 989 27.52 -51.84 -3.56
N ILE B 990 28.68 -51.19 -3.64
CA ILE B 990 29.05 -50.46 -4.84
C ILE B 990 29.14 -51.38 -6.05
N PHE B 991 29.78 -52.52 -5.89
CA PHE B 991 29.94 -53.42 -7.03
C PHE B 991 28.60 -53.96 -7.52
N TYR B 992 27.70 -54.29 -6.60
CA TYR B 992 26.38 -54.74 -7.00
C TYR B 992 25.64 -53.65 -7.77
N ARG B 993 25.74 -52.42 -7.28
CA ARG B 993 25.09 -51.28 -7.91
C ARG B 993 25.61 -51.05 -9.32
N LEU B 994 26.92 -51.21 -9.52
CA LEU B 994 27.50 -51.04 -10.84
C LEU B 994 27.08 -52.16 -11.79
N ASN B 995 27.03 -53.38 -11.29
CA ASN B 995 26.59 -54.49 -12.11
C ASN B 995 25.21 -54.18 -12.69
N GLY B 996 24.32 -53.74 -11.80
CA GLY B 996 22.93 -53.47 -12.12
C GLY B 996 22.69 -52.42 -13.20
N VAL B 997 23.74 -51.67 -13.60
CA VAL B 997 23.52 -50.66 -14.63
C VAL B 997 24.17 -51.02 -15.96
N GLY B 998 24.48 -52.30 -16.16
CA GLY B 998 24.94 -52.77 -17.46
C GLY B 998 26.43 -53.09 -17.53
N ILE B 999 27.02 -53.41 -16.39
CA ILE B 999 28.43 -53.74 -16.35
C ILE B 999 28.61 -55.19 -15.97
N THR B 1000 29.32 -55.94 -16.81
CA THR B 1000 29.43 -57.37 -16.60
C THR B 1000 30.36 -57.69 -15.44
N GLN B 1001 30.27 -58.93 -14.97
CA GLN B 1001 31.04 -59.38 -13.82
C GLN B 1001 32.54 -59.34 -14.10
N GLN B 1002 32.91 -59.68 -15.32
CA GLN B 1002 34.33 -59.75 -15.65
C GLN B 1002 34.95 -58.36 -15.58
N VAL B 1003 34.19 -57.37 -16.00
CA VAL B 1003 34.69 -56.00 -15.99
C VAL B 1003 34.91 -55.54 -14.58
N LEU B 1004 33.95 -55.81 -13.72
CA LEU B 1004 34.04 -55.39 -12.33
C LEU B 1004 35.26 -56.02 -11.67
N SER B 1005 35.54 -57.28 -12.01
CA SER B 1005 36.72 -57.95 -11.49
C SER B 1005 38.01 -57.34 -12.03
N GLU B 1006 38.09 -57.16 -13.34
CA GLU B 1006 39.31 -56.68 -13.97
C GLU B 1006 39.70 -55.29 -13.47
N ASN B 1007 38.71 -54.45 -13.26
CA ASN B 1007 38.95 -53.08 -12.86
C ASN B 1007 38.62 -52.81 -11.41
N GLN B 1008 38.56 -53.85 -10.58
CA GLN B 1008 38.17 -53.66 -9.19
C GLN B 1008 38.91 -52.50 -8.52
N LYS B 1009 40.22 -52.46 -8.70
CA LYS B 1009 41.02 -51.41 -8.07
C LYS B 1009 40.81 -50.08 -8.75
N LEU B 1010 40.78 -50.09 -10.08
CA LEU B 1010 40.60 -48.87 -10.86
C LEU B 1010 39.28 -48.17 -10.52
N ILE B 1011 38.25 -48.96 -10.29
CA ILE B 1011 36.95 -48.42 -9.94
C ILE B 1011 37.04 -47.65 -8.63
N ALA B 1012 37.66 -48.26 -7.62
CA ALA B 1012 37.81 -47.61 -6.34
C ALA B 1012 38.59 -46.30 -6.50
N ASN B 1013 39.63 -46.31 -7.33
CA ASN B 1013 40.42 -45.11 -7.54
C ASN B 1013 39.57 -43.98 -8.08
N LYS B 1014 38.82 -44.27 -9.14
CA LYS B 1014 38.01 -43.25 -9.77
C LYS B 1014 36.94 -42.71 -8.83
N PHE B 1015 36.32 -43.59 -8.07
CA PHE B 1015 35.30 -43.18 -7.11
C PHE B 1015 35.88 -42.20 -6.11
N ASN B 1016 37.04 -42.56 -5.55
CA ASN B 1016 37.68 -41.76 -4.53
C ASN B 1016 38.00 -40.37 -5.05
N GLN B 1017 38.38 -40.28 -6.32
CA GLN B 1017 38.68 -39.00 -6.93
C GLN B 1017 37.42 -38.14 -7.03
N ALA B 1018 36.31 -38.76 -7.42
CA ALA B 1018 35.04 -38.05 -7.59
C ALA B 1018 34.60 -37.39 -6.30
N LEU B 1019 34.80 -38.06 -5.16
CA LEU B 1019 34.42 -37.46 -3.89
C LEU B 1019 35.46 -36.47 -3.40
N GLY B 1020 36.75 -36.80 -3.57
CA GLY B 1020 37.82 -35.93 -3.10
C GLY B 1020 37.69 -34.55 -3.71
N ALA B 1021 37.17 -34.48 -4.93
CA ALA B 1021 36.97 -33.24 -5.66
C ALA B 1021 36.07 -32.26 -4.91
N MET B 1022 35.26 -32.75 -3.97
CA MET B 1022 34.35 -31.87 -3.24
C MET B 1022 35.08 -30.97 -2.25
N GLN B 1023 36.29 -31.34 -1.85
CA GLN B 1023 37.00 -30.60 -0.80
C GLN B 1023 37.22 -29.14 -1.16
N THR B 1024 37.36 -28.87 -2.45
CA THR B 1024 37.58 -27.51 -2.92
C THR B 1024 36.40 -27.06 -3.78
N GLY B 1025 35.27 -27.75 -3.64
CA GLY B 1025 34.10 -27.50 -4.45
C GLY B 1025 33.28 -26.29 -3.98
N PHE B 1026 33.38 -25.94 -2.70
CA PHE B 1026 32.53 -24.87 -2.18
C PHE B 1026 33.10 -23.50 -2.51
N THR B 1027 32.98 -23.13 -3.77
CA THR B 1027 33.49 -21.88 -4.30
C THR B 1027 32.45 -21.14 -5.12
N THR B 1028 32.88 -20.10 -5.83
CA THR B 1028 31.96 -19.19 -6.53
C THR B 1028 31.37 -19.79 -7.80
N THR B 1029 31.86 -20.95 -8.20
CA THR B 1029 31.37 -21.62 -9.39
C THR B 1029 30.44 -22.76 -9.04
N ASN B 1030 30.21 -22.97 -7.76
CA ASN B 1030 29.36 -24.06 -7.28
C ASN B 1030 27.94 -23.56 -7.02
N GLU B 1031 27.05 -23.84 -7.96
CA GLU B 1031 25.70 -23.32 -7.89
C GLU B 1031 24.96 -23.78 -6.65
N ALA B 1032 25.13 -25.05 -6.28
CA ALA B 1032 24.46 -25.58 -5.11
C ALA B 1032 24.90 -24.82 -3.86
N PHE B 1033 26.20 -24.59 -3.77
CA PHE B 1033 26.76 -23.85 -2.66
C PHE B 1033 26.17 -22.44 -2.60
N GLN B 1034 26.16 -21.76 -3.75
CA GLN B 1034 25.62 -20.41 -3.80
C GLN B 1034 24.18 -20.39 -3.32
N LYS B 1035 23.39 -21.36 -3.75
CA LYS B 1035 21.98 -21.41 -3.34
C LYS B 1035 21.84 -21.46 -1.83
N VAL B 1036 22.76 -22.12 -1.15
CA VAL B 1036 22.71 -22.14 0.31
C VAL B 1036 22.90 -20.73 0.83
N GLN B 1037 23.91 -20.04 0.30
CA GLN B 1037 24.19 -18.67 0.71
C GLN B 1037 23.02 -17.73 0.41
N ASP B 1038 22.38 -17.94 -0.75
CA ASP B 1038 21.25 -17.10 -1.13
C ASP B 1038 20.10 -17.27 -0.16
N ALA B 1039 19.84 -18.50 0.26
CA ALA B 1039 18.79 -18.77 1.22
C ALA B 1039 19.03 -17.99 2.50
N VAL B 1040 20.28 -17.93 2.93
CA VAL B 1040 20.63 -17.20 4.12
C VAL B 1040 20.36 -15.71 3.95
N ASN B 1041 20.76 -15.16 2.83
CA ASN B 1041 20.57 -13.74 2.57
C ASN B 1041 19.08 -13.38 2.50
N ASN B 1042 18.31 -14.23 1.82
CA ASN B 1042 16.88 -13.97 1.66
C ASN B 1042 16.18 -13.98 3.00
N ASN B 1043 16.67 -14.82 3.90
CA ASN B 1043 16.12 -14.95 5.22
C ASN B 1043 16.47 -13.72 6.08
N ALA B 1044 17.72 -13.30 6.03
CA ALA B 1044 18.16 -12.14 6.81
C ALA B 1044 17.40 -10.87 6.44
N GLN B 1045 17.12 -10.70 5.15
CA GLN B 1045 16.43 -9.51 4.66
C GLN B 1045 15.05 -9.32 5.28
N ALA B 1046 14.48 -10.40 5.83
CA ALA B 1046 13.18 -10.32 6.46
C ALA B 1046 13.20 -9.35 7.63
N LEU B 1047 14.34 -9.27 8.31
CA LEU B 1047 14.44 -8.44 9.50
C LEU B 1047 14.83 -7.04 9.10
N SER B 1048 15.59 -6.94 8.02
CA SER B 1048 16.01 -5.63 7.53
C SER B 1048 14.80 -4.78 7.22
N LYS B 1049 13.80 -5.38 6.57
CA LYS B 1049 12.59 -4.65 6.22
C LYS B 1049 12.05 -3.86 7.41
N LEU B 1050 11.86 -4.53 8.54
CA LEU B 1050 11.28 -3.87 9.71
C LEU B 1050 12.20 -2.80 10.27
N ALA B 1051 13.49 -3.12 10.37
CA ALA B 1051 14.46 -2.21 10.96
C ALA B 1051 14.53 -0.89 10.20
N SER B 1052 14.43 -0.96 8.87
CA SER B 1052 14.51 0.24 8.05
C SER B 1052 13.23 1.07 8.10
N GLU B 1053 12.08 0.42 8.03
CA GLU B 1053 10.82 1.15 7.94
C GLU B 1053 10.53 2.00 9.17
N LEU B 1054 10.98 1.56 10.34
CA LEU B 1054 10.78 2.35 11.54
C LEU B 1054 11.40 3.74 11.47
N SER B 1055 12.36 3.93 10.57
CA SER B 1055 13.04 5.21 10.45
C SER B 1055 12.37 6.14 9.44
N ASN B 1056 11.35 5.66 8.75
CA ASN B 1056 10.69 6.48 7.74
C ASN B 1056 9.67 7.42 8.34
N THR B 1057 9.69 8.65 7.87
CA THR B 1057 8.72 9.65 8.27
C THR B 1057 7.69 9.79 7.17
N PHE B 1058 6.53 9.19 7.36
CA PHE B 1058 5.56 9.06 6.26
C PHE B 1058 4.78 10.34 6.00
N GLY B 1059 5.48 11.40 5.65
CA GLY B 1059 4.87 12.69 5.35
C GLY B 1059 4.61 13.49 6.61
N ALA B 1060 4.90 12.89 7.75
CA ALA B 1060 4.72 13.54 9.04
C ALA B 1060 5.85 14.53 9.27
N ILE B 1061 5.66 15.44 10.21
CA ILE B 1061 6.72 16.38 10.52
C ILE B 1061 7.92 15.69 11.19
N SER B 1062 7.70 14.49 11.71
CA SER B 1062 8.75 13.69 12.34
C SER B 1062 8.28 12.25 12.51
N ALA B 1063 9.20 11.30 12.38
CA ALA B 1063 8.87 9.90 12.59
C ALA B 1063 8.79 9.55 14.07
N SER B 1064 9.23 10.47 14.91
CA SER B 1064 9.24 10.22 16.34
C SER B 1064 7.96 10.74 16.98
N ILE B 1065 7.19 9.83 17.54
CA ILE B 1065 5.91 10.17 18.14
C ILE B 1065 6.08 11.17 19.26
N GLY B 1066 7.10 10.96 20.08
CA GLY B 1066 7.35 11.86 21.19
C GLY B 1066 7.59 13.29 20.73
N ASP B 1067 8.23 13.46 19.59
CA ASP B 1067 8.55 14.79 19.10
C ASP B 1067 7.34 15.54 18.61
N ILE B 1068 6.44 14.84 17.93
CA ILE B 1068 5.24 15.51 17.44
C ILE B 1068 4.31 15.87 18.59
N ILE B 1069 4.29 15.03 19.62
CA ILE B 1069 3.47 15.33 20.80
C ILE B 1069 3.95 16.59 21.50
N GLN B 1070 5.26 16.74 21.63
CA GLN B 1070 5.83 17.89 22.32
C GLN B 1070 5.92 19.15 21.47
N ARG B 1071 5.42 19.12 20.24
CA ARG B 1071 5.48 20.29 19.37
C ARG B 1071 4.12 20.83 18.99
N LEU B 1072 3.16 19.96 18.73
CA LEU B 1072 1.87 20.38 18.20
C LEU B 1072 0.75 20.35 19.23
N ASP B 1073 -0.22 21.24 19.04
CA ASP B 1073 -1.42 21.27 19.88
C ASP B 1073 -2.24 20.00 19.65
N PRO B 1074 -2.90 19.44 20.69
CA PRO B 1074 -3.71 18.23 20.65
C PRO B 1074 -4.69 18.10 19.45
N PRO B 1075 -5.44 19.16 19.05
CA PRO B 1075 -6.41 19.15 17.97
C PRO B 1075 -5.79 18.87 16.60
N GLU B 1076 -4.46 18.83 16.53
CA GLU B 1076 -3.80 18.59 15.26
C GLU B 1076 -2.68 17.57 15.40
N GLN B 1077 -2.04 17.48 16.58
CA GLN B 1077 -0.97 16.50 16.72
C GLN B 1077 -1.52 15.12 16.43
N ASP B 1078 -2.81 14.92 16.72
CA ASP B 1078 -3.46 13.64 16.45
C ASP B 1078 -3.39 13.28 14.97
N ALA B 1079 -3.44 14.28 14.10
CA ALA B 1079 -3.37 14.05 12.67
C ALA B 1079 -2.02 13.47 12.31
N GLN B 1080 -0.98 13.96 12.98
CA GLN B 1080 0.38 13.50 12.71
C GLN B 1080 0.57 12.09 13.26
N ILE B 1081 0.03 11.83 14.44
CA ILE B 1081 0.17 10.52 15.03
C ILE B 1081 -0.54 9.51 14.16
N ASP B 1082 -1.77 9.85 13.76
CA ASP B 1082 -2.57 8.98 12.90
C ASP B 1082 -1.82 8.63 11.63
N ARG B 1083 -1.22 9.63 11.01
CA ARG B 1083 -0.49 9.40 9.78
C ARG B 1083 0.64 8.38 9.98
N LEU B 1084 1.41 8.53 11.06
CA LEU B 1084 2.49 7.59 11.34
C LEU B 1084 1.95 6.19 11.58
N ILE B 1085 0.81 6.09 12.26
CA ILE B 1085 0.21 4.79 12.51
C ILE B 1085 -0.13 4.10 11.21
N ASN B 1086 -0.77 4.80 10.30
CA ASN B 1086 -1.15 4.19 9.03
C ASN B 1086 0.08 3.61 8.32
N GLY B 1087 1.19 4.34 8.37
CA GLY B 1087 2.44 3.90 7.78
C GLY B 1087 2.94 2.60 8.42
N ARG B 1088 3.01 2.59 9.76
CA ARG B 1088 3.51 1.43 10.49
C ARG B 1088 2.62 0.20 10.26
N LEU B 1089 1.31 0.41 10.22
CA LEU B 1089 0.36 -0.68 10.00
C LEU B 1089 0.56 -1.32 8.65
N THR B 1090 0.76 -0.50 7.62
CA THR B 1090 0.97 -1.01 6.28
C THR B 1090 2.20 -1.89 6.23
N THR B 1091 3.27 -1.44 6.85
CA THR B 1091 4.51 -2.22 6.86
C THR B 1091 4.33 -3.58 7.49
N LEU B 1092 3.69 -3.62 8.65
CA LEU B 1092 3.52 -4.89 9.34
C LEU B 1092 2.67 -5.85 8.55
N ASN B 1093 1.64 -5.36 7.88
CA ASN B 1093 0.80 -6.24 7.08
C ASN B 1093 1.63 -6.88 5.97
N ALA B 1094 2.46 -6.07 5.31
CA ALA B 1094 3.31 -6.58 4.25
C ALA B 1094 4.28 -7.62 4.77
N PHE B 1095 4.86 -7.36 5.95
CA PHE B 1095 5.78 -8.30 6.54
C PHE B 1095 5.15 -9.66 6.75
N VAL B 1096 3.97 -9.67 7.36
CA VAL B 1096 3.31 -10.93 7.65
C VAL B 1096 2.99 -11.68 6.38
N ALA B 1097 2.48 -10.99 5.37
CA ALA B 1097 2.13 -11.64 4.13
C ALA B 1097 3.34 -12.32 3.51
N GLN B 1098 4.49 -11.64 3.56
CA GLN B 1098 5.69 -12.20 2.98
C GLN B 1098 6.14 -13.44 3.73
N GLN B 1099 6.01 -13.42 5.05
CA GLN B 1099 6.41 -14.57 5.84
C GLN B 1099 5.53 -15.78 5.55
N LEU B 1100 4.24 -15.53 5.34
CA LEU B 1100 3.33 -16.63 5.04
C LEU B 1100 3.70 -17.29 3.73
N VAL B 1101 4.08 -16.47 2.74
CA VAL B 1101 4.51 -17.01 1.46
C VAL B 1101 5.77 -17.84 1.61
N ARG B 1102 6.74 -17.32 2.34
CA ARG B 1102 7.99 -18.04 2.55
C ARG B 1102 7.75 -19.37 3.23
N SER B 1103 6.87 -19.39 4.22
CA SER B 1103 6.58 -20.60 4.95
C SER B 1103 5.98 -21.67 4.05
N GLU B 1104 5.00 -21.30 3.24
CA GLU B 1104 4.34 -22.27 2.38
C GLU B 1104 5.32 -22.85 1.36
N SER B 1105 6.19 -22.00 0.83
CA SER B 1105 7.17 -22.46 -0.14
C SER B 1105 8.10 -23.48 0.50
N ALA B 1106 8.58 -23.18 1.71
CA ALA B 1106 9.47 -24.08 2.42
C ALA B 1106 8.80 -25.42 2.67
N ALA B 1107 7.50 -25.40 2.97
CA ALA B 1107 6.79 -26.63 3.25
C ALA B 1107 6.79 -27.56 2.04
N LEU B 1108 6.50 -27.01 0.85
CA LEU B 1108 6.51 -27.82 -0.36
C LEU B 1108 7.91 -28.32 -0.65
N SER B 1109 8.89 -27.47 -0.41
CA SER B 1109 10.28 -27.82 -0.64
C SER B 1109 10.70 -28.98 0.26
N ALA B 1110 10.28 -28.92 1.52
CA ALA B 1110 10.58 -29.98 2.47
C ALA B 1110 10.00 -31.32 2.02
N GLN B 1111 8.80 -31.30 1.42
CA GLN B 1111 8.20 -32.55 0.93
C GLN B 1111 9.07 -33.17 -0.15
N LEU B 1112 9.62 -32.32 -1.02
CA LEU B 1112 10.52 -32.81 -2.04
C LEU B 1112 11.74 -33.47 -1.42
N ALA B 1113 12.33 -32.81 -0.42
CA ALA B 1113 13.51 -33.35 0.22
C ALA B 1113 13.24 -34.73 0.80
N LYS B 1114 12.07 -34.89 1.42
CA LYS B 1114 11.70 -36.17 1.99
C LYS B 1114 11.69 -37.25 0.93
N ASP B 1115 11.01 -37.00 -0.17
CA ASP B 1115 10.91 -37.98 -1.24
C ASP B 1115 12.27 -38.26 -1.85
N LYS B 1116 13.07 -37.22 -2.04
CA LYS B 1116 14.37 -37.38 -2.65
C LYS B 1116 15.24 -38.32 -1.86
N VAL B 1117 15.22 -38.21 -0.54
CA VAL B 1117 16.02 -39.13 0.27
C VAL B 1117 15.55 -40.55 0.07
N ASN B 1118 14.26 -40.77 0.16
CA ASN B 1118 13.72 -42.11 0.05
C ASN B 1118 14.00 -42.76 -1.30
N GLU B 1119 14.04 -41.96 -2.36
CA GLU B 1119 14.27 -42.51 -3.69
C GLU B 1119 15.74 -42.57 -4.10
N CYS B 1120 16.52 -41.53 -3.80
CA CYS B 1120 17.89 -41.46 -4.29
C CYS B 1120 18.91 -42.04 -3.30
N VAL B 1121 18.59 -42.05 -2.00
CA VAL B 1121 19.55 -42.47 -0.99
C VAL B 1121 19.31 -43.90 -0.55
N LYS B 1122 18.06 -44.19 -0.20
CA LYS B 1122 17.71 -45.52 0.33
C LYS B 1122 17.47 -46.53 -0.79
N ALA B 1123 17.69 -46.13 -2.03
CA ALA B 1123 17.49 -47.00 -3.17
C ALA B 1123 18.30 -46.53 -4.37
N GLN B 1124 18.60 -47.45 -5.28
CA GLN B 1124 19.27 -47.07 -6.51
C GLN B 1124 18.25 -46.68 -7.56
N SER B 1125 17.69 -45.50 -7.41
CA SER B 1125 16.65 -45.03 -8.31
C SER B 1125 17.10 -45.04 -9.76
N LYS B 1126 16.24 -45.58 -10.62
CA LYS B 1126 16.48 -45.60 -12.06
C LYS B 1126 15.66 -44.53 -12.75
N ARG B 1127 15.07 -43.66 -11.95
CA ARG B 1127 14.24 -42.58 -12.44
C ARG B 1127 15.13 -41.48 -13.01
N SER B 1128 15.68 -41.75 -14.18
CA SER B 1128 16.66 -40.86 -14.80
C SER B 1128 16.18 -39.43 -14.83
N GLY B 1129 17.06 -38.52 -14.42
CA GLY B 1129 16.79 -37.09 -14.43
C GLY B 1129 16.27 -36.56 -13.09
N PHE B 1130 15.84 -37.46 -12.20
CA PHE B 1130 15.34 -37.05 -10.88
C PHE B 1130 16.49 -36.90 -9.90
N CYS B 1131 17.33 -37.93 -9.84
CA CYS B 1131 18.50 -37.90 -9.00
C CYS B 1131 19.61 -37.20 -9.78
N GLY B 1132 20.83 -37.26 -9.30
CA GLY B 1132 21.92 -36.52 -9.92
C GLY B 1132 22.06 -36.88 -11.40
N GLN B 1133 22.95 -36.17 -12.09
CA GLN B 1133 23.11 -36.36 -13.54
C GLN B 1133 23.90 -37.63 -13.86
N GLY B 1134 23.66 -38.18 -15.05
CA GLY B 1134 24.33 -39.41 -15.48
C GLY B 1134 23.61 -40.63 -14.92
N THR B 1135 24.28 -41.77 -14.89
CA THR B 1135 23.65 -42.98 -14.39
C THR B 1135 23.79 -43.01 -12.88
N HIS B 1136 22.68 -43.18 -12.19
CA HIS B 1136 22.69 -43.06 -10.73
C HIS B 1136 23.23 -44.28 -9.99
N ILE B 1137 24.13 -44.00 -9.04
CA ILE B 1137 24.62 -44.97 -8.08
C ILE B 1137 24.51 -44.33 -6.68
N VAL B 1138 25.23 -44.87 -5.71
CA VAL B 1138 25.15 -44.41 -4.33
C VAL B 1138 25.13 -42.87 -4.22
N SER B 1139 24.35 -42.36 -3.25
CA SER B 1139 24.29 -40.93 -2.97
C SER B 1139 24.27 -40.69 -1.47
N PHE B 1140 24.64 -39.49 -1.06
CA PHE B 1140 24.72 -39.17 0.35
C PHE B 1140 24.03 -37.84 0.69
N VAL B 1141 23.66 -37.67 1.95
CA VAL B 1141 23.02 -36.43 2.40
C VAL B 1141 23.63 -35.91 3.69
N VAL B 1142 23.88 -34.61 3.74
CA VAL B 1142 24.38 -33.97 4.96
C VAL B 1142 23.51 -32.77 5.32
N ASN B 1143 23.69 -32.24 6.53
CA ASN B 1143 22.89 -31.10 6.99
C ASN B 1143 23.39 -29.78 6.40
N ALA B 1144 22.46 -28.87 6.17
CA ALA B 1144 22.75 -27.54 5.66
C ALA B 1144 22.13 -26.50 6.59
N PRO B 1145 22.62 -25.25 6.59
CA PRO B 1145 22.15 -24.14 7.40
C PRO B 1145 20.62 -24.02 7.47
N ASN B 1146 19.92 -24.26 6.36
CA ASN B 1146 18.46 -24.19 6.40
C ASN B 1146 17.81 -25.33 5.62
N GLY B 1147 18.34 -26.53 5.76
CA GLY B 1147 17.80 -27.65 4.99
C GLY B 1147 18.81 -28.77 4.83
N LEU B 1148 18.74 -29.46 3.69
CA LEU B 1148 19.60 -30.59 3.43
C LEU B 1148 20.45 -30.38 2.18
N TYR B 1149 21.69 -30.81 2.25
CA TYR B 1149 22.61 -30.71 1.11
C TYR B 1149 22.87 -32.09 0.54
N PHE B 1150 22.50 -32.28 -0.71
CA PHE B 1150 22.60 -33.59 -1.34
C PHE B 1150 23.81 -33.67 -2.22
N MET B 1151 24.41 -34.85 -2.27
CA MET B 1151 25.51 -35.10 -3.19
C MET B 1151 25.32 -36.49 -3.80
N HIS B 1152 25.25 -36.54 -5.11
CA HIS B 1152 24.96 -37.79 -5.79
C HIS B 1152 26.14 -38.25 -6.59
N VAL B 1153 26.52 -39.51 -6.48
CA VAL B 1153 27.60 -39.98 -7.30
C VAL B 1153 27.02 -40.59 -8.55
N GLY B 1154 27.46 -40.11 -9.70
CA GLY B 1154 26.94 -40.59 -10.97
C GLY B 1154 28.03 -41.26 -11.79
N TYR B 1155 27.60 -42.15 -12.67
CA TYR B 1155 28.46 -42.81 -13.61
C TYR B 1155 28.36 -42.15 -14.98
N TYR B 1156 29.51 -41.75 -15.51
CA TYR B 1156 29.53 -41.03 -16.78
C TYR B 1156 30.35 -41.77 -17.84
N PRO B 1157 29.75 -42.11 -18.98
CA PRO B 1157 30.36 -42.79 -20.12
C PRO B 1157 31.20 -41.84 -20.93
N SER B 1158 32.17 -42.37 -21.66
CA SER B 1158 32.93 -41.56 -22.61
C SER B 1158 33.59 -42.39 -23.70
N ASN B 1159 34.06 -41.71 -24.74
CA ASN B 1159 34.76 -42.36 -25.84
C ASN B 1159 33.93 -43.44 -26.49
N HIS B 1160 32.84 -43.02 -27.12
CA HIS B 1160 31.95 -43.97 -27.77
C HIS B 1160 32.53 -44.46 -29.09
N ILE B 1161 32.25 -45.73 -29.38
CA ILE B 1161 32.63 -46.34 -30.64
C ILE B 1161 31.40 -46.91 -31.31
N GLU B 1162 31.52 -47.23 -32.58
CA GLU B 1162 30.39 -47.77 -33.31
C GLU B 1162 30.61 -49.21 -33.75
N VAL B 1163 29.67 -50.07 -33.40
CA VAL B 1163 29.74 -51.48 -33.78
C VAL B 1163 28.43 -51.94 -34.42
N VAL B 1164 28.47 -53.07 -35.10
CA VAL B 1164 27.27 -53.63 -35.72
C VAL B 1164 26.63 -54.67 -34.82
N SER B 1165 25.34 -54.47 -34.52
CA SER B 1165 24.62 -55.34 -33.61
C SER B 1165 23.45 -56.05 -34.26
N ALA B 1166 23.09 -57.20 -33.70
CA ALA B 1166 21.93 -57.97 -34.14
C ALA B 1166 20.77 -57.82 -33.18
N TYR B 1167 19.56 -58.03 -33.68
CA TYR B 1167 18.37 -58.01 -32.83
C TYR B 1167 18.23 -59.31 -32.06
N GLY B 1168 18.83 -60.36 -32.59
CA GLY B 1168 18.78 -61.70 -32.01
C GLY B 1168 19.39 -62.69 -32.99
N LEU B 1169 19.67 -63.89 -32.50
CA LEU B 1169 20.31 -64.91 -33.32
C LEU B 1169 19.49 -66.19 -33.33
N CYS B 1170 19.47 -66.88 -34.47
CA CYS B 1170 18.77 -68.16 -34.59
C CYS B 1170 19.68 -69.24 -35.14
N ASP B 1171 19.33 -70.49 -34.84
CA ASP B 1171 20.00 -71.63 -35.46
C ASP B 1171 19.46 -71.85 -36.87
N ALA B 1172 20.32 -71.72 -37.87
CA ALA B 1172 19.86 -71.83 -39.24
C ALA B 1172 19.19 -73.18 -39.50
N ALA B 1173 19.66 -74.22 -38.80
CA ALA B 1173 19.11 -75.56 -39.00
C ALA B 1173 17.82 -75.78 -38.21
N ASN B 1174 17.46 -74.83 -37.36
CA ASN B 1174 16.29 -74.92 -36.51
C ASN B 1174 15.58 -73.57 -36.43
N PRO B 1175 14.69 -73.28 -37.39
CA PRO B 1175 14.02 -72.01 -37.61
C PRO B 1175 13.28 -71.51 -36.39
N THR B 1176 12.92 -72.42 -35.48
CA THR B 1176 12.18 -72.02 -34.29
C THR B 1176 12.99 -72.32 -33.05
N ASN B 1177 14.16 -71.70 -32.98
CA ASN B 1177 15.06 -71.83 -31.85
C ASN B 1177 15.99 -70.63 -31.84
N CYS B 1178 15.53 -69.55 -31.23
CA CYS B 1178 16.24 -68.28 -31.30
C CYS B 1178 16.52 -67.71 -29.93
N ILE B 1179 17.53 -66.86 -29.86
CA ILE B 1179 17.90 -66.22 -28.61
C ILE B 1179 18.02 -64.71 -28.72
N ALA B 1180 17.92 -64.05 -27.58
CA ALA B 1180 18.07 -62.62 -27.46
C ALA B 1180 19.02 -62.34 -26.29
N PRO B 1181 19.75 -61.23 -26.31
CA PRO B 1181 20.69 -60.82 -25.29
C PRO B 1181 19.96 -60.34 -24.05
N VAL B 1182 20.58 -60.53 -22.90
CA VAL B 1182 20.05 -60.01 -21.65
C VAL B 1182 20.90 -58.88 -21.09
N ASN B 1183 20.31 -57.69 -21.01
CA ASN B 1183 20.98 -56.49 -20.51
C ASN B 1183 22.25 -56.17 -21.27
N GLY B 1184 22.21 -56.37 -22.59
CA GLY B 1184 23.35 -56.11 -23.45
C GLY B 1184 23.01 -56.37 -24.90
N TYR B 1185 24.04 -56.50 -25.73
CA TYR B 1185 23.84 -56.66 -27.15
C TYR B 1185 24.66 -57.80 -27.75
N PHE B 1186 24.17 -58.35 -28.85
CA PHE B 1186 24.96 -59.27 -29.65
C PHE B 1186 25.67 -58.50 -30.73
N ILE B 1187 26.98 -58.57 -30.75
CA ILE B 1187 27.76 -57.80 -31.71
C ILE B 1187 28.72 -58.68 -32.48
N LYS B 1188 29.20 -58.17 -33.61
CA LYS B 1188 30.22 -58.88 -34.35
C LYS B 1188 31.60 -58.60 -33.78
N THR B 1189 32.46 -59.62 -33.75
CA THR B 1189 33.82 -59.48 -33.23
C THR B 1189 34.84 -59.32 -34.34
N ASN B 1190 35.71 -58.32 -34.18
CA ASN B 1190 36.78 -58.09 -35.13
C ASN B 1190 38.03 -58.84 -34.72
N GLU B 1197 32.63 -65.37 -34.17
CA GLU B 1197 32.00 -64.34 -34.96
C GLU B 1197 31.17 -63.41 -34.11
N TRP B 1198 30.21 -63.96 -33.39
CA TRP B 1198 29.35 -63.17 -32.53
C TRP B 1198 29.78 -63.24 -31.07
N SER B 1199 29.60 -62.14 -30.36
CA SER B 1199 29.93 -62.08 -28.94
C SER B 1199 28.92 -61.23 -28.19
N TYR B 1200 28.97 -61.30 -26.86
CA TYR B 1200 28.07 -60.54 -26.02
C TYR B 1200 28.76 -59.34 -25.39
N THR B 1201 28.09 -58.20 -25.42
CA THR B 1201 28.63 -57.01 -24.78
C THR B 1201 27.58 -56.39 -23.87
N GLY B 1202 28.01 -55.97 -22.68
CA GLY B 1202 27.10 -55.35 -21.72
C GLY B 1202 26.52 -54.07 -22.29
N SER B 1203 25.33 -53.70 -21.83
CA SER B 1203 24.64 -52.51 -22.32
C SER B 1203 25.37 -51.20 -22.03
N SER B 1204 26.31 -51.22 -21.08
CA SER B 1204 27.03 -50.00 -20.75
C SER B 1204 28.46 -50.02 -21.27
N PHE B 1205 29.38 -50.59 -20.50
CA PHE B 1205 30.79 -50.59 -20.85
C PHE B 1205 31.17 -51.67 -21.85
N TYR B 1206 31.82 -51.28 -22.94
CA TYR B 1206 32.24 -52.19 -23.99
C TYR B 1206 33.39 -53.10 -23.56
N ALA B 1207 33.11 -54.38 -23.46
CA ALA B 1207 34.09 -55.39 -23.03
C ALA B 1207 33.63 -56.79 -23.43
N PRO B 1208 33.71 -57.14 -24.72
CA PRO B 1208 33.11 -58.32 -25.34
C PRO B 1208 33.43 -59.62 -24.61
N GLU B 1209 32.41 -60.45 -24.45
CA GLU B 1209 32.50 -61.73 -23.76
C GLU B 1209 31.83 -62.82 -24.62
N PRO B 1210 32.15 -64.09 -24.39
CA PRO B 1210 31.49 -65.24 -24.98
C PRO B 1210 30.00 -65.22 -24.69
N ILE B 1211 29.21 -65.66 -25.67
CA ILE B 1211 27.77 -65.78 -25.49
C ILE B 1211 27.47 -67.10 -24.81
N THR B 1212 26.73 -67.04 -23.71
CA THR B 1212 26.43 -68.23 -22.95
C THR B 1212 25.02 -68.21 -22.37
N SER B 1213 24.68 -69.22 -21.59
CA SER B 1213 23.33 -69.35 -21.07
C SER B 1213 23.02 -68.34 -19.98
N LEU B 1214 24.06 -67.72 -19.44
CA LEU B 1214 23.91 -66.74 -18.38
C LEU B 1214 23.66 -65.33 -18.90
N ASN B 1215 23.71 -65.13 -20.21
CA ASN B 1215 23.53 -63.79 -20.75
C ASN B 1215 22.57 -63.75 -21.94
N THR B 1216 21.78 -64.81 -22.10
CA THR B 1216 20.79 -64.87 -23.16
C THR B 1216 19.45 -65.36 -22.65
N LYS B 1217 18.42 -65.15 -23.45
CA LYS B 1217 17.10 -65.70 -23.18
C LYS B 1217 16.51 -66.26 -24.46
N TYR B 1218 15.65 -67.27 -24.33
CA TYR B 1218 15.04 -67.86 -25.51
C TYR B 1218 13.82 -67.08 -25.93
N VAL B 1219 13.71 -66.82 -27.23
CA VAL B 1219 12.63 -66.04 -27.77
C VAL B 1219 11.99 -66.67 -28.99
N ALA B 1220 10.79 -66.21 -29.34
CA ALA B 1220 10.16 -66.57 -30.59
C ALA B 1220 10.98 -65.99 -31.75
N PRO B 1221 11.06 -66.68 -32.90
CA PRO B 1221 11.78 -66.27 -34.08
C PRO B 1221 11.19 -65.01 -34.68
N GLN B 1222 12.07 -64.18 -35.23
CA GLN B 1222 11.66 -62.94 -35.89
C GLN B 1222 12.43 -62.74 -37.19
N VAL B 1223 11.83 -62.01 -38.11
CA VAL B 1223 12.43 -61.74 -39.41
C VAL B 1223 13.76 -60.97 -39.32
N THR B 1224 13.99 -60.29 -38.21
CA THR B 1224 15.18 -59.48 -38.04
C THR B 1224 16.33 -60.23 -37.38
N TYR B 1225 16.13 -61.50 -37.06
CA TYR B 1225 17.16 -62.28 -36.41
C TYR B 1225 18.09 -62.89 -37.44
N GLN B 1226 19.33 -63.15 -37.04
CA GLN B 1226 20.32 -63.72 -37.95
C GLN B 1226 20.28 -65.24 -37.94
N ASN B 1227 20.38 -65.85 -39.12
CA ASN B 1227 20.39 -67.29 -39.23
C ASN B 1227 21.81 -67.82 -39.38
N ILE B 1228 22.32 -68.46 -38.34
CA ILE B 1228 23.71 -68.91 -38.33
C ILE B 1228 23.81 -70.42 -38.48
N SER B 1229 24.52 -70.87 -39.51
CA SER B 1229 24.74 -72.30 -39.72
C SER B 1229 25.82 -72.84 -38.80
N THR B 1230 26.91 -72.10 -38.66
CA THR B 1230 28.00 -72.49 -37.79
C THR B 1230 27.85 -71.78 -36.46
N ASN B 1231 26.87 -72.20 -35.67
CA ASN B 1231 26.47 -71.48 -34.49
C ASN B 1231 27.32 -71.82 -33.28
N LEU B 1232 26.99 -71.21 -32.16
CA LEU B 1232 27.71 -71.45 -30.94
C LEU B 1232 27.10 -72.66 -30.21
N PRO B 1233 27.90 -73.38 -29.43
CA PRO B 1233 27.50 -74.54 -28.65
C PRO B 1233 26.44 -74.34 -27.52
N PRO B 1234 26.57 -73.39 -26.56
CA PRO B 1234 25.73 -73.30 -25.39
C PRO B 1234 24.23 -72.97 -25.71
N PRO B 1235 23.73 -71.71 -25.78
CA PRO B 1235 22.34 -71.41 -26.07
C PRO B 1235 21.79 -72.30 -27.19
N LEU B 1236 22.57 -72.45 -28.25
CA LEU B 1236 22.18 -73.29 -29.38
C LEU B 1236 23.09 -74.50 -29.48
N THR C 32 -35.03 46.78 -20.61
CA THR C 32 -36.17 45.97 -21.00
C THR C 32 -36.23 45.80 -22.52
N VAL C 33 -36.44 44.57 -22.96
CA VAL C 33 -36.48 44.26 -24.37
C VAL C 33 -37.83 44.55 -24.99
N ASP C 34 -37.82 45.24 -26.12
CA ASP C 34 -39.04 45.56 -26.86
C ASP C 34 -39.49 44.34 -27.64
N VAL C 35 -40.67 43.83 -27.29
CA VAL C 35 -41.20 42.62 -27.91
C VAL C 35 -42.47 42.92 -28.68
N GLY C 36 -42.62 44.17 -29.09
CA GLY C 36 -43.76 44.59 -29.88
C GLY C 36 -44.93 45.03 -29.01
N PRO C 37 -46.02 45.47 -29.64
CA PRO C 37 -47.23 46.00 -29.05
C PRO C 37 -48.11 44.94 -28.42
N ASP C 38 -49.00 45.37 -27.53
CA ASP C 38 -50.04 44.53 -26.95
C ASP C 38 -51.11 44.18 -27.97
N SER C 39 -51.77 43.06 -27.77
CA SER C 39 -52.97 42.74 -28.53
C SER C 39 -54.07 43.75 -28.22
N VAL C 40 -54.88 44.08 -29.21
CA VAL C 40 -55.92 45.10 -29.01
C VAL C 40 -57.33 44.56 -29.18
N LYS C 41 -57.48 43.24 -29.13
CA LYS C 41 -58.80 42.63 -29.27
C LYS C 41 -59.56 42.64 -27.93
N SER C 42 -60.88 42.81 -28.02
CA SER C 42 -61.74 42.86 -26.84
C SER C 42 -62.10 41.48 -26.30
N ALA C 43 -61.71 40.45 -27.03
CA ALA C 43 -62.03 39.10 -26.63
C ALA C 43 -60.99 38.12 -27.11
N CYS C 44 -60.86 37.03 -26.38
CA CYS C 44 -59.97 35.94 -26.73
C CYS C 44 -60.69 34.92 -27.61
N ILE C 45 -59.93 34.08 -28.27
CA ILE C 45 -60.54 33.05 -29.08
C ILE C 45 -60.95 31.87 -28.22
N GLU C 46 -62.25 31.61 -28.18
CA GLU C 46 -62.77 30.53 -27.36
C GLU C 46 -62.23 29.20 -27.80
N VAL C 47 -61.79 28.41 -26.84
CA VAL C 47 -61.28 27.07 -27.09
C VAL C 47 -62.01 26.05 -26.23
N ASP C 48 -62.54 25.01 -26.86
CA ASP C 48 -63.25 23.98 -26.10
C ASP C 48 -62.32 22.84 -25.72
N ILE C 49 -62.71 22.10 -24.70
CA ILE C 49 -61.98 20.91 -24.29
C ILE C 49 -62.91 19.72 -24.07
N GLN C 50 -62.94 18.82 -25.04
CA GLN C 50 -63.63 17.56 -24.89
C GLN C 50 -62.59 16.46 -24.80
N GLN C 51 -62.16 16.19 -23.60
CA GLN C 51 -60.97 15.39 -23.35
C GLN C 51 -61.03 14.01 -23.97
N THR C 52 -62.21 13.43 -24.04
CA THR C 52 -62.37 12.08 -24.54
C THR C 52 -61.75 11.88 -25.93
N PHE C 53 -61.73 12.94 -26.74
CA PHE C 53 -61.23 12.84 -28.10
C PHE C 53 -59.72 12.70 -28.13
N PHE C 54 -59.08 13.05 -27.03
CA PHE C 54 -57.63 13.05 -26.94
C PHE C 54 -57.12 11.88 -26.13
N ASP C 55 -58.02 11.01 -25.67
CA ASP C 55 -57.60 9.92 -24.80
C ASP C 55 -57.42 8.62 -25.57
N LYS C 56 -56.17 8.27 -25.80
CA LYS C 56 -55.79 7.08 -26.54
C LYS C 56 -54.33 6.78 -26.25
N THR C 57 -53.90 5.57 -26.55
CA THR C 57 -52.52 5.22 -26.28
C THR C 57 -51.80 4.69 -27.50
N TRP C 58 -50.70 5.32 -27.84
CA TRP C 58 -49.80 4.90 -28.89
C TRP C 58 -48.41 4.68 -28.30
N PRO C 59 -48.13 3.51 -27.71
CA PRO C 59 -46.93 3.21 -26.96
C PRO C 59 -45.70 3.44 -27.80
N ARG C 60 -44.80 4.26 -27.30
CA ARG C 60 -43.54 4.53 -27.98
C ARG C 60 -42.42 4.73 -26.96
N PRO C 61 -42.04 3.66 -26.25
CA PRO C 61 -41.05 3.66 -25.19
C PRO C 61 -39.66 3.83 -25.76
N ILE C 62 -38.75 4.29 -24.92
CA ILE C 62 -37.36 4.43 -25.32
C ILE C 62 -36.59 3.13 -25.31
N ASP C 63 -35.93 2.85 -26.43
CA ASP C 63 -35.12 1.65 -26.60
C ASP C 63 -33.62 1.99 -26.62
N VAL C 64 -32.96 1.73 -25.51
CA VAL C 64 -31.57 2.10 -25.33
C VAL C 64 -30.63 1.41 -26.31
N SER C 65 -31.04 0.26 -26.84
CA SER C 65 -30.18 -0.53 -27.73
C SER C 65 -29.96 0.17 -29.07
N LYS C 66 -30.73 1.22 -29.32
CA LYS C 66 -30.62 2.00 -30.53
C LYS C 66 -30.14 3.41 -30.21
N ALA C 67 -29.67 3.60 -28.98
CA ALA C 67 -29.24 4.90 -28.49
C ALA C 67 -30.37 5.90 -28.64
N ASP C 68 -31.57 5.44 -28.37
CA ASP C 68 -32.78 6.21 -28.53
C ASP C 68 -32.90 7.30 -27.46
N GLY C 69 -32.75 8.56 -27.87
CA GLY C 69 -32.85 9.69 -26.96
C GLY C 69 -31.58 9.95 -26.15
N ILE C 70 -30.46 9.37 -26.56
CA ILE C 70 -29.20 9.59 -25.85
C ILE C 70 -28.61 10.95 -26.18
N ILE C 71 -28.28 11.71 -25.14
CA ILE C 71 -27.65 13.01 -25.29
C ILE C 71 -26.15 12.85 -25.37
N TYR C 72 -25.55 13.42 -26.39
CA TYR C 72 -24.14 13.28 -26.61
C TYR C 72 -23.37 14.14 -25.61
N PRO C 73 -22.27 13.66 -25.01
CA PRO C 73 -21.44 14.43 -24.11
C PRO C 73 -20.94 15.66 -24.83
N GLN C 74 -21.16 16.83 -24.24
CA GLN C 74 -20.85 18.08 -24.90
C GLN C 74 -19.36 18.41 -24.91
N GLY C 75 -18.67 18.03 -23.83
CA GLY C 75 -17.28 18.43 -23.63
C GLY C 75 -16.30 17.95 -24.69
N ARG C 76 -16.50 16.75 -25.22
CA ARG C 76 -15.55 16.20 -26.17
C ARG C 76 -16.11 15.01 -26.93
N THR C 77 -15.38 14.56 -27.94
CA THR C 77 -15.80 13.39 -28.68
C THR C 77 -14.83 12.23 -28.56
N TYR C 78 -15.20 11.13 -29.20
CA TYR C 78 -14.43 9.90 -29.20
C TYR C 78 -14.57 9.21 -30.55
N SER C 79 -13.88 8.09 -30.73
CA SER C 79 -13.99 7.35 -31.98
C SER C 79 -13.73 5.87 -31.84
N ASN C 80 -14.72 5.07 -32.24
CA ASN C 80 -14.59 3.62 -32.27
C ASN C 80 -14.20 3.03 -30.90
N ILE C 81 -14.91 3.43 -29.84
CA ILE C 81 -14.65 2.87 -28.51
C ILE C 81 -15.93 2.49 -27.78
N THR C 82 -15.79 1.66 -26.76
CA THR C 82 -16.89 1.34 -25.85
C THR C 82 -16.52 1.71 -24.42
N ILE C 83 -17.25 2.67 -23.86
CA ILE C 83 -16.99 3.14 -22.49
C ILE C 83 -18.28 3.38 -21.74
N THR C 84 -18.18 3.47 -20.42
CA THR C 84 -19.34 3.89 -19.62
C THR C 84 -19.31 5.38 -19.41
N TYR C 85 -20.47 5.97 -19.15
CA TYR C 85 -20.57 7.40 -18.93
C TYR C 85 -21.79 7.77 -18.08
N GLN C 86 -21.60 8.72 -17.16
CA GLN C 86 -22.73 9.19 -16.36
C GLN C 86 -23.24 10.52 -16.88
N GLY C 87 -24.56 10.63 -16.96
CA GLY C 87 -25.18 11.86 -17.43
C GLY C 87 -26.67 11.78 -17.32
N LEU C 88 -27.37 12.76 -17.86
CA LEU C 88 -28.81 12.80 -17.74
C LEU C 88 -29.47 12.06 -18.89
N PHE C 89 -29.98 10.87 -18.57
CA PHE C 89 -30.56 9.97 -19.55
C PHE C 89 -31.93 9.48 -19.10
N PRO C 90 -32.80 9.08 -20.02
CA PRO C 90 -34.10 8.46 -19.78
C PRO C 90 -33.97 7.01 -19.32
N TYR C 91 -34.99 6.51 -18.62
CA TYR C 91 -35.03 5.10 -18.23
C TYR C 91 -35.35 4.19 -19.39
N GLN C 92 -34.64 3.07 -19.47
CA GLN C 92 -35.00 2.05 -20.44
C GLN C 92 -36.44 1.60 -20.25
N GLY C 93 -37.21 1.60 -21.33
CA GLY C 93 -38.60 1.14 -21.28
C GLY C 93 -39.61 2.23 -20.93
N ASP C 94 -39.14 3.42 -20.58
CA ASP C 94 -40.05 4.51 -20.22
C ASP C 94 -40.96 4.87 -21.37
N HIS C 95 -42.26 4.82 -21.12
CA HIS C 95 -43.25 5.15 -22.14
C HIS C 95 -43.35 6.66 -22.36
N GLY C 96 -43.07 7.44 -21.34
CA GLY C 96 -43.18 8.89 -21.43
C GLY C 96 -44.63 9.34 -21.50
N ASP C 97 -44.82 10.63 -21.53
CA ASP C 97 -46.15 11.23 -21.66
C ASP C 97 -46.41 11.65 -23.08
N MET C 98 -47.50 11.18 -23.68
CA MET C 98 -47.78 11.53 -25.06
C MET C 98 -48.75 12.70 -25.14
N TYR C 99 -48.46 13.62 -26.06
CA TYR C 99 -49.30 14.79 -26.29
C TYR C 99 -49.60 14.96 -27.76
N VAL C 100 -50.78 15.48 -28.07
CA VAL C 100 -51.10 15.78 -29.46
C VAL C 100 -51.72 17.15 -29.65
N TYR C 101 -51.52 17.70 -30.83
CA TYR C 101 -52.16 18.93 -31.27
C TYR C 101 -53.09 18.58 -32.40
N SER C 102 -54.11 19.40 -32.65
CA SER C 102 -55.05 19.09 -33.71
C SER C 102 -55.74 20.30 -34.30
N ALA C 103 -56.38 20.09 -35.42
CA ALA C 103 -57.22 21.10 -36.04
C ALA C 103 -58.41 21.39 -35.13
N GLY C 104 -58.88 22.62 -35.17
CA GLY C 104 -60.03 23.01 -34.38
C GLY C 104 -61.31 22.77 -35.17
N HIS C 105 -62.41 23.32 -34.69
CA HIS C 105 -63.68 23.14 -35.35
C HIS C 105 -63.78 24.08 -36.53
N ALA C 106 -64.61 23.75 -37.50
CA ALA C 106 -64.79 24.61 -38.66
C ALA C 106 -66.09 24.33 -39.37
N THR C 107 -66.61 25.33 -40.08
CA THR C 107 -67.78 25.18 -40.92
C THR C 107 -67.45 25.66 -42.34
N GLY C 108 -67.18 24.72 -43.22
CA GLY C 108 -66.70 25.06 -44.55
C GLY C 108 -65.38 25.78 -44.47
N THR C 109 -65.31 26.95 -45.09
CA THR C 109 -64.07 27.72 -45.12
C THR C 109 -63.95 28.70 -43.97
N THR C 110 -64.90 28.68 -43.05
CA THR C 110 -64.86 29.56 -41.89
C THR C 110 -64.57 28.77 -40.60
N PRO C 111 -63.37 28.91 -40.02
CA PRO C 111 -62.94 28.27 -38.79
C PRO C 111 -63.83 28.64 -37.61
N GLN C 112 -63.99 27.69 -36.71
CA GLN C 112 -64.80 27.81 -35.51
C GLN C 112 -63.93 27.62 -34.27
N LYS C 113 -64.58 27.66 -33.11
CA LYS C 113 -63.90 27.49 -31.82
C LYS C 113 -62.75 26.50 -31.89
N LEU C 114 -61.68 26.80 -31.16
CA LEU C 114 -60.49 25.96 -31.13
C LEU C 114 -60.79 24.73 -30.30
N PHE C 115 -59.88 23.75 -30.33
CA PHE C 115 -60.13 22.50 -29.62
C PHE C 115 -58.84 21.86 -29.12
N VAL C 116 -58.70 21.77 -27.80
CA VAL C 116 -57.48 21.22 -27.21
C VAL C 116 -57.79 20.28 -26.06
N ALA C 117 -56.78 19.57 -25.60
CA ALA C 117 -56.88 18.75 -24.40
C ALA C 117 -56.65 19.60 -23.15
N ASN C 118 -56.93 19.04 -21.98
CA ASN C 118 -56.73 19.75 -20.72
C ASN C 118 -55.25 19.80 -20.33
N TYR C 119 -54.44 20.37 -21.21
CA TYR C 119 -53.01 20.44 -20.96
C TYR C 119 -52.65 21.64 -20.09
N SER C 120 -53.46 22.70 -20.15
CA SER C 120 -53.12 23.94 -19.47
C SER C 120 -52.98 23.78 -17.96
N GLN C 121 -53.71 22.84 -17.36
CA GLN C 121 -53.63 22.64 -15.93
C GLN C 121 -52.66 21.52 -15.58
N ASP C 122 -52.09 20.88 -16.59
CA ASP C 122 -51.25 19.71 -16.36
C ASP C 122 -49.83 20.15 -16.04
N VAL C 123 -49.64 20.69 -14.84
CA VAL C 123 -48.37 21.26 -14.44
C VAL C 123 -47.54 20.24 -13.67
N LYS C 124 -46.33 19.98 -14.14
CA LYS C 124 -45.48 18.96 -13.54
C LYS C 124 -44.13 19.50 -13.13
N GLN C 125 -43.48 18.81 -12.22
CA GLN C 125 -42.15 19.19 -11.78
C GLN C 125 -41.11 19.05 -12.88
N PHE C 126 -40.26 20.05 -12.99
CA PHE C 126 -39.17 20.06 -13.97
C PHE C 126 -38.06 19.09 -13.60
N ALA C 127 -37.71 19.04 -12.31
CA ALA C 127 -36.65 18.18 -11.83
C ALA C 127 -35.34 18.45 -12.56
N ASN C 128 -34.80 17.43 -13.23
CA ASN C 128 -33.52 17.54 -13.90
C ASN C 128 -33.66 17.84 -15.38
N GLY C 129 -34.88 18.15 -15.79
CA GLY C 129 -35.13 18.45 -17.19
C GLY C 129 -35.71 17.27 -17.92
N PHE C 130 -35.92 17.45 -19.22
CA PHE C 130 -36.60 16.45 -20.01
C PHE C 130 -36.22 16.52 -21.47
N VAL C 131 -36.60 15.48 -22.21
CA VAL C 131 -36.44 15.45 -23.66
C VAL C 131 -37.74 15.09 -24.31
N VAL C 132 -37.90 15.51 -25.56
CA VAL C 132 -39.12 15.21 -26.28
C VAL C 132 -38.87 14.66 -27.69
N ARG C 133 -39.59 13.61 -28.03
CA ARG C 133 -39.56 13.02 -29.36
C ARG C 133 -40.53 13.74 -30.26
N ILE C 134 -40.05 14.22 -31.40
CA ILE C 134 -40.86 15.01 -32.32
C ILE C 134 -40.99 14.33 -33.68
N GLY C 135 -42.22 14.24 -34.20
CA GLY C 135 -42.46 13.62 -35.50
C GLY C 135 -42.46 12.10 -35.40
N ALA C 136 -42.89 11.60 -34.25
CA ALA C 136 -42.87 10.18 -33.95
C ALA C 136 -43.55 9.32 -35.02
N ALA C 137 -44.61 9.84 -35.63
CA ALA C 137 -45.35 9.06 -36.61
C ALA C 137 -45.42 9.75 -37.96
N ALA C 138 -44.47 10.62 -38.24
CA ALA C 138 -44.51 11.32 -39.52
C ALA C 138 -44.47 10.31 -40.67
N ASN C 139 -45.18 10.64 -41.75
CA ASN C 139 -45.30 9.84 -42.97
C ASN C 139 -46.32 8.71 -42.82
N SER C 140 -46.76 8.43 -41.61
CA SER C 140 -47.74 7.37 -41.42
C SER C 140 -49.14 7.92 -41.63
N THR C 141 -50.13 7.04 -41.74
CA THR C 141 -51.50 7.47 -41.87
C THR C 141 -52.19 7.49 -40.51
N GLY C 142 -52.83 8.61 -40.19
CA GLY C 142 -53.54 8.76 -38.95
C GLY C 142 -54.93 9.29 -39.18
N THR C 143 -55.55 9.78 -38.12
CA THR C 143 -56.91 10.32 -38.21
C THR C 143 -57.00 11.68 -37.55
N VAL C 144 -58.10 12.36 -37.83
CA VAL C 144 -58.39 13.65 -37.23
C VAL C 144 -59.05 13.48 -35.86
N ILE C 145 -58.56 14.20 -34.86
CA ILE C 145 -59.04 14.06 -33.49
C ILE C 145 -60.55 14.26 -33.37
N ILE C 146 -61.10 15.23 -34.08
CA ILE C 146 -62.53 15.52 -33.97
C ILE C 146 -63.35 14.98 -35.13
N SER C 147 -62.84 13.96 -35.82
CA SER C 147 -63.64 13.33 -36.85
C SER C 147 -63.44 11.81 -36.83
N PRO C 148 -64.43 11.06 -36.32
CA PRO C 148 -64.42 9.63 -36.08
C PRO C 148 -63.89 8.80 -37.25
N SER C 149 -64.13 9.24 -38.48
CA SER C 149 -63.65 8.48 -39.62
C SER C 149 -63.04 9.35 -40.71
N THR C 150 -62.19 10.30 -40.32
CA THR C 150 -61.44 11.05 -41.32
C THR C 150 -59.95 10.73 -41.22
N SER C 151 -59.44 10.11 -42.28
CA SER C 151 -58.03 9.73 -42.32
C SER C 151 -57.21 10.82 -42.98
N ALA C 152 -55.94 10.90 -42.61
CA ALA C 152 -55.04 11.85 -43.22
C ALA C 152 -53.59 11.47 -42.99
N THR C 153 -52.70 11.96 -43.85
CA THR C 153 -51.27 11.77 -43.65
C THR C 153 -50.80 12.52 -42.41
N ILE C 154 -49.97 11.87 -41.60
CA ILE C 154 -49.41 12.48 -40.42
C ILE C 154 -48.21 13.37 -40.73
N ARG C 155 -48.29 14.61 -40.26
CA ARG C 155 -47.24 15.59 -40.46
C ARG C 155 -46.58 15.96 -39.13
N LYS C 156 -45.30 16.33 -39.18
CA LYS C 156 -44.58 16.77 -37.99
C LYS C 156 -45.05 18.14 -37.50
N ILE C 157 -45.09 18.30 -36.18
CA ILE C 157 -45.43 19.56 -35.55
C ILE C 157 -44.61 19.74 -34.27
N TYR C 158 -44.21 20.98 -34.00
CA TYR C 158 -43.34 21.22 -32.86
C TYR C 158 -44.11 21.59 -31.60
N PRO C 159 -43.69 21.06 -30.43
CA PRO C 159 -44.27 21.28 -29.13
C PRO C 159 -43.93 22.66 -28.60
N ALA C 160 -44.85 23.21 -27.80
CA ALA C 160 -44.61 24.48 -27.14
C ALA C 160 -44.62 24.28 -25.62
N PHE C 161 -43.80 25.05 -24.92
CA PHE C 161 -43.67 24.87 -23.47
C PHE C 161 -43.69 26.18 -22.68
N MET C 162 -44.11 26.06 -21.42
CA MET C 162 -44.06 27.17 -20.48
C MET C 162 -43.40 26.71 -19.19
N LEU C 163 -42.35 27.41 -18.76
CA LEU C 163 -41.57 26.98 -17.59
C LEU C 163 -41.36 28.10 -16.56
N GLY C 164 -41.33 27.74 -15.27
CA GLY C 164 -41.06 28.74 -14.23
C GLY C 164 -40.85 28.15 -12.84
N SER C 165 -40.69 29.03 -11.84
CA SER C 165 -40.40 28.61 -10.46
C SER C 165 -41.64 28.43 -9.58
N SER C 166 -42.78 28.97 -10.00
CA SER C 166 -43.97 28.89 -9.16
C SER C 166 -45.25 29.03 -9.98
N VAL C 167 -46.23 28.17 -9.68
CA VAL C 167 -47.50 28.17 -10.40
C VAL C 167 -48.69 28.13 -9.44
N GLY C 168 -49.65 29.02 -9.66
CA GLY C 168 -50.86 29.07 -8.86
C GLY C 168 -52.11 28.98 -9.74
N ASN C 169 -53.16 29.67 -9.31
CA ASN C 169 -54.46 29.62 -9.99
C ASN C 169 -54.86 30.98 -10.54
N PHE C 170 -55.85 30.96 -11.43
CA PHE C 170 -56.44 32.15 -12.01
C PHE C 170 -57.56 32.65 -11.12
N SER C 171 -58.16 33.78 -11.49
CA SER C 171 -59.19 34.41 -10.66
C SER C 171 -60.42 33.54 -10.46
N ASP C 172 -60.64 32.58 -11.34
CA ASP C 172 -61.80 31.70 -11.22
C ASP C 172 -61.45 30.36 -10.59
N GLY C 173 -60.26 30.24 -10.04
CA GLY C 173 -59.84 29.03 -9.36
C GLY C 173 -59.21 27.96 -10.27
N LYS C 174 -59.07 28.24 -11.56
CA LYS C 174 -58.46 27.26 -12.45
C LYS C 174 -56.94 27.29 -12.31
N MET C 175 -56.30 26.15 -12.50
CA MET C 175 -54.86 26.05 -12.30
C MET C 175 -54.07 26.43 -13.55
N GLY C 176 -52.78 26.73 -13.35
CA GLY C 176 -51.87 26.91 -14.47
C GLY C 176 -51.37 28.34 -14.63
N ARG C 177 -51.48 29.13 -13.57
CA ARG C 177 -51.01 30.50 -13.61
C ARG C 177 -49.56 30.60 -13.14
N PHE C 178 -48.67 30.96 -14.04
CA PHE C 178 -47.26 31.09 -13.68
C PHE C 178 -47.03 32.48 -13.11
N PHE C 179 -46.21 32.56 -12.08
CA PHE C 179 -45.95 33.84 -11.42
C PHE C 179 -44.68 34.52 -11.90
N ASN C 180 -44.68 35.85 -11.83
CA ASN C 180 -43.53 36.67 -12.18
C ASN C 180 -43.07 36.39 -13.61
N HIS C 181 -41.75 36.24 -13.80
CA HIS C 181 -41.23 35.97 -15.13
C HIS C 181 -41.39 34.50 -15.47
N THR C 182 -41.75 34.24 -16.72
CA THR C 182 -41.92 32.88 -17.18
C THR C 182 -41.15 32.68 -18.48
N LEU C 183 -40.55 31.49 -18.62
CA LEU C 183 -39.85 31.14 -19.84
C LEU C 183 -40.79 30.48 -20.81
N VAL C 184 -40.95 31.08 -21.97
CA VAL C 184 -41.91 30.60 -22.94
C VAL C 184 -41.25 30.25 -24.27
N LEU C 185 -41.50 29.04 -24.74
CA LEU C 185 -40.95 28.57 -26.00
C LEU C 185 -42.06 28.30 -27.02
N LEU C 186 -42.09 29.09 -28.09
CA LEU C 186 -43.16 28.97 -29.09
C LEU C 186 -42.61 28.81 -30.51
N PRO C 187 -42.74 27.63 -31.12
CA PRO C 187 -42.49 27.39 -32.51
C PRO C 187 -43.41 28.30 -33.28
N ASP C 188 -42.90 28.99 -34.28
CA ASP C 188 -43.73 29.91 -35.04
C ASP C 188 -43.53 29.74 -36.53
N GLY C 189 -44.28 30.51 -37.32
CA GLY C 189 -44.10 30.54 -38.77
C GLY C 189 -44.42 29.20 -39.40
N CYS C 190 -45.35 28.48 -38.78
CA CYS C 190 -45.71 27.14 -39.25
C CYS C 190 -44.52 26.20 -39.25
N GLY C 191 -43.62 26.36 -38.28
CA GLY C 191 -42.47 25.46 -38.15
C GLY C 191 -41.28 25.91 -38.98
N THR C 192 -41.07 27.23 -39.04
CA THR C 192 -39.92 27.76 -39.78
C THR C 192 -38.97 28.49 -38.84
N LEU C 193 -39.34 28.59 -37.58
CA LEU C 193 -38.53 29.24 -36.57
C LEU C 193 -39.00 28.88 -35.16
N LEU C 194 -38.09 28.94 -34.21
CA LEU C 194 -38.44 28.84 -32.81
C LEU C 194 -38.15 30.14 -32.10
N ARG C 195 -39.12 30.66 -31.38
CA ARG C 195 -38.92 31.87 -30.60
C ARG C 195 -38.92 31.55 -29.13
N ALA C 196 -37.95 32.10 -28.41
CA ALA C 196 -37.87 31.91 -26.98
C ALA C 196 -37.75 33.23 -26.27
N PHE C 197 -38.48 33.39 -25.18
CA PHE C 197 -38.41 34.64 -24.44
C PHE C 197 -38.69 34.46 -22.96
N TYR C 198 -38.29 35.45 -22.20
CA TYR C 198 -38.50 35.44 -20.76
C TYR C 198 -39.10 36.77 -20.34
N CYS C 199 -40.38 36.70 -19.94
CA CYS C 199 -41.18 37.88 -19.66
C CYS C 199 -42.22 37.61 -18.57
N ILE C 200 -42.82 38.66 -18.05
CA ILE C 200 -43.96 38.53 -17.16
C ILE C 200 -45.22 38.39 -17.98
N LEU C 201 -46.05 37.41 -17.64
CA LEU C 201 -47.27 37.16 -18.38
C LEU C 201 -48.47 37.83 -17.72
N GLU C 202 -49.04 38.81 -18.39
CA GLU C 202 -50.16 39.57 -17.88
C GLU C 202 -51.47 39.15 -18.55
N PRO C 203 -52.37 38.45 -17.82
CA PRO C 203 -53.59 37.89 -18.35
C PRO C 203 -54.51 39.01 -18.78
N ARG C 204 -55.13 38.85 -19.94
CA ARG C 204 -56.07 39.85 -20.43
C ARG C 204 -57.45 39.64 -19.83
N SER C 205 -58.22 40.72 -19.77
CA SER C 205 -59.52 40.71 -19.11
C SER C 205 -60.72 40.57 -20.05
N GLY C 206 -60.46 40.34 -21.33
CA GLY C 206 -61.55 40.26 -22.30
C GLY C 206 -62.30 38.94 -22.20
N ASN C 207 -63.30 38.77 -23.04
CA ASN C 207 -64.10 37.55 -22.99
C ASN C 207 -63.26 36.32 -23.30
N HIS C 208 -63.48 35.26 -22.54
CA HIS C 208 -62.78 33.99 -22.73
C HIS C 208 -61.29 34.10 -22.42
N CYS C 209 -60.89 35.17 -21.76
CA CYS C 209 -59.50 35.37 -21.41
C CYS C 209 -59.21 34.92 -19.97
N PRO C 210 -57.95 34.56 -19.65
CA PRO C 210 -57.45 34.14 -18.35
C PRO C 210 -57.90 35.00 -17.17
N ALA C 211 -58.12 36.30 -17.38
CA ALA C 211 -58.61 37.12 -16.27
C ALA C 211 -59.85 37.89 -16.69
N GLY C 212 -60.70 37.24 -17.47
CA GLY C 212 -61.94 37.87 -17.94
C GLY C 212 -63.16 36.99 -17.70
N ASN C 213 -64.25 37.31 -18.37
CA ASN C 213 -65.50 36.59 -18.20
C ASN C 213 -65.56 35.36 -19.10
N SER C 214 -66.33 34.35 -18.68
CA SER C 214 -66.51 33.13 -19.45
C SER C 214 -65.18 32.47 -19.83
N TYR C 215 -64.24 32.46 -18.90
CA TYR C 215 -62.96 31.82 -19.15
C TYR C 215 -63.05 30.31 -19.07
N THR C 216 -62.39 29.66 -20.01
CA THR C 216 -62.26 28.22 -20.03
C THR C 216 -60.80 27.85 -19.98
N SER C 217 -60.14 27.98 -21.12
CA SER C 217 -58.71 27.75 -21.21
C SER C 217 -58.13 28.63 -22.30
N PHE C 218 -56.93 28.31 -22.72
CA PHE C 218 -56.28 29.10 -23.76
C PHE C 218 -55.42 28.20 -24.62
N ALA C 219 -55.13 28.67 -25.82
CA ALA C 219 -54.28 27.93 -26.72
C ALA C 219 -53.69 28.85 -27.75
N THR C 220 -52.52 28.50 -28.26
CA THR C 220 -52.02 29.21 -29.39
C THR C 220 -52.64 28.61 -30.63
N TYR C 221 -52.52 29.28 -31.75
CA TYR C 221 -53.10 28.78 -32.97
C TYR C 221 -52.53 29.48 -34.17
N HIS C 222 -52.81 28.93 -35.33
CA HIS C 222 -52.51 29.62 -36.57
C HIS C 222 -53.55 29.28 -37.61
N THR C 223 -53.63 30.12 -38.64
CA THR C 223 -54.58 29.90 -39.73
C THR C 223 -53.82 29.67 -41.02
N PRO C 224 -53.54 28.41 -41.37
CA PRO C 224 -52.59 28.01 -42.39
C PRO C 224 -52.98 28.55 -43.75
N ALA C 225 -54.26 28.83 -43.93
CA ALA C 225 -54.76 29.38 -45.18
C ALA C 225 -53.96 30.61 -45.60
N THR C 226 -53.56 31.43 -44.62
CA THR C 226 -52.82 32.65 -44.93
C THR C 226 -51.49 32.72 -44.20
N ASP C 227 -51.37 31.97 -43.10
CA ASP C 227 -50.17 32.04 -42.27
C ASP C 227 -49.03 31.17 -42.80
N CYS C 228 -49.37 30.12 -43.56
CA CYS C 228 -48.33 29.20 -44.00
C CYS C 228 -48.03 29.34 -45.49
N SER C 229 -48.34 30.50 -46.05
CA SER C 229 -48.09 30.72 -47.47
C SER C 229 -46.61 30.50 -47.79
N ASP C 230 -46.34 29.69 -48.81
CA ASP C 230 -44.97 29.34 -49.19
C ASP C 230 -44.05 30.55 -49.29
N GLY C 231 -44.53 31.59 -49.94
CA GLY C 231 -43.72 32.79 -50.17
C GLY C 231 -43.92 33.86 -49.11
N ASN C 232 -44.64 33.53 -48.03
CA ASN C 232 -44.96 34.51 -47.02
C ASN C 232 -45.44 33.87 -45.73
N TYR C 233 -44.51 33.44 -44.90
CA TYR C 233 -44.88 32.81 -43.64
C TYR C 233 -45.11 33.83 -42.55
N ASN C 234 -46.18 33.66 -41.80
CA ASN C 234 -46.48 34.57 -40.73
C ASN C 234 -45.66 34.23 -39.51
N ARG C 235 -44.50 34.85 -39.43
CA ARG C 235 -43.52 34.53 -38.39
C ARG C 235 -43.95 35.05 -37.03
N ASN C 236 -45.12 35.70 -36.96
CA ASN C 236 -45.65 36.20 -35.70
C ASN C 236 -47.01 35.59 -35.39
N ALA C 237 -47.44 34.58 -36.15
CA ALA C 237 -48.78 34.02 -35.97
C ALA C 237 -48.97 33.44 -34.58
N SER C 238 -48.00 32.67 -34.10
CA SER C 238 -48.14 32.01 -32.82
C SER C 238 -47.92 33.00 -31.69
N LEU C 239 -46.96 33.91 -31.87
CA LEU C 239 -46.70 34.91 -30.86
C LEU C 239 -47.92 35.79 -30.66
N ASN C 240 -48.56 36.20 -31.76
CA ASN C 240 -49.73 37.04 -31.66
C ASN C 240 -50.85 36.30 -30.97
N SER C 241 -51.04 35.03 -31.34
CA SER C 241 -52.08 34.23 -30.73
C SER C 241 -51.86 34.14 -29.23
N PHE C 242 -50.60 33.99 -28.82
CA PHE C 242 -50.25 33.96 -27.42
C PHE C 242 -50.62 35.28 -26.74
N LYS C 243 -50.22 36.41 -27.38
CA LYS C 243 -50.50 37.74 -26.84
C LYS C 243 -51.97 37.99 -26.63
N GLU C 244 -52.82 37.36 -27.45
CA GLU C 244 -54.25 37.53 -27.32
C GLU C 244 -54.78 37.06 -25.98
N TYR C 245 -53.99 36.25 -25.26
CA TYR C 245 -54.38 35.79 -23.94
C TYR C 245 -53.53 36.45 -22.84
N PHE C 246 -52.23 36.59 -23.09
CA PHE C 246 -51.30 37.16 -22.12
C PHE C 246 -50.38 38.21 -22.73
N ASN C 247 -50.34 39.39 -22.13
CA ASN C 247 -49.44 40.43 -22.58
C ASN C 247 -48.06 40.20 -21.99
N LEU C 248 -47.01 40.69 -22.65
CA LEU C 248 -45.65 40.49 -22.15
C LEU C 248 -45.09 41.76 -21.52
N ARG C 249 -44.55 41.63 -20.32
CA ARG C 249 -43.94 42.77 -19.62
C ARG C 249 -42.55 42.48 -19.08
N ASN C 250 -41.74 43.53 -18.96
CA ASN C 250 -40.43 43.43 -18.34
C ASN C 250 -39.61 42.31 -18.94
N CYS C 251 -39.68 42.18 -20.26
CA CYS C 251 -38.96 41.13 -20.94
C CYS C 251 -37.46 41.26 -20.77
N THR C 252 -36.84 40.17 -20.40
CA THR C 252 -35.40 40.13 -20.22
C THR C 252 -34.74 39.84 -21.54
N PHE C 253 -35.34 38.94 -22.30
CA PHE C 253 -34.77 38.58 -23.59
C PHE C 253 -35.78 37.99 -24.54
N MET C 254 -35.41 37.98 -25.82
CA MET C 254 -36.13 37.27 -26.84
C MET C 254 -35.19 36.89 -27.97
N TYR C 255 -35.14 35.60 -28.28
CA TYR C 255 -34.24 35.09 -29.33
C TYR C 255 -35.00 34.24 -30.31
N THR C 256 -34.48 34.13 -31.53
CA THR C 256 -35.06 33.20 -32.49
C THR C 256 -34.01 32.30 -33.10
N TYR C 257 -34.46 31.11 -33.50
CA TYR C 257 -33.63 30.15 -34.22
C TYR C 257 -34.41 29.71 -35.44
N ASN C 258 -33.73 29.46 -36.56
CA ASN C 258 -34.43 29.08 -37.77
C ASN C 258 -34.60 27.58 -37.88
N ILE C 259 -35.68 27.16 -38.54
CA ILE C 259 -35.97 25.75 -38.74
C ILE C 259 -36.17 25.43 -40.23
N THR C 260 -35.46 24.41 -40.70
CA THR C 260 -35.67 23.92 -42.06
C THR C 260 -36.83 22.93 -42.06
N GLU C 261 -37.75 23.07 -43.01
CA GLU C 261 -38.92 22.21 -43.05
C GLU C 261 -38.62 20.84 -43.64
N ASP C 262 -39.05 19.80 -42.93
CA ASP C 262 -38.90 18.41 -43.36
C ASP C 262 -39.80 17.51 -42.51
N GLU C 263 -39.79 16.21 -42.79
CA GLU C 263 -40.58 15.24 -42.02
C GLU C 263 -39.68 14.22 -41.30
N ILE C 264 -38.45 14.61 -41.01
CA ILE C 264 -37.47 13.74 -40.37
C ILE C 264 -37.67 13.71 -38.85
N LEU C 265 -37.69 12.52 -38.25
CA LEU C 265 -37.86 12.43 -36.80
C LEU C 265 -36.69 13.09 -36.10
N GLU C 266 -36.98 13.90 -35.07
CA GLU C 266 -35.91 14.62 -34.37
C GLU C 266 -36.16 14.71 -32.88
N TRP C 267 -35.11 15.02 -32.14
CA TRP C 267 -35.22 15.21 -30.70
C TRP C 267 -34.88 16.62 -30.25
N PHE C 268 -35.58 17.06 -29.23
CA PHE C 268 -35.32 18.35 -28.56
C PHE C 268 -35.21 18.15 -27.05
N GLY C 269 -34.27 18.84 -26.42
CA GLY C 269 -34.13 18.68 -24.97
C GLY C 269 -33.87 19.98 -24.25
N ILE C 270 -34.25 20.03 -22.97
CA ILE C 270 -34.02 21.18 -22.13
C ILE C 270 -33.58 20.80 -20.73
N THR C 271 -32.49 21.41 -20.26
CA THR C 271 -32.01 21.20 -18.89
C THR C 271 -31.60 22.53 -18.28
N GLN C 272 -31.36 22.56 -16.98
CA GLN C 272 -30.91 23.79 -16.33
C GLN C 272 -29.82 23.53 -15.31
N THR C 273 -28.81 24.39 -15.33
CA THR C 273 -27.69 24.34 -14.40
C THR C 273 -27.44 25.73 -13.84
N ALA C 274 -26.37 25.86 -13.06
CA ALA C 274 -26.00 27.16 -12.51
C ALA C 274 -25.74 28.17 -13.61
N GLN C 275 -25.38 27.68 -14.80
CA GLN C 275 -25.03 28.53 -15.93
C GLN C 275 -26.24 28.94 -16.76
N GLY C 276 -27.44 28.52 -16.36
CA GLY C 276 -28.65 28.87 -17.10
C GLY C 276 -29.30 27.67 -17.76
N VAL C 277 -30.17 27.95 -18.74
CA VAL C 277 -30.95 26.91 -19.39
C VAL C 277 -30.33 26.50 -20.71
N HIS C 278 -30.12 25.20 -20.85
CA HIS C 278 -29.44 24.67 -22.02
C HIS C 278 -30.42 24.02 -22.97
N LEU C 279 -30.32 24.38 -24.24
CA LEU C 279 -31.20 23.81 -25.25
C LEU C 279 -30.44 22.85 -26.16
N PHE C 280 -30.98 21.64 -26.30
CA PHE C 280 -30.36 20.58 -27.08
C PHE C 280 -31.21 20.21 -28.27
N SER C 281 -30.57 19.76 -29.33
CA SER C 281 -31.27 19.32 -30.53
C SER C 281 -30.46 18.35 -31.35
N SER C 282 -31.14 17.38 -31.94
CA SER C 282 -30.51 16.44 -32.86
C SER C 282 -30.49 16.98 -34.29
N ARG C 283 -31.16 18.11 -34.51
CA ARG C 283 -31.30 18.67 -35.85
C ARG C 283 -30.01 19.12 -36.53
N TYR C 284 -29.13 19.74 -35.78
CA TYR C 284 -27.98 20.38 -36.38
C TYR C 284 -26.90 19.40 -36.79
N VAL C 285 -26.65 18.42 -35.94
CA VAL C 285 -25.66 17.39 -36.21
C VAL C 285 -26.24 16.03 -35.92
N ASP C 286 -25.98 15.09 -36.83
CA ASP C 286 -26.54 13.75 -36.72
C ASP C 286 -28.05 13.79 -36.95
N LEU C 287 -28.48 14.62 -37.90
CA LEU C 287 -29.88 14.75 -38.26
C LEU C 287 -30.53 13.41 -38.56
N TYR C 288 -29.80 12.53 -39.22
CA TYR C 288 -30.34 11.25 -39.63
C TYR C 288 -29.95 10.16 -38.65
N GLY C 289 -29.40 10.57 -37.52
CA GLY C 289 -28.97 9.67 -36.46
C GLY C 289 -29.88 9.81 -35.26
N GLY C 290 -29.73 10.91 -34.52
CA GLY C 290 -30.54 11.15 -33.35
C GLY C 290 -29.75 11.64 -32.13
N ASN C 291 -28.43 11.65 -32.21
CA ASN C 291 -27.64 12.14 -31.08
C ASN C 291 -27.99 13.60 -30.83
N MET C 292 -28.23 13.95 -29.56
CA MET C 292 -28.58 15.32 -29.24
C MET C 292 -27.37 16.15 -28.86
N PHE C 293 -27.30 17.37 -29.37
CA PHE C 293 -26.19 18.28 -29.06
C PHE C 293 -26.71 19.61 -28.57
N GLN C 294 -25.93 20.31 -27.75
CA GLN C 294 -26.35 21.63 -27.28
C GLN C 294 -26.21 22.64 -28.41
N PHE C 295 -27.25 23.46 -28.61
CA PHE C 295 -27.18 24.47 -29.68
C PHE C 295 -27.36 25.88 -29.17
N ALA C 296 -27.90 26.04 -27.97
CA ALA C 296 -28.13 27.38 -27.43
C ALA C 296 -28.23 27.38 -25.92
N THR C 297 -27.96 28.54 -25.31
CA THR C 297 -28.14 28.73 -23.88
C THR C 297 -28.94 30.01 -23.61
N LEU C 298 -29.92 29.91 -22.72
CA LEU C 298 -30.71 31.07 -22.36
C LEU C 298 -30.31 31.54 -20.95
N PRO C 299 -30.20 32.86 -20.73
CA PRO C 299 -29.81 33.50 -19.49
C PRO C 299 -30.95 33.51 -18.48
N VAL C 300 -31.40 32.32 -18.11
CA VAL C 300 -32.46 32.16 -17.13
C VAL C 300 -31.89 31.49 -15.89
N TYR C 301 -31.66 32.28 -14.87
CA TYR C 301 -31.00 31.78 -13.67
C TYR C 301 -32.01 31.57 -12.56
N ASP C 302 -33.28 31.68 -12.92
CA ASP C 302 -34.38 31.42 -12.01
C ASP C 302 -34.68 29.93 -12.02
N THR C 303 -34.48 29.27 -10.89
CA THR C 303 -34.64 27.83 -10.86
C THR C 303 -36.01 27.42 -11.35
N ILE C 304 -36.04 26.60 -12.38
CA ILE C 304 -37.30 26.12 -12.90
C ILE C 304 -37.74 24.96 -12.07
N LYS C 305 -38.96 25.02 -11.57
CA LYS C 305 -39.48 23.98 -10.73
C LYS C 305 -40.64 23.28 -11.38
N TYR C 306 -41.39 24.02 -12.17
CA TYR C 306 -42.58 23.49 -12.82
C TYR C 306 -42.62 23.84 -14.28
N TYR C 307 -43.28 23.01 -15.07
CA TYR C 307 -43.50 23.31 -16.47
C TYR C 307 -44.80 22.71 -16.95
N SER C 308 -45.26 23.18 -18.09
CA SER C 308 -46.44 22.60 -18.71
C SER C 308 -46.36 22.67 -20.22
N ILE C 309 -47.14 21.82 -20.87
CA ILE C 309 -47.26 21.83 -22.32
C ILE C 309 -48.32 22.81 -22.75
N ILE C 310 -47.97 23.68 -23.68
CA ILE C 310 -48.90 24.68 -24.15
C ILE C 310 -49.83 24.05 -25.21
N PRO C 311 -51.15 24.21 -25.07
CA PRO C 311 -52.17 23.81 -26.03
C PRO C 311 -52.00 24.52 -27.36
N HIS C 312 -52.43 23.88 -28.45
CA HIS C 312 -52.35 24.48 -29.78
C HIS C 312 -53.39 23.89 -30.72
N SER C 313 -54.07 24.76 -31.46
CA SER C 313 -55.05 24.32 -32.45
C SER C 313 -54.81 24.96 -33.81
N ILE C 314 -55.23 24.27 -34.85
CA ILE C 314 -55.08 24.80 -36.21
C ILE C 314 -56.42 25.19 -36.82
N ARG C 315 -56.53 26.45 -37.24
CA ARG C 315 -57.78 26.97 -37.79
C ARG C 315 -57.87 26.67 -39.29
N SER C 316 -57.92 25.39 -39.61
CA SER C 316 -57.96 24.92 -40.98
C SER C 316 -59.37 24.91 -41.55
N ILE C 317 -59.47 24.70 -42.86
CA ILE C 317 -60.74 24.56 -43.56
C ILE C 317 -61.36 23.20 -43.27
N GLN C 318 -62.67 23.17 -43.03
CA GLN C 318 -63.35 21.93 -42.65
C GLN C 318 -63.09 20.81 -43.65
N SER C 319 -63.06 21.14 -44.93
CA SER C 319 -62.89 20.17 -46.00
C SER C 319 -61.43 19.82 -46.28
N ASP C 320 -60.50 20.41 -45.52
CA ASP C 320 -59.07 20.13 -45.73
C ASP C 320 -58.33 20.06 -44.40
N ARG C 321 -58.17 18.85 -43.89
CA ARG C 321 -57.56 18.63 -42.58
C ARG C 321 -56.40 17.66 -42.68
N LYS C 322 -55.45 17.80 -41.77
CA LYS C 322 -54.28 16.94 -41.71
C LYS C 322 -54.19 16.22 -40.37
N ALA C 323 -53.42 15.13 -40.33
CA ALA C 323 -53.15 14.44 -39.08
C ALA C 323 -51.80 14.91 -38.58
N TRP C 324 -51.61 14.92 -37.27
CA TRP C 324 -50.36 15.42 -36.72
C TRP C 324 -49.71 14.41 -35.80
N ALA C 325 -48.40 14.29 -35.92
CA ALA C 325 -47.65 13.33 -35.12
C ALA C 325 -47.73 13.67 -33.66
N ALA C 326 -47.81 12.66 -32.82
CA ALA C 326 -47.75 12.86 -31.38
C ALA C 326 -46.32 13.12 -30.97
N PHE C 327 -46.15 13.88 -29.91
CA PHE C 327 -44.84 14.03 -29.33
C PHE C 327 -44.81 13.43 -27.95
N TYR C 328 -43.64 12.97 -27.54
CA TYR C 328 -43.54 12.24 -26.29
C TYR C 328 -42.49 12.84 -25.37
N VAL C 329 -42.88 13.10 -24.13
CA VAL C 329 -41.98 13.71 -23.16
C VAL C 329 -41.45 12.67 -22.18
N TYR C 330 -40.13 12.65 -22.03
CA TYR C 330 -39.47 11.70 -21.15
C TYR C 330 -38.61 12.43 -20.13
N LYS C 331 -38.50 11.88 -18.93
CA LYS C 331 -37.72 12.51 -17.85
C LYS C 331 -36.27 12.03 -17.84
N LEU C 332 -35.36 12.90 -17.40
CA LEU C 332 -33.96 12.51 -17.31
C LEU C 332 -33.48 12.27 -15.87
N GLN C 333 -32.54 11.33 -15.73
CA GLN C 333 -31.92 11.01 -14.45
C GLN C 333 -30.39 10.85 -14.60
N PRO C 334 -29.61 11.08 -13.54
CA PRO C 334 -28.15 10.98 -13.48
C PRO C 334 -27.69 9.53 -13.40
N LEU C 335 -27.91 8.81 -14.49
CA LEU C 335 -27.66 7.38 -14.60
C LEU C 335 -26.37 7.07 -15.32
N THR C 336 -25.89 5.83 -15.19
CA THR C 336 -24.72 5.38 -15.93
C THR C 336 -25.13 4.49 -17.09
N PHE C 337 -24.61 4.81 -18.27
CA PHE C 337 -24.84 4.04 -19.48
C PHE C 337 -23.56 3.55 -20.11
N LEU C 338 -23.63 2.40 -20.77
CA LEU C 338 -22.53 1.94 -21.61
C LEU C 338 -22.78 2.48 -23.00
N LEU C 339 -21.82 3.24 -23.53
CA LEU C 339 -22.03 3.90 -24.82
C LEU C 339 -21.11 3.36 -25.91
N ASP C 340 -21.72 2.96 -27.03
CA ASP C 340 -20.97 2.47 -28.20
C ASP C 340 -20.72 3.60 -29.19
N PHE C 341 -19.48 4.11 -29.23
CA PHE C 341 -19.10 5.20 -30.11
C PHE C 341 -18.57 4.66 -31.43
N SER C 342 -19.21 5.04 -32.53
CA SER C 342 -18.77 4.60 -33.84
C SER C 342 -17.57 5.41 -34.30
N VAL C 343 -16.98 5.02 -35.43
CA VAL C 343 -15.82 5.71 -35.97
C VAL C 343 -16.13 7.16 -36.34
N ASP C 344 -17.40 7.44 -36.61
CA ASP C 344 -17.85 8.78 -36.95
C ASP C 344 -18.26 9.58 -35.71
N GLY C 345 -18.02 9.01 -34.54
CA GLY C 345 -18.27 9.70 -33.28
C GLY C 345 -19.71 9.64 -32.81
N TYR C 346 -20.58 9.00 -33.56
CA TYR C 346 -21.97 8.96 -33.14
C TYR C 346 -22.25 7.72 -32.31
N ILE C 347 -23.12 7.88 -31.34
CA ILE C 347 -23.49 6.78 -30.46
C ILE C 347 -24.64 6.01 -31.09
N ARG C 348 -24.43 4.73 -31.29
CA ARG C 348 -25.39 3.91 -32.01
C ARG C 348 -26.13 2.95 -31.11
N ARG C 349 -25.46 2.50 -30.07
CA ARG C 349 -26.04 1.56 -29.12
C ARG C 349 -25.67 1.98 -27.71
N ALA C 350 -26.51 1.64 -26.75
CA ALA C 350 -26.16 1.88 -25.37
C ALA C 350 -26.85 0.88 -24.45
N ILE C 351 -26.28 0.71 -23.26
CA ILE C 351 -26.87 -0.15 -22.24
C ILE C 351 -27.22 0.63 -20.99
N ASP C 352 -28.46 0.51 -20.55
CA ASP C 352 -28.88 1.11 -19.28
C ASP C 352 -28.45 0.19 -18.16
N CYS C 353 -27.38 0.57 -17.46
CA CYS C 353 -26.69 -0.35 -16.56
C CYS C 353 -27.50 -0.67 -15.31
N GLY C 354 -28.63 0.00 -15.12
CA GLY C 354 -29.43 -0.25 -13.92
C GLY C 354 -30.77 -0.91 -14.24
N PHE C 355 -30.96 -1.30 -15.50
CA PHE C 355 -32.25 -1.86 -15.91
C PHE C 355 -32.52 -3.25 -15.32
N ASN C 356 -31.62 -4.19 -15.58
CA ASN C 356 -31.80 -5.56 -15.09
C ASN C 356 -30.45 -6.24 -14.89
N ASP C 357 -30.47 -7.54 -14.62
CA ASP C 357 -29.27 -8.28 -14.28
C ASP C 357 -28.35 -8.44 -15.48
N LEU C 358 -28.89 -8.93 -16.57
CA LEU C 358 -28.06 -9.14 -17.75
C LEU C 358 -27.46 -7.84 -18.24
N SER C 359 -28.25 -6.77 -18.18
CA SER C 359 -27.78 -5.47 -18.62
C SER C 359 -26.56 -5.07 -17.80
N GLN C 360 -26.65 -5.23 -16.48
CA GLN C 360 -25.53 -4.92 -15.61
C GLN C 360 -24.31 -5.76 -15.95
N LEU C 361 -24.53 -7.03 -16.32
CA LEU C 361 -23.41 -7.91 -16.65
C LEU C 361 -22.57 -7.31 -17.78
N HIS C 362 -23.23 -6.82 -18.82
CA HIS C 362 -22.49 -6.23 -19.92
C HIS C 362 -21.74 -5.00 -19.47
N CYS C 363 -22.38 -4.17 -18.65
CA CYS C 363 -21.72 -2.98 -18.14
C CYS C 363 -20.53 -3.33 -17.27
N SER C 364 -20.67 -4.40 -16.49
CA SER C 364 -19.61 -4.83 -15.58
C SER C 364 -18.33 -5.13 -16.33
N TYR C 365 -18.46 -5.65 -17.55
CA TYR C 365 -17.31 -5.95 -18.39
C TYR C 365 -17.05 -4.87 -19.44
N GLU C 366 -17.78 -3.77 -19.35
CA GLU C 366 -17.66 -2.65 -20.29
C GLU C 366 -17.63 -3.14 -21.73
N SER C 367 -18.57 -4.02 -22.08
CA SER C 367 -18.61 -4.57 -23.42
C SER C 367 -19.99 -5.04 -23.81
N PHE C 368 -20.29 -4.99 -25.10
CA PHE C 368 -21.55 -5.51 -25.61
C PHE C 368 -21.45 -6.99 -25.97
N ASP C 369 -20.30 -7.60 -25.67
CA ASP C 369 -20.06 -8.99 -25.98
C ASP C 369 -19.31 -9.69 -24.85
N VAL C 370 -20.01 -10.53 -24.09
CA VAL C 370 -19.42 -11.22 -22.95
C VAL C 370 -19.55 -12.73 -23.11
N GLU C 371 -18.75 -13.47 -22.35
CA GLU C 371 -18.74 -14.93 -22.47
C GLU C 371 -19.85 -15.58 -21.69
N SER C 372 -20.16 -16.83 -22.06
CA SER C 372 -21.20 -17.60 -21.41
C SER C 372 -20.77 -18.07 -20.03
N GLY C 373 -21.75 -18.37 -19.19
CA GLY C 373 -21.48 -18.89 -17.85
C GLY C 373 -22.44 -18.29 -16.84
N VAL C 374 -22.16 -18.53 -15.56
CA VAL C 374 -23.02 -18.02 -14.50
C VAL C 374 -22.27 -16.97 -13.70
N TYR C 375 -22.79 -15.75 -13.68
CA TYR C 375 -22.11 -14.62 -13.08
C TYR C 375 -22.90 -14.01 -11.94
N SER C 376 -22.20 -13.45 -10.96
CA SER C 376 -22.88 -12.73 -9.87
C SER C 376 -23.29 -11.34 -10.35
N VAL C 377 -24.42 -10.85 -9.84
CA VAL C 377 -24.89 -9.50 -10.15
C VAL C 377 -25.26 -8.77 -8.87
N SER C 378 -25.51 -7.46 -8.97
CA SER C 378 -25.91 -6.69 -7.80
C SER C 378 -27.13 -7.30 -7.17
N SER C 379 -27.11 -7.42 -5.85
CA SER C 379 -28.24 -7.97 -5.11
C SER C 379 -29.42 -7.04 -5.09
N PHE C 380 -30.60 -7.58 -4.76
CA PHE C 380 -31.80 -6.77 -4.63
C PHE C 380 -31.89 -6.18 -3.23
N GLU C 381 -31.96 -4.86 -3.17
CA GLU C 381 -32.01 -4.16 -1.90
C GLU C 381 -33.38 -4.23 -1.26
N ALA C 382 -33.41 -4.30 0.06
CA ALA C 382 -34.66 -4.21 0.80
C ALA C 382 -35.05 -2.76 0.94
N LYS C 383 -36.34 -2.48 0.94
CA LYS C 383 -36.81 -1.12 1.11
C LYS C 383 -37.65 -1.02 2.38
N PRO C 384 -37.44 0.01 3.21
CA PRO C 384 -38.11 0.26 4.45
C PRO C 384 -39.53 0.77 4.27
N SER C 385 -40.36 0.50 5.26
CA SER C 385 -41.70 1.06 5.40
C SER C 385 -41.67 2.23 6.36
N GLY C 386 -42.85 2.66 6.79
CA GLY C 386 -42.97 3.81 7.68
C GLY C 386 -42.03 3.64 8.88
N SER C 387 -41.44 4.74 9.32
CA SER C 387 -40.47 4.70 10.40
C SER C 387 -41.11 4.49 11.76
N VAL C 388 -40.30 4.07 12.71
CA VAL C 388 -40.71 3.87 14.09
C VAL C 388 -39.91 4.75 15.05
N VAL C 389 -40.61 5.51 15.87
CA VAL C 389 -39.94 6.43 16.78
C VAL C 389 -40.46 6.31 18.21
N GLU C 390 -39.55 6.35 19.16
CA GLU C 390 -39.96 6.33 20.56
C GLU C 390 -39.07 7.27 21.38
N GLN C 391 -39.71 8.10 22.19
CA GLN C 391 -39.02 9.08 23.02
C GLN C 391 -39.67 9.19 24.38
N ALA C 392 -38.91 9.65 25.36
CA ALA C 392 -39.45 9.89 26.69
C ALA C 392 -40.48 11.00 26.65
N GLU C 393 -41.52 10.88 27.48
CA GLU C 393 -42.51 11.93 27.60
C GLU C 393 -42.03 13.02 28.55
N GLY C 394 -42.48 14.24 28.32
CA GLY C 394 -42.13 15.36 29.19
C GLY C 394 -41.77 16.59 28.37
N ALA C 605 -47.91 8.85 17.21
CA ALA C 605 -48.86 8.26 16.29
C ALA C 605 -49.07 6.79 16.61
N ASN C 606 -50.18 6.24 16.14
CA ASN C 606 -50.51 4.83 16.36
C ASN C 606 -49.97 3.95 15.24
N ASP C 607 -49.15 4.53 14.37
CA ASP C 607 -48.54 3.78 13.27
C ASP C 607 -47.04 4.00 13.20
N THR C 608 -46.46 4.53 14.28
CA THR C 608 -45.02 4.74 14.37
C THR C 608 -44.45 4.02 15.58
N LYS C 609 -45.14 2.97 15.98
CA LYS C 609 -44.74 2.15 17.11
C LYS C 609 -44.06 0.89 16.59
N ILE C 610 -43.33 0.19 17.45
CA ILE C 610 -42.77 -1.09 17.04
C ILE C 610 -43.91 -2.08 16.84
N ALA C 611 -44.81 -2.13 17.80
CA ALA C 611 -45.94 -3.04 17.72
C ALA C 611 -46.73 -2.75 16.46
N SER C 612 -47.20 -3.83 15.82
CA SER C 612 -47.98 -3.78 14.58
C SER C 612 -47.14 -3.44 13.35
N GLN C 613 -45.84 -3.19 13.54
CA GLN C 613 -44.92 -3.01 12.42
C GLN C 613 -43.98 -4.21 12.34
N LEU C 614 -44.23 -5.18 13.20
CA LEU C 614 -43.36 -6.34 13.31
C LEU C 614 -43.34 -7.12 12.02
N GLY C 615 -42.15 -7.56 11.64
CA GLY C 615 -41.95 -8.32 10.43
C GLY C 615 -41.63 -7.44 9.23
N ASN C 616 -41.78 -6.12 9.39
CA ASN C 616 -41.49 -5.20 8.30
C ASN C 616 -40.17 -4.50 8.47
N CYS C 617 -39.45 -4.33 7.36
CA CYS C 617 -38.25 -3.51 7.35
C CYS C 617 -38.63 -2.05 7.54
N VAL C 618 -38.09 -1.42 8.57
CA VAL C 618 -38.41 -0.03 8.87
C VAL C 618 -37.17 0.77 9.24
N GLU C 619 -37.29 2.09 9.17
CA GLU C 619 -36.28 2.96 9.75
C GLU C 619 -36.71 3.28 11.16
N TYR C 620 -35.77 3.55 12.05
CA TYR C 620 -36.17 3.85 13.42
C TYR C 620 -35.31 4.88 14.11
N SER C 621 -35.88 5.46 15.15
CA SER C 621 -35.17 6.36 16.06
C SER C 621 -35.70 6.17 17.49
N LEU C 622 -34.90 5.52 18.31
CA LEU C 622 -35.34 5.16 19.65
C LEU C 622 -34.43 5.80 20.69
N TYR C 623 -34.96 6.79 21.39
CA TYR C 623 -34.22 7.51 22.42
C TYR C 623 -32.83 7.92 21.95
N GLY C 624 -32.74 8.42 20.72
CA GLY C 624 -31.49 8.92 20.17
C GLY C 624 -30.72 7.88 19.33
N VAL C 625 -31.12 6.62 19.42
CA VAL C 625 -30.46 5.56 18.67
C VAL C 625 -31.22 5.31 17.38
N SER C 626 -30.53 5.34 16.26
CA SER C 626 -31.25 5.21 14.99
C SER C 626 -30.57 4.26 14.03
N GLY C 627 -31.32 3.88 13.01
CA GLY C 627 -30.82 2.98 11.97
C GLY C 627 -31.97 2.33 11.23
N ARG C 628 -31.68 1.22 10.57
CA ARG C 628 -32.68 0.49 9.79
C ARG C 628 -32.63 -0.98 10.14
N GLY C 629 -33.80 -1.62 10.16
CA GLY C 629 -33.87 -3.05 10.40
C GLY C 629 -35.30 -3.51 10.58
N VAL C 630 -35.48 -4.78 10.88
CA VAL C 630 -36.81 -5.34 11.08
C VAL C 630 -36.95 -5.92 12.48
N PHE C 631 -38.04 -5.56 13.15
CA PHE C 631 -38.30 -6.00 14.52
C PHE C 631 -39.20 -7.21 14.57
N GLN C 632 -38.96 -8.06 15.54
CA GLN C 632 -39.87 -9.16 15.86
C GLN C 632 -40.01 -9.28 17.37
N ASN C 633 -41.13 -9.82 17.82
CA ASN C 633 -41.30 -10.05 19.24
C ASN C 633 -40.44 -11.21 19.71
N CYS C 634 -39.85 -11.08 20.90
CA CYS C 634 -39.01 -12.15 21.46
C CYS C 634 -38.85 -11.98 22.96
N THR C 635 -38.04 -12.85 23.57
CA THR C 635 -37.88 -12.83 25.02
C THR C 635 -36.61 -12.10 25.46
N ALA C 636 -36.74 -11.28 26.51
CA ALA C 636 -35.64 -10.49 27.03
C ALA C 636 -34.50 -11.38 27.48
N VAL C 637 -33.27 -10.93 27.23
CA VAL C 637 -32.11 -11.71 27.60
C VAL C 637 -31.21 -11.00 28.62
N GLY C 638 -30.91 -9.72 28.41
CA GLY C 638 -29.95 -9.02 29.25
C GLY C 638 -30.64 -8.29 30.39
N VAL C 639 -29.99 -7.26 30.92
CA VAL C 639 -30.55 -6.52 32.04
C VAL C 639 -31.57 -5.52 31.52
N ARG C 640 -32.67 -5.35 32.23
CA ARG C 640 -33.73 -4.43 31.81
C ARG C 640 -33.44 -2.99 32.21
N GLN C 641 -32.56 -2.82 33.20
CA GLN C 641 -32.27 -1.49 33.76
C GLN C 641 -31.67 -0.51 32.75
N GLN C 642 -31.15 -1.04 31.67
CA GLN C 642 -30.68 -0.23 30.55
C GLN C 642 -31.18 -0.91 29.30
N ARG C 643 -31.75 -0.12 28.40
CA ARG C 643 -32.71 -0.68 27.46
C ARG C 643 -32.23 -0.90 26.02
N PHE C 644 -30.92 -0.96 25.84
CA PHE C 644 -30.37 -1.32 24.53
C PHE C 644 -29.39 -2.48 24.67
N VAL C 645 -29.67 -3.56 23.94
CA VAL C 645 -28.84 -4.76 24.00
C VAL C 645 -28.02 -4.90 22.73
N TYR C 646 -26.72 -4.94 22.87
CA TYR C 646 -25.83 -4.99 21.73
C TYR C 646 -25.14 -6.33 21.57
N ASP C 647 -24.70 -6.61 20.35
CA ASP C 647 -23.92 -7.80 20.04
C ASP C 647 -22.44 -7.60 20.34
N ALA C 648 -21.65 -8.66 20.12
CA ALA C 648 -20.20 -8.59 20.24
C ALA C 648 -19.64 -7.60 19.22
N TYR C 649 -20.31 -7.49 18.06
CA TYR C 649 -19.89 -6.59 17.00
C TYR C 649 -20.39 -5.17 17.22
N GLN C 650 -21.04 -4.95 18.36
CA GLN C 650 -21.58 -3.65 18.74
C GLN C 650 -22.75 -3.22 17.87
N ASN C 651 -23.40 -4.18 17.24
CA ASN C 651 -24.64 -3.93 16.53
C ASN C 651 -25.80 -3.99 17.49
N LEU C 652 -26.86 -3.25 17.23
CA LEU C 652 -28.02 -3.29 18.10
C LEU C 652 -28.84 -4.54 17.83
N VAL C 653 -29.09 -5.33 18.88
CA VAL C 653 -29.82 -6.58 18.75
C VAL C 653 -31.15 -6.52 19.43
N GLY C 654 -31.18 -6.02 20.66
CA GLY C 654 -32.40 -6.03 21.44
C GLY C 654 -32.78 -4.66 21.91
N TYR C 655 -34.08 -4.47 22.13
CA TYR C 655 -34.59 -3.20 22.61
C TYR C 655 -35.81 -3.38 23.51
N TYR C 656 -35.82 -2.64 24.62
CA TYR C 656 -36.96 -2.68 25.54
C TYR C 656 -37.85 -1.45 25.35
N SER C 657 -39.12 -1.67 25.05
CA SER C 657 -40.08 -0.58 24.86
C SER C 657 -40.67 -0.13 26.20
N ASP C 658 -41.27 1.06 26.21
CA ASP C 658 -41.91 1.57 27.44
C ASP C 658 -43.08 0.71 27.89
N ASP C 659 -43.64 -0.09 26.99
CA ASP C 659 -44.77 -0.93 27.35
C ASP C 659 -44.32 -2.26 27.96
N GLY C 660 -43.00 -2.40 28.14
CA GLY C 660 -42.44 -3.58 28.77
C GLY C 660 -42.06 -4.67 27.77
N ASN C 661 -42.46 -4.50 26.52
CA ASN C 661 -42.15 -5.50 25.50
C ASN C 661 -40.72 -5.43 25.04
N TYR C 662 -40.15 -6.59 24.80
CA TYR C 662 -38.80 -6.69 24.30
C TYR C 662 -38.79 -7.17 22.88
N TYR C 663 -38.04 -6.49 22.04
CA TYR C 663 -38.00 -6.86 20.63
C TYR C 663 -36.61 -7.20 20.18
N CYS C 664 -36.55 -8.11 19.21
CA CYS C 664 -35.30 -8.47 18.55
C CYS C 664 -35.21 -7.78 17.21
N LEU C 665 -34.05 -7.22 16.93
CA LEU C 665 -33.84 -6.46 15.72
C LEU C 665 -32.74 -7.04 14.86
N ARG C 666 -33.00 -7.19 13.58
CA ARG C 666 -31.98 -7.64 12.65
C ARG C 666 -31.92 -6.70 11.47
N ALA C 667 -30.74 -6.60 10.84
CA ALA C 667 -30.60 -5.79 9.64
C ALA C 667 -31.49 -6.34 8.55
N CYS C 668 -32.05 -5.45 7.74
CA CYS C 668 -32.88 -5.89 6.63
C CYS C 668 -32.03 -6.67 5.65
N VAL C 669 -32.46 -7.87 5.31
CA VAL C 669 -31.68 -8.76 4.47
C VAL C 669 -31.93 -8.52 2.99
N SER C 670 -30.86 -8.58 2.22
CA SER C 670 -30.94 -8.45 0.77
C SER C 670 -31.14 -9.81 0.13
N VAL C 671 -31.44 -9.82 -1.18
CA VAL C 671 -31.54 -11.08 -1.92
C VAL C 671 -30.45 -11.20 -2.99
N PRO C 672 -29.42 -12.04 -2.74
CA PRO C 672 -28.33 -12.35 -3.64
C PRO C 672 -28.87 -12.95 -4.92
N VAL C 673 -28.31 -12.54 -6.05
CA VAL C 673 -28.73 -13.05 -7.35
C VAL C 673 -27.54 -13.28 -8.27
N SER C 674 -27.67 -14.28 -9.14
CA SER C 674 -26.70 -14.53 -10.19
C SER C 674 -27.42 -14.72 -11.51
N VAL C 675 -26.73 -14.41 -12.60
CA VAL C 675 -27.34 -14.50 -13.92
C VAL C 675 -26.72 -15.60 -14.74
N ILE C 676 -27.58 -16.37 -15.37
CA ILE C 676 -27.17 -17.47 -16.21
C ILE C 676 -27.20 -16.99 -17.65
N TYR C 677 -26.04 -16.90 -18.29
CA TYR C 677 -25.98 -16.31 -19.63
C TYR C 677 -25.52 -17.28 -20.71
N ASP C 678 -26.31 -17.32 -21.78
CA ASP C 678 -26.04 -18.13 -22.97
C ASP C 678 -25.64 -17.26 -24.15
N LYS C 679 -24.36 -17.23 -24.47
CA LYS C 679 -23.87 -16.36 -25.53
C LYS C 679 -24.40 -16.73 -26.91
N GLU C 680 -24.29 -18.00 -27.26
CA GLU C 680 -24.58 -18.42 -28.62
C GLU C 680 -26.00 -18.11 -29.05
N THR C 681 -26.95 -18.26 -28.14
CA THR C 681 -28.34 -17.99 -28.49
C THR C 681 -28.84 -16.68 -27.90
N LYS C 682 -27.94 -15.89 -27.34
CA LYS C 682 -28.27 -14.59 -26.77
C LYS C 682 -29.45 -14.65 -25.80
N THR C 683 -29.41 -15.55 -24.82
CA THR C 683 -30.49 -15.61 -23.85
C THR C 683 -29.98 -15.78 -22.43
N HIS C 684 -30.90 -15.86 -21.46
CA HIS C 684 -30.49 -15.94 -20.07
C HIS C 684 -31.60 -16.41 -19.14
N ALA C 685 -31.22 -16.67 -17.89
CA ALA C 685 -32.15 -17.01 -16.81
C ALA C 685 -31.61 -16.48 -15.48
N THR C 686 -32.50 -16.30 -14.50
CA THR C 686 -32.09 -15.70 -13.23
C THR C 686 -32.16 -16.67 -12.05
N LEU C 687 -31.05 -16.80 -11.32
CA LEU C 687 -31.00 -17.65 -10.14
C LEU C 687 -30.97 -16.82 -8.87
N PHE C 688 -32.03 -16.91 -8.08
CA PHE C 688 -32.20 -16.03 -6.92
C PHE C 688 -31.60 -16.56 -5.64
N GLY C 689 -30.29 -16.70 -5.65
CA GLY C 689 -29.55 -17.02 -4.44
C GLY C 689 -30.04 -18.28 -3.76
N SER C 690 -30.45 -18.14 -2.50
CA SER C 690 -30.89 -19.25 -1.66
C SER C 690 -32.37 -19.12 -1.27
N VAL C 691 -33.12 -18.33 -2.03
CA VAL C 691 -34.54 -18.13 -1.75
C VAL C 691 -35.35 -19.26 -2.36
N ALA C 692 -36.20 -19.91 -1.57
CA ALA C 692 -36.98 -21.05 -2.07
C ALA C 692 -38.29 -20.65 -2.75
N CYS C 693 -38.20 -19.72 -3.69
CA CYS C 693 -39.32 -19.21 -4.50
C CYS C 693 -40.48 -18.69 -3.66
N GLU C 694 -40.28 -18.55 -2.35
CA GLU C 694 -41.33 -18.02 -1.48
C GLU C 694 -41.42 -16.52 -1.63
N HIS C 695 -40.27 -15.87 -1.76
CA HIS C 695 -40.20 -14.43 -1.77
C HIS C 695 -39.84 -13.91 -3.16
N ILE C 696 -39.98 -14.78 -4.15
CA ILE C 696 -39.67 -14.40 -5.52
C ILE C 696 -40.93 -14.24 -6.34
N SER C 697 -41.26 -13.01 -6.68
CA SER C 697 -42.43 -12.74 -7.48
C SER C 697 -42.10 -12.95 -8.95
N SER C 698 -43.12 -13.02 -9.78
CA SER C 698 -42.89 -13.12 -11.20
C SER C 698 -42.42 -11.77 -11.73
N THR C 699 -41.82 -11.79 -12.92
CA THR C 699 -41.35 -10.55 -13.55
C THR C 699 -40.52 -9.70 -12.59
N MET C 700 -39.62 -10.34 -11.85
CA MET C 700 -38.74 -9.63 -10.93
C MET C 700 -37.31 -9.66 -11.45
N SER C 701 -37.15 -10.03 -12.72
CA SER C 701 -35.84 -10.08 -13.32
C SER C 701 -35.24 -8.68 -13.43
N GLN C 702 -36.09 -7.68 -13.62
CA GLN C 702 -35.66 -6.30 -13.65
C GLN C 702 -35.48 -5.79 -12.23
N TYR C 703 -34.67 -4.76 -12.06
CA TYR C 703 -34.44 -4.23 -10.72
C TYR C 703 -35.56 -3.33 -10.23
N SER C 704 -36.28 -2.70 -11.16
CA SER C 704 -37.35 -1.75 -10.80
C SER C 704 -36.82 -0.65 -9.89
N ARG C 705 -35.61 -0.20 -10.19
CA ARG C 705 -34.94 0.86 -9.45
C ARG C 705 -35.42 0.92 -8.00
N TYR C 718 -41.87 -17.50 -18.67
CA TYR C 718 -41.99 -18.43 -17.55
C TYR C 718 -41.59 -17.80 -16.23
N GLY C 719 -42.27 -18.22 -15.17
CA GLY C 719 -41.98 -17.73 -13.84
C GLY C 719 -40.94 -18.62 -13.16
N PRO C 720 -40.85 -18.58 -11.83
CA PRO C 720 -39.91 -19.29 -10.98
C PRO C 720 -40.26 -20.76 -10.83
N LEU C 721 -39.21 -21.58 -10.65
CA LEU C 721 -39.39 -22.97 -10.25
C LEU C 721 -38.34 -23.34 -9.21
N GLN C 722 -38.69 -24.26 -8.33
CA GLN C 722 -37.80 -24.68 -7.25
C GLN C 722 -36.77 -25.68 -7.74
N THR C 723 -35.53 -25.55 -7.29
CA THR C 723 -34.50 -26.56 -7.54
C THR C 723 -33.67 -26.75 -6.26
N PRO C 724 -32.89 -27.85 -6.14
CA PRO C 724 -31.96 -28.11 -5.03
C PRO C 724 -30.72 -27.21 -5.06
N VAL C 725 -30.91 -25.91 -5.24
CA VAL C 725 -29.85 -24.92 -5.24
C VAL C 725 -30.39 -23.57 -4.82
N GLY C 726 -31.42 -23.13 -5.52
CA GLY C 726 -32.09 -21.86 -5.26
C GLY C 726 -33.13 -21.62 -6.34
N CYS C 727 -34.07 -20.74 -6.07
CA CYS C 727 -35.15 -20.51 -7.00
C CYS C 727 -34.66 -19.93 -8.30
N VAL C 728 -35.04 -20.54 -9.41
CA VAL C 728 -34.59 -20.05 -10.70
C VAL C 728 -35.77 -19.66 -11.56
N LEU C 729 -35.66 -18.51 -12.20
CA LEU C 729 -36.74 -17.99 -13.03
C LEU C 729 -36.37 -17.96 -14.50
N GLY C 730 -37.30 -18.43 -15.33
CA GLY C 730 -37.11 -18.41 -16.77
C GLY C 730 -36.73 -19.76 -17.37
N LEU C 731 -36.32 -20.72 -16.53
CA LEU C 731 -35.96 -22.04 -17.03
C LEU C 731 -37.17 -22.94 -17.09
N VAL C 732 -37.11 -23.95 -17.95
CA VAL C 732 -38.13 -24.99 -17.97
C VAL C 732 -37.49 -26.33 -17.64
N ASN C 733 -38.16 -27.10 -16.79
CA ASN C 733 -37.65 -28.40 -16.36
C ASN C 733 -37.99 -29.48 -17.36
N SER C 734 -36.96 -30.02 -18.04
CA SER C 734 -37.19 -30.99 -19.12
C SER C 734 -36.88 -32.44 -18.72
N SER C 735 -36.53 -32.66 -17.46
CA SER C 735 -36.19 -34.00 -16.96
C SER C 735 -35.13 -34.73 -17.80
N LEU C 736 -34.08 -34.01 -18.18
CA LEU C 736 -33.01 -34.59 -18.99
C LEU C 736 -31.73 -34.80 -18.21
N PHE C 737 -30.87 -35.68 -18.73
CA PHE C 737 -29.51 -35.84 -18.21
C PHE C 737 -28.48 -35.42 -19.23
N VAL C 738 -27.47 -34.71 -18.77
CA VAL C 738 -26.39 -34.23 -19.62
C VAL C 738 -25.04 -34.60 -19.06
N GLU C 739 -24.13 -35.02 -19.93
CA GLU C 739 -22.78 -35.37 -19.50
C GLU C 739 -22.08 -34.17 -18.90
N ASP C 740 -21.97 -33.11 -19.70
CA ASP C 740 -21.34 -31.86 -19.28
C ASP C 740 -22.03 -30.68 -19.94
N CYS C 741 -21.94 -29.52 -19.31
CA CYS C 741 -22.48 -28.30 -19.89
C CYS C 741 -21.64 -27.10 -19.46
N LYS C 742 -21.93 -25.95 -20.03
CA LYS C 742 -21.18 -24.73 -19.71
C LYS C 742 -21.91 -23.93 -18.64
N LEU C 743 -22.97 -24.51 -18.09
CA LEU C 743 -23.80 -23.84 -17.12
C LEU C 743 -24.00 -24.67 -15.82
N PRO C 744 -22.90 -25.11 -15.17
CA PRO C 744 -22.87 -25.96 -14.01
C PRO C 744 -23.36 -25.23 -12.78
N LEU C 745 -24.68 -25.08 -12.67
CA LEU C 745 -25.28 -24.33 -11.59
C LEU C 745 -24.77 -24.79 -10.24
N GLY C 746 -24.58 -26.10 -10.07
CA GLY C 746 -24.09 -26.62 -8.81
C GLY C 746 -24.79 -27.90 -8.42
N GLN C 747 -24.24 -28.61 -7.44
CA GLN C 747 -24.80 -29.87 -7.01
C GLN C 747 -24.95 -30.81 -8.20
N SER C 748 -26.16 -31.27 -8.44
CA SER C 748 -26.41 -32.20 -9.53
C SER C 748 -27.01 -31.52 -10.75
N LEU C 749 -27.06 -30.18 -10.73
CA LEU C 749 -27.70 -29.46 -11.83
C LEU C 749 -26.69 -28.97 -12.85
N CYS C 750 -27.10 -28.98 -14.11
CA CYS C 750 -26.26 -28.57 -15.21
C CYS C 750 -27.17 -28.07 -16.34
N ALA C 751 -27.41 -26.76 -16.37
CA ALA C 751 -28.44 -26.16 -17.23
C ALA C 751 -28.09 -26.31 -18.70
N LEU C 752 -29.12 -26.36 -19.53
CA LEU C 752 -28.90 -26.48 -20.97
C LEU C 752 -29.44 -25.28 -21.75
N PRO C 753 -28.75 -24.90 -22.83
CA PRO C 753 -29.17 -23.95 -23.82
C PRO C 753 -30.16 -24.61 -24.76
N ASP C 754 -30.93 -23.81 -25.49
CA ASP C 754 -31.73 -24.37 -26.56
C ASP C 754 -30.92 -24.37 -27.84
N THR C 755 -30.46 -25.55 -28.26
CA THR C 755 -29.58 -25.66 -29.40
C THR C 755 -30.39 -25.72 -30.72
N PRO C 756 -30.09 -24.84 -31.69
CA PRO C 756 -30.70 -24.80 -33.00
C PRO C 756 -30.74 -26.18 -33.63
N PRO C 768 -34.53 -18.76 -30.75
CA PRO C 768 -34.27 -19.77 -29.74
C PRO C 768 -35.38 -19.81 -28.71
N GLY C 769 -35.62 -20.99 -28.15
CA GLY C 769 -36.63 -21.17 -27.13
C GLY C 769 -36.07 -20.88 -25.76
N GLU C 770 -36.78 -21.32 -24.73
CA GLU C 770 -36.38 -21.06 -23.35
C GLU C 770 -35.20 -21.94 -22.98
N MET C 771 -34.42 -21.49 -22.01
CA MET C 771 -33.34 -22.33 -21.48
C MET C 771 -33.93 -23.44 -20.64
N ARG C 772 -33.21 -24.54 -20.55
CA ARG C 772 -33.74 -25.71 -19.87
C ARG C 772 -32.95 -26.08 -18.63
N LEU C 773 -33.62 -26.69 -17.68
CA LEU C 773 -32.95 -27.26 -16.53
C LEU C 773 -32.75 -28.74 -16.76
N ALA C 774 -31.58 -29.24 -16.36
CA ALA C 774 -31.21 -30.63 -16.53
C ALA C 774 -30.26 -31.07 -15.44
N SER C 775 -30.12 -32.37 -15.27
CA SER C 775 -29.23 -32.93 -14.26
C SER C 775 -27.98 -33.50 -14.90
N ILE C 776 -26.90 -33.50 -14.14
CA ILE C 776 -25.64 -34.05 -14.62
C ILE C 776 -25.67 -35.58 -14.60
N ALA C 777 -25.20 -36.18 -15.68
CA ALA C 777 -25.18 -37.63 -15.83
C ALA C 777 -23.99 -38.27 -15.10
N PHE C 778 -24.14 -39.55 -14.76
CA PHE C 778 -23.05 -40.35 -14.23
C PHE C 778 -22.88 -41.61 -15.04
N ASN C 779 -21.65 -41.90 -15.45
CA ASN C 779 -21.36 -43.09 -16.23
C ASN C 779 -20.82 -44.21 -15.39
N HIS C 780 -21.45 -45.37 -15.49
CA HIS C 780 -21.03 -46.54 -14.75
C HIS C 780 -19.89 -47.23 -15.51
N PRO C 781 -18.99 -47.92 -14.79
CA PRO C 781 -17.92 -48.76 -15.30
C PRO C 781 -18.49 -50.07 -15.82
N ILE C 782 -17.68 -50.83 -16.54
CA ILE C 782 -18.10 -52.15 -16.96
C ILE C 782 -18.11 -53.09 -15.77
N GLN C 783 -19.28 -53.65 -15.45
CA GLN C 783 -19.40 -54.51 -14.27
C GLN C 783 -19.11 -55.96 -14.57
N VAL C 784 -18.17 -56.54 -13.83
CA VAL C 784 -17.79 -57.95 -13.99
C VAL C 784 -17.90 -58.70 -12.66
N ASP C 785 -18.78 -59.70 -12.61
CA ASP C 785 -19.01 -60.48 -11.40
C ASP C 785 -17.95 -61.57 -11.18
N GLN C 786 -17.86 -62.05 -9.93
CA GLN C 786 -16.93 -63.14 -9.58
C GLN C 786 -17.59 -64.49 -9.71
N LEU C 787 -16.78 -65.52 -9.93
CA LEU C 787 -17.29 -66.88 -10.01
C LEU C 787 -17.15 -67.59 -8.68
N ASN C 788 -18.16 -68.38 -8.34
CA ASN C 788 -18.15 -69.20 -7.14
C ASN C 788 -17.41 -70.51 -7.39
N SER C 789 -16.13 -70.41 -7.71
CA SER C 789 -15.35 -71.58 -8.08
C SER C 789 -13.85 -71.33 -7.98
N SER C 790 -13.08 -72.20 -8.65
CA SER C 790 -11.62 -72.10 -8.69
C SER C 790 -11.17 -71.34 -9.93
N TYR C 791 -12.13 -70.74 -10.62
CA TYR C 791 -11.85 -69.96 -11.82
C TYR C 791 -12.27 -68.53 -11.61
N PHE C 792 -11.97 -67.68 -12.59
CA PHE C 792 -12.44 -66.31 -12.53
C PHE C 792 -12.75 -65.77 -13.91
N LYS C 793 -13.57 -64.72 -13.95
CA LYS C 793 -13.86 -64.07 -15.21
C LYS C 793 -12.75 -63.12 -15.62
N LEU C 794 -12.45 -63.12 -16.90
CA LEU C 794 -11.49 -62.20 -17.46
C LEU C 794 -12.13 -61.32 -18.51
N SER C 795 -12.01 -60.02 -18.34
CA SER C 795 -12.51 -59.06 -19.30
C SER C 795 -11.37 -58.54 -20.16
N ILE C 796 -11.39 -58.92 -21.43
CA ILE C 796 -10.28 -58.65 -22.33
C ILE C 796 -10.81 -58.08 -23.66
N PRO C 797 -10.19 -57.02 -24.22
CA PRO C 797 -10.54 -56.38 -25.48
C PRO C 797 -10.29 -57.28 -26.67
N THR C 798 -11.04 -57.07 -27.75
CA THR C 798 -10.84 -57.81 -28.98
C THR C 798 -10.77 -56.83 -30.12
N ASN C 799 -10.24 -55.66 -29.81
CA ASN C 799 -10.08 -54.57 -30.76
C ASN C 799 -9.23 -53.49 -30.12
N PHE C 800 -8.79 -52.52 -30.90
CA PHE C 800 -8.08 -51.41 -30.31
C PHE C 800 -8.03 -50.19 -31.20
N SER C 801 -7.63 -49.08 -30.61
CA SER C 801 -7.40 -47.85 -31.34
C SER C 801 -6.32 -47.04 -30.66
N PHE C 802 -5.82 -46.05 -31.37
CA PHE C 802 -4.86 -45.13 -30.78
C PHE C 802 -5.48 -43.76 -30.69
N GLY C 803 -5.01 -42.97 -29.75
CA GLY C 803 -5.46 -41.60 -29.62
C GLY C 803 -4.36 -40.76 -29.05
N VAL C 804 -4.50 -39.45 -29.12
CA VAL C 804 -3.45 -38.59 -28.64
C VAL C 804 -3.92 -37.67 -27.54
N THR C 805 -3.26 -37.76 -26.40
CA THR C 805 -3.53 -36.89 -25.27
C THR C 805 -2.62 -35.71 -25.39
N GLN C 806 -3.13 -34.53 -25.10
CA GLN C 806 -2.30 -33.35 -25.23
C GLN C 806 -2.46 -32.42 -24.07
N GLU C 807 -1.39 -31.72 -23.74
CA GLU C 807 -1.39 -30.80 -22.62
C GLU C 807 -0.36 -29.70 -22.79
N TYR C 808 -0.59 -28.59 -22.11
CA TYR C 808 0.35 -27.48 -22.16
C TYR C 808 0.89 -27.14 -20.80
N ILE C 809 2.21 -27.01 -20.72
CA ILE C 809 2.84 -26.61 -19.48
C ILE C 809 3.54 -25.27 -19.66
N GLN C 810 3.09 -24.27 -18.90
CA GLN C 810 3.71 -22.96 -18.96
C GLN C 810 4.96 -22.96 -18.12
N THR C 811 6.09 -22.59 -18.72
CA THR C 811 7.35 -22.63 -17.99
C THR C 811 7.92 -21.24 -17.79
N THR C 812 7.45 -20.27 -18.55
CA THR C 812 7.96 -18.91 -18.43
C THR C 812 6.85 -17.87 -18.37
N ILE C 813 7.21 -16.70 -17.87
CA ILE C 813 6.36 -15.53 -17.93
C ILE C 813 7.15 -14.40 -18.56
N GLN C 814 6.47 -13.33 -18.95
CA GLN C 814 7.16 -12.20 -19.55
C GLN C 814 7.97 -11.44 -18.51
N LYS C 815 9.20 -11.10 -18.86
CA LYS C 815 10.06 -10.32 -17.98
C LYS C 815 9.82 -8.83 -18.17
N VAL C 816 9.37 -8.17 -17.11
CA VAL C 816 9.00 -6.77 -17.19
C VAL C 816 9.67 -5.92 -16.11
N THR C 817 10.25 -4.80 -16.51
CA THR C 817 10.84 -3.86 -15.55
C THR C 817 10.09 -2.54 -15.60
N VAL C 818 10.11 -1.81 -14.48
CA VAL C 818 9.37 -0.55 -14.40
C VAL C 818 10.22 0.59 -13.82
N ASP C 819 10.35 1.68 -14.56
CA ASP C 819 11.07 2.83 -14.05
C ASP C 819 10.14 3.68 -13.19
N CYS C 820 9.91 3.18 -11.98
CA CYS C 820 8.96 3.71 -11.01
C CYS C 820 9.10 5.22 -10.84
N LYS C 821 10.32 5.72 -10.86
CA LYS C 821 10.52 7.15 -10.64
C LYS C 821 9.61 7.96 -11.54
N GLN C 822 9.48 7.54 -12.81
CA GLN C 822 8.64 8.25 -13.74
C GLN C 822 7.19 7.90 -13.51
N TYR C 823 6.92 6.62 -13.35
CA TYR C 823 5.55 6.17 -13.15
C TYR C 823 4.85 6.99 -12.08
N VAL C 824 5.55 7.22 -10.97
CA VAL C 824 4.99 7.92 -9.84
C VAL C 824 5.02 9.44 -9.99
N CYS C 825 6.17 10.00 -10.35
CA CYS C 825 6.38 11.44 -10.27
C CYS C 825 6.31 12.14 -11.62
N ASN C 826 6.54 11.40 -12.69
CA ASN C 826 6.51 11.93 -14.05
C ASN C 826 7.37 13.18 -14.27
N GLY C 827 8.55 13.23 -13.66
CA GLY C 827 9.52 14.29 -13.95
C GLY C 827 9.31 15.61 -13.20
N PHE C 828 8.28 15.72 -12.40
CA PHE C 828 8.05 16.99 -11.69
C PHE C 828 8.83 17.03 -10.39
N GLN C 829 9.84 17.88 -10.31
CA GLN C 829 10.70 17.91 -9.13
C GLN C 829 9.89 18.19 -7.87
N LYS C 830 8.70 18.75 -8.04
CA LYS C 830 7.81 19.03 -6.94
C LYS C 830 7.40 17.75 -6.22
N CYS C 831 7.19 16.68 -6.98
CA CYS C 831 6.79 15.42 -6.36
C CYS C 831 7.98 14.56 -6.01
N GLU C 832 9.12 14.81 -6.64
CA GLU C 832 10.32 14.07 -6.27
C GLU C 832 10.65 14.36 -4.82
N GLN C 833 10.46 15.62 -4.44
CA GLN C 833 10.70 16.05 -3.08
C GLN C 833 9.87 15.27 -2.07
N LEU C 834 8.62 14.98 -2.45
CA LEU C 834 7.70 14.28 -1.57
C LEU C 834 7.93 12.78 -1.60
N LEU C 835 8.24 12.25 -2.77
CA LEU C 835 8.43 10.82 -2.91
C LEU C 835 9.51 10.30 -1.98
N ARG C 836 10.56 11.08 -1.79
CA ARG C 836 11.66 10.69 -0.92
C ARG C 836 11.21 10.45 0.52
N GLU C 837 10.04 10.96 0.89
CA GLU C 837 9.55 10.83 2.25
C GLU C 837 9.09 9.42 2.55
N TYR C 838 9.06 8.56 1.53
CA TYR C 838 8.64 7.18 1.70
C TYR C 838 9.85 6.25 1.73
N GLY C 839 11.04 6.82 1.85
CA GLY C 839 12.27 6.03 1.90
C GLY C 839 12.66 5.56 0.52
N GLN C 840 13.51 4.53 0.47
CA GLN C 840 14.02 4.06 -0.81
C GLN C 840 13.03 3.14 -1.51
N PHE C 841 11.88 3.71 -1.84
CA PHE C 841 10.77 2.99 -2.44
C PHE C 841 11.15 2.32 -3.76
N CYS C 842 11.72 3.10 -4.66
CA CYS C 842 12.12 2.57 -5.96
C CYS C 842 13.24 1.55 -5.90
N SER C 843 14.14 1.69 -4.93
CA SER C 843 15.24 0.74 -4.83
C SER C 843 14.69 -0.64 -4.58
N LYS C 844 13.71 -0.72 -3.70
CA LYS C 844 13.09 -2.00 -3.35
C LYS C 844 12.39 -2.63 -4.54
N ILE C 845 11.66 -1.83 -5.31
CA ILE C 845 10.96 -2.35 -6.48
C ILE C 845 11.91 -2.84 -7.53
N ASN C 846 12.91 -2.04 -7.86
CA ASN C 846 13.82 -2.40 -8.91
C ASN C 846 14.53 -3.70 -8.59
N GLN C 847 14.92 -3.88 -7.33
CA GLN C 847 15.60 -5.08 -6.93
C GLN C 847 14.68 -6.29 -6.99
N ALA C 848 13.43 -6.14 -6.54
CA ALA C 848 12.49 -7.24 -6.55
C ALA C 848 12.23 -7.75 -7.96
N LEU C 849 12.04 -6.82 -8.90
CA LEU C 849 11.78 -7.21 -10.26
C LEU C 849 13.01 -7.82 -10.91
N HIS C 850 14.18 -7.28 -10.60
CA HIS C 850 15.43 -7.81 -11.13
C HIS C 850 15.59 -9.26 -10.70
N GLY C 851 15.35 -9.52 -9.42
CA GLY C 851 15.44 -10.87 -8.88
C GLY C 851 14.54 -11.83 -9.64
N ALA C 852 13.28 -11.43 -9.84
CA ALA C 852 12.31 -12.27 -10.55
C ALA C 852 12.79 -12.58 -11.96
N ASN C 853 13.37 -11.59 -12.63
CA ASN C 853 13.83 -11.79 -13.98
C ASN C 853 14.97 -12.81 -14.04
N LEU C 854 15.87 -12.74 -13.06
CA LEU C 854 16.98 -13.69 -13.01
C LEU C 854 16.48 -15.10 -12.80
N ARG C 855 15.46 -15.25 -11.95
CA ARG C 855 14.90 -16.55 -11.67
C ARG C 855 14.36 -17.20 -12.93
N GLN C 856 13.69 -16.40 -13.77
CA GLN C 856 13.12 -16.92 -15.01
C GLN C 856 14.21 -17.43 -15.95
N ASP C 857 15.30 -16.69 -16.05
CA ASP C 857 16.39 -17.12 -16.92
C ASP C 857 17.01 -18.42 -16.43
N ASP C 858 17.14 -18.55 -15.12
CA ASP C 858 17.75 -19.76 -14.56
C ASP C 858 16.87 -20.97 -14.85
N SER C 859 15.57 -20.80 -14.72
CA SER C 859 14.64 -21.89 -14.99
C SER C 859 14.78 -22.38 -16.43
N VAL C 860 14.84 -21.45 -17.37
CA VAL C 860 14.95 -21.80 -18.77
C VAL C 860 16.23 -22.58 -19.05
N ARG C 861 17.35 -22.12 -18.50
CA ARG C 861 18.61 -22.82 -18.72
C ARG C 861 18.54 -24.26 -18.23
N ASN C 862 18.01 -24.46 -17.03
CA ASN C 862 17.95 -25.80 -16.46
C ASN C 862 17.03 -26.73 -17.23
N LEU C 863 15.91 -26.20 -17.69
CA LEU C 863 14.97 -27.02 -18.42
C LEU C 863 15.60 -27.56 -19.68
N PHE C 864 16.20 -26.69 -20.47
CA PHE C 864 16.75 -27.12 -21.75
C PHE C 864 17.97 -27.99 -21.57
N ALA C 865 18.76 -27.73 -20.55
CA ALA C 865 19.93 -28.55 -20.29
C ALA C 865 19.52 -30.00 -20.06
N SER C 866 18.36 -30.21 -19.43
CA SER C 866 17.86 -31.54 -19.15
C SER C 866 17.23 -32.19 -20.39
N VAL C 867 16.52 -31.40 -21.19
CA VAL C 867 15.91 -31.88 -22.42
C VAL C 867 16.98 -32.38 -23.39
N LYS C 868 18.06 -31.63 -23.50
CA LYS C 868 19.14 -31.91 -24.42
C LYS C 868 19.66 -33.34 -24.31
N SER C 869 19.71 -34.02 -25.46
CA SER C 869 20.23 -35.38 -25.54
C SER C 869 21.72 -35.39 -25.88
N SER C 870 22.39 -36.49 -25.58
CA SER C 870 23.81 -36.62 -25.93
C SER C 870 24.03 -37.32 -27.27
N GLN C 871 23.07 -38.16 -27.66
CA GLN C 871 23.17 -38.92 -28.90
C GLN C 871 21.82 -38.94 -29.60
N SER C 872 21.84 -38.88 -30.93
CA SER C 872 20.61 -38.93 -31.71
C SER C 872 20.89 -39.31 -33.14
N SER C 873 19.84 -39.64 -33.88
CA SER C 873 19.98 -39.85 -35.31
C SER C 873 19.51 -38.61 -36.04
N PRO C 874 20.08 -38.29 -37.20
CA PRO C 874 19.68 -37.20 -38.05
C PRO C 874 18.29 -37.47 -38.59
N ILE C 875 17.51 -36.42 -38.78
CA ILE C 875 16.17 -36.57 -39.32
C ILE C 875 16.09 -36.13 -40.75
N ILE C 876 15.69 -37.05 -41.61
CA ILE C 876 15.55 -36.78 -43.02
C ILE C 876 14.15 -37.22 -43.45
N PRO C 877 13.63 -36.71 -44.57
CA PRO C 877 12.37 -37.12 -45.13
C PRO C 877 12.33 -38.62 -45.26
N GLY C 878 11.25 -39.22 -44.81
CA GLY C 878 11.13 -40.67 -44.79
C GLY C 878 11.18 -41.20 -43.37
N PHE C 879 11.73 -40.38 -42.46
CA PHE C 879 11.85 -40.73 -41.05
C PHE C 879 10.49 -41.16 -40.52
N GLY C 880 10.44 -42.33 -39.89
CA GLY C 880 9.20 -42.89 -39.37
C GLY C 880 8.72 -44.09 -40.20
N GLY C 881 9.13 -44.15 -41.46
CA GLY C 881 8.73 -45.23 -42.35
C GLY C 881 7.21 -45.26 -42.53
N ASP C 882 6.60 -46.40 -42.25
CA ASP C 882 5.16 -46.57 -42.38
C ASP C 882 4.41 -45.65 -41.42
N PHE C 883 5.10 -45.19 -40.39
CA PHE C 883 4.52 -44.34 -39.37
C PHE C 883 4.79 -42.89 -39.73
N ASN C 884 3.78 -42.23 -40.24
CA ASN C 884 3.93 -40.89 -40.80
C ASN C 884 3.83 -39.82 -39.73
N LEU C 885 4.97 -39.26 -39.38
CA LEU C 885 5.04 -38.23 -38.36
C LEU C 885 5.74 -37.00 -38.93
N THR C 886 5.61 -36.82 -40.23
CA THR C 886 6.26 -35.70 -40.92
C THR C 886 5.78 -34.34 -40.42
N LEU C 887 4.61 -34.31 -39.77
CA LEU C 887 4.12 -33.04 -39.26
C LEU C 887 4.88 -32.63 -37.97
N LEU C 888 5.70 -33.55 -37.45
CA LEU C 888 6.60 -33.26 -36.32
C LEU C 888 7.96 -32.84 -36.88
N GLU C 889 8.32 -33.46 -38.00
CA GLU C 889 9.57 -33.22 -38.69
C GLU C 889 9.74 -31.73 -39.01
N PRO C 890 10.91 -31.12 -38.74
CA PRO C 890 11.20 -29.72 -38.98
C PRO C 890 11.09 -29.41 -40.46
N VAL C 891 10.58 -28.23 -40.77
CA VAL C 891 10.43 -27.82 -42.16
C VAL C 891 11.59 -26.95 -42.60
N SER C 892 12.31 -27.42 -43.62
CA SER C 892 13.47 -26.70 -44.14
C SER C 892 13.22 -25.19 -44.16
N ALA C 900 13.11 -23.40 -38.67
CA ALA C 900 13.48 -24.77 -38.29
C ALA C 900 12.40 -25.37 -37.42
N ARG C 901 11.22 -24.76 -37.45
CA ARG C 901 10.07 -25.24 -36.70
C ARG C 901 9.39 -26.40 -37.41
N SER C 902 8.63 -27.20 -36.65
CA SER C 902 7.82 -28.25 -37.25
C SER C 902 6.56 -27.67 -37.82
N ALA C 903 5.86 -28.44 -38.64
CA ALA C 903 4.58 -27.97 -39.14
C ALA C 903 3.62 -27.74 -38.00
N ILE C 904 3.47 -28.74 -37.13
CA ILE C 904 2.52 -28.63 -36.03
C ILE C 904 2.88 -27.48 -35.08
N GLU C 905 4.18 -27.24 -34.92
CA GLU C 905 4.62 -26.14 -34.09
C GLU C 905 4.10 -24.82 -34.62
N ASP C 906 4.28 -24.57 -35.92
CA ASP C 906 3.76 -23.36 -36.53
C ASP C 906 2.24 -23.28 -36.47
N LEU C 907 1.56 -24.42 -36.63
CA LEU C 907 0.11 -24.41 -36.55
C LEU C 907 -0.35 -23.85 -35.21
N LEU C 908 0.39 -24.17 -34.14
CA LEU C 908 0.06 -23.66 -32.83
C LEU C 908 0.38 -22.17 -32.72
N PHE C 909 1.62 -21.80 -33.06
CA PHE C 909 2.08 -20.43 -32.90
C PHE C 909 1.29 -19.42 -33.71
N ASP C 910 0.92 -19.79 -34.93
CA ASP C 910 0.23 -18.88 -35.82
C ASP C 910 -1.29 -18.94 -35.66
N LYS C 911 -1.76 -19.69 -34.67
CA LYS C 911 -3.19 -19.79 -34.44
C LYS C 911 -3.59 -19.02 -33.19
N VAL C 912 -2.74 -19.05 -32.17
CA VAL C 912 -3.03 -18.34 -30.94
C VAL C 912 -2.74 -16.86 -31.09
N THR C 913 -3.76 -16.03 -30.88
CA THR C 913 -3.61 -14.59 -31.00
C THR C 913 -2.68 -14.06 -29.93
N ILE C 914 -1.71 -13.27 -30.34
CA ILE C 914 -0.74 -12.73 -29.40
C ILE C 914 -0.12 -11.44 -29.93
N ALA C 915 0.16 -10.51 -29.02
CA ALA C 915 0.84 -9.27 -29.37
C ALA C 915 2.26 -9.57 -29.83
N ASP C 916 2.79 -8.72 -30.70
CA ASP C 916 4.15 -8.91 -31.18
C ASP C 916 5.04 -7.69 -30.83
N PRO C 917 5.77 -7.74 -29.70
CA PRO C 917 6.68 -6.72 -29.22
C PRO C 917 7.78 -6.49 -30.22
N GLY C 918 8.23 -5.25 -30.33
CA GLY C 918 9.30 -4.90 -31.26
C GLY C 918 10.64 -5.60 -31.10
N TYR C 919 11.21 -5.50 -29.89
CA TYR C 919 12.60 -5.92 -29.58
C TYR C 919 13.15 -4.68 -30.30
N MET C 920 13.67 -4.89 -31.49
CA MET C 920 14.09 -3.82 -32.38
C MET C 920 13.20 -2.80 -33.04
N GLN C 921 13.71 -1.59 -33.16
CA GLN C 921 12.96 -0.46 -33.72
C GLN C 921 11.51 -0.42 -33.24
N GLY C 922 11.27 -0.72 -31.96
CA GLY C 922 9.93 -0.66 -31.40
C GLY C 922 9.59 0.79 -31.13
N TYR C 923 10.60 1.51 -30.67
CA TYR C 923 10.51 2.91 -30.39
C TYR C 923 10.03 3.64 -31.63
N ASP C 924 10.63 3.27 -32.75
CA ASP C 924 10.36 3.90 -34.02
C ASP C 924 9.05 3.46 -34.64
N ASP C 925 8.69 2.18 -34.49
CA ASP C 925 7.43 1.71 -35.04
C ASP C 925 6.26 2.50 -34.46
N CYS C 926 6.36 2.89 -33.19
CA CYS C 926 5.28 3.61 -32.53
C CYS C 926 5.19 5.07 -32.96
N MET C 927 6.15 5.53 -33.75
CA MET C 927 6.15 6.90 -34.25
C MET C 927 5.86 6.97 -35.75
N GLN C 928 6.43 6.01 -36.49
CA GLN C 928 6.40 6.04 -37.95
C GLN C 928 5.19 5.33 -38.55
N GLN C 929 4.41 4.67 -37.72
CA GLN C 929 3.26 3.92 -38.20
C GLN C 929 1.97 4.66 -37.92
N GLY C 930 2.08 5.92 -37.57
CA GLY C 930 0.91 6.71 -37.23
C GLY C 930 0.51 6.41 -35.79
N PRO C 931 -0.71 6.78 -35.38
CA PRO C 931 -1.20 6.67 -34.03
C PRO C 931 -1.29 5.21 -33.62
N ALA C 932 -1.00 4.94 -32.36
CA ALA C 932 -1.08 3.58 -31.84
C ALA C 932 -2.53 3.12 -31.76
N SER C 933 -2.74 1.81 -31.88
CA SER C 933 -4.07 1.24 -31.75
C SER C 933 -4.60 1.46 -30.35
N ALA C 934 -5.91 1.40 -30.19
CA ALA C 934 -6.49 1.54 -28.87
C ALA C 934 -5.92 0.49 -27.93
N ARG C 935 -5.57 0.92 -26.72
CA ARG C 935 -5.03 0.03 -25.70
C ARG C 935 -3.81 -0.76 -26.20
N ASP C 936 -2.91 -0.07 -26.90
CA ASP C 936 -1.69 -0.69 -27.39
C ASP C 936 -0.64 -0.77 -26.28
N LEU C 937 -0.47 -1.97 -25.74
CA LEU C 937 0.39 -2.17 -24.58
C LEU C 937 1.85 -2.31 -24.97
N ILE C 938 2.13 -2.16 -26.25
CA ILE C 938 3.50 -2.14 -26.71
C ILE C 938 3.97 -0.71 -26.74
N CYS C 939 3.21 0.15 -27.38
CA CYS C 939 3.58 1.54 -27.47
C CYS C 939 3.43 2.26 -26.14
N ALA C 940 2.56 1.76 -25.28
CA ALA C 940 2.37 2.33 -23.95
C ALA C 940 3.68 2.29 -23.17
N GLN C 941 4.57 1.37 -23.52
CA GLN C 941 5.82 1.21 -22.79
C GLN C 941 6.65 2.48 -22.80
N TYR C 942 6.61 3.21 -23.91
CA TYR C 942 7.47 4.37 -24.10
C TYR C 942 6.85 5.63 -23.50
N VAL C 943 5.65 5.49 -22.96
CA VAL C 943 4.94 6.61 -22.38
C VAL C 943 4.64 6.38 -20.91
N ALA C 944 3.98 5.27 -20.61
CA ALA C 944 3.56 4.94 -19.27
C ALA C 944 4.75 4.77 -18.32
N GLY C 945 5.85 4.25 -18.83
CA GLY C 945 7.02 4.02 -17.98
C GLY C 945 7.22 2.55 -17.61
N TYR C 946 7.30 1.68 -18.61
CA TYR C 946 7.64 0.28 -18.35
C TYR C 946 8.26 -0.34 -19.59
N LYS C 947 8.93 -1.49 -19.43
CA LYS C 947 9.60 -2.10 -20.56
C LYS C 947 9.60 -3.63 -20.54
N VAL C 948 9.21 -4.22 -21.66
CA VAL C 948 9.26 -5.67 -21.85
C VAL C 948 10.61 -6.12 -22.36
N LEU C 949 11.17 -7.15 -21.74
CA LEU C 949 12.47 -7.66 -22.12
C LEU C 949 12.34 -8.87 -23.06
N PRO C 950 13.33 -9.13 -23.92
CA PRO C 950 13.44 -10.27 -24.80
C PRO C 950 13.68 -11.55 -24.01
N PRO C 951 13.32 -12.70 -24.58
CA PRO C 951 13.47 -14.03 -24.03
C PRO C 951 14.94 -14.39 -23.94
N LEU C 952 15.26 -15.33 -23.05
CA LEU C 952 16.64 -15.76 -22.87
C LEU C 952 17.24 -16.36 -24.12
N MET C 953 16.46 -17.20 -24.80
CA MET C 953 16.97 -17.91 -25.97
C MET C 953 16.25 -17.52 -27.24
N ASP C 954 16.97 -17.59 -28.36
CA ASP C 954 16.41 -17.39 -29.67
C ASP C 954 15.56 -18.58 -30.09
N VAL C 955 14.65 -18.35 -31.03
CA VAL C 955 13.77 -19.39 -31.52
C VAL C 955 14.54 -20.48 -32.23
N ASN C 956 15.66 -20.11 -32.84
CA ASN C 956 16.48 -21.08 -33.55
C ASN C 956 17.10 -22.09 -32.59
N MET C 957 17.39 -21.66 -31.36
CA MET C 957 17.94 -22.57 -30.38
C MET C 957 16.84 -23.47 -29.86
N GLU C 958 15.66 -22.92 -29.64
CA GLU C 958 14.55 -23.71 -29.16
C GLU C 958 14.21 -24.81 -30.16
N ALA C 959 14.25 -24.46 -31.44
CA ALA C 959 13.99 -25.41 -32.49
C ALA C 959 15.05 -26.51 -32.48
N ALA C 960 16.32 -26.14 -32.29
CA ALA C 960 17.40 -27.10 -32.26
C ALA C 960 17.22 -28.11 -31.12
N TYR C 961 16.80 -27.63 -29.96
CA TYR C 961 16.58 -28.53 -28.83
C TYR C 961 15.45 -29.50 -29.13
N THR C 962 14.38 -28.99 -29.72
CA THR C 962 13.23 -29.81 -30.07
C THR C 962 13.62 -30.88 -31.10
N SER C 963 14.36 -30.48 -32.11
CA SER C 963 14.78 -31.41 -33.15
C SER C 963 15.62 -32.53 -32.58
N SER C 964 16.57 -32.18 -31.71
CA SER C 964 17.43 -33.16 -31.10
C SER C 964 16.63 -34.17 -30.29
N LEU C 965 15.65 -33.67 -29.53
CA LEU C 965 14.83 -34.54 -28.70
C LEU C 965 14.09 -35.56 -29.55
N LEU C 966 13.51 -35.10 -30.66
CA LEU C 966 12.78 -36.00 -31.57
C LEU C 966 13.71 -37.05 -32.15
N GLY C 967 14.87 -36.63 -32.62
CA GLY C 967 15.83 -37.52 -33.26
C GLY C 967 16.30 -38.66 -32.35
N SER C 968 16.35 -38.41 -31.04
CA SER C 968 16.84 -39.42 -30.11
C SER C 968 15.78 -40.42 -29.66
N ILE C 969 14.51 -40.20 -30.01
CA ILE C 969 13.45 -41.06 -29.45
C ILE C 969 13.53 -42.53 -29.87
N ALA C 970 13.62 -42.80 -31.16
CA ALA C 970 13.53 -44.19 -31.62
C ALA C 970 14.61 -45.05 -30.99
N GLY C 971 15.80 -44.49 -30.82
CA GLY C 971 16.94 -45.21 -30.29
C GLY C 971 17.27 -44.87 -28.85
N VAL C 972 16.35 -44.20 -28.16
CA VAL C 972 16.63 -43.68 -26.81
C VAL C 972 17.06 -44.78 -25.85
N GLY C 973 16.60 -45.99 -26.09
CA GLY C 973 17.00 -47.11 -25.29
C GLY C 973 16.38 -48.39 -25.81
N TRP C 974 17.16 -49.46 -25.80
CA TRP C 974 16.71 -50.75 -26.29
C TRP C 974 16.77 -51.77 -25.16
N THR C 975 17.80 -51.65 -24.31
CA THR C 975 17.99 -52.53 -23.17
C THR C 975 17.64 -51.78 -21.90
N ALA C 976 17.06 -50.60 -22.07
CA ALA C 976 16.71 -49.69 -20.98
C ALA C 976 17.95 -49.20 -20.23
N GLY C 977 19.04 -48.98 -20.96
CA GLY C 977 20.24 -48.41 -20.37
C GLY C 977 20.26 -46.91 -20.64
N LEU C 978 21.30 -46.23 -20.17
CA LEU C 978 21.39 -44.78 -20.38
C LEU C 978 22.64 -44.37 -21.17
N SER C 979 23.67 -45.22 -21.15
CA SER C 979 24.98 -44.84 -21.68
C SER C 979 25.17 -45.13 -23.16
N SER C 980 24.23 -45.84 -23.76
CA SER C 980 24.40 -46.25 -25.16
C SER C 980 23.17 -45.99 -26.00
N PHE C 981 23.40 -45.62 -27.25
CA PHE C 981 22.34 -45.30 -28.19
C PHE C 981 22.28 -46.33 -29.31
N ALA C 982 21.07 -46.77 -29.67
CA ALA C 982 20.94 -47.75 -30.73
C ALA C 982 20.18 -47.17 -31.92
N ALA C 983 20.75 -47.30 -33.09
CA ALA C 983 20.13 -46.76 -34.30
C ALA C 983 18.97 -47.64 -34.77
N ILE C 984 17.90 -47.63 -33.99
CA ILE C 984 16.72 -48.42 -34.26
C ILE C 984 15.70 -47.60 -35.05
N PRO C 985 15.15 -48.14 -36.15
CA PRO C 985 14.09 -47.55 -36.93
C PRO C 985 12.88 -47.27 -36.06
N PHE C 986 12.23 -46.15 -36.29
CA PHE C 986 11.07 -45.77 -35.49
C PHE C 986 10.04 -46.88 -35.43
N ALA C 987 9.66 -47.40 -36.58
CA ALA C 987 8.63 -48.41 -36.65
C ALA C 987 9.00 -49.63 -35.81
N GLN C 988 10.26 -50.00 -35.84
CA GLN C 988 10.72 -51.16 -35.10
C GLN C 988 10.59 -50.90 -33.60
N SER C 989 10.91 -49.67 -33.20
CA SER C 989 10.79 -49.27 -31.81
C SER C 989 9.36 -49.39 -31.32
N ILE C 990 8.41 -48.94 -32.14
CA ILE C 990 7.01 -49.00 -31.77
C ILE C 990 6.56 -50.44 -31.52
N PHE C 991 6.95 -51.34 -32.40
CA PHE C 991 6.55 -52.72 -32.22
C PHE C 991 7.06 -53.29 -30.90
N TYR C 992 8.30 -52.96 -30.56
CA TYR C 992 8.82 -53.39 -29.27
C TYR C 992 7.99 -52.83 -28.11
N ARG C 993 7.63 -51.55 -28.22
CA ARG C 993 6.82 -50.92 -27.18
C ARG C 993 5.46 -51.59 -27.01
N LEU C 994 4.86 -52.01 -28.12
CA LEU C 994 3.56 -52.67 -28.06
C LEU C 994 3.67 -54.05 -27.41
N ASN C 995 4.71 -54.80 -27.76
CA ASN C 995 4.94 -56.10 -27.15
C ASN C 995 5.09 -55.92 -25.64
N GLY C 996 5.78 -54.86 -25.26
CA GLY C 996 6.09 -54.55 -23.88
C GLY C 996 4.86 -54.27 -23.01
N VAL C 997 3.68 -54.09 -23.62
CA VAL C 997 2.49 -53.83 -22.84
C VAL C 997 1.44 -54.92 -22.98
N GLY C 998 1.87 -56.10 -23.42
CA GLY C 998 0.97 -57.24 -23.40
C GLY C 998 0.35 -57.61 -24.73
N ILE C 999 0.89 -57.11 -25.85
CA ILE C 999 0.36 -57.50 -27.14
C ILE C 999 1.28 -58.53 -27.78
N THR C 1000 0.73 -59.71 -28.03
CA THR C 1000 1.53 -60.83 -28.51
C THR C 1000 2.21 -60.52 -29.83
N GLN C 1001 3.38 -61.14 -30.04
CA GLN C 1001 4.19 -60.89 -31.23
C GLN C 1001 3.51 -61.34 -32.51
N GLN C 1002 2.76 -62.44 -32.45
CA GLN C 1002 2.15 -62.96 -33.66
C GLN C 1002 1.15 -61.96 -34.21
N VAL C 1003 0.46 -61.27 -33.30
CA VAL C 1003 -0.52 -60.27 -33.68
C VAL C 1003 0.16 -59.08 -34.29
N LEU C 1004 1.24 -58.62 -33.67
CA LEU C 1004 1.94 -57.44 -34.16
C LEU C 1004 2.43 -57.66 -35.57
N SER C 1005 2.89 -58.86 -35.86
CA SER C 1005 3.38 -59.18 -37.20
C SER C 1005 2.24 -59.17 -38.21
N GLU C 1006 1.18 -59.92 -37.93
CA GLU C 1006 0.07 -60.05 -38.86
C GLU C 1006 -0.60 -58.73 -39.15
N ASN C 1007 -0.68 -57.87 -38.14
CA ASN C 1007 -1.35 -56.59 -38.28
C ASN C 1007 -0.37 -55.41 -38.38
N GLN C 1008 0.88 -55.67 -38.75
CA GLN C 1008 1.86 -54.59 -38.77
C GLN C 1008 1.43 -53.38 -39.59
N LYS C 1009 0.67 -53.62 -40.67
CA LYS C 1009 0.23 -52.51 -41.51
C LYS C 1009 -0.98 -51.82 -40.89
N LEU C 1010 -1.86 -52.62 -40.31
CA LEU C 1010 -3.05 -52.08 -39.65
C LEU C 1010 -2.65 -51.16 -38.51
N ILE C 1011 -1.62 -51.57 -37.78
CA ILE C 1011 -1.12 -50.80 -36.66
C ILE C 1011 -0.59 -49.45 -37.12
N ALA C 1012 0.23 -49.45 -38.17
CA ALA C 1012 0.77 -48.21 -38.69
C ALA C 1012 -0.37 -47.29 -39.15
N ASN C 1013 -1.39 -47.86 -39.77
CA ASN C 1013 -2.52 -47.06 -40.26
C ASN C 1013 -3.27 -46.41 -39.12
N LYS C 1014 -3.53 -47.15 -38.06
CA LYS C 1014 -4.23 -46.61 -36.90
C LYS C 1014 -3.41 -45.50 -36.26
N PHE C 1015 -2.10 -45.73 -36.14
CA PHE C 1015 -1.20 -44.74 -35.58
C PHE C 1015 -1.28 -43.44 -36.35
N ASN C 1016 -1.18 -43.56 -37.68
CA ASN C 1016 -1.19 -42.40 -38.54
C ASN C 1016 -2.49 -41.63 -38.42
N GLN C 1017 -3.59 -42.36 -38.28
CA GLN C 1017 -4.88 -41.72 -38.15
C GLN C 1017 -4.94 -40.85 -36.90
N ALA C 1018 -4.34 -41.34 -35.81
CA ALA C 1018 -4.35 -40.62 -34.55
C ALA C 1018 -3.62 -39.28 -34.67
N LEU C 1019 -2.44 -39.29 -35.27
CA LEU C 1019 -1.71 -38.03 -35.45
C LEU C 1019 -2.44 -37.13 -36.45
N GLY C 1020 -3.04 -37.73 -37.46
CA GLY C 1020 -3.78 -36.98 -38.45
C GLY C 1020 -4.85 -36.14 -37.79
N ALA C 1021 -5.63 -36.76 -36.91
CA ALA C 1021 -6.70 -36.08 -36.20
C ALA C 1021 -6.17 -34.86 -35.44
N MET C 1022 -4.98 -34.98 -34.86
CA MET C 1022 -4.39 -33.86 -34.12
C MET C 1022 -4.06 -32.67 -35.00
N GLN C 1023 -3.65 -32.92 -36.23
CA GLN C 1023 -3.19 -31.84 -37.10
C GLN C 1023 -4.20 -30.70 -37.22
N THR C 1024 -5.49 -31.02 -37.17
CA THR C 1024 -6.51 -29.99 -37.29
C THR C 1024 -7.33 -29.86 -36.01
N GLY C 1025 -6.74 -30.29 -34.90
CA GLY C 1025 -7.44 -30.31 -33.62
C GLY C 1025 -7.37 -29.00 -32.81
N PHE C 1026 -6.74 -27.97 -33.36
CA PHE C 1026 -6.61 -26.72 -32.61
C PHE C 1026 -7.87 -25.88 -32.70
N THR C 1027 -8.91 -26.34 -32.02
CA THR C 1027 -10.21 -25.70 -32.01
C THR C 1027 -10.61 -25.32 -30.60
N THR C 1028 -11.82 -24.79 -30.46
CA THR C 1028 -12.32 -24.34 -29.16
C THR C 1028 -12.64 -25.51 -28.24
N THR C 1029 -12.60 -26.72 -28.78
CA THR C 1029 -12.87 -27.92 -28.00
C THR C 1029 -11.59 -28.57 -27.50
N ASN C 1030 -10.45 -27.97 -27.85
CA ASN C 1030 -9.15 -28.47 -27.44
C ASN C 1030 -8.67 -27.74 -26.20
N GLU C 1031 -8.83 -28.38 -25.04
CA GLU C 1031 -8.54 -27.73 -23.78
C GLU C 1031 -7.07 -27.35 -23.67
N ALA C 1032 -6.19 -28.24 -24.13
CA ALA C 1032 -4.76 -27.97 -24.06
C ALA C 1032 -4.42 -26.73 -24.85
N PHE C 1033 -5.05 -26.59 -26.01
CA PHE C 1033 -4.86 -25.42 -26.85
C PHE C 1033 -5.30 -24.16 -26.13
N GLN C 1034 -6.51 -24.19 -25.55
CA GLN C 1034 -7.03 -23.02 -24.86
C GLN C 1034 -6.13 -22.59 -23.71
N LYS C 1035 -5.51 -23.57 -23.05
CA LYS C 1035 -4.60 -23.24 -21.94
C LYS C 1035 -3.45 -22.37 -22.42
N VAL C 1036 -3.04 -22.53 -23.67
CA VAL C 1036 -1.96 -21.72 -24.21
C VAL C 1036 -2.44 -20.29 -24.34
N GLN C 1037 -3.60 -20.13 -24.94
CA GLN C 1037 -4.18 -18.80 -25.14
C GLN C 1037 -4.44 -18.11 -23.81
N ASP C 1038 -4.90 -18.88 -22.82
CA ASP C 1038 -5.18 -18.32 -21.51
C ASP C 1038 -3.91 -17.76 -20.89
N ALA C 1039 -2.82 -18.51 -21.00
CA ALA C 1039 -1.55 -18.07 -20.46
C ALA C 1039 -1.13 -16.75 -21.09
N VAL C 1040 -1.37 -16.61 -22.38
CA VAL C 1040 -1.02 -15.38 -23.08
C VAL C 1040 -1.83 -14.21 -22.56
N ASN C 1041 -3.13 -14.40 -22.43
CA ASN C 1041 -4.00 -13.34 -21.95
C ASN C 1041 -3.67 -12.95 -20.52
N ASN C 1042 -3.43 -13.94 -19.67
CA ASN C 1042 -3.14 -13.69 -18.26
C ASN C 1042 -1.86 -12.91 -18.12
N ASN C 1043 -0.93 -13.15 -19.03
CA ASN C 1043 0.33 -12.45 -19.04
C ASN C 1043 0.14 -11.00 -19.49
N ALA C 1044 -0.59 -10.80 -20.58
CA ALA C 1044 -0.79 -9.47 -21.15
C ALA C 1044 -1.43 -8.52 -20.14
N GLN C 1045 -2.35 -9.04 -19.34
CA GLN C 1045 -3.05 -8.23 -18.34
C GLN C 1045 -2.10 -7.56 -17.36
N ALA C 1046 -0.89 -8.10 -17.23
CA ALA C 1046 0.10 -7.55 -16.34
C ALA C 1046 0.46 -6.13 -16.74
N LEU C 1047 0.47 -5.86 -18.05
CA LEU C 1047 0.85 -4.56 -18.52
C LEU C 1047 -0.35 -3.65 -18.56
N SER C 1048 -1.52 -4.24 -18.78
CA SER C 1048 -2.75 -3.49 -18.80
C SER C 1048 -2.93 -2.79 -17.47
N LYS C 1049 -2.69 -3.51 -16.38
CA LYS C 1049 -2.83 -2.95 -15.05
C LYS C 1049 -2.11 -1.62 -14.92
N LEU C 1050 -0.83 -1.59 -15.27
CA LEU C 1050 -0.05 -0.37 -15.11
C LEU C 1050 -0.54 0.74 -16.03
N ALA C 1051 -0.77 0.42 -17.29
CA ALA C 1051 -1.16 1.41 -18.28
C ALA C 1051 -2.47 2.09 -17.89
N SER C 1052 -3.39 1.30 -17.35
CA SER C 1052 -4.70 1.80 -16.96
C SER C 1052 -4.65 2.61 -15.68
N GLU C 1053 -4.04 2.06 -14.64
CA GLU C 1053 -4.04 2.69 -13.34
C GLU C 1053 -3.35 4.04 -13.34
N LEU C 1054 -2.35 4.20 -14.20
CA LEU C 1054 -1.64 5.46 -14.28
C LEU C 1054 -2.56 6.63 -14.56
N SER C 1055 -3.71 6.38 -15.21
CA SER C 1055 -4.64 7.44 -15.58
C SER C 1055 -5.71 7.71 -14.54
N ASN C 1056 -5.70 6.96 -13.44
CA ASN C 1056 -6.71 7.14 -12.42
C ASN C 1056 -6.42 8.31 -11.51
N THR C 1057 -7.46 9.02 -11.11
CA THR C 1057 -7.33 10.12 -10.17
C THR C 1057 -7.79 9.63 -8.79
N PHE C 1058 -6.86 9.52 -7.86
CA PHE C 1058 -7.17 8.88 -6.58
C PHE C 1058 -7.82 9.84 -5.59
N GLY C 1059 -8.94 10.41 -6.00
CA GLY C 1059 -9.69 11.36 -5.18
C GLY C 1059 -9.13 12.78 -5.31
N ALA C 1060 -8.03 12.92 -6.04
CA ALA C 1060 -7.36 14.19 -6.24
C ALA C 1060 -8.13 15.06 -7.22
N ILE C 1061 -7.81 16.34 -7.24
CA ILE C 1061 -8.41 17.26 -8.18
C ILE C 1061 -8.14 16.86 -9.64
N SER C 1062 -7.00 16.19 -9.87
CA SER C 1062 -6.62 15.74 -11.20
C SER C 1062 -5.53 14.69 -11.13
N ALA C 1063 -5.53 13.76 -12.08
CA ALA C 1063 -4.46 12.76 -12.17
C ALA C 1063 -3.17 13.39 -12.70
N SER C 1064 -3.28 14.59 -13.25
CA SER C 1064 -2.14 15.27 -13.83
C SER C 1064 -1.43 16.16 -12.83
N ILE C 1065 -0.19 15.84 -12.53
CA ILE C 1065 0.60 16.60 -11.58
C ILE C 1065 0.77 18.03 -12.07
N GLY C 1066 1.05 18.17 -13.36
CA GLY C 1066 1.23 19.48 -13.97
C GLY C 1066 -0.03 20.33 -13.82
N ASP C 1067 -1.20 19.68 -13.88
CA ASP C 1067 -2.46 20.39 -13.77
C ASP C 1067 -2.66 20.90 -12.35
N ILE C 1068 -2.32 20.06 -11.37
CA ILE C 1068 -2.43 20.47 -9.99
C ILE C 1068 -1.59 21.70 -9.74
N ILE C 1069 -0.36 21.67 -10.23
CA ILE C 1069 0.58 22.75 -9.99
C ILE C 1069 0.11 24.07 -10.61
N GLN C 1070 -0.36 24.04 -11.85
CA GLN C 1070 -0.79 25.28 -12.50
C GLN C 1070 -2.13 25.79 -11.95
N ARG C 1071 -2.94 24.91 -11.37
CA ARG C 1071 -4.26 25.32 -10.90
C ARG C 1071 -4.31 25.78 -9.45
N LEU C 1072 -3.61 25.08 -8.56
CA LEU C 1072 -3.73 25.38 -7.14
C LEU C 1072 -2.49 26.05 -6.56
N ASP C 1073 -2.71 26.86 -5.54
CA ASP C 1073 -1.62 27.48 -4.80
C ASP C 1073 -0.82 26.39 -4.06
N PRO C 1074 0.51 26.55 -3.90
CA PRO C 1074 1.44 25.63 -3.25
C PRO C 1074 1.00 25.05 -1.87
N PRO C 1075 0.35 25.82 -0.96
CA PRO C 1075 -0.15 25.36 0.32
C PRO C 1075 -1.14 24.20 0.19
N GLU C 1076 -1.71 24.05 -1.01
CA GLU C 1076 -2.66 22.97 -1.27
C GLU C 1076 -2.06 21.94 -2.21
N GLN C 1077 -1.23 22.39 -3.15
CA GLN C 1077 -0.65 21.48 -4.13
C GLN C 1077 -0.11 20.25 -3.45
N ASP C 1078 0.62 20.46 -2.34
CA ASP C 1078 1.23 19.35 -1.63
C ASP C 1078 0.22 18.27 -1.28
N ALA C 1079 -0.97 18.68 -0.86
CA ALA C 1079 -2.00 17.75 -0.43
C ALA C 1079 -2.48 16.90 -1.58
N GLN C 1080 -2.65 17.54 -2.73
CA GLN C 1080 -3.19 16.86 -3.90
C GLN C 1080 -2.16 15.93 -4.50
N ILE C 1081 -0.91 16.37 -4.51
CA ILE C 1081 0.17 15.56 -5.05
C ILE C 1081 0.41 14.36 -4.16
N ASP C 1082 0.43 14.57 -2.85
CA ASP C 1082 0.61 13.47 -1.92
C ASP C 1082 -0.43 12.40 -2.17
N ARG C 1083 -1.68 12.82 -2.31
CA ARG C 1083 -2.76 11.89 -2.58
C ARG C 1083 -2.48 11.03 -3.81
N LEU C 1084 -2.05 11.66 -4.91
CA LEU C 1084 -1.72 10.88 -6.10
C LEU C 1084 -0.56 9.94 -5.85
N ILE C 1085 0.44 10.39 -5.11
CA ILE C 1085 1.59 9.54 -4.84
C ILE C 1085 1.17 8.30 -4.10
N ASN C 1086 0.39 8.48 -3.05
CA ASN C 1086 -0.02 7.34 -2.24
C ASN C 1086 -0.67 6.29 -3.12
N GLY C 1087 -1.51 6.74 -4.05
CA GLY C 1087 -2.15 5.84 -5.00
C GLY C 1087 -1.15 5.13 -5.89
N ARG C 1088 -0.24 5.89 -6.49
CA ARG C 1088 0.76 5.33 -7.40
C ARG C 1088 1.65 4.32 -6.69
N LEU C 1089 2.02 4.62 -5.45
CA LEU C 1089 2.90 3.74 -4.68
C LEU C 1089 2.23 2.40 -4.46
N THR C 1090 0.95 2.45 -4.10
CA THR C 1090 0.17 1.25 -3.86
C THR C 1090 0.09 0.39 -5.11
N THR C 1091 -0.18 1.02 -6.23
CA THR C 1091 -0.30 0.30 -7.49
C THR C 1091 0.97 -0.45 -7.82
N LEU C 1092 2.11 0.21 -7.71
CA LEU C 1092 3.37 -0.45 -8.01
C LEU C 1092 3.64 -1.61 -7.08
N ASN C 1093 3.32 -1.46 -5.81
CA ASN C 1093 3.54 -2.55 -4.87
C ASN C 1093 2.70 -3.76 -5.26
N ALA C 1094 1.44 -3.51 -5.61
CA ALA C 1094 0.54 -4.58 -6.01
C ALA C 1094 1.07 -5.29 -7.24
N PHE C 1095 1.56 -4.53 -8.21
CA PHE C 1095 2.11 -5.10 -9.43
C PHE C 1095 3.25 -6.04 -9.13
N VAL C 1096 4.21 -5.58 -8.34
CA VAL C 1096 5.38 -6.38 -8.04
C VAL C 1096 5.00 -7.68 -7.36
N ALA C 1097 4.09 -7.60 -6.39
CA ALA C 1097 3.68 -8.78 -5.68
C ALA C 1097 3.11 -9.83 -6.62
N GLN C 1098 2.29 -9.40 -7.58
CA GLN C 1098 1.71 -10.34 -8.52
C GLN C 1098 2.77 -10.96 -9.41
N GLN C 1099 3.76 -10.18 -9.80
CA GLN C 1099 4.82 -10.72 -10.65
C GLN C 1099 5.62 -11.79 -9.91
N LEU C 1100 5.87 -11.55 -8.63
CA LEU C 1100 6.62 -12.52 -7.83
C LEU C 1100 5.86 -13.85 -7.73
N VAL C 1101 4.55 -13.76 -7.57
CA VAL C 1101 3.72 -14.96 -7.50
C VAL C 1101 3.76 -15.71 -8.82
N ARG C 1102 3.59 -15.00 -9.92
CA ARG C 1102 3.61 -15.61 -11.24
C ARG C 1102 4.93 -16.31 -11.50
N SER C 1103 6.03 -15.66 -11.10
CA SER C 1103 7.34 -16.23 -11.30
C SER C 1103 7.52 -17.55 -10.56
N GLU C 1104 7.14 -17.57 -9.29
CA GLU C 1104 7.30 -18.78 -8.50
C GLU C 1104 6.47 -19.92 -9.05
N SER C 1105 5.25 -19.59 -9.49
CA SER C 1105 4.37 -20.60 -10.05
C SER C 1105 5.02 -21.23 -11.27
N ALA C 1106 5.55 -20.40 -12.16
CA ALA C 1106 6.19 -20.88 -13.37
C ALA C 1106 7.38 -21.77 -13.03
N ALA C 1107 8.13 -21.41 -12.00
CA ALA C 1107 9.30 -22.20 -11.63
C ALA C 1107 8.90 -23.62 -11.25
N LEU C 1108 7.83 -23.76 -10.49
CA LEU C 1108 7.37 -25.09 -10.10
C LEU C 1108 6.88 -25.86 -11.31
N SER C 1109 6.17 -25.18 -12.19
CA SER C 1109 5.65 -25.80 -13.39
C SER C 1109 6.79 -26.30 -14.26
N ALA C 1110 7.84 -25.50 -14.40
CA ALA C 1110 8.99 -25.89 -15.19
C ALA C 1110 9.61 -27.17 -14.68
N GLN C 1111 9.63 -27.35 -13.35
CA GLN C 1111 10.16 -28.59 -12.78
C GLN C 1111 9.35 -29.77 -13.23
N LEU C 1112 8.04 -29.60 -13.31
CA LEU C 1112 7.17 -30.66 -13.79
C LEU C 1112 7.52 -31.01 -15.22
N ALA C 1113 7.70 -29.98 -16.05
CA ALA C 1113 8.02 -30.22 -17.45
C ALA C 1113 9.31 -31.02 -17.57
N LYS C 1114 10.31 -30.69 -16.76
CA LYS C 1114 11.55 -31.44 -16.76
C LYS C 1114 11.31 -32.91 -16.48
N ASP C 1115 10.58 -33.18 -15.39
CA ASP C 1115 10.32 -34.55 -15.00
C ASP C 1115 9.54 -35.29 -16.08
N LYS C 1116 8.56 -34.59 -16.65
CA LYS C 1116 7.68 -35.20 -17.64
C LYS C 1116 8.44 -35.64 -18.87
N VAL C 1117 9.34 -34.80 -19.38
CA VAL C 1117 10.09 -35.19 -20.56
C VAL C 1117 10.93 -36.43 -20.28
N ASN C 1118 11.64 -36.41 -19.17
CA ASN C 1118 12.51 -37.53 -18.85
C ASN C 1118 11.77 -38.84 -18.68
N GLU C 1119 10.54 -38.78 -18.18
CA GLU C 1119 9.78 -40.00 -17.93
C GLU C 1119 8.88 -40.42 -19.10
N CYS C 1120 8.20 -39.48 -19.75
CA CYS C 1120 7.20 -39.82 -20.76
C CYS C 1120 7.73 -39.78 -22.19
N VAL C 1121 8.83 -39.05 -22.42
CA VAL C 1121 9.35 -38.89 -23.78
C VAL C 1121 10.55 -39.77 -24.00
N LYS C 1122 11.50 -39.72 -23.08
CA LYS C 1122 12.74 -40.47 -23.23
C LYS C 1122 12.58 -41.92 -22.76
N ALA C 1123 11.39 -42.30 -22.35
CA ALA C 1123 11.14 -43.64 -21.86
C ALA C 1123 9.67 -44.02 -21.97
N GLN C 1124 9.40 -45.32 -22.01
CA GLN C 1124 8.03 -45.80 -22.00
C GLN C 1124 7.53 -45.95 -20.58
N SER C 1125 7.25 -44.83 -19.93
CA SER C 1125 6.82 -44.84 -18.55
C SER C 1125 5.61 -45.71 -18.31
N LYS C 1126 5.66 -46.50 -17.24
CA LYS C 1126 4.56 -47.36 -16.83
C LYS C 1126 3.82 -46.73 -15.66
N ARG C 1127 4.20 -45.49 -15.35
CA ARG C 1127 3.62 -44.76 -14.24
C ARG C 1127 2.25 -44.25 -14.62
N SER C 1128 1.27 -45.14 -14.63
CA SER C 1128 -0.06 -44.83 -15.07
C SER C 1128 -0.61 -43.58 -14.43
N GLY C 1129 -1.19 -42.71 -15.25
CA GLY C 1129 -1.83 -41.50 -14.78
C GLY C 1129 -0.93 -40.27 -14.81
N PHE C 1130 0.38 -40.49 -14.96
CA PHE C 1130 1.32 -39.37 -15.03
C PHE C 1130 1.43 -38.87 -16.46
N CYS C 1131 1.62 -39.81 -17.37
CA CYS C 1131 1.71 -39.52 -18.79
C CYS C 1131 0.29 -39.47 -19.35
N GLY C 1132 0.17 -39.34 -20.66
CA GLY C 1132 -1.16 -39.22 -21.26
C GLY C 1132 -2.06 -40.41 -20.91
N GLN C 1133 -3.31 -40.37 -21.38
CA GLN C 1133 -4.30 -41.39 -21.02
C GLN C 1133 -4.12 -42.69 -21.78
N GLY C 1134 -4.63 -43.77 -21.20
CA GLY C 1134 -4.54 -45.09 -21.82
C GLY C 1134 -3.18 -45.68 -21.57
N THR C 1135 -2.83 -46.72 -22.31
CA THR C 1135 -1.55 -47.37 -22.12
C THR C 1135 -0.49 -46.58 -22.86
N HIS C 1136 0.56 -46.20 -22.15
CA HIS C 1136 1.53 -45.26 -22.71
C HIS C 1136 2.38 -45.83 -23.85
N ILE C 1137 2.44 -45.05 -24.92
CA ILE C 1137 3.28 -45.27 -26.07
C ILE C 1137 4.00 -43.94 -26.35
N VAL C 1138 5.02 -43.97 -27.20
CA VAL C 1138 5.86 -42.81 -27.45
C VAL C 1138 5.10 -41.47 -27.38
N SER C 1139 5.76 -40.48 -26.77
CA SER C 1139 5.22 -39.12 -26.73
C SER C 1139 6.21 -38.16 -27.36
N PHE C 1140 5.72 -36.99 -27.74
CA PHE C 1140 6.55 -35.99 -28.39
C PHE C 1140 6.35 -34.62 -27.77
N VAL C 1141 7.33 -33.74 -27.97
CA VAL C 1141 7.23 -32.38 -27.43
C VAL C 1141 7.61 -31.34 -28.47
N VAL C 1142 6.82 -30.27 -28.54
CA VAL C 1142 7.14 -29.14 -29.41
C VAL C 1142 7.08 -27.85 -28.61
N ASN C 1143 7.65 -26.79 -29.16
CA ASN C 1143 7.68 -25.49 -28.49
C ASN C 1143 6.30 -24.84 -28.43
N ALA C 1144 6.04 -24.13 -27.35
CA ALA C 1144 4.82 -23.36 -27.19
C ALA C 1144 5.18 -21.91 -26.83
N PRO C 1145 4.28 -20.93 -27.07
CA PRO C 1145 4.48 -19.52 -26.81
C PRO C 1145 5.12 -19.20 -25.46
N ASN C 1146 4.75 -19.93 -24.40
CA ASN C 1146 5.39 -19.68 -23.10
C ASN C 1146 5.71 -20.98 -22.38
N GLY C 1147 6.25 -21.95 -23.09
CA GLY C 1147 6.53 -23.24 -22.47
C GLY C 1147 6.58 -24.36 -23.49
N LEU C 1148 6.13 -25.54 -23.08
CA LEU C 1148 6.18 -26.72 -23.93
C LEU C 1148 4.80 -27.30 -24.17
N TYR C 1149 4.56 -27.80 -25.37
CA TYR C 1149 3.32 -28.45 -25.69
C TYR C 1149 3.56 -29.94 -25.87
N PHE C 1150 2.89 -30.75 -25.08
CA PHE C 1150 3.11 -32.19 -25.08
C PHE C 1150 2.02 -32.91 -25.83
N MET C 1151 2.39 -33.98 -26.50
CA MET C 1151 1.42 -34.86 -27.13
C MET C 1151 1.81 -36.32 -26.93
N HIS C 1152 0.89 -37.11 -26.39
CA HIS C 1152 1.16 -38.48 -26.01
C HIS C 1152 0.39 -39.46 -26.84
N VAL C 1153 1.05 -40.45 -27.41
CA VAL C 1153 0.31 -41.50 -28.10
C VAL C 1153 -0.07 -42.57 -27.10
N GLY C 1154 -1.35 -42.90 -27.05
CA GLY C 1154 -1.80 -43.91 -26.11
C GLY C 1154 -2.62 -45.00 -26.78
N TYR C 1155 -2.55 -46.19 -26.21
CA TYR C 1155 -3.31 -47.34 -26.68
C TYR C 1155 -4.58 -47.51 -25.89
N TYR C 1156 -5.70 -47.63 -26.60
CA TYR C 1156 -6.96 -47.80 -25.94
C TYR C 1156 -7.63 -49.11 -26.36
N PRO C 1157 -8.19 -49.85 -25.40
CA PRO C 1157 -8.90 -51.11 -25.57
C PRO C 1157 -10.28 -50.85 -26.14
N SER C 1158 -10.89 -51.86 -26.72
CA SER C 1158 -12.24 -51.75 -27.22
C SER C 1158 -12.94 -53.10 -27.35
N ASN C 1159 -14.25 -53.10 -27.13
CA ASN C 1159 -15.09 -54.30 -27.28
C ASN C 1159 -14.63 -55.44 -26.39
N HIS C 1160 -14.68 -55.23 -25.09
CA HIS C 1160 -14.28 -56.26 -24.15
C HIS C 1160 -15.23 -57.44 -24.20
N ILE C 1161 -14.68 -58.65 -24.04
CA ILE C 1161 -15.48 -59.86 -23.94
C ILE C 1161 -15.15 -60.58 -22.65
N GLU C 1162 -15.98 -61.54 -22.27
CA GLU C 1162 -15.72 -62.29 -21.05
C GLU C 1162 -15.37 -63.73 -21.33
N VAL C 1163 -14.25 -64.16 -20.77
CA VAL C 1163 -13.81 -65.54 -20.90
C VAL C 1163 -13.47 -66.08 -19.51
N VAL C 1164 -13.32 -67.40 -19.41
CA VAL C 1164 -12.97 -68.01 -18.13
C VAL C 1164 -11.51 -68.37 -18.08
N SER C 1165 -10.83 -67.92 -17.03
CA SER C 1165 -9.41 -68.14 -16.88
C SER C 1165 -9.07 -68.85 -15.59
N ALA C 1166 -7.95 -69.57 -15.61
CA ALA C 1166 -7.47 -70.30 -14.44
C ALA C 1166 -6.31 -69.59 -13.79
N TYR C 1167 -6.09 -69.84 -12.51
CA TYR C 1167 -4.96 -69.29 -11.81
C TYR C 1167 -3.66 -69.97 -12.21
N GLY C 1168 -3.75 -71.23 -12.64
CA GLY C 1168 -2.59 -72.00 -13.07
C GLY C 1168 -2.97 -73.44 -13.36
N LEU C 1169 -2.02 -74.18 -13.93
CA LEU C 1169 -2.25 -75.57 -14.31
C LEU C 1169 -1.19 -76.49 -13.72
N CYS C 1170 -1.61 -77.65 -13.23
CA CYS C 1170 -0.69 -78.64 -12.71
C CYS C 1170 -0.86 -79.98 -13.41
N ASP C 1171 0.22 -80.74 -13.49
CA ASP C 1171 0.17 -82.08 -14.02
C ASP C 1171 -0.46 -83.03 -13.02
N ALA C 1172 -1.61 -83.59 -13.36
CA ALA C 1172 -2.32 -84.45 -12.42
C ALA C 1172 -1.45 -85.63 -11.99
N ALA C 1173 -0.58 -86.09 -12.89
CA ALA C 1173 0.27 -87.25 -12.60
C ALA C 1173 1.51 -86.88 -11.79
N ASN C 1174 1.74 -85.59 -11.60
CA ASN C 1174 2.92 -85.10 -10.90
C ASN C 1174 2.55 -83.94 -9.98
N PRO C 1175 2.20 -84.23 -8.72
CA PRO C 1175 1.68 -83.32 -7.72
C PRO C 1175 2.48 -82.03 -7.58
N THR C 1176 3.79 -82.10 -7.83
CA THR C 1176 4.63 -80.93 -7.69
C THR C 1176 5.27 -80.54 -9.00
N ASN C 1177 4.44 -80.31 -10.01
CA ASN C 1177 4.90 -79.83 -11.30
C ASN C 1177 3.84 -78.94 -11.90
N CYS C 1178 3.91 -77.65 -11.56
CA CYS C 1178 2.87 -76.71 -11.94
C CYS C 1178 3.43 -75.53 -12.72
N ILE C 1179 2.58 -74.95 -13.56
CA ILE C 1179 2.97 -73.79 -14.34
C ILE C 1179 1.97 -72.65 -14.21
N ALA C 1180 2.43 -71.46 -14.56
CA ALA C 1180 1.61 -70.25 -14.52
C ALA C 1180 1.97 -69.38 -15.73
N PRO C 1181 1.02 -68.59 -16.24
CA PRO C 1181 1.19 -67.71 -17.38
C PRO C 1181 2.17 -66.59 -17.08
N VAL C 1182 2.90 -66.18 -18.10
CA VAL C 1182 3.79 -65.04 -17.98
C VAL C 1182 3.32 -63.86 -18.80
N ASN C 1183 2.98 -62.77 -18.12
CA ASN C 1183 2.50 -61.56 -18.79
C ASN C 1183 1.31 -61.85 -19.69
N GLY C 1184 0.37 -62.64 -19.18
CA GLY C 1184 -0.83 -63.02 -19.93
C GLY C 1184 -1.71 -63.95 -19.11
N TYR C 1185 -2.62 -64.65 -19.77
CA TYR C 1185 -3.58 -65.51 -19.08
C TYR C 1185 -3.71 -66.88 -19.71
N PHE C 1186 -4.09 -67.86 -18.88
CA PHE C 1186 -4.49 -69.17 -19.37
C PHE C 1186 -6.00 -69.25 -19.41
N ILE C 1187 -6.56 -69.50 -20.58
CA ILE C 1187 -8.01 -69.53 -20.73
C ILE C 1187 -8.48 -70.83 -21.32
N LYS C 1188 -9.76 -71.12 -21.13
CA LYS C 1188 -10.35 -72.30 -21.74
C LYS C 1188 -10.83 -71.95 -23.15
N THR C 1189 -10.41 -72.76 -24.11
CA THR C 1189 -10.75 -72.50 -25.51
C THR C 1189 -11.86 -73.40 -26.00
N ASN C 1190 -12.87 -72.80 -26.62
CA ASN C 1190 -13.99 -73.54 -27.17
C ASN C 1190 -13.73 -73.90 -28.62
N GLU C 1197 -7.46 -77.92 -24.85
CA GLU C 1197 -8.41 -77.36 -23.90
C GLU C 1197 -7.98 -75.97 -23.45
N TRP C 1198 -6.79 -75.90 -22.87
CA TRP C 1198 -6.27 -74.64 -22.36
C TRP C 1198 -5.38 -73.96 -23.38
N SER C 1199 -5.45 -72.64 -23.42
CA SER C 1199 -4.64 -71.84 -24.35
C SER C 1199 -4.15 -70.55 -23.71
N TYR C 1200 -3.24 -69.88 -24.37
CA TYR C 1200 -2.66 -68.65 -23.87
C TYR C 1200 -3.10 -67.41 -24.65
N THR C 1201 -3.40 -66.35 -23.93
CA THR C 1201 -3.62 -65.06 -24.56
C THR C 1201 -2.73 -64.02 -23.94
N GLY C 1202 -2.54 -62.93 -24.64
CA GLY C 1202 -1.78 -61.83 -24.07
C GLY C 1202 -2.64 -61.14 -23.04
N SER C 1203 -2.30 -59.91 -22.72
CA SER C 1203 -3.04 -59.21 -21.70
C SER C 1203 -3.85 -58.08 -22.32
N SER C 1204 -3.26 -57.38 -23.27
CA SER C 1204 -3.88 -56.21 -23.85
C SER C 1204 -4.70 -56.51 -25.11
N PHE C 1205 -4.72 -57.78 -25.51
CA PHE C 1205 -5.44 -58.16 -26.73
C PHE C 1205 -5.71 -59.66 -26.80
N TYR C 1206 -6.99 -60.02 -26.98
CA TYR C 1206 -7.40 -61.41 -27.07
C TYR C 1206 -6.95 -62.05 -28.39
N ALA C 1207 -6.08 -63.03 -28.29
CA ALA C 1207 -5.51 -63.68 -29.47
C ALA C 1207 -4.91 -65.05 -29.14
N PRO C 1208 -5.75 -66.07 -28.90
CA PRO C 1208 -5.38 -67.38 -28.38
C PRO C 1208 -4.22 -68.02 -29.12
N GLU C 1209 -3.26 -68.52 -28.35
CA GLU C 1209 -2.07 -69.20 -28.84
C GLU C 1209 -1.85 -70.47 -28.01
N PRO C 1210 -1.12 -71.46 -28.52
CA PRO C 1210 -0.66 -72.61 -27.79
C PRO C 1210 0.16 -72.18 -26.57
N ILE C 1211 0.01 -72.91 -25.48
CA ILE C 1211 0.79 -72.65 -24.29
C ILE C 1211 2.13 -73.34 -24.45
N THR C 1212 3.20 -72.60 -24.28
CA THR C 1212 4.52 -73.18 -24.48
C THR C 1212 5.56 -72.61 -23.53
N SER C 1213 6.80 -73.01 -23.73
CA SER C 1213 7.90 -72.64 -22.82
C SER C 1213 8.23 -71.16 -22.86
N LEU C 1214 7.78 -70.49 -23.91
CA LEU C 1214 8.06 -69.08 -24.09
C LEU C 1214 7.01 -68.19 -23.46
N ASN C 1215 5.95 -68.77 -22.90
CA ASN C 1215 4.89 -67.96 -22.32
C ASN C 1215 4.42 -68.44 -20.96
N THR C 1216 5.19 -69.33 -20.32
CA THR C 1216 4.84 -69.79 -18.99
C THR C 1216 6.06 -69.88 -18.09
N LYS C 1217 5.82 -70.08 -16.80
CA LYS C 1217 6.89 -70.26 -15.82
C LYS C 1217 6.53 -71.35 -14.82
N TYR C 1218 7.55 -71.98 -14.24
CA TYR C 1218 7.32 -73.01 -13.24
C TYR C 1218 7.09 -72.40 -11.87
N VAL C 1219 6.08 -72.89 -11.18
CA VAL C 1219 5.69 -72.37 -9.87
C VAL C 1219 5.45 -73.48 -8.86
N ALA C 1220 5.45 -73.10 -7.59
CA ALA C 1220 5.04 -74.01 -6.53
C ALA C 1220 3.55 -74.28 -6.67
N PRO C 1221 3.07 -75.51 -6.34
CA PRO C 1221 1.69 -75.93 -6.40
C PRO C 1221 0.81 -75.11 -5.46
N GLN C 1222 -0.40 -74.83 -5.91
CA GLN C 1222 -1.38 -74.07 -5.12
C GLN C 1222 -2.77 -74.67 -5.27
N VAL C 1223 -3.62 -74.39 -4.29
CA VAL C 1223 -4.98 -74.94 -4.28
C VAL C 1223 -5.85 -74.44 -5.43
N THR C 1224 -5.45 -73.31 -6.03
CA THR C 1224 -6.21 -72.69 -7.10
C THR C 1224 -5.81 -73.19 -8.48
N TYR C 1225 -4.81 -74.06 -8.53
CA TYR C 1225 -4.35 -74.55 -9.81
C TYR C 1225 -5.17 -75.77 -10.20
N GLN C 1226 -5.37 -75.93 -11.51
CA GLN C 1226 -6.19 -77.02 -12.01
C GLN C 1226 -5.37 -78.27 -12.22
N ASN C 1227 -5.98 -79.42 -12.00
CA ASN C 1227 -5.31 -80.70 -12.24
C ASN C 1227 -5.75 -81.32 -13.56
N ILE C 1228 -4.84 -81.35 -14.51
CA ILE C 1228 -5.19 -81.82 -15.85
C ILE C 1228 -4.41 -83.06 -16.23
N SER C 1229 -5.06 -83.96 -16.99
CA SER C 1229 -4.44 -85.20 -17.42
C SER C 1229 -4.04 -85.16 -18.89
N THR C 1230 -4.91 -84.62 -19.73
CA THR C 1230 -4.60 -84.46 -21.14
C THR C 1230 -3.82 -83.16 -21.31
N ASN C 1231 -2.62 -83.16 -20.75
CA ASN C 1231 -1.87 -81.94 -20.58
C ASN C 1231 -1.37 -81.35 -21.86
N LEU C 1232 -1.26 -80.03 -21.86
CA LEU C 1232 -0.56 -79.30 -22.89
C LEU C 1232 0.84 -79.92 -23.03
N PRO C 1233 1.19 -80.38 -24.24
CA PRO C 1233 2.36 -81.19 -24.54
C PRO C 1233 3.79 -80.65 -24.23
N PRO C 1234 4.06 -79.32 -24.18
CA PRO C 1234 5.40 -78.84 -23.87
C PRO C 1234 5.88 -78.92 -22.38
N PRO C 1235 5.37 -78.11 -21.43
CA PRO C 1235 6.05 -77.74 -20.20
C PRO C 1235 5.97 -78.83 -19.13
N LEU C 1236 5.13 -79.84 -19.36
CA LEU C 1236 4.89 -80.87 -18.34
C LEU C 1236 5.42 -82.22 -18.81
N VAL D 2 -2.65 85.23 -9.86
CA VAL D 2 -3.79 84.40 -9.51
C VAL D 2 -4.76 85.10 -8.59
N GLN D 3 -6.04 85.07 -8.96
CA GLN D 3 -7.10 85.64 -8.15
C GLN D 3 -8.10 84.59 -7.75
N LEU D 4 -8.43 84.55 -6.46
CA LEU D 4 -9.48 83.67 -5.98
C LEU D 4 -10.61 84.52 -5.41
N LEU D 5 -11.70 84.59 -6.15
CA LEU D 5 -12.83 85.45 -5.79
C LEU D 5 -13.84 84.67 -4.97
N GLU D 6 -14.06 85.11 -3.74
CA GLU D 6 -14.90 84.35 -2.82
C GLU D 6 -16.12 85.12 -2.33
N SER D 7 -17.26 84.43 -2.28
CA SER D 7 -18.51 85.01 -1.82
C SER D 7 -19.46 83.93 -1.29
N GLY D 8 -20.60 84.37 -0.74
CA GLY D 8 -21.62 83.43 -0.25
C GLY D 8 -21.71 83.38 1.27
N GLY D 9 -21.05 84.31 1.95
CA GLY D 9 -21.10 84.34 3.40
C GLY D 9 -22.41 84.95 3.86
N GLY D 10 -22.51 85.23 5.16
CA GLY D 10 -23.75 85.77 5.72
C GLY D 10 -24.03 85.17 7.09
N LEU D 11 -25.18 85.53 7.66
CA LEU D 11 -25.54 85.07 8.99
C LEU D 11 -26.65 84.04 8.95
N VAL D 12 -26.37 82.86 9.49
CA VAL D 12 -27.34 81.79 9.56
C VAL D 12 -27.36 81.20 10.96
N LYS D 13 -28.54 81.14 11.55
CA LYS D 13 -28.67 80.60 12.90
C LYS D 13 -28.19 79.16 12.94
N PRO D 14 -27.52 78.72 14.03
CA PRO D 14 -27.08 77.36 14.27
C PRO D 14 -28.25 76.42 14.06
N GLY D 15 -27.96 75.31 13.37
CA GLY D 15 -29.00 74.36 13.01
C GLY D 15 -29.36 74.49 11.53
N GLY D 16 -29.06 75.66 10.95
CA GLY D 16 -29.32 75.91 9.54
C GLY D 16 -28.15 75.48 8.69
N SER D 17 -28.08 76.01 7.46
CA SER D 17 -27.02 75.63 6.52
C SER D 17 -26.56 76.81 5.68
N LEU D 18 -25.34 76.74 5.19
CA LEU D 18 -24.75 77.79 4.35
C LEU D 18 -23.78 77.20 3.33
N ARG D 19 -23.79 77.75 2.11
CA ARG D 19 -22.84 77.31 1.09
C ARG D 19 -21.97 78.46 0.60
N LEU D 20 -20.65 78.23 0.61
CA LEU D 20 -19.70 79.19 0.08
C LEU D 20 -19.23 78.77 -1.29
N SER D 21 -18.81 79.73 -2.09
CA SER D 21 -18.23 79.41 -3.39
C SER D 21 -17.15 80.40 -3.76
N CYS D 22 -16.26 79.98 -4.63
CA CYS D 22 -15.25 80.89 -5.13
C CYS D 22 -14.86 80.56 -6.56
N GLU D 23 -14.28 81.54 -7.25
CA GLU D 23 -13.86 81.41 -8.63
C GLU D 23 -12.37 81.66 -8.78
N ALA D 24 -11.68 80.78 -9.49
CA ALA D 24 -10.26 80.94 -9.69
C ALA D 24 -9.96 81.48 -11.08
N SER D 25 -9.01 82.40 -11.14
CA SER D 25 -8.56 82.96 -12.41
C SER D 25 -7.06 83.24 -12.40
N GLY D 26 -6.40 82.91 -13.50
CA GLY D 26 -4.95 83.12 -13.64
C GLY D 26 -4.19 81.79 -13.55
N LEU D 27 -4.91 80.75 -13.16
CA LEU D 27 -4.37 79.40 -13.06
C LEU D 27 -5.13 78.44 -13.96
N THR D 28 -4.59 77.25 -14.15
CA THR D 28 -5.31 76.21 -14.87
C THR D 28 -6.11 75.39 -13.87
N PHE D 29 -7.40 75.66 -13.79
CA PHE D 29 -8.25 75.09 -12.75
C PHE D 29 -8.18 73.57 -12.72
N SER D 30 -8.25 72.99 -13.90
CA SER D 30 -8.28 71.54 -14.02
C SER D 30 -6.94 70.89 -13.65
N ASN D 31 -5.92 71.71 -13.41
CA ASN D 31 -4.62 71.20 -13.07
C ASN D 31 -4.12 71.67 -11.70
N VAL D 32 -5.03 72.09 -10.83
CA VAL D 32 -4.64 72.45 -9.47
C VAL D 32 -5.53 71.80 -8.44
N TRP D 33 -5.03 71.69 -7.21
CA TRP D 33 -5.84 71.26 -6.09
C TRP D 33 -6.46 72.49 -5.44
N MET D 34 -7.66 72.33 -4.90
CA MET D 34 -8.33 73.44 -4.25
C MET D 34 -8.63 73.09 -2.80
N SER D 35 -8.76 74.09 -1.96
CA SER D 35 -9.03 73.83 -0.55
C SER D 35 -9.68 75.01 0.16
N TRP D 36 -10.03 74.78 1.43
CA TRP D 36 -10.61 75.82 2.27
C TRP D 36 -10.02 75.79 3.68
N VAL D 37 -9.86 76.99 4.25
CA VAL D 37 -9.50 77.13 5.67
C VAL D 37 -10.45 78.13 6.30
N ARG D 38 -10.46 78.19 7.62
CA ARG D 38 -11.24 79.20 8.33
C ARG D 38 -10.47 79.80 9.49
N GLN D 39 -10.88 80.98 9.90
CA GLN D 39 -10.30 81.62 11.07
C GLN D 39 -11.30 82.45 11.85
N ALA D 40 -11.60 82.01 13.06
CA ALA D 40 -12.48 82.76 13.93
C ALA D 40 -11.68 83.84 14.62
N PRO D 41 -12.29 84.97 14.98
CA PRO D 41 -11.68 86.03 15.74
C PRO D 41 -11.05 85.47 17.01
N GLY D 42 -9.81 85.87 17.27
CA GLY D 42 -9.08 85.42 18.46
C GLY D 42 -8.39 84.06 18.26
N LYS D 43 -8.65 83.39 17.14
CA LYS D 43 -8.07 82.08 16.89
C LYS D 43 -7.05 82.09 15.74
N GLY D 44 -6.30 81.00 15.62
CA GLY D 44 -5.34 80.86 14.54
C GLY D 44 -6.01 80.24 13.33
N LEU D 45 -5.22 79.75 12.39
CA LEU D 45 -5.76 79.19 11.16
C LEU D 45 -6.20 77.75 11.39
N GLU D 46 -7.34 77.38 10.82
CA GLU D 46 -7.83 76.02 10.92
C GLU D 46 -8.26 75.45 9.58
N TRP D 47 -7.80 74.25 9.28
CA TRP D 47 -8.09 73.58 8.01
C TRP D 47 -9.50 73.04 7.96
N VAL D 48 -10.21 73.32 6.85
CA VAL D 48 -11.56 72.81 6.65
C VAL D 48 -11.56 71.54 5.80
N GLY D 49 -10.89 71.61 4.64
CA GLY D 49 -10.83 70.44 3.75
C GLY D 49 -10.19 70.77 2.41
N ARG D 50 -9.92 69.72 1.62
CA ARG D 50 -9.32 69.89 0.28
C ARG D 50 -9.98 68.97 -0.74
N ILE D 51 -9.89 69.35 -2.00
CA ILE D 51 -10.42 68.54 -3.09
C ILE D 51 -9.39 68.35 -4.22
N LYS D 52 -9.31 67.12 -4.73
CA LYS D 52 -8.38 66.78 -5.80
C LYS D 52 -8.90 67.19 -7.18
N ARG D 53 -8.09 66.93 -8.21
CA ARG D 53 -8.45 67.28 -9.58
C ARG D 53 -9.44 66.28 -10.14
N LYS D 54 -10.14 66.68 -11.20
CA LYS D 54 -11.11 65.80 -11.84
C LYS D 54 -10.47 64.53 -12.35
N SER D 55 -9.24 64.64 -12.87
CA SER D 55 -8.51 63.51 -13.40
C SER D 55 -8.13 62.51 -12.30
N GLU D 56 -8.23 62.96 -11.06
CA GLU D 56 -7.89 62.16 -9.90
C GLU D 56 -9.16 61.66 -9.20
N GLY D 57 -10.31 61.89 -9.83
CA GLY D 57 -11.59 61.51 -9.26
C GLY D 57 -12.18 62.60 -8.36
N ALA D 58 -11.47 63.72 -8.23
CA ALA D 58 -11.91 64.85 -7.41
C ALA D 58 -12.36 64.38 -6.04
N THR D 59 -11.52 63.59 -5.38
CA THR D 59 -11.85 63.09 -4.05
C THR D 59 -11.56 64.17 -3.03
N THR D 60 -12.07 63.97 -1.81
CA THR D 60 -11.90 64.96 -0.77
C THR D 60 -11.39 64.41 0.55
N ASP D 61 -10.83 65.33 1.34
CA ASP D 61 -10.37 65.08 2.70
C ASP D 61 -10.76 66.27 3.57
N TYR D 62 -11.18 65.99 4.80
CA TYR D 62 -11.70 67.05 5.65
C TYR D 62 -10.97 67.15 6.96
N GLY D 63 -10.97 68.34 7.55
CA GLY D 63 -10.47 68.53 8.90
C GLY D 63 -11.43 67.90 9.88
N ALA D 64 -10.92 67.45 11.02
CA ALA D 64 -11.77 66.81 12.02
C ALA D 64 -12.94 67.70 12.52
N PRO D 65 -12.76 69.03 12.70
CA PRO D 65 -13.76 69.96 13.20
C PRO D 65 -15.03 70.01 12.35
N VAL D 66 -14.93 69.56 11.09
CA VAL D 66 -16.09 69.59 10.20
C VAL D 66 -16.29 68.25 9.54
N LYS D 67 -15.92 67.19 10.24
CA LYS D 67 -16.00 65.85 9.68
C LYS D 67 -17.43 65.36 9.68
N GLY D 68 -17.94 65.05 8.50
CA GLY D 68 -19.30 64.58 8.36
C GLY D 68 -20.32 65.71 8.27
N ARG D 69 -19.84 66.97 8.30
CA ARG D 69 -20.76 68.09 8.24
C ARG D 69 -20.56 68.92 6.98
N PHE D 70 -19.30 69.12 6.59
CA PHE D 70 -19.02 69.92 5.41
C PHE D 70 -18.67 69.03 4.22
N THR D 71 -19.07 69.49 3.03
CA THR D 71 -18.72 68.78 1.79
C THR D 71 -18.12 69.71 0.76
N LEU D 72 -17.06 69.26 0.10
CA LEU D 72 -16.40 70.05 -0.94
C LEU D 72 -16.74 69.51 -2.32
N SER D 73 -16.80 70.40 -3.29
CA SER D 73 -16.99 70.02 -4.69
C SER D 73 -16.38 71.06 -5.61
N ARG D 74 -16.18 70.71 -6.87
CA ARG D 74 -15.62 71.65 -7.84
C ARG D 74 -16.22 71.44 -9.21
N ASP D 75 -16.12 72.46 -10.07
CA ASP D 75 -16.64 72.37 -11.43
C ASP D 75 -15.77 73.11 -12.44
N ASP D 76 -15.04 72.34 -13.25
CA ASP D 76 -14.04 72.89 -14.15
C ASP D 76 -14.64 73.61 -15.36
N SER D 77 -15.95 73.50 -15.55
CA SER D 77 -16.58 74.20 -16.65
C SER D 77 -16.81 75.66 -16.29
N LYS D 78 -16.64 75.99 -15.00
CA LYS D 78 -16.83 77.35 -14.50
C LYS D 78 -15.57 77.85 -13.81
N ASN D 79 -14.68 76.91 -13.47
CA ASN D 79 -13.48 77.19 -12.68
C ASN D 79 -13.85 77.65 -11.29
N THR D 80 -14.85 77.00 -10.71
CA THR D 80 -15.30 77.36 -9.37
C THR D 80 -15.23 76.20 -8.40
N VAL D 81 -15.19 76.55 -7.12
CA VAL D 81 -15.14 75.59 -6.02
C VAL D 81 -16.25 75.89 -5.03
N TYR D 82 -16.83 74.85 -4.47
CA TYR D 82 -17.92 75.01 -3.53
C TYR D 82 -17.60 74.35 -2.19
N LEU D 83 -18.14 74.94 -1.13
CA LEU D 83 -18.10 74.36 0.20
C LEU D 83 -19.47 74.45 0.83
N GLN D 84 -20.13 73.31 1.04
CA GLN D 84 -21.46 73.35 1.62
C GLN D 84 -21.43 72.86 3.04
N MET D 85 -22.03 73.67 3.91
CA MET D 85 -22.07 73.40 5.34
C MET D 85 -23.43 72.85 5.70
N ASN D 86 -23.57 71.52 5.69
CA ASN D 86 -24.89 70.89 5.81
C ASN D 86 -25.57 71.25 7.12
N SER D 87 -24.80 71.30 8.18
CA SER D 87 -25.32 71.65 9.50
C SER D 87 -24.37 72.57 10.22
N LEU D 88 -24.80 73.81 10.44
CA LEU D 88 -23.97 74.81 11.08
C LEU D 88 -24.05 74.76 12.59
N LYS D 89 -22.94 75.10 13.22
CA LYS D 89 -22.87 75.28 14.67
C LYS D 89 -22.47 76.71 14.98
N ILE D 90 -22.71 77.15 16.20
CA ILE D 90 -22.32 78.51 16.57
C ILE D 90 -20.80 78.68 16.47
N ASP D 91 -20.07 77.60 16.73
CA ASP D 91 -18.60 77.59 16.67
C ASP D 91 -18.07 77.77 15.25
N ASP D 92 -18.95 77.70 14.25
CA ASP D 92 -18.52 77.84 12.88
C ASP D 92 -18.37 79.30 12.50
N THR D 93 -18.66 80.19 13.45
CA THR D 93 -18.47 81.60 13.19
C THR D 93 -16.99 81.85 12.92
N ALA D 94 -16.69 82.22 11.68
CA ALA D 94 -15.31 82.38 11.25
C ALA D 94 -15.24 82.99 9.88
N VAL D 95 -14.08 83.51 9.54
CA VAL D 95 -13.84 83.91 8.16
C VAL D 95 -13.27 82.74 7.41
N TYR D 96 -13.88 82.40 6.29
CA TYR D 96 -13.44 81.30 5.47
C TYR D 96 -12.63 81.81 4.32
N TYR D 97 -11.65 81.03 3.88
CA TYR D 97 -10.83 81.44 2.77
C TYR D 97 -10.69 80.36 1.71
N CYS D 98 -11.02 80.73 0.48
CA CYS D 98 -10.78 79.92 -0.69
C CYS D 98 -9.28 79.89 -0.94
N SER D 99 -8.73 78.71 -1.20
CA SER D 99 -7.30 78.61 -1.42
C SER D 99 -6.94 77.51 -2.40
N THR D 100 -5.66 77.46 -2.76
CA THR D 100 -5.15 76.40 -3.61
C THR D 100 -4.12 75.59 -2.85
N LEU D 101 -3.81 74.41 -3.37
CA LEU D 101 -2.83 73.52 -2.75
C LEU D 101 -1.89 72.93 -3.80
N THR D 102 -0.59 72.97 -3.53
CA THR D 102 0.38 72.40 -4.46
C THR D 102 1.39 71.52 -3.73
N ARG D 103 2.19 70.79 -4.52
CA ARG D 103 3.30 70.03 -3.96
C ARG D 103 4.61 70.42 -4.61
N GLY D 104 5.69 70.27 -3.87
CA GLY D 104 7.03 70.47 -4.40
C GLY D 104 7.77 69.14 -4.43
N GLY D 105 9.07 69.20 -4.73
CA GLY D 105 9.90 68.00 -4.81
C GLY D 105 9.44 67.08 -5.93
N ASP D 106 9.31 65.80 -5.61
CA ASP D 106 8.91 64.79 -6.58
C ASP D 106 8.05 63.71 -5.92
N VAL D 107 7.95 62.55 -6.57
CA VAL D 107 7.14 61.45 -6.06
C VAL D 107 7.89 60.70 -4.95
N TRP D 108 9.21 60.66 -5.04
CA TRP D 108 10.04 60.00 -4.05
C TRP D 108 9.93 60.72 -2.70
N SER D 109 10.14 62.04 -2.73
CA SER D 109 10.06 62.88 -1.55
C SER D 109 9.24 64.13 -1.84
N SER D 110 8.04 64.17 -1.31
CA SER D 110 7.12 65.26 -1.61
C SER D 110 7.04 66.25 -0.46
N SER D 111 6.61 67.47 -0.79
CA SER D 111 6.33 68.50 0.22
C SER D 111 5.11 69.32 -0.16
N TYR D 112 4.16 69.42 0.76
CA TYR D 112 2.90 70.09 0.45
C TYR D 112 2.80 71.43 1.14
N TYR D 113 2.19 72.39 0.45
CA TYR D 113 1.98 73.73 1.00
C TYR D 113 0.87 74.47 0.26
N PHE D 114 0.35 75.52 0.87
CA PHE D 114 -0.67 76.35 0.26
C PHE D 114 -0.07 77.67 -0.22
N ASP D 115 -0.12 77.90 -1.54
CA ASP D 115 0.48 79.10 -2.13
C ASP D 115 -0.48 80.29 -2.20
N TYR D 116 -1.64 80.10 -2.81
CA TYR D 116 -2.57 81.21 -3.01
C TYR D 116 -3.74 81.18 -2.05
N TRP D 117 -4.19 82.37 -1.65
CA TRP D 117 -5.36 82.53 -0.79
C TRP D 117 -6.26 83.62 -1.36
N GLY D 118 -7.57 83.46 -1.20
CA GLY D 118 -8.52 84.47 -1.67
C GLY D 118 -8.82 85.53 -0.63
N GLN D 119 -9.74 86.42 -0.96
CA GLN D 119 -10.16 87.50 -0.07
C GLN D 119 -10.83 86.97 1.19
N GLY D 120 -11.61 85.92 1.03
CA GLY D 120 -12.32 85.31 2.13
C GLY D 120 -13.75 85.81 2.26
N ALA D 121 -14.53 85.12 3.08
CA ALA D 121 -15.93 85.47 3.33
C ALA D 121 -16.30 85.16 4.77
N LEU D 122 -17.21 85.94 5.33
CA LEU D 122 -17.60 85.72 6.72
C LEU D 122 -18.83 84.88 6.87
N VAL D 123 -18.70 83.83 7.66
CA VAL D 123 -19.79 82.96 8.02
C VAL D 123 -20.10 83.15 9.49
N THR D 124 -21.33 83.53 9.80
CA THR D 124 -21.71 83.80 11.17
C THR D 124 -23.17 83.51 11.41
N ALA E 3 0.41 68.07 16.42
CA ALA E 3 0.24 69.42 16.94
C ALA E 3 1.56 70.17 16.89
N LEU E 4 1.48 71.48 16.63
CA LEU E 4 2.66 72.32 16.57
C LEU E 4 2.63 73.36 17.68
N THR E 5 3.76 73.52 18.36
CA THR E 5 3.84 74.49 19.45
C THR E 5 4.73 75.67 19.10
N GLN E 6 4.18 76.87 19.27
CA GLN E 6 4.89 78.10 18.98
C GLN E 6 4.87 79.03 20.20
N PRO E 7 5.84 79.96 20.32
CA PRO E 7 5.88 81.04 21.28
C PRO E 7 4.64 81.92 21.14
N ALA E 8 4.15 82.46 22.25
CA ALA E 8 3.01 83.36 22.20
C ALA E 8 3.34 84.58 21.34
N SER E 9 4.53 85.12 21.52
CA SER E 9 4.96 86.31 20.81
C SER E 9 6.48 86.38 20.71
N VAL E 10 6.95 87.06 19.68
CA VAL E 10 8.36 87.33 19.47
C VAL E 10 8.53 88.79 19.06
N SER E 11 9.52 89.46 19.62
CA SER E 11 9.68 90.87 19.29
C SER E 11 11.11 91.34 19.34
N GLY E 12 11.34 92.50 18.74
CA GLY E 12 12.64 93.16 18.75
C GLY E 12 12.57 94.49 18.02
N SER E 13 13.64 95.25 18.07
CA SER E 13 13.69 96.54 17.40
C SER E 13 14.05 96.34 15.93
N PRO E 14 13.61 97.23 15.04
CA PRO E 14 13.97 97.22 13.65
C PRO E 14 15.49 97.15 13.51
N GLY E 15 15.95 96.24 12.66
CA GLY E 15 17.38 96.05 12.45
C GLY E 15 17.90 94.82 13.19
N GLN E 16 17.17 94.38 14.21
CA GLN E 16 17.60 93.23 15.01
C GLN E 16 17.16 91.90 14.39
N SER E 17 17.77 90.82 14.84
CA SER E 17 17.42 89.49 14.39
C SER E 17 16.58 88.75 15.42
N ILE E 18 15.42 88.25 14.98
CA ILE E 18 14.55 87.48 15.86
C ILE E 18 14.17 86.15 15.23
N THR E 19 13.74 85.20 16.04
CA THR E 19 13.30 83.91 15.52
C THR E 19 11.97 83.49 16.13
N ILE E 20 11.19 82.75 15.35
CA ILE E 20 9.96 82.16 15.84
C ILE E 20 10.05 80.65 15.78
N SER E 21 10.00 80.02 16.95
CA SER E 21 10.12 78.57 17.04
C SER E 21 8.82 77.86 16.68
N CYS E 22 8.95 76.60 16.29
CA CYS E 22 7.82 75.72 16.03
C CYS E 22 8.20 74.27 16.30
N THR E 23 7.84 73.76 17.46
CA THR E 23 8.31 72.45 17.85
C THR E 23 7.29 71.37 17.62
N GLY E 24 7.79 70.14 17.55
CA GLY E 24 6.96 68.95 17.43
C GLY E 24 7.83 67.73 17.69
N THR E 25 7.43 66.59 17.16
CA THR E 25 8.21 65.37 17.35
C THR E 25 8.87 64.92 16.05
N SER E 26 9.42 63.70 16.06
CA SER E 26 10.16 63.18 14.92
C SER E 26 9.29 63.07 13.67
N SER E 27 8.00 62.85 13.87
CA SER E 27 7.07 62.73 12.75
C SER E 27 6.63 64.08 12.20
N ASP E 28 6.97 65.17 12.90
CA ASP E 28 6.51 66.50 12.51
C ASP E 28 7.63 67.29 11.87
N VAL E 29 8.78 67.28 12.51
CA VAL E 29 9.92 68.07 12.07
C VAL E 29 11.14 67.21 11.79
N GLY E 30 11.43 66.29 12.68
CA GLY E 30 12.69 65.55 12.62
C GLY E 30 12.94 64.83 11.30
N THR E 31 12.05 63.91 10.92
CA THR E 31 12.25 63.06 9.75
C THR E 31 12.15 63.78 8.40
N TYR E 32 11.11 64.59 8.21
CA TYR E 32 10.90 65.20 6.89
C TYR E 32 10.92 66.72 6.91
N ASP E 33 11.44 67.30 5.83
CA ASP E 33 11.46 68.75 5.67
C ASP E 33 10.17 69.24 5.03
N LEU E 34 9.09 69.20 5.79
CA LEU E 34 7.76 69.48 5.23
C LEU E 34 6.97 70.56 5.99
N VAL E 35 7.64 71.38 6.80
CA VAL E 35 6.96 72.45 7.52
C VAL E 35 7.05 73.79 6.78
N SER E 36 5.92 74.50 6.72
CA SER E 36 5.85 75.79 6.05
C SER E 36 5.50 76.91 7.03
N TRP E 37 5.82 78.14 6.64
CA TRP E 37 5.51 79.31 7.45
C TRP E 37 4.68 80.32 6.69
N TYR E 38 3.69 80.88 7.38
CA TYR E 38 2.81 81.89 6.80
C TYR E 38 2.84 83.20 7.58
N GLN E 39 2.54 84.30 6.88
CA GLN E 39 2.44 85.62 7.50
C GLN E 39 1.08 86.24 7.25
N GLN E 40 0.38 86.63 8.30
CA GLN E 40 -0.93 87.23 8.16
C GLN E 40 -1.03 88.63 8.75
N HIS E 41 -1.43 89.57 7.92
CA HIS E 41 -1.70 90.92 8.41
C HIS E 41 -3.17 91.00 8.81
N PRO E 42 -3.51 91.78 9.83
CA PRO E 42 -4.87 91.97 10.30
C PRO E 42 -5.80 92.35 9.16
N GLY E 43 -6.94 91.67 9.10
CA GLY E 43 -7.93 91.93 8.06
C GLY E 43 -7.63 91.25 6.72
N LYS E 44 -6.47 90.62 6.61
CA LYS E 44 -6.05 90.02 5.35
C LYS E 44 -5.90 88.50 5.46
N SER E 45 -5.79 87.85 4.30
CA SER E 45 -5.48 86.44 4.23
C SER E 45 -3.99 86.28 4.56
N PRO E 46 -3.55 85.08 4.97
CA PRO E 46 -2.16 84.72 5.16
C PRO E 46 -1.44 84.60 3.83
N LYS E 47 -0.13 84.80 3.84
CA LYS E 47 0.69 84.53 2.66
C LYS E 47 1.84 83.60 3.01
N LEU E 48 2.29 82.83 2.03
CA LEU E 48 3.37 81.86 2.25
C LEU E 48 4.73 82.53 2.29
N MET E 49 5.46 82.30 3.38
CA MET E 49 6.78 82.87 3.54
C MET E 49 7.85 81.85 3.19
N ILE E 50 7.70 80.65 3.72
CA ILE E 50 8.66 79.56 3.51
C ILE E 50 7.95 78.22 3.41
N TYR E 51 8.44 77.35 2.54
CA TYR E 51 7.90 76.01 2.47
C TYR E 51 8.99 74.94 2.46
N ALA E 52 8.60 73.73 2.87
CA ALA E 52 9.49 72.57 2.91
C ALA E 52 10.70 72.81 3.80
N ASP E 53 10.55 73.65 4.83
CA ASP E 53 11.64 74.00 5.74
C ASP E 53 12.90 74.53 5.04
N ILE E 54 12.81 74.87 3.76
CA ILE E 54 14.00 75.24 3.00
C ILE E 54 13.94 76.58 2.28
N LYS E 55 12.91 76.81 1.48
CA LYS E 55 12.94 77.95 0.56
C LYS E 55 11.69 78.78 0.54
N ARG E 56 11.82 80.00 0.03
CA ARG E 56 10.74 80.98 -0.01
C ARG E 56 10.30 81.25 -1.46
N PRO E 57 9.04 81.67 -1.67
CA PRO E 57 8.53 82.25 -2.90
C PRO E 57 9.28 83.52 -3.26
N SER E 58 9.42 83.78 -4.55
CA SER E 58 10.13 84.98 -5.05
C SER E 58 9.52 86.30 -4.58
N GLY E 59 8.31 86.25 -4.02
CA GLY E 59 7.63 87.45 -3.52
C GLY E 59 8.02 87.74 -2.07
N VAL E 60 8.92 86.94 -1.53
CA VAL E 60 9.33 87.06 -0.14
C VAL E 60 10.77 87.56 -0.04
N SER E 61 10.98 88.57 0.79
CA SER E 61 12.29 89.16 0.97
C SER E 61 13.28 88.20 1.63
N HIS E 62 14.56 88.51 1.49
CA HIS E 62 15.65 87.68 1.99
C HIS E 62 15.76 87.71 3.51
N ARG E 63 15.00 88.60 4.14
CA ARG E 63 15.00 88.71 5.59
C ARG E 63 14.51 87.42 6.22
N PHE E 64 13.67 86.71 5.50
CA PHE E 64 13.02 85.51 6.04
C PHE E 64 13.72 84.23 5.59
N SER E 65 14.22 83.46 6.56
CA SER E 65 14.91 82.21 6.26
C SER E 65 14.53 81.12 7.26
N GLY E 66 14.63 79.87 6.83
CA GLY E 66 14.27 78.76 7.69
C GLY E 66 15.47 78.19 8.44
N SER E 67 15.18 77.49 9.53
CA SER E 67 16.20 76.78 10.29
C SER E 67 15.59 75.57 11.01
N LYS E 68 16.36 74.48 11.06
CA LYS E 68 15.90 73.27 11.73
C LYS E 68 17.00 72.64 12.57
N SER E 69 16.62 72.16 13.76
CA SER E 69 17.53 71.42 14.62
C SER E 69 16.76 70.39 15.44
N GLY E 70 17.10 69.12 15.28
CA GLY E 70 16.37 68.07 15.98
C GLY E 70 14.91 68.07 15.53
N ASN E 71 14.00 68.24 16.49
CA ASN E 71 12.57 68.25 16.18
C ASN E 71 12.00 69.66 16.27
N THR E 72 12.88 70.67 16.20
CA THR E 72 12.46 72.05 16.24
C THR E 72 12.65 72.78 14.91
N ALA E 73 11.57 73.37 14.42
CA ALA E 73 11.62 74.20 13.23
C ALA E 73 11.53 75.65 13.65
N SER E 74 12.08 76.55 12.87
CA SER E 74 11.93 77.96 13.20
C SER E 74 11.99 78.88 11.99
N LEU E 75 11.41 80.06 12.15
CA LEU E 75 11.48 81.13 11.16
C LEU E 75 12.37 82.24 11.64
N THR E 76 13.41 82.53 10.87
CA THR E 76 14.36 83.58 11.24
C THR E 76 14.10 84.85 10.45
N ILE E 77 14.01 85.97 11.15
CA ILE E 77 13.83 87.25 10.50
C ILE E 77 15.06 88.13 10.74
N SER E 78 15.91 88.23 9.73
CA SER E 78 17.19 88.92 9.86
C SER E 78 17.10 90.38 9.43
N GLY E 79 17.27 91.29 10.38
CA GLY E 79 17.13 92.70 10.10
C GLY E 79 15.66 93.06 10.02
N LEU E 80 14.91 92.68 11.05
CA LEU E 80 13.46 92.83 11.02
C LEU E 80 13.08 94.27 10.84
N GLN E 81 11.98 94.51 10.16
CA GLN E 81 11.47 95.85 9.98
C GLN E 81 10.16 96.02 10.73
N SER E 82 9.76 97.27 10.98
CA SER E 82 8.47 97.53 11.61
C SER E 82 7.33 97.05 10.71
N ALA E 83 7.64 96.93 9.42
CA ALA E 83 6.66 96.52 8.42
C ALA E 83 6.44 95.02 8.47
N ASP E 84 7.22 94.31 9.28
CA ASP E 84 7.08 92.88 9.40
C ASP E 84 6.12 92.50 10.52
N GLU E 85 5.56 93.51 11.19
CA GLU E 85 4.61 93.22 12.26
C GLU E 85 3.42 92.46 11.70
N ALA E 86 3.19 91.26 12.22
CA ALA E 86 2.14 90.38 11.70
C ALA E 86 1.97 89.15 12.57
N ASP E 87 0.91 88.39 12.30
CA ASP E 87 0.71 87.11 12.95
C ASP E 87 1.32 85.99 12.09
N TYR E 88 2.33 85.31 12.63
CA TYR E 88 3.00 84.27 11.86
C TYR E 88 2.53 82.90 12.27
N TYR E 89 2.39 82.01 11.29
CA TYR E 89 1.90 80.67 11.58
C TYR E 89 2.81 79.58 11.07
N CYS E 90 2.96 78.54 11.87
CA CYS E 90 3.69 77.35 11.49
C CYS E 90 2.72 76.28 11.04
N CYS E 91 2.93 75.73 9.84
CA CYS E 91 2.00 74.76 9.28
C CYS E 91 2.67 73.46 8.83
N LEU E 92 2.13 72.36 9.29
CA LEU E 92 2.63 71.03 8.98
C LEU E 92 1.66 70.22 8.15
N TYR E 93 2.14 69.69 7.03
CA TYR E 93 1.28 68.84 6.22
C TYR E 93 2.06 67.89 5.32
N ALA E 94 1.69 66.63 5.39
CA ALA E 94 2.23 65.59 4.53
C ALA E 94 1.24 65.32 3.41
N GLY E 95 1.16 64.08 2.98
CA GLY E 95 0.32 63.72 1.85
C GLY E 95 -1.06 63.24 2.29
N SER E 96 -1.43 62.03 1.85
CA SER E 96 -2.75 61.49 2.08
C SER E 96 -2.89 60.89 3.46
N SER E 97 -4.14 60.60 3.83
CA SER E 97 -4.47 59.97 5.10
C SER E 97 -3.92 60.74 6.30
N THR E 98 -4.00 62.06 6.22
CA THR E 98 -3.56 62.93 7.29
C THR E 98 -4.18 64.31 7.13
N SER E 99 -4.31 65.04 8.24
CA SER E 99 -4.87 66.40 8.20
C SER E 99 -3.78 67.46 8.23
N VAL E 100 -4.17 68.70 7.94
CA VAL E 100 -3.27 69.84 8.00
C VAL E 100 -3.21 70.36 9.43
N ILE E 101 -2.01 70.53 9.94
CA ILE E 101 -1.83 70.98 11.31
C ILE E 101 -1.26 72.40 11.37
N PHE E 102 -1.94 73.27 12.07
CA PHE E 102 -1.46 74.64 12.28
C PHE E 102 -1.13 74.85 13.75
N GLY E 103 -0.15 75.70 14.02
CA GLY E 103 0.13 76.11 15.38
C GLY E 103 -0.85 77.21 15.79
N GLY E 104 -0.71 77.72 17.01
CA GLY E 104 -1.63 78.75 17.50
C GLY E 104 -1.32 80.12 16.91
N GLY E 105 -0.17 80.25 16.29
CA GLY E 105 0.28 81.51 15.72
C GLY E 105 1.14 82.29 16.69
N THR E 106 2.03 83.11 16.14
CA THR E 106 2.92 83.93 16.95
C THR E 106 2.73 85.40 16.65
N LYS E 107 2.62 86.20 17.70
CA LYS E 107 2.54 87.64 17.49
C LYS E 107 3.93 88.21 17.33
N VAL E 108 4.26 88.64 16.12
CA VAL E 108 5.60 89.14 15.86
C VAL E 108 5.57 90.65 15.75
C1 NAG F . -2.39 8.30 60.68
C2 NAG F . -1.29 9.08 60.03
C3 NAG F . -0.68 8.19 59.02
C4 NAG F . -0.11 6.89 59.67
C5 NAG F . -1.27 6.17 60.43
C6 NAG F . -0.80 4.95 61.19
C7 NAG F . -1.21 11.43 59.45
C8 NAG F . -1.85 12.57 58.73
N2 NAG F . -1.82 10.26 59.38
O3 NAG F . 0.37 8.91 58.31
O4 NAG F . 0.34 6.06 58.62
O5 NAG F . -1.84 7.06 61.41
O6 NAG F . 0.38 5.20 61.96
O7 NAG F . -0.17 11.55 60.08
C1 NAG F . 1.70 5.76 58.76
C2 NAG F . 1.98 4.65 57.80
C3 NAG F . 3.40 4.24 57.92
C4 NAG F . 4.28 5.49 57.54
C5 NAG F . 3.96 6.67 58.53
C6 NAG F . 4.72 7.93 58.18
C7 NAG F . 0.24 3.08 57.24
C8 NAG F . -0.61 1.93 57.65
N2 NAG F . 1.12 3.52 58.10
O3 NAG F . 3.66 3.11 57.05
O4 NAG F . 5.61 5.13 57.62
O5 NAG F . 2.57 6.99 58.42
O6 NAG F . 4.52 8.32 56.83
O7 NAG F . 0.12 3.61 56.13
C1 NAG G . -25.17 -12.21 55.87
C2 NAG G . -24.70 -12.28 54.45
C3 NAG G . -25.81 -11.94 53.54
C4 NAG G . -27.01 -12.94 53.71
C5 NAG G . -27.49 -12.79 55.19
C6 NAG G . -28.61 -13.71 55.58
C7 NAG G . -22.39 -11.65 54.10
C8 NAG G . -21.39 -10.56 53.91
N2 NAG G . -23.64 -11.30 54.26
O3 NAG G . -25.33 -11.96 52.17
O4 NAG G . -28.01 -12.56 52.80
O5 NAG G . -26.40 -13.13 56.04
O6 NAG G . -28.79 -13.78 56.98
O7 NAG G . -22.07 -12.84 54.10
C1 NAG G . -28.61 -13.68 52.21
C2 NAG G . -29.93 -13.24 51.68
C3 NAG G . -30.65 -14.39 51.12
C4 NAG G . -29.84 -15.00 49.91
C5 NAG G . -28.43 -15.38 50.46
C6 NAG G . -27.51 -15.87 49.37
C7 NAG G . -31.50 -11.62 52.52
C8 NAG G . -32.24 -11.06 53.69
N2 NAG G . -30.72 -12.65 52.75
O3 NAG G . -31.98 -13.98 50.70
O4 NAG G . -30.54 -16.14 49.48
O5 NAG G . -27.77 -14.24 51.04
O6 NAG G . -26.25 -16.27 49.88
O7 NAG G . -31.63 -11.16 51.39
C1 BMA G . -30.77 -16.19 48.01
C2 BMA G . -32.09 -15.49 47.66
C3 BMA G . -32.40 -15.62 46.22
C4 BMA G . -31.26 -14.96 45.47
C5 BMA G . -29.92 -15.66 45.83
C6 BMA G . -28.68 -14.96 45.14
O2 BMA G . -31.95 -14.19 47.94
O3 BMA G . -33.66 -14.95 45.92
O4 BMA G . -31.50 -15.06 44.11
O5 BMA G . -29.70 -15.55 47.26
O6 BMA G . -28.28 -15.53 43.84
C1 MAN G . -34.80 -15.87 46.08
C2 MAN G . -35.21 -16.39 44.70
C3 MAN G . -35.72 -15.32 43.80
C4 MAN G . -36.94 -14.71 44.50
C5 MAN G . -36.49 -14.14 45.87
C6 MAN G . -37.72 -13.54 46.66
O2 MAN G . -36.19 -17.28 44.91
O3 MAN G . -36.10 -15.89 42.53
O4 MAN G . -37.45 -13.69 43.70
O5 MAN G . -35.96 -15.23 46.67
O6 MAN G . -38.66 -12.74 45.84
C1 MAN G . -27.61 -16.83 43.98
C2 MAN G . -26.69 -17.05 42.78
C3 MAN G . -27.44 -17.12 41.50
C4 MAN G . -28.39 -18.30 41.61
C5 MAN G . -29.35 -18.07 42.82
C6 MAN G . -30.32 -19.29 43.03
O2 MAN G . -26.05 -18.21 42.97
O3 MAN G . -26.51 -17.32 40.41
O4 MAN G . -29.11 -18.41 40.43
O5 MAN G . -28.55 -17.95 44.02
O6 MAN G . -30.85 -19.87 41.78
C1 NAG H . -0.39 22.84 56.99
C2 NAG H . 0.77 23.79 56.96
C3 NAG H . 1.94 23.13 56.35
C4 NAG H . 2.33 21.88 57.22
C5 NAG H . 1.12 20.90 57.18
C6 NAG H . 1.33 19.64 57.96
C7 NAG H . 0.05 26.09 56.70
C8 NAG H . -0.32 27.20 55.77
N2 NAG H . 0.41 24.96 56.15
O3 NAG H . 3.04 24.08 56.27
O4 NAG H . 3.48 21.29 56.66
O5 NAG H . 0.00 21.57 57.77
O6 NAG H . 0.28 18.70 57.78
O7 NAG H . 0.03 26.22 57.93
C1 NAG H . 4.46 21.10 57.65
C2 NAG H . 5.49 20.19 57.08
C3 NAG H . 6.54 19.92 58.09
C4 NAG H . 7.19 21.30 58.46
C5 NAG H . 6.11 22.25 59.04
C6 NAG H . 6.67 23.60 59.38
C7 NAG H . 4.85 18.55 55.43
C8 NAG H . 4.16 17.26 55.13
N2 NAG H . 4.88 18.94 56.68
O3 NAG H . 7.50 18.97 57.55
O4 NAG H . 8.19 21.06 59.41
O5 NAG H . 5.10 22.45 58.05
O6 NAG H . 8.00 23.52 59.87
O7 NAG H . 5.37 19.24 54.54
C1 NAG I . -11.82 29.86 49.28
C2 NAG I . -12.18 31.25 48.85
C3 NAG I . -10.99 32.12 48.91
C4 NAG I . -10.48 32.17 50.41
C5 NAG I . -10.10 30.71 50.81
C6 NAG I . -9.58 30.60 52.22
C7 NAG I . -13.92 31.50 47.18
C8 NAG I . -14.33 31.43 45.75
N2 NAG I . -12.67 31.23 47.48
O3 NAG I . -11.32 33.45 48.43
O4 NAG I . -9.35 33.02 50.50
O5 NAG I . -11.27 29.89 50.72
O6 NAG I . -10.62 30.44 53.17
O7 NAG I . -14.73 31.80 48.08
C1 NAG I . -9.64 34.12 51.33
C2 NAG I . -8.32 34.78 51.66
C3 NAG I . -8.57 35.95 52.53
C4 NAG I . -9.48 36.96 51.75
C5 NAG I . -10.84 36.28 51.41
C6 NAG I . -11.74 37.18 50.62
C7 NAG I . -6.24 33.58 51.97
C8 NAG I . -5.47 32.59 52.78
N2 NAG I . -7.48 33.84 52.37
O3 NAG I . -7.30 36.54 52.91
O4 NAG I . -9.70 38.08 52.55
O5 NAG I . -10.56 35.13 50.60
O6 NAG I . -11.81 38.48 51.16
O7 NAG I . -5.77 34.15 51.00
C1 NAG J . -33.39 17.01 59.06
C2 NAG J . -34.53 17.79 59.64
C3 NAG J . -35.43 18.19 58.53
C4 NAG J . -34.69 19.10 57.48
C5 NAG J . -33.47 18.24 56.96
C6 NAG J . -32.54 18.96 56.01
C7 NAG J . -35.47 17.31 61.82
C8 NAG J . -36.26 16.38 62.68
N2 NAG J . -35.28 16.96 60.57
O3 NAG J . -36.58 18.87 59.07
O4 NAG J . -35.62 19.38 56.46
O5 NAG J . -32.63 17.87 58.06
O6 NAG J . -33.05 18.98 54.69
O7 NAG J . -35.03 18.38 62.25
C1 NAG J . -35.42 20.67 55.91
C2 NAG J . -36.22 20.72 54.66
C3 NAG J . -35.94 22.01 54.02
C4 NAG J . -36.40 23.20 54.93
C5 NAG J . -35.60 23.05 56.28
C6 NAG J . -35.98 24.11 57.30
C7 NAG J . -36.69 18.93 53.12
C8 NAG J . -36.18 17.84 52.25
N2 NAG J . -35.82 19.64 53.78
O3 NAG J . -36.61 22.05 52.73
O4 NAG J . -36.05 24.37 54.27
O5 NAG J . -35.86 21.78 56.88
O6 NAG J . -35.39 23.86 58.57
O7 NAG J . -37.90 19.18 53.22
C1 BMA J . -37.14 25.36 54.17
C2 BMA J . -37.92 25.12 52.88
C3 BMA J . -38.96 26.17 52.67
C4 BMA J . -39.89 26.06 53.85
C5 BMA J . -39.09 26.31 55.17
C6 BMA J . -40.02 26.18 56.44
O2 BMA J . -38.55 23.94 53.00
O3 BMA J . -39.66 25.90 51.43
O4 BMA J . -40.91 27.01 53.70
O5 BMA J . -38.07 25.31 55.29
O6 BMA J . -41.12 27.18 56.50
C1 MAN J . -39.07 26.67 50.32
C2 MAN J . -39.80 28.02 50.21
C3 MAN J . -41.22 27.85 49.84
C4 MAN J . -41.26 27.15 48.49
C5 MAN J . -40.55 25.77 48.63
C6 MAN J . -40.52 25.01 47.25
O2 MAN J . -39.17 28.73 49.26
O3 MAN J . -41.84 29.16 49.76
O4 MAN J . -42.58 26.99 48.11
O5 MAN J . -39.19 25.98 49.04
O6 MAN J . -41.72 25.21 46.42
C1 MAN J . -40.85 28.24 57.48
C2 MAN J . -42.09 29.13 57.61
C3 MAN J . -42.39 29.86 56.35
C4 MAN J . -41.19 30.75 56.08
C5 MAN J . -39.94 29.85 55.90
C6 MAN J . -38.66 30.73 55.67
O2 MAN J . -41.84 30.02 58.57
O3 MAN J . -43.60 30.65 56.53
O4 MAN J . -41.43 31.48 54.91
O5 MAN J . -39.73 29.10 57.12
O6 MAN J . -38.83 31.86 54.75
C1 NAG K . -37.76 7.23 52.69
C2 NAG K . -38.07 8.49 51.93
C3 NAG K . -38.84 9.39 52.80
C4 NAG K . -40.19 8.71 53.23
C5 NAG K . -39.83 7.36 53.96
C6 NAG K . -41.05 6.57 54.37
C7 NAG K . -36.39 9.06 50.29
C8 NAG K . -35.13 9.77 49.97
N2 NAG K . -36.85 9.15 51.52
O3 NAG K . -39.08 10.64 52.12
O4 NAG K . -40.84 9.58 54.11
O5 NAG K . -39.07 6.52 53.10
O6 NAG K . -41.61 7.01 55.60
O7 NAG K . -37.01 8.41 49.44
C1 NAG K . -42.17 9.80 53.70
C2 NAG K . -42.85 10.52 54.82
C3 NAG K . -44.27 10.72 54.47
C4 NAG K . -44.32 11.59 53.16
C5 NAG K . -43.58 10.85 52.01
C6 NAG K . -43.54 11.66 50.74
C7 NAG K . -42.51 10.31 57.19
C8 NAG K . -42.43 9.42 58.39
N2 NAG K . -42.74 9.74 56.03
O3 NAG K . -44.95 11.35 55.57
O4 NAG K . -45.65 11.80 52.84
O5 NAG K . -42.22 10.63 52.40
O6 NAG K . -43.46 10.85 49.58
O7 NAG K . -42.38 11.53 57.27
C1 NAG L . 10.81 34.98 30.95
C2 NAG L . 11.51 34.66 32.24
C3 NAG L . 10.49 34.53 33.30
C4 NAG L . 9.72 35.89 33.45
C5 NAG L . 9.05 36.25 32.09
C6 NAG L . 8.39 37.60 32.11
C7 NAG L . 13.44 33.27 32.65
C8 NAG L . 14.12 31.96 32.48
N2 NAG L . 12.25 33.42 32.11
O3 NAG L . 11.13 34.16 34.54
O4 NAG L . 8.74 35.72 34.45
O5 NAG L . 10.07 36.31 31.09
O6 NAG L . 9.32 38.65 32.35
O7 NAG L . 13.96 34.20 33.28
C1 NAG L . 8.94 36.62 35.51
C2 NAG L . 7.72 36.56 36.37
C3 NAG L . 7.84 37.51 37.49
C4 NAG L . 9.10 37.09 38.33
C5 NAG L . 10.37 37.15 37.42
C6 NAG L . 11.61 36.72 38.16
C7 NAG L . 5.59 36.02 35.33
C8 NAG L . 4.45 36.47 34.46
N2 NAG L . 6.55 36.89 35.57
O3 NAG L . 6.62 37.48 38.28
O4 NAG L . 9.23 37.97 39.39
O5 NAG L . 10.18 36.23 36.33
O6 NAG L . 11.73 37.37 39.42
O7 NAG L . 5.64 34.88 35.80
C1 NAG M . 36.53 6.80 28.49
C2 NAG M . 36.92 7.27 29.85
C3 NAG M . 38.09 8.13 29.75
C4 NAG M . 39.28 7.32 29.12
C5 NAG M . 38.85 6.86 27.70
C6 NAG M . 39.90 6.05 26.99
C7 NAG M . 35.09 7.57 31.43
C8 NAG M . 33.97 8.42 31.91
N2 NAG M . 35.83 8.03 30.44
O3 NAG M . 38.46 8.63 31.07
O4 NAG M . 40.39 8.18 29.04
O5 NAG M . 37.69 6.02 27.84
O6 NAG M . 39.51 5.67 25.68
O7 NAG M . 35.34 6.46 31.91
C1 NAG M . 41.48 7.66 29.77
C2 NAG M . 42.63 8.58 29.56
C3 NAG M . 43.82 8.07 30.26
C4 NAG M . 43.46 8.00 31.79
C5 NAG M . 42.25 7.04 32.00
C6 NAG M . 41.84 6.96 33.45
C7 NAG M . 42.61 9.78 27.46
C8 NAG M . 42.93 9.79 26.00
N2 NAG M . 42.91 8.70 28.14
O3 NAG M . 44.95 8.94 30.00
O4 NAG M . 44.57 7.53 32.48
O5 NAG M . 41.14 7.56 31.27
O6 NAG M . 42.96 6.73 34.30
O7 NAG M . 42.08 10.75 28.02
C1 NAG N . 19.43 -30.61 35.44
C2 NAG N . 20.45 -29.67 34.88
C3 NAG N . 21.56 -30.42 34.27
C4 NAG N . 22.23 -31.31 35.38
C5 NAG N . 21.14 -32.28 35.92
C6 NAG N . 21.67 -33.20 36.99
C7 NAG N . 19.75 -27.53 33.99
C8 NAG N . 19.11 -26.76 32.88
N2 NAG N . 19.83 -28.83 33.85
O3 NAG N . 22.52 -29.50 33.71
O4 NAG N . 23.30 -32.03 34.80
O5 NAG N . 20.08 -31.52 36.49
O6 NAG N . 22.71 -34.02 36.51
O7 NAG N . 20.21 -26.97 34.99
C1 NAG N . 24.52 -31.67 35.40
C2 NAG N . 25.59 -32.44 34.69
C3 NAG N . 26.90 -32.14 35.30
C4 NAG N . 27.16 -30.60 35.13
C5 NAG N . 26.04 -29.80 35.84
C6 NAG N . 26.20 -28.31 35.68
C7 NAG N . 25.12 -34.62 33.77
C8 NAG N . 24.84 -36.08 34.01
N2 NAG N . 25.33 -33.86 34.82
O3 NAG N . 27.93 -32.94 34.66
O4 NAG N . 28.40 -30.30 35.67
O5 NAG N . 24.79 -30.16 35.25
O6 NAG N . 27.57 -27.93 35.64
O7 NAG N . 25.14 -34.14 32.63
C1 NAG O . 39.79 -59.27 10.46
C2 NAG O . 40.56 -60.48 10.04
C3 NAG O . 41.98 -60.09 9.91
C4 NAG O . 42.13 -58.97 8.83
C5 NAG O . 41.22 -57.77 9.24
C6 NAG O . 41.21 -56.66 8.20
C7 NAG O . 39.83 -62.67 10.77
C8 NAG O . 39.68 -63.65 11.88
N2 NAG O . 40.43 -61.53 11.03
O3 NAG O . 42.77 -61.26 9.54
O4 NAG O . 43.48 -58.56 8.85
O5 NAG O . 39.86 -58.17 9.38
O6 NAG O . 42.24 -55.70 8.42
O7 NAG O . 39.41 -62.90 9.63
C1 NAG O . 44.10 -58.75 7.61
C2 NAG O . 45.49 -58.21 7.74
C3 NAG O . 46.20 -58.33 6.45
C4 NAG O . 46.27 -59.85 6.10
C5 NAG O . 44.82 -60.43 5.98
C6 NAG O . 44.82 -61.91 5.68
C7 NAG O . 45.88 -56.42 9.32
C8 NAG O . 45.77 -54.97 9.63
N2 NAG O . 45.43 -56.83 8.14
O3 NAG O . 47.52 -57.74 6.57
O4 NAG O . 46.95 -60.01 4.90
O5 NAG O . 44.15 -60.25 7.23
O6 NAG O . 45.88 -62.27 4.81
O7 NAG O . 46.38 -57.23 10.10
C1 NAG P . 3.87 -61.11 17.49
C2 NAG P . 3.80 -62.33 18.37
C3 NAG P . 2.51 -62.35 19.09
C4 NAG P . 2.42 -61.07 19.98
C5 NAG P . 2.51 -59.81 19.06
C6 NAG P . 2.47 -58.52 19.84
C7 NAG P . 5.00 -64.28 17.63
C8 NAG P . 5.06 -65.45 16.70
N2 NAG P . 3.94 -63.52 17.56
O3 NAG P . 2.43 -63.55 19.90
O4 NAG P . 1.18 -61.10 20.65
O5 NAG P . 3.75 -59.84 18.36
O6 NAG P . 2.78 -57.40 19.03
O7 NAG P . 5.90 -64.03 18.44
C1 NAG P . 1.37 -61.07 22.04
C2 NAG P . 0.02 -60.92 22.68
C3 NAG P . 0.15 -60.86 24.14
C4 NAG P . 0.83 -62.19 24.62
C5 NAG P . 2.23 -62.34 23.96
C6 NAG P . 2.92 -63.62 24.35
C7 NAG P . -1.81 -59.72 21.63
C8 NAG P . -2.36 -58.42 21.17
N2 NAG P . -0.61 -59.71 22.19
O3 NAG P . -1.15 -60.65 24.74
O4 NAG P . 0.95 -62.16 26.00
O5 NAG P . 2.05 -62.37 22.54
O6 NAG P . 2.75 -63.92 25.73
O7 NAG P . -2.43 -60.78 21.52
C1 NAG Q . -17.07 -56.92 10.77
C2 NAG Q . -17.63 -57.81 11.83
C3 NAG Q . -18.83 -57.21 12.42
C4 NAG Q . -18.48 -55.83 13.07
C5 NAG Q . -17.94 -54.93 11.91
C6 NAG Q . -17.54 -53.55 12.36
C7 NAG Q . -17.48 -60.21 11.65
C8 NAG Q . -17.88 -61.46 10.92
N2 NAG Q . -17.97 -59.09 11.22
O3 NAG Q . -19.38 -58.12 13.40
O4 NAG Q . -19.67 -55.29 13.62
O5 NAG Q . -16.76 -55.53 11.37
O6 NAG Q . -18.67 -52.78 12.73
O7 NAG Q . -16.73 -60.25 12.62
C1 NAG Q . -19.45 -54.84 14.93
C2 NAG Q . -20.71 -54.18 15.39
C3 NAG Q . -20.52 -53.63 16.75
C4 NAG Q . -20.18 -54.83 17.70
C5 NAG Q . -18.88 -55.53 17.21
C6 NAG Q . -18.52 -56.72 18.05
C7 NAG Q . -22.09 -53.18 13.66
C8 NAG Q . -22.34 -52.01 12.76
N2 NAG Q . -21.05 -53.10 14.48
O3 NAG Q . -21.71 -52.92 17.16
O4 NAG Q . -20.00 -54.35 18.99
O5 NAG Q . -19.11 -56.02 15.87
O6 NAG Q . -18.98 -56.58 19.39
O7 NAG Q . -22.80 -54.19 13.64
C1 NAG R . 35.29 -70.98 -3.72
C2 NAG R . 36.05 -70.03 -2.86
C3 NAG R . 36.43 -68.88 -3.71
C4 NAG R . 37.30 -69.29 -4.96
C5 NAG R . 36.44 -70.33 -5.76
C6 NAG R . 37.13 -70.93 -6.97
C7 NAG R . 35.63 -69.30 -0.60
C8 NAG R . 34.64 -68.76 0.40
N2 NAG R . 35.18 -69.55 -1.80
O3 NAG R . 37.14 -67.93 -2.91
O4 NAG R . 37.49 -68.10 -5.68
O5 NAG R . 36.14 -71.44 -4.92
O6 NAG R . 36.46 -72.07 -7.46
O7 NAG R . 36.80 -69.50 -0.31
C1 NAG R . 38.74 -68.07 -6.35
C2 NAG R . 38.62 -67.05 -7.42
C3 NAG R . 39.86 -67.02 -8.22
C4 NAG R . 41.03 -66.60 -7.27
C5 NAG R . 41.12 -67.68 -6.11
C6 NAG R . 42.18 -67.36 -5.09
C7 NAG R . 36.65 -66.42 -8.67
C8 NAG R . 35.42 -66.84 -9.42
N2 NAG R . 37.47 -67.36 -8.25
O3 NAG R . 39.71 -66.08 -9.31
O4 NAG R . 42.21 -66.59 -8.04
O5 NAG R . 39.88 -67.71 -5.40
O6 NAG R . 42.22 -68.31 -4.04
O7 NAG R . 36.90 -65.23 -8.45
C1 BMA R . 43.07 -65.41 -7.78
C2 BMA R . 42.73 -64.29 -8.79
C3 BMA R . 43.62 -63.12 -8.62
C4 BMA R . 43.41 -62.61 -7.21
C5 BMA R . 43.73 -63.74 -6.18
C6 BMA R . 43.42 -63.28 -4.71
O2 BMA R . 41.47 -63.90 -8.54
O3 BMA R . 43.27 -62.08 -9.58
O4 BMA R . 44.22 -61.51 -7.01
O5 BMA R . 42.88 -64.87 -6.44
O6 BMA R . 44.42 -62.39 -4.08
C1 MAN R . 43.78 -62.38 -10.93
C2 MAN R . 44.70 -61.24 -11.36
C3 MAN R . 44.00 -59.93 -11.48
C4 MAN R . 42.90 -60.12 -12.50
C5 MAN R . 41.96 -61.26 -12.04
C6 MAN R . 40.81 -61.52 -13.08
O2 MAN R . 45.18 -61.57 -12.57
O3 MAN R . 44.94 -58.91 -11.90
O4 MAN R . 42.20 -58.93 -12.64
O5 MAN R . 42.71 -62.48 -11.91
O6 MAN R . 39.95 -60.36 -13.38
C1 MAN R . 45.50 -63.15 -3.43
C2 MAN R . 46.20 -62.21 -2.43
C3 MAN R . 46.87 -61.06 -3.09
C4 MAN R . 47.90 -61.65 -4.03
C5 MAN R . 47.17 -62.56 -5.08
C6 MAN R . 48.21 -63.23 -6.05
O2 MAN R . 47.13 -62.94 -1.80
O3 MAN R . 47.50 -60.24 -2.08
O4 MAN R . 48.55 -60.61 -4.68
O5 MAN R . 46.51 -63.62 -4.37
O6 MAN R . 49.32 -62.35 -6.48
C1 NAG S . 34.14 -0.15 8.47
C2 NAG S . 34.85 -0.88 9.56
C3 NAG S . 35.43 -2.12 9.00
C4 NAG S . 34.31 -3.05 8.43
C5 NAG S . 33.57 -2.24 7.30
C6 NAG S . 32.41 -2.98 6.70
C7 NAG S . 35.90 0.40 11.31
C8 NAG S . 37.04 1.24 11.76
N2 NAG S . 35.92 -0.05 10.08
O3 NAG S . 36.19 -2.79 10.04
O4 NAG S . 34.91 -4.20 7.89
O5 NAG S . 33.03 -1.05 7.88
O6 NAG S . 31.66 -2.17 5.82
O7 NAG S . 34.95 0.12 12.07
C1 NAG S . 34.24 -5.37 8.33
C2 NAG S . 34.70 -6.48 7.44
C3 NAG S . 34.02 -7.72 7.83
C4 NAG S . 34.40 -8.04 9.31
C5 NAG S . 33.93 -6.87 10.23
C6 NAG S . 34.30 -7.09 11.67
C7 NAG S . 35.32 -6.01 5.16
C8 NAG S . 34.88 -5.67 3.77
N2 NAG S . 34.39 -6.16 6.07
O3 NAG S . 34.41 -8.79 6.93
O4 NAG S . 33.78 -9.23 9.69
O5 NAG S . 34.59 -5.67 9.80
O6 NAG S . 34.15 -8.46 12.05
O7 NAG S . 36.51 -6.15 5.45
C1 NAG T . 36.02 39.08 -22.53
C2 NAG T . 34.54 38.93 -22.61
C3 NAG T . 34.29 37.50 -22.86
C4 NAG T . 34.92 37.02 -24.21
C5 NAG T . 36.45 37.38 -24.17
C6 NAG T . 37.16 37.11 -25.47
C7 NAG T . 33.22 40.45 -21.30
C8 NAG T . 32.64 40.79 -19.97
N2 NAG T . 33.92 39.34 -21.37
O3 NAG T . 32.86 37.26 -22.85
O4 NAG T . 34.75 35.63 -24.26
O5 NAG T . 36.65 38.77 -23.89
O6 NAG T . 36.59 37.84 -26.56
O7 NAG T . 33.06 41.17 -22.29
C1 NAG T . 34.27 35.19 -25.50
C2 NAG T . 34.63 33.74 -25.60
C3 NAG T . 34.19 33.20 -26.90
C4 NAG T . 32.63 33.37 -26.97
C5 NAG T . 32.26 34.88 -26.85
C6 NAG T . 30.77 35.10 -26.86
C7 NAG T . 36.66 33.25 -24.35
C8 NAG T . 38.16 33.17 -24.34
N2 NAG T . 36.08 33.58 -25.48
O3 NAG T . 34.59 31.81 -27.02
O4 NAG T . 32.18 32.85 -28.17
O5 NAG T . 32.74 35.37 -25.59
O6 NAG T . 30.10 34.17 -27.71
O7 NAG T . 35.99 33.03 -23.35
C1 NAG U . 52.78 22.53 -2.53
C2 NAG U . 51.57 21.67 -2.38
C3 NAG U . 51.20 21.57 -0.96
C4 NAG U . 52.36 20.93 -0.11
C5 NAG U . 53.59 21.89 -0.27
C6 NAG U . 54.83 21.41 0.42
C7 NAG U . 49.93 21.75 -4.17
C8 NAG U . 48.79 22.46 -4.82
N2 NAG U . 50.46 22.29 -3.09
O3 NAG U . 50.00 20.77 -0.83
O4 NAG U . 51.92 20.88 1.23
O5 NAG U . 53.92 21.96 -1.66
O6 NAG U . 56.00 22.08 -0.04
O7 NAG U . 50.37 20.69 -4.63
C1 NAG U . 52.28 19.67 1.84
C2 NAG U . 52.26 19.90 3.30
C3 NAG U . 52.70 18.67 3.98
C4 NAG U . 51.72 17.49 3.68
C5 NAG U . 51.68 17.32 2.13
C6 NAG U . 50.65 16.27 1.72
C7 NAG U . 52.82 21.84 4.59
C8 NAG U . 53.78 22.94 4.87
N2 NAG U . 53.14 20.98 3.66
O3 NAG U . 52.80 18.94 5.40
O4 NAG U . 52.27 16.34 4.28
O5 NAG U . 51.28 18.54 1.49
O6 NAG U . 50.71 15.98 0.34
O7 NAG U . 51.77 21.72 5.23
C1 BMA U . 51.36 15.66 5.22
C2 BMA U . 51.36 16.37 6.58
C3 BMA U . 50.57 15.62 7.59
C4 BMA U . 49.16 15.56 7.04
C5 BMA U . 49.15 14.85 5.65
C6 BMA U . 47.71 14.83 5.01
O2 BMA U . 50.77 17.56 6.42
O3 BMA U . 50.61 16.31 8.87
O4 BMA U . 48.36 14.87 7.95
O5 BMA U . 50.00 15.59 4.74
O6 BMA U . 47.04 13.52 5.02
C1 MAN U . 51.87 16.02 9.59
C2 MAN U . 51.61 14.98 10.68
C3 MAN U . 50.67 15.50 11.72
C4 MAN U . 51.31 16.72 12.33
C5 MAN U . 51.56 17.78 11.22
C6 MAN U . 52.29 19.05 11.79
O2 MAN U . 52.80 14.69 11.28
O3 MAN U . 50.42 14.48 12.71
O4 MAN U . 50.45 17.24 13.30
O5 MAN U . 52.44 17.21 10.23
O6 MAN U . 51.79 19.50 13.10
C1 MAN U . 53.33 13.40 10.81
C2 MAN U . 54.39 12.92 11.81
C3 MAN U . 55.60 13.79 11.88
C4 MAN U . 56.20 13.79 10.49
C5 MAN U . 55.14 14.33 9.48
C6 MAN U . 55.70 14.30 8.01
O2 MAN U . 54.78 11.69 11.41
O3 MAN U . 56.53 13.25 12.85
O4 MAN U . 57.32 14.61 10.49
O5 MAN U . 53.98 13.47 9.50
O6 MAN U . 57.10 14.77 7.87
C1 MAN U . 47.58 12.61 4.00
C2 MAN U . 46.47 11.64 3.59
C3 MAN U . 46.04 10.75 4.69
C4 MAN U . 47.27 9.97 5.14
C5 MAN U . 48.38 10.96 5.58
C6 MAN U . 49.69 10.19 5.98
O2 MAN U . 46.96 10.88 2.60
O3 MAN U . 45.00 9.85 4.24
O4 MAN U . 46.91 9.13 6.19
O5 MAN U . 48.71 11.82 4.46
O6 MAN U . 49.48 8.98 6.78
C1 NAG V . 23.97 49.39 -20.76
C2 NAG V . 23.16 50.11 -21.80
C3 NAG V . 22.57 49.08 -22.69
C4 NAG V . 23.70 48.24 -23.39
C5 NAG V . 24.55 47.56 -22.26
C6 NAG V . 25.72 46.76 -22.78
C7 NAG V . 22.13 52.18 -21.11
C8 NAG V . 21.00 52.87 -20.39
N2 NAG V . 22.10 50.87 -21.16
O3 NAG V . 21.71 49.72 -23.67
O4 NAG V . 23.09 47.28 -24.21
O5 NAG V . 25.09 48.57 -21.42
O6 NAG V . 26.53 46.28 -21.73
O7 NAG V . 23.02 52.82 -21.67
C1 NAG V . 23.70 47.23 -25.48
C2 NAG V . 23.24 45.98 -26.15
C3 NAG V . 23.91 45.84 -27.46
C4 NAG V . 23.51 47.08 -28.33
C5 NAG V . 23.97 48.39 -27.61
C6 NAG V . 23.58 49.62 -28.39
C7 NAG V . 22.64 44.11 -24.74
C8 NAG V . 23.09 42.98 -23.87
N2 NAG V . 23.57 44.84 -25.31
O3 NAG V . 23.50 44.60 -28.08
O4 NAG V . 24.12 46.97 -29.57
O5 NAG V . 23.33 48.47 -26.34
O6 NAG V . 23.83 49.48 -29.77
O7 NAG V . 21.45 44.35 -24.92
C1 NAG W . 18.90 51.96 -5.24
C2 NAG W . 18.03 52.94 -4.50
C3 NAG W . 17.30 53.76 -5.48
C4 NAG W . 18.24 54.59 -6.43
C5 NAG W . 19.06 53.50 -7.21
C6 NAG W . 20.13 54.03 -8.13
C7 NAG W . 16.59 52.71 -2.58
C8 NAG W . 15.57 51.89 -1.87
N2 NAG W . 17.08 52.21 -3.69
O3 NAG W . 16.39 54.64 -4.78
O4 NAG W . 17.40 55.37 -7.27
O5 NAG W . 19.78 52.73 -6.24
O6 NAG W . 21.07 53.03 -8.47
O7 NAG W . 16.95 53.81 -2.16
C1 NAG W . 18.03 56.55 -7.71
C2 NAG W . 17.41 56.90 -9.02
C3 NAG W . 18.12 58.06 -9.56
C4 NAG W . 17.96 59.32 -8.63
C5 NAG W . 18.53 58.88 -7.23
C6 NAG W . 18.35 59.95 -6.19
C7 NAG W . 16.52 54.95 -10.15
C8 NAG W . 16.74 53.87 -11.15
N2 NAG W . 17.52 55.79 -9.95
O3 NAG W . 17.60 58.33 -10.89
O4 NAG W . 18.77 60.34 -9.20
O5 NAG W . 17.84 57.72 -6.73
O6 NAG W . 18.70 59.50 -4.89
O7 NAG W . 15.46 55.07 -9.54
C1 BMA W . 18.04 61.60 -9.50
C2 BMA W . 17.29 61.49 -10.83
C3 BMA W . 16.65 62.77 -11.22
C4 BMA W . 15.66 63.10 -10.11
C5 BMA W . 16.42 63.21 -8.75
C6 BMA W . 15.41 63.48 -7.57
O2 BMA W . 16.33 60.58 -10.69
O3 BMA W . 15.95 62.61 -12.48
O4 BMA W . 15.05 64.31 -10.43
O5 BMA W . 17.07 61.95 -8.46
O6 BMA W . 14.85 64.86 -7.51
C1 MAN W . 16.81 62.93 -13.64
C2 MAN W . 16.36 64.27 -14.22
C3 MAN W . 14.98 64.22 -14.78
C4 MAN W . 14.98 63.16 -15.88
C5 MAN W . 15.41 61.79 -15.27
C6 MAN W . 15.48 60.67 -16.37
O2 MAN W . 17.22 64.57 -15.22
O3 MAN W . 14.62 65.52 -15.31
O4 MAN W . 13.70 63.09 -16.42
O5 MAN W . 16.73 61.93 -14.71
O6 MAN W . 14.44 60.74 -17.42
C1 MAN W . 15.73 65.81 -6.81
C2 MAN W . 14.85 66.83 -6.09
C3 MAN W . 14.04 67.65 -7.03
C4 MAN W . 15.02 68.38 -7.91
C5 MAN W . 15.89 67.34 -8.68
C6 MAN W . 16.96 68.04 -9.60
O2 MAN W . 15.66 67.63 -5.40
O3 MAN W . 13.22 68.58 -6.27
O4 MAN W . 14.31 69.18 -8.81
O5 MAN W . 16.61 66.54 -7.72
O6 MAN W . 16.49 69.25 -10.29
C1 NAG X . 42.37 49.47 7.93
C2 NAG X . 42.83 50.61 8.80
C3 NAG X . 42.15 50.51 10.10
C4 NAG X . 40.58 50.60 9.96
C5 NAG X . 40.18 49.40 9.03
C6 NAG X . 38.71 49.33 8.70
C7 NAG X . 45.10 51.44 8.63
C8 NAG X . 46.55 51.20 8.88
N2 NAG X . 44.26 50.50 9.01
O3 NAG X . 42.63 51.56 10.97
O4 NAG X . 40.06 50.45 11.26
O5 NAG X . 40.84 49.53 7.77
O6 NAG X . 37.96 48.73 9.73
O7 NAG X . 44.69 52.47 8.10
C1 NAG X . 38.94 51.27 11.48
C2 NAG X . 38.27 50.77 12.70
C3 NAG X . 37.06 51.56 12.94
C4 NAG X . 37.42 53.07 13.17
C5 NAG X . 38.16 53.55 11.87
C6 NAG X . 38.62 54.98 11.97
C7 NAG X . 38.16 48.49 13.47
C8 NAG X . 37.77 47.07 13.18
N2 NAG X . 37.94 49.38 12.53
O3 NAG X . 36.35 51.00 14.08
O4 NAG X . 36.21 53.77 13.33
O5 NAG X . 39.34 52.75 11.65
O6 NAG X . 39.19 55.45 10.76
O7 NAG X . 38.66 48.81 14.54
C1 BMA X . 36.11 54.54 14.59
C2 BMA X . 35.65 53.62 15.73
C3 BMA X . 35.37 54.41 16.96
C4 BMA X . 36.69 55.07 17.33
C5 BMA X . 37.16 55.98 16.16
C6 BMA X . 38.54 56.68 16.51
O2 BMA X . 36.64 52.77 16.02
O3 BMA X . 34.93 53.53 18.05
O4 BMA X . 36.51 55.82 18.48
O5 BMA X . 37.37 55.18 14.97
O6 BMA X . 38.59 57.33 17.83
C1 MAN X . 33.50 53.19 17.89
C2 MAN X . 32.73 53.77 19.07
C3 MAN X . 33.13 53.17 20.37
C4 MAN X . 32.87 51.68 20.27
C5 MAN X . 33.71 51.10 19.08
C6 MAN X . 33.45 49.56 18.91
O2 MAN X . 31.43 53.50 18.86
O3 MAN X . 32.35 53.76 21.44
O4 MAN X . 33.26 51.07 21.47
O5 MAN X . 33.28 51.75 17.87
O6 MAN X . 33.38 48.80 20.17
C1 NAG Y . 24.39 57.37 4.11
C2 NAG Y . 23.13 57.80 4.82
C3 NAG Y . 22.88 59.21 4.50
C4 NAG Y . 24.07 60.09 4.99
C5 NAG Y . 25.37 59.59 4.29
C6 NAG Y . 26.61 60.32 4.76
C7 NAG Y . 21.40 56.16 5.20
C8 NAG Y . 20.25 55.39 4.65
N2 NAG Y . 22.00 57.00 4.39
O3 NAG Y . 21.64 59.64 5.12
O4 NAG Y . 23.81 61.43 4.60
O5 NAG Y . 25.58 58.21 4.60
O6 NAG Y . 26.85 60.13 6.15
O7 NAG Y . 21.78 56.04 6.37
C1 NAG Y . 23.83 62.28 5.72
C2 NAG Y . 23.93 63.67 5.19
C3 NAG Y . 24.03 64.63 6.31
C4 NAG Y . 22.73 64.54 7.23
C5 NAG Y . 22.62 63.04 7.67
C6 NAG Y . 21.36 62.80 8.47
C7 NAG Y . 25.01 64.08 3.07
C8 NAG Y . 26.28 64.16 2.29
N2 NAG Y . 25.10 63.79 4.35
O3 NAG Y . 24.19 65.95 5.72
O4 NAG Y . 22.86 65.29 8.44
O5 NAG Y . 22.55 62.14 6.56
O6 NAG Y . 21.55 61.83 9.51
O7 NAG Y . 23.90 64.27 2.55
C1 BMA Y . 23.10 66.75 8.27
C2 BMA Y . 21.93 67.41 7.51
C3 BMA Y . 22.15 68.88 7.36
C4 BMA Y . 22.26 69.48 8.76
C5 BMA Y . 23.46 68.81 9.50
C6 BMA Y . 23.59 69.35 10.97
O2 BMA Y . 20.81 67.21 8.23
O3 BMA Y . 21.04 69.46 6.65
O4 BMA Y . 22.47 70.85 8.65
O5 BMA Y . 23.20 67.40 9.58
O6 BMA Y . 23.08 70.72 11.17
C1 NAG Z . 44.99 37.98 12.82
C2 NAG Z . 43.99 38.56 13.76
C3 NAG Z . 44.53 39.83 14.25
C4 NAG Z . 45.91 39.66 14.99
C5 NAG Z . 46.88 38.98 13.96
C6 NAG Z . 48.25 38.63 14.51
C7 NAG Z . 41.70 38.01 13.17
C8 NAG Z . 40.49 38.34 12.34
N2 NAG Z . 42.73 38.82 13.06
O3 NAG Z . 43.57 40.46 15.13
O4 NAG Z . 46.35 40.95 15.34
O5 NAG Z . 46.34 37.74 13.52
O6 NAG Z . 49.18 39.71 14.42
O7 NAG Z . 41.73 37.03 13.91
C1 NAG Z . 46.94 40.98 16.62
C2 NAG Z . 47.62 42.30 16.74
C3 NAG Z . 48.33 42.37 18.03
C4 NAG Z . 47.25 42.23 19.16
C5 NAG Z . 46.50 40.87 19.01
C6 NAG Z . 45.41 40.71 20.03
C7 NAG Z . 48.65 43.57 14.96
C8 NAG Z . 49.65 43.61 13.85
N2 NAG Z . 48.56 42.45 15.65
O3 NAG Z . 49.06 43.62 18.12
O4 NAG Z . 47.90 42.29 20.38
O5 NAG Z . 45.87 40.83 17.72
O6 NAG Z . 44.97 39.36 20.13
O7 NAG Z . 47.94 44.53 15.24
C1 NAG AA . 6.46 29.15 -40.34
C2 NAG AA . 6.49 29.33 -41.83
C3 NAG AA . 6.88 28.04 -42.44
C4 NAG AA . 8.30 27.61 -41.97
C5 NAG AA . 8.26 27.52 -40.40
C6 NAG AA . 9.58 27.15 -39.78
C7 NAG AA . 4.96 30.91 -42.80
C8 NAG AA . 3.58 31.23 -43.26
N2 NAG AA . 5.18 29.72 -42.30
O3 NAG AA . 6.83 28.17 -43.89
O4 NAG AA . 8.57 26.35 -42.53
O5 NAG AA . 7.87 28.78 -39.84
O6 NAG AA . 10.64 27.98 -40.24
O7 NAG AA . 5.87 31.74 -42.88
C1 NAG AA . 9.82 26.33 -43.18
C2 NAG AA . 10.14 24.90 -43.44
C3 NAG AA . 11.47 24.79 -44.08
C4 NAG AA . 11.37 25.55 -45.43
C5 NAG AA . 11.02 27.06 -45.17
C6 NAG AA . 10.87 27.84 -46.46
C7 NAG AA . 9.29 23.21 -41.93
C8 NAG AA . 9.35 22.55 -40.58
N2 NAG AA . 10.14 24.18 -42.17
O3 NAG AA . 11.80 23.38 -44.25
O4 NAG AA . 12.60 25.45 -46.09
O5 NAG AA . 9.75 27.10 -44.51
O6 NAG AA . 11.73 27.35 -47.48
O7 NAG AA . 8.47 22.85 -42.78
C1 NAG BA . -3.05 17.29 -43.53
C2 NAG BA . -2.32 17.63 -44.79
C3 NAG BA . -3.30 17.96 -45.84
C4 NAG BA . -4.19 16.68 -46.11
C5 NAG BA . -4.90 16.31 -44.77
C6 NAG BA . -5.74 15.06 -44.88
C7 NAG BA . -0.14 18.63 -44.63
C8 NAG BA . 0.69 19.85 -44.36
N2 NAG BA . -1.44 18.76 -44.57
O3 NAG BA . -2.62 18.38 -47.04
O4 NAG BA . -5.15 17.03 -47.09
O5 NAG BA . -3.93 16.05 -43.75
O6 NAG BA . -5.03 13.99 -45.48
O7 NAG BA . 0.38 17.54 -44.90
C1 NAG BA . -5.08 16.16 -48.20
C2 NAG BA . -6.36 16.33 -48.96
C3 NAG BA . -6.35 15.45 -50.15
C4 NAG BA . -5.15 15.88 -51.05
C5 NAG BA . -3.82 15.70 -50.25
C6 NAG BA . -2.62 16.14 -51.06
C7 NAG BA . -8.44 16.80 -47.82
C8 NAG BA . -9.53 16.32 -46.92
N2 NAG BA . -7.47 15.96 -48.10
O3 NAG BA . -7.62 15.56 -50.83
O4 NAG BA . -5.14 15.07 -52.19
O5 NAG BA . -3.88 16.55 -49.10
O6 NAG BA . -2.77 15.83 -52.45
O7 NAG BA . -8.45 17.94 -48.29
C1 NAG CA . 29.03 -8.99 -36.68
C2 NAG CA . 27.72 -8.62 -37.30
C3 NAG CA . 27.22 -9.77 -38.08
C4 NAG CA . 28.24 -10.14 -39.21
C5 NAG CA . 29.61 -10.48 -38.52
C6 NAG CA . 30.69 -10.79 -39.53
C7 NAG CA . 26.10 -7.14 -36.28
C8 NAG CA . 25.14 -6.88 -35.17
N2 NAG CA . 26.76 -8.28 -36.27
O3 NAG CA . 25.93 -9.43 -38.65
O4 NAG CA . 27.75 -11.28 -39.89
O5 NAG CA . 30.06 -9.36 -37.76
O6 NAG CA . 30.42 -11.98 -40.24
O7 NAG CA . 26.28 -6.32 -37.19
C1 NAG CA . 27.57 -11.00 -41.26
C2 NAG CA . 27.13 -12.27 -41.91
C3 NAG CA . 26.95 -12.05 -43.36
C4 NAG CA . 25.85 -10.95 -43.55
C5 NAG CA . 26.30 -9.63 -42.85
C6 NAG CA . 25.26 -8.55 -42.97
C7 NAG CA . 27.85 -14.39 -41.01
C8 NAG CA . 28.95 -15.39 -40.85
N2 NAG CA . 28.13 -13.30 -41.70
O3 NAG CA . 26.60 -13.30 -44.00
O4 NAG CA . 25.65 -10.75 -44.90
O5 NAG CA . 26.49 -9.90 -41.46
O6 NAG CA . 24.57 -8.60 -44.20
O7 NAG CA . 26.73 -14.56 -40.53
C1 NAG DA . 39.15 -42.48 -19.86
C2 NAG DA . 40.47 -42.77 -20.48
C3 NAG DA . 41.56 -42.15 -19.71
C4 NAG DA . 41.33 -40.60 -19.71
C5 NAG DA . 39.96 -40.30 -19.00
C6 NAG DA . 39.60 -38.84 -18.97
C7 NAG DA . 40.82 -44.83 -21.68
C8 NAG DA . 40.93 -46.32 -21.63
N2 NAG DA . 40.66 -44.20 -20.53
O3 NAG DA . 42.84 -42.48 -20.32
O4 NAG DA . 42.39 -39.98 -19.03
O5 NAG DA . 38.95 -40.95 -19.77
O6 NAG DA . 40.10 -38.19 -17.80
O7 NAG DA . 40.88 -44.20 -22.74
C1 NAG DA . 43.06 -39.10 -19.90
C2 NAG DA . 44.17 -38.46 -19.12
C3 NAG DA . 44.87 -37.49 -19.97
C4 NAG DA . 45.48 -38.28 -21.19
C5 NAG DA . 44.34 -38.98 -21.99
C6 NAG DA . 44.88 -39.81 -23.13
C7 NAG DA . 43.95 -38.08 -16.74
C8 NAG DA . 43.30 -37.31 -15.63
N2 NAG DA . 43.59 -37.76 -17.97
O3 NAG DA . 45.88 -36.80 -19.20
O4 NAG DA . 46.17 -37.39 -21.99
O5 NAG DA . 43.66 -39.87 -21.10
O6 NAG DA . 46.05 -39.24 -23.69
O7 NAG DA . 44.78 -38.96 -16.52
C1 NAG EA . 40.83 -40.16 2.29
C2 NAG EA . 42.30 -40.42 2.42
C3 NAG EA . 42.85 -39.47 3.41
C4 NAG EA . 42.65 -37.98 2.94
C5 NAG EA . 41.10 -37.78 2.79
C6 NAG EA . 40.72 -36.42 2.28
C7 NAG EA . 43.23 -42.63 2.22
C8 NAG EA . 43.36 -44.00 2.79
N2 NAG EA . 42.51 -41.77 2.89
O3 NAG EA . 44.26 -39.75 3.61
O4 NAG EA . 43.17 -37.16 3.96
O5 NAG EA . 40.58 -38.71 1.84
O6 NAG EA . 40.77 -35.43 3.30
O7 NAG EA . 43.78 -42.30 1.17
C1 NAG EA . 43.93 -36.10 3.43
C2 NAG EA . 44.35 -35.25 4.57
C3 NAG EA . 45.10 -34.08 4.08
C4 NAG EA . 46.36 -34.62 3.33
C5 NAG EA . 45.92 -35.53 2.14
C6 NAG EA . 47.09 -36.11 1.40
C7 NAG EA . 42.87 -35.31 6.48
C8 NAG EA . 41.61 -34.82 7.12
N2 NAG EA . 43.18 -34.81 5.30
O3 NAG EA . 45.46 -33.23 5.20
O4 NAG EA . 47.08 -33.54 2.85
O5 NAG EA . 45.17 -36.63 2.67
O6 NAG EA . 48.11 -35.14 1.18
O7 NAG EA . 43.60 -36.16 7.02
C1 NAG FA . 16.34 -65.92 -40.84
C2 NAG FA . 16.18 -64.73 -41.73
C3 NAG FA . 14.80 -64.26 -41.55
C4 NAG FA . 13.70 -65.31 -41.93
C5 NAG FA . 14.00 -66.54 -41.01
C6 NAG FA . 13.12 -67.74 -41.27
C7 NAG FA . 17.69 -62.88 -42.15
C8 NAG FA . 18.57 -61.82 -41.57
N2 NAG FA . 17.10 -63.68 -41.31
O3 NAG FA . 14.61 -63.04 -42.33
O4 NAG FA . 12.45 -64.72 -41.63
O5 NAG FA . 15.33 -67.02 -41.22
O6 NAG FA . 13.66 -68.93 -40.70
O7 NAG FA . 17.53 -63.02 -43.37
C1 NAG FA . 11.44 -65.15 -42.50
C2 NAG FA . 10.14 -64.79 -41.84
C3 NAG FA . 9.04 -65.31 -42.66
C4 NAG FA . 9.08 -64.65 -44.09
C5 NAG FA . 10.49 -64.98 -44.71
C6 NAG FA . 10.69 -64.33 -46.06
C7 NAG FA . 9.64 -64.66 -39.49
C8 NAG FA . 9.73 -65.29 -38.13
N2 NAG FA . 10.11 -65.36 -40.51
O3 NAG FA . 7.78 -65.05 -42.01
O4 NAG FA . 8.04 -65.24 -44.83
O5 NAG FA . 11.54 -64.48 -43.88
O6 NAG FA . 11.98 -64.61 -46.59
O7 NAG FA . 9.14 -63.55 -39.66
C1 BMA FA . 7.26 -64.25 -45.61
C2 BMA FA . 6.03 -63.83 -44.80
C3 BMA FA . 5.15 -62.93 -45.59
C4 BMA FA . 5.98 -61.72 -45.94
C5 BMA FA . 7.24 -62.16 -46.75
C6 BMA FA . 8.15 -60.92 -47.10
O2 BMA FA . 6.45 -63.16 -43.72
O3 BMA FA . 3.98 -62.54 -44.79
O4 BMA FA . 5.19 -60.84 -46.69
O5 BMA FA . 8.02 -63.05 -45.95
O6 BMA FA . 7.42 -59.73 -47.56
C1 MAN FA . 2.84 -63.43 -45.08
C2 MAN FA . 2.04 -62.85 -46.25
C3 MAN FA . 1.43 -61.53 -45.93
C4 MAN FA . 0.50 -61.72 -44.75
C5 MAN FA . 1.32 -62.30 -43.55
C6 MAN FA . 0.40 -62.62 -42.31
O2 MAN FA . 1.03 -63.71 -46.51
O3 MAN FA . 0.71 -61.02 -47.08
O4 MAN FA . -0.06 -60.51 -44.42
O5 MAN FA . 1.92 -63.56 -43.95
O6 MAN FA . -0.87 -61.87 -42.27
C1 NAG GA . -13.11 -0.15 -34.88
C2 NAG GA . -12.07 -0.30 -35.96
C3 NAG GA . -12.17 -1.64 -36.57
C4 NAG GA . -11.92 -2.74 -35.46
C5 NAG GA . -13.04 -2.55 -34.39
C6 NAG GA . -12.93 -3.52 -33.24
C7 NAG GA . -11.36 1.56 -37.31
C8 NAG GA . -11.69 2.55 -38.38
N2 NAG GA . -12.29 0.69 -36.98
O3 NAG GA . -11.20 -1.76 -37.63
O4 NAG GA . -11.99 -4.01 -36.06
O5 NAG GA . -12.92 -1.24 -33.82
O6 NAG GA . -13.89 -3.28 -32.23
O7 NAG GA . -10.26 1.54 -36.76
C1 NAG GA . -10.85 -4.78 -35.72
C2 NAG GA . -11.14 -6.18 -36.12
C3 NAG GA . -10.01 -7.05 -35.75
C4 NAG GA . -8.74 -6.53 -36.52
C5 NAG GA . -8.46 -5.05 -36.09
C6 NAG GA . -7.27 -4.48 -36.83
C7 NAG GA . -13.39 -7.06 -36.12
C8 NAG GA . -14.58 -7.52 -35.33
N2 NAG GA . -12.34 -6.65 -35.45
O3 NAG GA . -10.32 -8.42 -36.08
O4 NAG GA . -7.67 -7.34 -36.20
O5 NAG GA . -9.59 -4.26 -36.44
O6 NAG GA . -6.29 -5.47 -37.09
O7 NAG GA . -13.39 -7.07 -37.35
C1 NAG HA . -56.91 15.83 -17.90
C2 NAG HA . -56.46 15.77 -16.47
C3 NAG HA . -55.84 14.44 -16.31
C4 NAG HA . -56.86 13.27 -16.59
C5 NAG HA . -57.44 13.48 -18.03
C6 NAG HA . -58.57 12.52 -18.36
C7 NAG HA . -55.70 17.71 -15.27
C8 NAG HA . -54.64 18.75 -15.08
N2 NAG HA . -55.49 16.81 -16.21
O3 NAG HA . -55.29 14.33 -14.98
O4 NAG HA . -56.12 12.07 -16.54
O5 NAG HA . -58.01 14.79 -18.15
O6 NAG HA . -59.81 12.94 -17.83
O7 NAG HA . -56.72 17.68 -14.58
C1 NAG HA . -56.69 11.11 -15.68
C2 NAG HA . -56.18 9.78 -16.15
C3 NAG HA . -56.75 8.70 -15.31
C4 NAG HA . -56.29 8.98 -13.83
C5 NAG HA . -56.82 10.37 -13.36
C6 NAG HA . -56.36 10.69 -11.96
C7 NAG HA . -55.70 9.61 -18.51
C8 NAG HA . -56.21 9.41 -19.91
N2 NAG HA . -56.57 9.56 -17.53
O3 NAG HA . -56.31 7.42 -15.80
O4 NAG HA . -56.80 7.97 -13.02
O5 NAG HA . -56.27 11.37 -14.22
O6 NAG HA . -56.25 9.52 -11.15
O7 NAG HA . -54.50 9.82 -18.28
C1 NAG IA . -40.51 10.48 -43.83
C2 NAG IA . -39.47 9.94 -42.90
C3 NAG IA . -38.18 10.61 -43.17
C4 NAG IA . -37.70 10.39 -44.65
C5 NAG IA . -38.81 11.01 -45.56
C6 NAG IA . -38.58 10.82 -47.05
C7 NAG IA . -40.25 9.26 -40.71
C8 NAG IA . -40.63 9.66 -39.32
N2 NAG IA . -39.87 10.22 -41.54
O3 NAG IA . -37.19 10.11 -42.23
O4 NAG IA . -36.48 11.07 -44.79
O5 NAG IA . -40.03 10.32 -45.28
O6 NAG IA . -39.78 10.95 -47.79
O7 NAG IA . -40.28 8.09 -41.09
C1 NAG IA . -35.55 10.32 -45.56
C2 NAG IA . -34.61 11.30 -46.17
C3 NAG IA . -33.67 10.57 -47.01
C4 NAG IA . -32.82 9.54 -46.18
C5 NAG IA . -33.84 8.58 -45.49
C6 NAG IA . -33.16 7.61 -44.56
C7 NAG IA . -35.13 13.53 -46.90
C8 NAG IA . -35.98 14.40 -47.76
N2 NAG IA . -35.35 12.25 -46.97
O3 NAG IA . -32.81 11.52 -47.68
O4 NAG IA . -32.02 8.85 -47.10
O5 NAG IA . -34.77 9.32 -44.68
O6 NAG IA . -34.07 6.66 -44.00
O7 NAG IA . -34.26 13.99 -46.16
C1 BMA IA . -30.58 8.83 -46.77
C2 BMA IA . -29.90 10.13 -47.21
C3 BMA IA . -28.43 10.08 -46.98
C4 BMA IA . -28.24 9.87 -45.48
C5 BMA IA . -28.93 8.54 -45.06
C6 BMA IA . -28.80 8.30 -43.50
O2 BMA IA . -30.39 11.13 -46.45
O3 BMA IA . -27.82 11.32 -47.41
O4 BMA IA . -26.88 9.83 -45.22
O5 BMA IA . -30.34 8.63 -45.35
O6 BMA IA . -27.50 7.75 -43.06
C1 MAN IA . -27.40 11.26 -48.82
C2 MAN IA . -25.89 11.02 -48.88
C3 MAN IA . -25.11 12.14 -48.32
C4 MAN IA . -25.46 13.37 -49.15
C5 MAN IA . -26.99 13.63 -49.04
C6 MAN IA . -27.43 14.85 -49.92
O2 MAN IA . -25.57 10.88 -50.17
O3 MAN IA . -23.70 11.84 -48.42
O4 MAN IA . -24.76 14.47 -48.66
O5 MAN IA . -27.69 12.47 -49.56
O6 MAN IA . -26.46 15.96 -49.96
C1 MAN IA . -27.52 6.28 -42.94
C2 MAN IA . -26.37 5.87 -42.02
C3 MAN IA . -25.03 6.20 -42.59
C4 MAN IA . -24.94 5.44 -43.90
C5 MAN IA . -26.09 5.89 -44.86
C6 MAN IA . -26.06 5.08 -46.21
O2 MAN IA . -26.45 4.54 -41.87
O3 MAN IA . -24.00 5.79 -41.69
O4 MAN IA . -23.71 5.69 -44.50
O5 MAN IA . -27.35 5.60 -44.21
O6 MAN IA . -24.72 4.83 -46.75
C1 NAG JA . -56.03 25.91 -7.21
C2 NAG JA . -56.08 26.10 -5.72
C3 NAG JA . -55.98 24.78 -5.07
C4 NAG JA . -57.16 23.84 -5.53
C5 NAG JA . -57.03 23.68 -7.08
C6 NAG JA . -58.08 22.80 -7.71
C7 NAG JA . -55.10 28.21 -5.09
C8 NAG JA . -53.87 28.98 -4.72
N2 NAG JA . -54.97 26.93 -5.30
O3 NAG JA . -55.99 24.95 -3.62
O4 NAG JA . -57.02 22.60 -4.87
O5 NAG JA . -57.16 24.97 -7.68
O6 NAG JA . -59.39 23.31 -7.53
O7 NAG JA . -56.20 28.77 -5.20
C1 NAG JA . -58.25 22.18 -4.32
C2 NAG JA . -58.11 20.75 -3.95
C3 NAG JA . -59.38 20.25 -3.41
C4 NAG JA . -59.74 21.09 -2.13
C5 NAG JA . -59.86 22.60 -2.54
C6 NAG JA . -60.17 23.48 -1.36
C7 NAG JA . -56.61 19.32 -5.20
C8 NAG JA . -56.35 18.57 -6.48
N2 NAG JA . -57.76 19.98 -5.13
O3 NAG JA . -59.27 18.83 -3.11
O4 NAG JA . -60.94 20.63 -1.61
O5 NAG JA . -58.61 23.03 -3.08
O6 NAG JA . -61.11 22.87 -0.48
O7 NAG JA . -55.82 19.32 -4.26
C1 NAG KA . -42.94 39.92 -34.66
C2 NAG KA . -43.06 41.34 -35.13
C3 NAG KA . -41.72 41.96 -35.06
C4 NAG KA . -41.16 41.95 -33.59
C5 NAG KA . -41.17 40.46 -33.13
C6 NAG KA . -40.74 40.31 -31.70
C7 NAG KA . -44.74 41.78 -36.82
C8 NAG KA . -45.14 41.71 -38.26
N2 NAG KA . -43.54 41.36 -36.50
O3 NAG KA . -41.80 43.32 -35.55
O4 NAG KA . -39.83 42.41 -33.65
O5 NAG KA . -42.47 39.88 -33.20
O6 NAG KA . -39.34 40.13 -31.59
O7 NAG KA . -45.49 42.22 -35.95
C1 NAG KA . -39.62 43.50 -32.80
C2 NAG KA . -38.14 43.63 -32.64
C3 NAG KA . -37.87 44.78 -31.74
C4 NAG KA . -38.41 46.11 -32.36
C5 NAG KA . -39.96 45.92 -32.55
C6 NAG KA . -40.59 47.11 -33.23
C7 NAG KA . -36.57 41.81 -32.53
C8 NAG KA . -36.08 40.59 -31.83
N2 NAG KA . -37.61 42.43 -32.02
O3 NAG KA . -36.44 44.86 -31.50
O4 NAG KA . -38.15 47.13 -31.42
O5 NAG KA . -40.21 44.79 -33.42
O6 NAG KA . -41.95 46.89 -33.57
O7 NAG KA . -36.03 42.23 -33.56
C1 BMA KA . -37.54 48.34 -32.00
C2 BMA KA . -36.03 48.32 -31.73
C3 BMA KA . -35.36 49.56 -32.20
C4 BMA KA . -35.61 49.62 -33.70
C5 BMA KA . -37.15 49.65 -33.98
C6 BMA KA . -37.43 49.66 -35.53
O2 BMA KA . -35.51 47.29 -32.42
O3 BMA KA . -33.95 49.50 -31.91
O4 BMA KA . -35.00 50.75 -34.22
O5 BMA KA . -37.74 48.47 -33.44
O6 BMA KA . -36.55 50.53 -36.32
C1 NAG LA . -34.16 32.88 -40.79
C2 NAG LA . -33.35 33.95 -40.13
C3 NAG LA . -33.90 35.25 -40.55
C4 NAG LA . -33.82 35.40 -42.11
C5 NAG LA . -34.61 34.22 -42.76
C6 NAG LA . -34.53 34.22 -44.27
C7 NAG LA . -32.50 33.28 -37.97
C8 NAG LA . -32.73 33.14 -36.51
N2 NAG LA . -33.45 33.83 -38.68
O3 NAG LA . -33.16 36.31 -39.89
O4 NAG LA . -34.43 36.61 -42.46
O5 NAG LA . -34.05 32.98 -42.33
O6 NAG LA . -35.36 33.24 -44.85
O7 NAG LA . -31.46 32.88 -38.51
C1 NAG LA . -33.52 37.48 -43.08
C2 NAG LA . -34.32 38.61 -43.63
C3 NAG LA . -33.43 39.56 -44.32
C4 NAG LA . -32.39 40.10 -43.26
C5 NAG LA . -31.56 38.90 -42.69
C6 NAG LA . -30.59 39.35 -41.63
C7 NAG LA . -36.58 38.07 -44.26
C8 NAG LA . -37.51 37.49 -45.28
N2 NAG LA . -35.30 38.10 -44.56
O3 NAG LA . -34.22 40.64 -44.90
O4 NAG LA . -31.56 41.01 -43.89
O5 NAG LA . -32.47 37.99 -42.07
O6 NAG LA . -30.16 40.70 -41.85
O7 NAG LA . -36.98 38.49 -43.18
C1 NAG MA . -44.09 -11.38 22.85
C2 NAG MA . -45.41 -10.70 23.12
C3 NAG MA . -45.72 -10.86 24.56
C4 NAG MA . -45.82 -12.38 24.95
C5 NAG MA . -44.45 -13.05 24.61
C6 NAG MA . -44.43 -14.53 24.88
C7 NAG MA . -45.76 -8.77 21.70
C8 NAG MA . -45.52 -7.31 21.46
N2 NAG MA . -45.31 -9.28 22.82
O3 NAG MA . -46.97 -10.19 24.85
O4 NAG MA . -46.06 -12.43 26.33
O5 NAG MA . -44.18 -12.89 23.22
O6 NAG MA . -43.26 -15.16 24.36
O7 NAG MA . -46.35 -9.48 20.88
C1 NAG MA . -47.14 -13.30 26.62
C2 NAG MA . -47.10 -13.54 28.10
C3 NAG MA . -48.17 -14.48 28.48
C4 NAG MA . -49.54 -13.82 28.07
C5 NAG MA . -49.56 -13.56 26.53
C6 NAG MA . -50.83 -12.89 26.09
C7 NAG MA . -44.96 -13.42 29.19
C8 NAG MA . -43.65 -14.08 29.50
N2 NAG MA . -45.82 -14.10 28.47
O3 NAG MA . -48.10 -14.76 29.90
O4 NAG MA . -50.57 -14.69 28.43
O5 NAG MA . -48.48 -12.68 26.20
O6 NAG MA . -51.97 -13.42 26.76
O7 NAG MA . -45.23 -12.28 29.61
C1 NAG NA . -38.70 -31.95 -13.22
C2 NAG NA . -38.77 -31.92 -11.72
C3 NAG NA . -38.71 -33.30 -11.20
C4 NAG NA . -39.92 -34.13 -11.76
C5 NAG NA . -39.82 -34.12 -13.32
C6 NAG NA . -40.95 -34.86 -13.99
C7 NAG NA . -37.81 -30.03 -10.54
C8 NAG NA . -36.58 -29.31 -10.07
N2 NAG NA . -37.64 -31.15 -11.20
O3 NAG NA . -38.73 -33.27 -9.75
O4 NAG NA . -39.79 -35.44 -11.28
O5 NAG NA . -39.88 -32.77 -13.79
O6 NAG NA . -42.22 -34.50 -13.49
O7 NAG NA . -38.95 -29.60 -10.32
C1 NAG NA . -40.93 -35.83 -10.56
C2 NAG NA . -40.84 -37.30 -10.35
C3 NAG NA . -42.01 -37.79 -9.61
C4 NAG NA . -42.02 -37.06 -8.22
C5 NAG NA . -42.13 -35.52 -8.45
C6 NAG NA . -42.11 -34.77 -7.14
C7 NAG NA . -39.69 -38.57 -12.07
C8 NAG NA . -39.73 -39.18 -13.42
N2 NAG NA . -40.77 -37.95 -11.65
O3 NAG NA . -41.93 -39.24 -9.47
O4 NAG NA . -43.10 -37.52 -7.49
O5 NAG NA . -40.99 -35.10 -9.19
O6 NAG NA . -42.68 -35.52 -6.08
O7 NAG NA . -38.69 -38.63 -11.35
C1 NAG OA . -12.55 -51.54 -33.70
C2 NAG OA . -13.50 -52.17 -34.67
C3 NAG OA . -13.68 -51.31 -35.86
C4 NAG OA . -14.26 -49.93 -35.37
C5 NAG OA . -13.23 -49.30 -34.38
C6 NAG OA . -13.69 -47.96 -33.84
C7 NAG OA . -13.69 -54.56 -34.90
C8 NAG OA . -13.05 -55.84 -35.32
N2 NAG OA . -13.00 -53.46 -35.08
O3 NAG OA . -14.57 -51.95 -36.80
O4 NAG OA . -14.46 -49.10 -36.48
O5 NAG OA . -13.08 -50.16 -33.25
O6 NAG OA . -13.88 -47.01 -34.88
O7 NAG OA . -14.82 -54.53 -34.42
C1 NAG OA . -15.83 -48.80 -36.64
C2 NAG OA . -15.97 -47.96 -37.86
C3 NAG OA . -17.38 -47.60 -38.04
C4 NAG OA . -18.21 -48.92 -38.21
C5 NAG OA . -18.04 -49.80 -36.93
C6 NAG OA . -18.78 -51.12 -37.04
C7 NAG OA . -14.22 -46.43 -38.57
C8 NAG OA . -13.47 -45.17 -38.32
N2 NAG OA . -15.17 -46.76 -37.72
O3 NAG OA . -17.52 -46.72 -39.19
O4 NAG OA . -19.55 -48.60 -38.41
O5 NAG OA . -16.66 -50.10 -36.78
O6 NAG OA . -19.96 -51.00 -37.82
O7 NAG OA . -13.99 -47.15 -39.55
C1 NAG PA . 2.17 -37.80 -44.13
C2 NAG PA . 1.57 -38.03 -45.47
C3 NAG PA . 1.54 -36.76 -46.21
C4 NAG PA . 0.68 -35.70 -45.45
C5 NAG PA . 1.34 -35.52 -44.05
C6 NAG PA . 0.61 -34.54 -43.14
C7 NAG PA . 1.83 -40.06 -46.76
C8 NAG PA . 2.75 -40.98 -47.47
N2 NAG PA . 2.37 -38.99 -46.20
O3 NAG PA . 1.03 -36.99 -47.55
O4 NAG PA . 0.74 -34.51 -46.19
O5 NAG PA . 1.36 -36.76 -43.35
O6 NAG PA . -0.74 -34.90 -42.92
O7 NAG PA . 0.62 -40.25 -46.68
C1 NAG PA . -0.54 -33.95 -46.36
C2 NAG PA . -0.33 -32.54 -46.82
C3 NAG PA . -1.64 -31.87 -46.98
C4 NAG PA . -2.46 -32.69 -48.04
C5 NAG PA . -2.65 -34.15 -47.55
C6 NAG PA . -3.41 -34.99 -48.56
C7 NAG PA . 1.76 -31.63 -46.00
C8 NAG PA . 2.48 -30.90 -44.92
N2 NAG PA . 0.46 -31.83 -45.85
O3 NAG PA . -1.43 -30.50 -47.37
O4 NAG PA . -3.69 -32.06 -48.22
O5 NAG PA . -1.37 -34.75 -47.38
O6 NAG PA . -4.47 -34.27 -49.16
O7 NAG PA . 2.33 -32.05 -47.01
C1 NAG QA . -5.39 -80.01 -7.78
C2 NAG QA . -6.55 -79.42 -7.06
C3 NAG QA . -6.01 -78.82 -5.82
C4 NAG QA . -5.33 -79.88 -4.88
C5 NAG QA . -4.18 -80.52 -5.74
C6 NAG QA . -3.46 -81.67 -5.07
C7 NAG QA . -8.45 -78.25 -7.99
C8 NAG QA . -8.95 -77.12 -8.84
N2 NAG QA . -7.16 -78.38 -7.87
O3 NAG QA . -7.08 -78.12 -5.13
O4 NAG QA . -4.80 -79.15 -3.79
O5 NAG QA . -4.72 -81.10 -6.93
O6 NAG QA . -2.79 -82.50 -6.00
O7 NAG QA . -9.21 -79.05 -7.44
C1 NAG QA . -4.78 -79.90 -2.60
C2 NAG QA . -4.01 -79.11 -1.61
C3 NAG QA . -3.84 -79.87 -0.37
C4 NAG QA . -5.30 -80.11 0.22
C5 NAG QA . -6.12 -80.92 -0.84
C6 NAG QA . -7.55 -81.18 -0.44
C7 NAG QA . -2.10 -77.64 -1.84
C8 NAG QA . -0.87 -77.27 -2.60
N2 NAG QA . -2.73 -78.74 -2.19
O3 NAG QA . -3.00 -79.14 0.55
O4 NAG QA . -5.14 -80.84 1.42
O5 NAG QA . -6.21 -80.17 -2.07
O6 NAG QA . -8.46 -80.32 -1.11
O7 NAG QA . -2.53 -76.95 -0.92
C1 BMA QA . -5.82 -80.22 2.58
C2 BMA QA . -4.86 -79.28 3.31
C3 BMA QA . -5.50 -78.73 4.54
C4 BMA QA . -6.72 -77.95 4.08
C5 BMA QA . -7.70 -78.91 3.33
C6 BMA QA . -8.93 -78.10 2.75
O2 BMA QA . -4.59 -78.26 2.50
O3 BMA QA . -4.58 -77.84 5.22
O4 BMA QA . -7.35 -77.42 5.21
O5 BMA QA . -7.00 -79.46 2.19
O6 BMA QA . -10.25 -78.42 3.35
C1 MAN QA . -3.59 -78.57 6.03
C2 MAN QA . -3.71 -78.10 7.47
C3 MAN QA . -3.41 -76.65 7.63
C4 MAN QA . -1.99 -76.45 7.13
C5 MAN QA . -1.89 -76.92 5.65
C6 MAN QA . -0.43 -76.76 5.09
O2 MAN QA . -2.81 -78.79 8.19
O3 MAN QA . -3.53 -76.28 9.03
O4 MAN QA . -1.68 -75.10 7.22
O5 MAN QA . -2.23 -78.32 5.58
O6 MAN QA . 0.14 -75.41 5.25
C1 MAN QA . -10.75 -79.73 2.91
C2 MAN QA . -12.28 -79.68 2.92
C3 MAN QA . -12.83 -79.48 4.28
C4 MAN QA . -12.35 -80.65 5.13
C5 MAN QA . -10.79 -80.67 5.15
C6 MAN QA . -10.26 -81.91 5.95
O2 MAN QA . -12.71 -80.87 2.48
O3 MAN QA . -14.28 -79.44 4.23
O4 MAN QA . -12.83 -80.50 6.43
O5 MAN QA . -10.33 -80.83 3.79
O6 MAN QA . -10.83 -82.06 7.30
C1 NAG RA . -24.62 -19.10 25.60
C2 NAG RA . -25.91 -19.75 25.24
C3 NAG RA . -25.82 -21.20 25.46
C4 NAG RA . -24.67 -21.74 24.55
C5 NAG RA . -23.34 -21.06 24.94
C6 NAG RA . -22.19 -21.51 24.10
C7 NAG RA . -27.87 -18.37 25.58
C8 NAG RA . -28.89 -17.83 26.53
N2 NAG RA . -26.97 -19.20 26.06
O3 NAG RA . -27.09 -21.82 25.16
O4 NAG RA . -24.58 -23.13 24.71
O5 NAG RA . -23.47 -19.65 24.74
O6 NAG RA . -22.38 -22.83 23.60
O7 NAG RA . -27.87 -18.07 24.38
C1 NAG SA . -23.25 33.41 51.36
C2 NAG SA . -23.71 34.51 50.45
C3 NAG SA . -23.58 35.81 51.14
C4 NAG SA . -24.49 35.77 52.41
C5 NAG SA . -24.01 34.62 53.37
C6 NAG SA . -24.89 34.49 54.59
C7 NAG SA . -23.40 34.54 48.06
C8 NAG SA . -22.45 34.54 46.90
N2 NAG SA . -22.87 34.52 49.26
O3 NAG SA . -23.94 36.88 50.23
O4 NAG SA . -24.39 37.01 53.06
O5 NAG SA . -24.12 33.40 52.64
O6 NAG SA . -26.12 33.85 54.30
O7 NAG SA . -24.62 34.57 47.90
C1 NAG TA . 6.94 53.28 31.98
C2 NAG TA . 7.26 52.08 32.83
C3 NAG TA . 8.08 52.49 33.99
C4 NAG TA . 9.41 53.14 33.46
C5 NAG TA . 9.07 54.38 32.58
C6 NAG TA . 10.29 55.03 31.97
C7 NAG TA . 5.64 50.29 32.88
C8 NAG TA . 4.34 49.77 33.41
N2 NAG TA . 6.04 51.46 33.31
O3 NAG TA . 8.34 51.35 34.84
O4 NAG TA . 10.18 53.52 34.56
O5 NAG TA . 8.25 53.93 31.49
O6 NAG TA . 10.10 56.40 31.70
O7 NAG TA . 6.32 49.64 32.07
C1 NAG UA . 27.44 20.95 41.79
C2 NAG UA . 26.69 21.87 42.72
C3 NAG UA . 27.45 23.10 42.95
C4 NAG UA . 28.83 22.71 43.59
C5 NAG UA . 29.61 21.78 42.62
C6 NAG UA . 30.92 21.32 43.18
C7 NAG UA . 24.27 21.80 42.65
C8 NAG UA . 23.01 22.19 41.94
N2 NAG UA . 25.40 22.21 42.14
O3 NAG UA . 26.70 24.01 43.79
O4 NAG UA . 29.56 23.87 43.83
O5 NAG UA . 28.82 20.61 42.40
O6 NAG UA . 31.53 22.32 44.00
O7 NAG UA . 24.25 21.12 43.68
C1 NAG VA . 17.73 -48.75 -48.71
C2 NAG VA . 17.57 -50.03 -49.48
C3 NAG VA . 16.42 -49.91 -50.40
C4 NAG VA . 15.14 -49.64 -49.54
C5 NAG VA . 15.33 -48.32 -48.74
C6 NAG VA . 14.14 -48.01 -47.86
C7 NAG VA . 19.38 -51.45 -50.21
C8 NAG VA . 20.61 -51.61 -51.02
N2 NAG VA . 18.78 -50.29 -50.24
O3 NAG VA . 16.30 -51.12 -51.19
O4 NAG VA . 14.05 -49.56 -50.39
O5 NAG VA . 16.46 -48.46 -47.88
O6 NAG VA . 12.91 -48.33 -48.50
O7 NAG VA . 18.93 -52.38 -49.52
C1 NAG WA . -44.41 36.81 -8.06
C2 NAG WA . -43.75 37.77 -7.11
C3 NAG WA . -44.35 37.63 -5.77
C4 NAG WA . -45.87 37.96 -5.86
C5 NAG WA . -46.55 36.95 -6.85
C6 NAG WA . -48.02 37.24 -7.05
C7 NAG WA . -41.43 38.32 -7.51
C8 NAG WA . -40.00 37.92 -7.39
N2 NAG WA . -42.33 37.49 -7.03
O3 NAG WA . -43.66 38.50 -4.84
O4 NAG WA . -46.43 37.84 -4.59
O5 NAG WA . -45.92 37.10 -8.12
O6 NAG WA . -48.28 37.91 -8.28
O7 NAG WA . -41.77 39.39 -8.03
C1 NAG XA . -41.45 45.69 -14.19
C2 NAG XA . -40.41 46.77 -14.37
C3 NAG XA . -40.78 47.96 -13.61
C4 NAG XA . -42.17 48.45 -14.16
C5 NAG XA . -43.23 47.33 -13.96
C6 NAG XA . -44.58 47.74 -14.49
C7 NAG XA . -38.14 46.03 -14.78
C8 NAG XA . -36.87 45.45 -14.23
N2 NAG XA . -39.12 46.27 -13.93
O3 NAG XA . -39.75 48.97 -13.74
O4 NAG XA . -42.53 49.60 -13.48
O5 NAG XA . -42.82 46.17 -14.69
O6 NAG XA . -44.88 49.10 -14.22
O7 NAG XA . -38.26 46.29 -15.98
C1 NAG YA . -54.76 7.18 16.26
C2 NAG YA . -54.86 7.68 14.85
C3 NAG YA . -55.62 8.94 14.82
C4 NAG YA . -57.05 8.65 15.39
C5 NAG YA . -56.93 8.13 16.84
C6 NAG YA . -58.26 7.81 17.45
C7 NAG YA . -53.04 7.11 13.37
C8 NAG YA . -51.65 7.39 12.91
N2 NAG YA . -53.53 7.90 14.30
O3 NAG YA . -55.65 9.45 13.46
O4 NAG YA . -57.78 9.83 15.34
O5 NAG YA . -56.16 6.92 16.85
O6 NAG YA . -59.27 8.73 17.05
O7 NAG YA . -53.70 6.17 12.91
C1 NAG ZA . -21.15 -70.31 -3.42
C2 NAG ZA . -20.59 -71.67 -3.10
C3 NAG ZA . -20.97 -72.03 -1.71
C4 NAG ZA . -20.33 -70.94 -0.78
C5 NAG ZA . -20.89 -69.54 -1.14
C6 NAG ZA . -20.30 -68.45 -0.28
C7 NAG ZA . -20.35 -73.41 -4.76
C8 NAG ZA . -21.00 -74.34 -5.71
N2 NAG ZA . -21.14 -72.65 -4.02
O3 NAG ZA . -20.50 -73.37 -1.41
O4 NAG ZA . -20.64 -71.26 0.54
O5 NAG ZA . -20.54 -69.24 -2.49
O6 NAG ZA . -20.18 -68.86 1.08
O7 NAG ZA . -19.12 -73.33 -4.65
#